data_8E4O
#
_entry.id   8E4O
#
_cell.length_a   1.00
_cell.length_b   1.00
_cell.length_c   1.00
_cell.angle_alpha   90.00
_cell.angle_beta   90.00
_cell.angle_gamma   90.00
#
_symmetry.space_group_name_H-M   'P 1'
#
loop_
_entity.id
_entity.type
_entity.pdbx_description
1 polymer 'Transient receptor potential cation channel subfamily M member 8'
2 non-polymer '[(2R)-2-octanoyloxy-3-[oxidanyl-[(1R,2R,3S,4R,5R,6S)-2,3,6-tris(oxidanyl)-4,5-diphosphonooxy-cyclohexyl]oxy-phosphoryl]oxy-propyl] octanoate'
#
_entity_poly.entity_id   1
_entity_poly.type   'polypeptide(L)'
_entity_poly.pdbx_seq_one_letter_code
;MASFEGARLSMRSRRNGTMGSTRTLYSSVSRSTDVSYSDSDLVNFIQANFKKRECVFFTRDSKAMENICKCGYAQSQHIE
GTQINQNEKWNYKKHTKEFPTDAFGDIQFETLGKKGKYLRLSCDTDSETLYELLTQHWHLKTPNLVISVTGGAKNFALKP
RMRKIFSRLIYIAQSKGAWILTGGTHYGLMKYIGEVVRDNTISRNSEENIVAIGIAAWGMVSNRDTLIRSCDDEGHFSAQ
YIMDDFTRDPLYILDNNHTHLLLVDNGCHGHPTVEAKLRNQLEKYISERTSQDSNYGGKIPIVCFAQGGGRETLKAINTS
VKSKIPCVVVEGSGQIADVIASLVEVEDVLTSSMVKEKLVRFLPRTVSRLPEEEIESWIKWLKEILESSHLLTVIKMEEA
GDEIVSNAISYALYKAFSTNEQDKDNWNGQLKLLLEWNQLDLASDEIFTNDRRWESADLQEVMFTALIKDRPKFVRLFLE
NGLNLQKFLTNEVLTELFSTHFSTLVYRNLQIAKNSYNDALLTFVWKLVANFRRSFWKEDRSSREDLDVELHDASLTTRH
PLQALFIWAILQNKKELSKVIWEQTKGCTLAALGASKLLKTLAKVKNDINAAGESEELANEYETRAVELFTECYSNDEDL
AEQLLVYSCEAWGGSNCLELAVEATDQHFIAQPGVQNFLSKQWYGEISRDTKNWKIILCLFIIPLVGCGLVSFRKKPIDK
HKKLLWYYVAFFTSPFVVFSWNVVFYIAFLLLFAYVLLMDFHSVPHTPELILYALVFVLFCDEVRQWYMNGVNYFTDLWN
VMDTLGLFYFIAGIVFRLHSSNKSSLYSGRVIFCLDYIIFTLRLIHIFTVSRNLGPKIIMLQRMLIDVFFFLFLFAVWMV
AFGVARQGILRQNEQRWRWIFRSVIYEPYLAMFGQVPSDVDSTTYDFSHCTFSGNESKPLCVELDEHNLPRFPEWITIPL
VCIYMLSTNILLVNLLVAMFGYTVGIVQENNDQVWKFQRYFLVQEYCNRLNIPFPFVVFAYFYMVVKKCFKCCCKEKNME
SNACCFRNEDNETLAWEGVMKENYLVKINTKANDNSEEMRHRFRQLDSKLNDLKSLLKEIANNIKSNSLEVLFQGPDYKD
DDDKAHHHHHHHHHH
;
_entity_poly.pdbx_strand_id   A,D,B,C
#
loop_
_chem_comp.id
_chem_comp.type
_chem_comp.name
_chem_comp.formula
PIO non-polymer '[(2R)-2-octanoyloxy-3-[oxidanyl-[(1R,2R,3S,4R,5R,6S)-2,3,6-tris(oxidanyl)-4,5-diphosphonooxy-cyclohexyl]oxy-phosphoryl]oxy-propyl] octanoate' 'C25 H49 O19 P3'
#
# COMPACT_ATOMS: atom_id res chain seq x y z
N ASP A 41 -35.09 -0.61 64.79
CA ASP A 41 -33.70 -0.95 64.51
C ASP A 41 -32.95 0.25 63.95
N LEU A 42 -33.12 0.50 62.66
CA LEU A 42 -32.43 1.62 62.01
C LEU A 42 -32.88 2.95 62.62
N VAL A 43 -34.20 3.11 62.84
CA VAL A 43 -34.70 4.36 63.39
C VAL A 43 -34.15 4.59 64.79
N ASN A 44 -34.15 3.56 65.63
CA ASN A 44 -33.61 3.70 66.98
C ASN A 44 -32.12 4.01 66.94
N PHE A 45 -31.37 3.37 66.06
CA PHE A 45 -29.95 3.64 65.95
C PHE A 45 -29.70 5.09 65.53
N ILE A 46 -30.48 5.58 64.55
CA ILE A 46 -30.33 6.96 64.10
C ILE A 46 -30.64 7.93 65.24
N GLN A 47 -31.73 7.66 65.97
CA GLN A 47 -32.10 8.55 67.08
C GLN A 47 -31.03 8.56 68.16
N ALA A 48 -30.45 7.39 68.46
CA ALA A 48 -29.38 7.33 69.43
C ALA A 48 -28.16 8.08 68.95
N ASN A 49 -27.89 8.03 67.64
CA ASN A 49 -26.73 8.74 67.10
C ASN A 49 -26.83 10.24 67.34
N PHE A 50 -28.03 10.80 67.14
CA PHE A 50 -28.23 12.23 67.31
C PHE A 50 -29.23 12.50 68.44
N ASP A 102 -34.23 14.74 65.23
CA ASP A 102 -33.71 13.96 64.10
C ASP A 102 -34.21 14.55 62.78
N ALA A 103 -35.47 14.24 62.44
CA ALA A 103 -36.11 14.73 61.23
C ALA A 103 -35.30 14.32 60.00
N PHE A 104 -35.07 13.01 59.87
CA PHE A 104 -34.34 12.45 58.76
C PHE A 104 -35.30 11.82 57.76
N GLY A 105 -34.89 11.76 56.50
CA GLY A 105 -35.72 11.19 55.46
C GLY A 105 -34.93 10.50 54.37
N ASP A 106 -35.41 9.33 53.95
CA ASP A 106 -34.79 8.58 52.85
C ASP A 106 -35.31 9.14 51.54
N ILE A 107 -34.48 9.94 50.87
CA ILE A 107 -34.91 10.58 49.63
C ILE A 107 -35.20 9.51 48.57
N GLN A 108 -36.20 9.80 47.74
CA GLN A 108 -36.53 8.92 46.62
C GLN A 108 -37.26 9.75 45.57
N PHE A 109 -36.86 9.59 44.31
CA PHE A 109 -37.46 10.33 43.21
C PHE A 109 -37.56 9.46 41.96
N GLY A 116 -31.06 7.17 47.47
CA GLY A 116 -30.69 6.12 48.40
C GLY A 116 -31.10 6.42 49.82
N LYS A 117 -30.21 7.06 50.57
CA LYS A 117 -30.46 7.41 51.96
C LYS A 117 -30.04 8.86 52.20
N TYR A 118 -30.71 9.49 53.16
CA TYR A 118 -30.43 10.87 53.52
C TYR A 118 -30.70 11.07 55.00
N LEU A 119 -29.79 11.76 55.68
CA LEU A 119 -29.89 12.01 57.11
C LEU A 119 -29.71 13.50 57.38
N ARG A 120 -29.99 13.88 58.63
CA ARG A 120 -29.84 15.26 59.09
C ARG A 120 -29.02 15.22 60.38
N LEU A 121 -27.73 15.47 60.27
CA LEU A 121 -26.81 15.41 61.40
C LEU A 121 -26.36 16.82 61.75
N SER A 122 -26.47 17.17 63.03
CA SER A 122 -26.07 18.50 63.48
C SER A 122 -24.55 18.65 63.38
N CYS A 123 -24.11 19.91 63.39
CA CYS A 123 -22.68 20.19 63.28
C CYS A 123 -21.91 19.54 64.43
N ASP A 124 -22.45 19.61 65.65
CA ASP A 124 -21.82 19.00 66.82
C ASP A 124 -22.14 17.51 66.84
N THR A 125 -21.49 16.79 65.93
CA THR A 125 -21.66 15.35 65.79
C THR A 125 -20.31 14.66 65.89
N ASP A 126 -20.32 13.45 66.45
CA ASP A 126 -19.10 12.69 66.64
C ASP A 126 -18.72 12.00 65.34
N SER A 127 -17.49 12.25 64.87
CA SER A 127 -17.03 11.61 63.63
C SER A 127 -16.98 10.10 63.79
N GLU A 128 -16.55 9.62 64.96
CA GLU A 128 -16.53 8.18 65.19
C GLU A 128 -17.92 7.58 65.08
N THR A 129 -18.94 8.29 65.56
CA THR A 129 -20.30 7.81 65.45
C THR A 129 -20.72 7.69 63.99
N LEU A 130 -20.39 8.69 63.17
CA LEU A 130 -20.73 8.63 61.76
C LEU A 130 -20.01 7.48 61.07
N TYR A 131 -18.72 7.29 61.37
CA TYR A 131 -17.98 6.21 60.75
C TYR A 131 -18.56 4.85 61.14
N GLU A 132 -18.92 4.68 62.42
CA GLU A 132 -19.54 3.44 62.84
C GLU A 132 -20.88 3.23 62.13
N LEU A 133 -21.67 4.29 62.00
CA LEU A 133 -22.94 4.18 61.29
C LEU A 133 -22.73 3.72 59.86
N LEU A 134 -21.75 4.30 59.18
CA LEU A 134 -21.51 3.98 57.77
C LEU A 134 -20.85 2.62 57.58
N THR A 135 -20.13 2.11 58.58
CA THR A 135 -19.38 0.86 58.43
C THR A 135 -20.14 -0.36 58.93
N GLN A 136 -20.89 -0.23 60.04
CA GLN A 136 -21.49 -1.41 60.66
C GLN A 136 -22.48 -2.09 59.74
N HIS A 137 -23.35 -1.31 59.09
CA HIS A 137 -24.46 -1.89 58.34
C HIS A 137 -24.73 -1.20 57.00
N TRP A 138 -23.89 -0.27 56.57
CA TRP A 138 -24.08 0.43 55.31
C TRP A 138 -23.01 0.10 54.28
N HIS A 139 -21.74 0.28 54.62
CA HIS A 139 -20.65 0.13 53.66
C HIS A 139 -19.50 -0.60 54.32
N LEU A 140 -18.51 -0.95 53.50
CA LEU A 140 -17.33 -1.68 53.93
C LEU A 140 -16.17 -0.71 54.16
N LYS A 141 -15.03 -1.27 54.56
CA LYS A 141 -13.81 -0.47 54.68
C LYS A 141 -13.41 0.07 53.31
N THR A 142 -12.84 1.27 53.32
CA THR A 142 -12.53 1.97 52.09
C THR A 142 -11.06 1.83 51.75
N PRO A 143 -10.69 1.12 50.67
CA PRO A 143 -9.29 1.12 50.26
C PRO A 143 -8.77 2.50 49.91
N ASN A 144 -9.64 3.41 49.47
CA ASN A 144 -9.22 4.75 49.11
C ASN A 144 -10.40 5.70 49.26
N LEU A 145 -10.08 6.98 49.42
CA LEU A 145 -11.09 8.01 49.63
C LEU A 145 -10.60 9.29 48.97
N VAL A 146 -11.45 9.89 48.13
CA VAL A 146 -11.09 11.09 47.39
C VAL A 146 -12.21 12.11 47.57
N ILE A 147 -11.83 13.35 47.88
CA ILE A 147 -12.79 14.43 48.08
C ILE A 147 -12.55 15.50 47.02
N SER A 148 -13.63 15.93 46.36
CA SER A 148 -13.57 16.97 45.35
C SER A 148 -14.20 18.24 45.90
N VAL A 149 -13.56 19.38 45.64
CA VAL A 149 -14.00 20.67 46.13
C VAL A 149 -14.25 21.57 44.93
N THR A 150 -15.44 22.17 44.88
CA THR A 150 -15.80 23.09 43.81
C THR A 150 -16.66 24.21 44.39
N GLY A 151 -16.68 25.33 43.68
CA GLY A 151 -17.46 26.47 44.13
C GLY A 151 -18.95 26.23 43.99
N GLY A 152 -19.72 27.14 44.59
CA GLY A 152 -21.16 27.05 44.56
C GLY A 152 -21.81 27.51 43.28
N ALA A 153 -21.02 27.98 42.31
CA ALA A 153 -21.57 28.43 41.04
C ALA A 153 -22.34 27.29 40.37
N LYS A 154 -23.55 27.59 39.90
CA LYS A 154 -24.36 26.58 39.23
C LYS A 154 -23.78 26.20 37.88
N ASN A 155 -23.15 27.16 37.19
CA ASN A 155 -22.59 26.94 35.86
C ASN A 155 -21.10 26.72 35.96
N PHE A 156 -20.60 25.66 35.30
CA PHE A 156 -19.19 25.33 35.28
C PHE A 156 -18.78 24.99 33.85
N ALA A 157 -17.50 25.15 33.56
CA ALA A 157 -16.97 24.90 32.23
C ALA A 157 -16.84 23.39 32.02
N LEU A 158 -17.67 22.83 31.15
CA LEU A 158 -17.62 21.41 30.82
C LEU A 158 -16.71 21.16 29.63
N LYS A 159 -15.46 21.60 29.77
CA LYS A 159 -14.47 21.40 28.72
C LYS A 159 -14.15 19.91 28.59
N PRO A 160 -13.69 19.49 27.42
CA PRO A 160 -13.38 18.06 27.24
C PRO A 160 -12.34 17.56 28.23
N ARG A 161 -11.35 18.40 28.57
CA ARG A 161 -10.33 17.99 29.54
C ARG A 161 -10.97 17.62 30.87
N MET A 162 -11.83 18.49 31.40
CA MET A 162 -12.51 18.21 32.65
C MET A 162 -13.55 17.11 32.49
N ARG A 163 -14.11 16.95 31.29
CA ARG A 163 -15.09 15.91 31.07
C ARG A 163 -14.46 14.53 31.06
N LYS A 164 -13.19 14.44 30.70
CA LYS A 164 -12.47 13.16 30.66
C LYS A 164 -11.70 12.87 31.93
N ILE A 165 -11.11 13.88 32.56
CA ILE A 165 -10.33 13.66 33.78
C ILE A 165 -11.21 13.06 34.87
N PHE A 166 -12.41 13.61 35.06
CA PHE A 166 -13.27 13.12 36.12
C PHE A 166 -13.88 11.76 35.78
N SER A 167 -14.10 11.48 34.50
CA SER A 167 -14.51 10.14 34.11
C SER A 167 -13.44 9.12 34.48
N ARG A 168 -12.17 9.45 34.19
CA ARG A 168 -11.09 8.56 34.60
C ARG A 168 -11.02 8.43 36.11
N LEU A 169 -11.23 9.54 36.82
CA LEU A 169 -11.20 9.51 38.28
C LEU A 169 -12.26 8.56 38.83
N ILE A 170 -13.48 8.65 38.31
CA ILE A 170 -14.56 7.81 38.82
C ILE A 170 -14.32 6.36 38.44
N TYR A 171 -13.77 6.10 37.25
CA TYR A 171 -13.42 4.73 36.90
C TYR A 171 -12.39 4.16 37.86
N ILE A 172 -11.37 4.96 38.19
CA ILE A 172 -10.37 4.52 39.16
C ILE A 172 -11.02 4.25 40.50
N ALA A 173 -11.93 5.12 40.93
CA ALA A 173 -12.60 4.93 42.21
C ALA A 173 -13.37 3.62 42.23
N GLN A 174 -14.07 3.29 41.14
CA GLN A 174 -14.77 2.02 41.09
C GLN A 174 -13.79 0.86 41.13
N SER A 175 -12.68 0.96 40.40
CA SER A 175 -11.71 -0.12 40.39
C SER A 175 -11.17 -0.38 41.78
N LYS A 176 -10.91 0.68 42.54
CA LYS A 176 -10.39 0.56 43.91
C LYS A 176 -11.47 0.54 44.97
N GLY A 177 -12.74 0.70 44.59
CA GLY A 177 -13.80 0.76 45.58
C GLY A 177 -13.67 1.93 46.54
N ALA A 178 -13.30 3.10 46.02
CA ALA A 178 -13.02 4.26 46.85
C ALA A 178 -14.29 5.08 47.10
N TRP A 179 -14.26 5.84 48.19
CA TRP A 179 -15.32 6.80 48.47
C TRP A 179 -15.05 8.11 47.75
N ILE A 180 -16.13 8.80 47.39
CA ILE A 180 -16.06 10.12 46.78
C ILE A 180 -16.89 11.07 47.63
N LEU A 181 -16.29 12.17 48.05
CA LEU A 181 -16.98 13.18 48.86
C LEU A 181 -17.09 14.47 48.07
N THR A 182 -18.33 14.94 47.89
CA THR A 182 -18.63 16.17 47.19
C THR A 182 -19.67 16.96 47.98
N GLY A 183 -20.03 18.13 47.49
CA GLY A 183 -21.04 18.93 48.15
C GLY A 183 -22.41 18.28 48.10
N GLY A 184 -22.79 17.76 46.94
CA GLY A 184 -24.08 17.10 46.80
C GLY A 184 -25.19 18.05 46.41
N THR A 185 -24.96 18.88 45.39
CA THR A 185 -25.97 19.79 44.87
C THR A 185 -26.13 19.57 43.39
N HIS A 186 -27.37 19.65 42.91
CA HIS A 186 -27.68 19.38 41.51
C HIS A 186 -27.09 20.40 40.56
N TYR A 187 -26.63 21.55 41.07
CA TYR A 187 -26.10 22.62 40.23
C TYR A 187 -24.58 22.56 40.26
N GLY A 188 -23.97 22.33 39.10
CA GLY A 188 -22.53 22.36 38.97
C GLY A 188 -21.91 21.04 38.56
N LEU A 189 -20.60 20.92 38.75
CA LEU A 189 -19.88 19.72 38.34
C LEU A 189 -20.34 18.49 39.12
N MET A 190 -20.82 18.68 40.35
CA MET A 190 -21.21 17.54 41.16
C MET A 190 -22.40 16.82 40.55
N LYS A 191 -23.29 17.53 39.86
CA LYS A 191 -24.36 16.86 39.13
C LYS A 191 -23.79 15.98 38.02
N TYR A 192 -22.74 16.47 37.33
CA TYR A 192 -22.08 15.65 36.32
C TYR A 192 -21.48 14.40 36.95
N ILE A 193 -20.84 14.55 38.11
CA ILE A 193 -20.27 13.39 38.79
C ILE A 193 -21.36 12.39 39.15
N GLY A 194 -22.49 12.87 39.66
CA GLY A 194 -23.58 11.98 40.00
C GLY A 194 -24.13 11.26 38.78
N GLU A 195 -24.27 11.96 37.66
CA GLU A 195 -24.76 11.34 36.44
C GLU A 195 -23.79 10.27 35.95
N VAL A 196 -22.49 10.55 36.02
CA VAL A 196 -21.51 9.54 35.61
C VAL A 196 -21.58 8.33 36.52
N VAL A 197 -21.74 8.55 37.82
CA VAL A 197 -21.89 7.44 38.75
C VAL A 197 -23.11 6.61 38.37
N ARG A 198 -24.23 7.27 38.06
CA ARG A 198 -25.44 6.55 37.71
C ARG A 198 -25.22 5.70 36.47
N ASP A 199 -24.61 6.27 35.43
CA ASP A 199 -24.45 5.51 34.19
C ASP A 199 -23.47 4.36 34.38
N ASN A 200 -22.40 4.57 35.15
CA ASN A 200 -21.46 3.48 35.41
C ASN A 200 -22.14 2.36 36.20
N THR A 201 -22.98 2.71 37.18
CA THR A 201 -23.72 1.69 37.90
C THR A 201 -24.66 0.94 36.98
N ILE A 202 -25.29 1.65 36.04
CA ILE A 202 -26.15 1.00 35.06
C ILE A 202 -25.34 0.01 34.21
N SER A 203 -24.15 0.42 33.79
CA SER A 203 -23.27 -0.44 33.01
C SER A 203 -22.86 -1.67 33.82
N GLU A 208 -19.64 -4.73 44.24
CA GLU A 208 -18.97 -3.92 43.22
C GLU A 208 -19.83 -2.72 42.83
N ASN A 209 -20.07 -1.84 43.80
CA ASN A 209 -20.87 -0.64 43.58
C ASN A 209 -20.09 0.58 44.06
N ILE A 210 -20.29 1.70 43.38
CA ILE A 210 -19.64 2.94 43.73
C ILE A 210 -20.39 3.61 44.88
N VAL A 211 -19.65 4.33 45.71
CA VAL A 211 -20.21 5.03 46.86
C VAL A 211 -19.88 6.51 46.72
N ALA A 212 -20.90 7.36 46.79
CA ALA A 212 -20.75 8.80 46.70
C ALA A 212 -21.54 9.45 47.82
N ILE A 213 -20.92 10.41 48.51
CA ILE A 213 -21.53 11.11 49.63
C ILE A 213 -21.53 12.60 49.34
N GLY A 214 -22.68 13.23 49.53
CA GLY A 214 -22.82 14.68 49.41
C GLY A 214 -23.09 15.29 50.77
N ILE A 215 -22.42 16.41 51.05
CA ILE A 215 -22.52 17.07 52.34
C ILE A 215 -22.97 18.51 52.11
N ALA A 216 -24.05 18.92 52.79
CA ALA A 216 -24.57 20.26 52.68
C ALA A 216 -25.38 20.56 53.94
N ALA A 217 -25.66 21.84 54.14
CA ALA A 217 -26.43 22.27 55.31
C ALA A 217 -27.92 22.15 55.04
N TRP A 218 -28.65 21.65 56.05
CA TRP A 218 -30.09 21.50 55.91
C TRP A 218 -30.76 22.85 55.67
N GLY A 219 -30.33 23.88 56.39
CA GLY A 219 -30.91 25.20 56.20
C GLY A 219 -30.69 25.73 54.79
N MET A 220 -29.52 25.44 54.22
CA MET A 220 -29.23 25.90 52.87
C MET A 220 -30.11 25.25 51.82
N VAL A 221 -30.77 24.14 52.16
CA VAL A 221 -31.63 23.45 51.20
C VAL A 221 -32.88 24.29 50.96
N SER A 222 -33.32 24.32 49.70
CA SER A 222 -34.51 25.11 49.35
C SER A 222 -35.74 24.57 50.06
N ASN A 223 -35.90 23.25 50.10
CA ASN A 223 -37.07 22.62 50.69
C ASN A 223 -36.64 21.58 51.72
N ARG A 224 -37.45 21.44 52.76
CA ARG A 224 -37.20 20.48 53.82
C ARG A 224 -38.46 19.68 54.08
N ASP A 225 -38.34 18.35 54.08
CA ASP A 225 -39.45 17.45 54.35
C ASP A 225 -39.04 16.49 55.46
N THR A 226 -39.92 16.34 56.45
CA THR A 226 -39.64 15.50 57.61
C THR A 226 -40.29 14.14 57.42
N LEU A 227 -39.59 13.10 57.86
CA LEU A 227 -40.10 11.73 57.76
C LEU A 227 -39.69 10.92 58.98
N SER A 238 -40.78 7.38 55.33
CA SER A 238 -39.89 7.66 54.20
C SER A 238 -40.48 8.74 53.30
N ALA A 239 -40.01 9.97 53.47
CA ALA A 239 -40.50 11.08 52.68
C ALA A 239 -39.93 11.01 51.26
N GLN A 240 -40.51 11.83 50.38
CA GLN A 240 -40.11 11.89 48.98
C GLN A 240 -39.78 13.33 48.62
N TYR A 241 -38.65 13.52 47.94
CA TYR A 241 -38.20 14.83 47.46
C TYR A 241 -38.33 14.85 45.95
N ILE A 242 -39.08 15.82 45.43
CA ILE A 242 -39.34 15.94 44.01
C ILE A 242 -38.99 17.36 43.58
N MET A 243 -38.27 17.50 42.47
CA MET A 243 -37.87 18.79 41.96
C MET A 243 -39.09 19.57 41.45
N LEU A 251 -31.57 29.21 49.09
CA LEU A 251 -32.28 28.06 48.55
C LEU A 251 -31.43 27.35 47.49
N TYR A 252 -31.14 26.07 47.74
CA TYR A 252 -30.36 25.25 46.82
C TYR A 252 -31.10 23.95 46.55
N ILE A 253 -30.82 23.38 45.37
CA ILE A 253 -31.40 22.12 44.94
C ILE A 253 -30.31 21.06 44.99
N LEU A 254 -30.63 19.92 45.58
CA LEU A 254 -29.67 18.85 45.77
C LEU A 254 -29.88 17.75 44.72
N ASP A 255 -28.77 17.18 44.24
CA ASP A 255 -28.84 16.10 43.27
C ASP A 255 -29.34 14.82 43.95
N ASN A 256 -30.19 14.08 43.23
CA ASN A 256 -30.68 12.80 43.70
C ASN A 256 -29.84 11.63 43.20
N ASN A 257 -28.84 11.88 42.36
CA ASN A 257 -28.01 10.80 41.84
C ASN A 257 -27.11 10.22 42.93
N HIS A 258 -26.60 11.08 43.82
CA HIS A 258 -25.73 10.60 44.89
C HIS A 258 -26.47 9.63 45.79
N THR A 259 -25.81 8.49 46.08
CA THR A 259 -26.46 7.46 46.87
C THR A 259 -26.77 7.94 48.28
N HIS A 260 -25.83 8.66 48.92
CA HIS A 260 -25.98 9.11 50.28
C HIS A 260 -25.74 10.61 50.36
N LEU A 261 -26.40 11.25 51.33
CA LEU A 261 -26.29 12.69 51.53
C LEU A 261 -26.32 12.98 53.02
N LEU A 262 -25.76 14.14 53.37
CA LEU A 262 -25.71 14.60 54.76
C LEU A 262 -26.29 16.00 54.85
N LEU A 263 -27.02 16.25 55.94
CA LEU A 263 -27.64 17.55 56.19
C LEU A 263 -27.12 18.09 57.51
N VAL A 264 -26.54 19.29 57.46
CA VAL A 264 -25.98 19.94 58.64
C VAL A 264 -26.98 20.95 59.15
N ASP A 265 -27.30 20.87 60.45
CA ASP A 265 -28.28 21.75 61.08
C ASP A 265 -27.53 22.75 61.96
N ASN A 266 -27.15 23.87 61.35
CA ASN A 266 -26.50 24.97 62.06
C ASN A 266 -27.34 26.23 62.10
N GLY A 267 -28.25 26.41 61.15
CA GLY A 267 -29.10 27.58 61.13
C GLY A 267 -30.18 27.46 60.08
N CYS A 268 -30.93 28.54 59.92
CA CYS A 268 -32.02 28.59 58.95
C CYS A 268 -31.69 29.61 57.87
N HIS A 269 -31.77 29.19 56.61
CA HIS A 269 -31.47 30.05 55.48
C HIS A 269 -30.08 30.67 55.62
N GLY A 270 -29.13 29.87 56.07
CA GLY A 270 -27.78 30.34 56.26
C GLY A 270 -26.96 30.31 54.99
N HIS A 271 -26.77 31.48 54.38
CA HIS A 271 -25.96 31.56 53.16
C HIS A 271 -24.54 31.06 53.37
N PRO A 272 -23.80 31.48 54.39
CA PRO A 272 -22.42 31.01 54.54
C PRO A 272 -22.37 29.51 54.80
N THR A 273 -21.29 28.88 54.33
CA THR A 273 -21.13 27.45 54.48
C THR A 273 -21.10 27.06 55.95
N VAL A 274 -21.78 25.96 56.27
CA VAL A 274 -21.82 25.43 57.63
C VAL A 274 -21.42 23.96 57.68
N GLU A 275 -21.05 23.35 56.55
CA GLU A 275 -20.69 21.94 56.51
C GLU A 275 -19.19 21.72 56.33
N ALA A 276 -18.40 22.78 56.14
CA ALA A 276 -16.98 22.61 55.93
C ALA A 276 -16.30 21.99 57.15
N LYS A 277 -16.66 22.44 58.34
CA LYS A 277 -16.06 21.91 59.56
C LYS A 277 -16.32 20.42 59.70
N LEU A 278 -17.56 20.01 59.47
CA LEU A 278 -17.90 18.59 59.59
C LEU A 278 -17.15 17.75 58.58
N ARG A 279 -17.08 18.20 57.33
CA ARG A 279 -16.37 17.44 56.32
C ARG A 279 -14.88 17.33 56.65
N ASN A 280 -14.27 18.44 57.07
CA ASN A 280 -12.85 18.41 57.40
C ASN A 280 -12.59 17.47 58.58
N GLN A 281 -13.43 17.53 59.62
CA GLN A 281 -13.24 16.65 60.76
C GLN A 281 -13.42 15.19 60.36
N LEU A 282 -14.41 14.90 59.52
CA LEU A 282 -14.61 13.53 59.06
C LEU A 282 -13.42 13.03 58.27
N GLU A 283 -12.89 13.87 57.37
CA GLU A 283 -11.73 13.47 56.58
C GLU A 283 -10.53 13.21 57.48
N LYS A 284 -10.31 14.09 58.47
CA LYS A 284 -9.19 13.88 59.39
C LYS A 284 -9.35 12.59 60.18
N TYR A 285 -10.56 12.33 60.67
CA TYR A 285 -10.79 11.11 61.44
C TYR A 285 -10.58 9.87 60.58
N ILE A 286 -11.06 9.90 59.33
CA ILE A 286 -10.86 8.76 58.44
C ILE A 286 -9.38 8.58 58.15
N SER A 287 -8.63 9.68 58.04
CA SER A 287 -7.18 9.58 57.91
C SER A 287 -6.58 8.88 59.12
N GLU A 288 -7.06 9.21 60.32
CA GLU A 288 -6.56 8.57 61.53
C GLU A 288 -6.90 7.09 61.60
N ARG A 289 -7.87 6.63 60.82
CA ARG A 289 -8.27 5.23 60.88
C ARG A 289 -7.16 4.32 60.38
N THR A 290 -7.18 3.08 60.87
CA THR A 290 -6.18 2.07 60.52
C THR A 290 -6.84 0.93 59.77
N SER A 291 -6.23 0.51 58.66
CA SER A 291 -6.72 -0.60 57.86
C SER A 291 -5.52 -1.42 57.40
N GLN A 292 -5.40 -2.64 57.91
CA GLN A 292 -4.25 -3.48 57.57
C GLN A 292 -4.35 -4.03 56.16
N ASP A 293 -5.57 -4.30 55.68
CA ASP A 293 -5.73 -4.90 54.36
C ASP A 293 -5.19 -4.00 53.26
N SER A 294 -5.19 -2.69 53.48
CA SER A 294 -4.75 -1.76 52.45
C SER A 294 -3.26 -1.89 52.20
N ASN A 295 -2.87 -1.81 50.92
CA ASN A 295 -1.45 -1.82 50.58
C ASN A 295 -0.74 -0.59 51.13
N TYR A 296 -1.43 0.55 51.15
CA TYR A 296 -0.87 1.75 51.75
C TYR A 296 -0.49 1.47 53.20
N GLY A 297 0.70 1.93 53.59
CA GLY A 297 1.21 1.64 54.91
C GLY A 297 0.31 2.16 56.01
N GLY A 298 -0.38 1.26 56.70
CA GLY A 298 -1.18 1.65 57.84
C GLY A 298 -2.47 2.35 57.48
N LYS A 299 -2.50 3.66 57.70
CA LYS A 299 -3.74 4.42 57.60
C LYS A 299 -4.29 4.40 56.17
N ILE A 300 -5.60 4.59 56.07
CA ILE A 300 -6.27 4.60 54.77
C ILE A 300 -5.81 5.84 53.99
N PRO A 301 -5.47 5.72 52.71
CA PRO A 301 -5.08 6.89 51.94
C PRO A 301 -6.25 7.85 51.71
N ILE A 302 -5.92 9.13 51.62
CA ILE A 302 -6.90 10.17 51.29
C ILE A 302 -6.22 11.17 50.37
N VAL A 303 -6.97 11.65 49.36
CA VAL A 303 -6.45 12.58 48.37
C VAL A 303 -7.54 13.59 48.06
N CYS A 304 -7.22 14.87 48.13
CA CYS A 304 -8.17 15.92 47.79
C CYS A 304 -7.94 16.41 46.37
N PHE A 305 -9.02 16.72 45.68
CA PHE A 305 -8.99 17.13 44.28
C PHE A 305 -9.54 18.54 44.15
N ALA A 306 -8.80 19.40 43.44
CA ALA A 306 -9.18 20.79 43.25
C ALA A 306 -9.42 21.04 41.77
N GLN A 307 -10.55 21.66 41.45
CA GLN A 307 -10.93 21.91 40.06
C GLN A 307 -11.25 23.37 39.77
N GLY A 308 -11.91 24.08 40.69
CA GLY A 308 -12.38 25.42 40.44
C GLY A 308 -11.89 26.39 41.50
N GLY A 309 -12.28 27.66 41.29
CA GLY A 309 -11.90 28.72 42.19
C GLY A 309 -12.99 29.08 43.18
N GLY A 310 -12.68 30.06 44.03
CA GLY A 310 -13.60 30.50 45.06
C GLY A 310 -12.94 30.49 46.43
N ARG A 311 -13.51 31.26 47.37
CA ARG A 311 -12.97 31.28 48.72
C ARG A 311 -13.06 29.91 49.38
N GLU A 312 -14.17 29.21 49.17
CA GLU A 312 -14.35 27.91 49.78
C GLU A 312 -13.26 26.93 49.32
N THR A 313 -12.88 27.01 48.04
CA THR A 313 -11.84 26.13 47.53
C THR A 313 -10.53 26.35 48.28
N LEU A 314 -10.13 27.62 48.43
CA LEU A 314 -8.88 27.91 49.13
C LEU A 314 -8.96 27.49 50.59
N LYS A 315 -10.10 27.74 51.24
CA LYS A 315 -10.25 27.35 52.64
C LYS A 315 -10.11 25.84 52.80
N ALA A 316 -10.80 25.08 51.94
CA ALA A 316 -10.72 23.63 52.03
C ALA A 316 -9.31 23.13 51.74
N ILE A 317 -8.64 23.72 50.75
CA ILE A 317 -7.28 23.29 50.42
C ILE A 317 -6.34 23.58 51.58
N ASN A 318 -6.45 24.78 52.17
CA ASN A 318 -5.58 25.12 53.29
C ASN A 318 -5.82 24.18 54.46
N THR A 319 -7.07 23.87 54.77
CA THR A 319 -7.35 22.94 55.86
C THR A 319 -6.81 21.55 55.53
N SER A 320 -6.95 21.11 54.28
CA SER A 320 -6.45 19.81 53.88
C SER A 320 -4.93 19.74 53.98
N VAL A 321 -4.25 20.73 53.42
CA VAL A 321 -2.79 20.74 53.46
C VAL A 321 -2.31 20.84 54.90
N LYS A 322 -2.95 21.68 55.70
CA LYS A 322 -2.62 21.73 57.12
C LYS A 322 -2.84 20.39 57.79
N SER A 323 -3.81 19.61 57.30
CA SER A 323 -4.06 18.27 57.80
C SER A 323 -3.15 17.23 57.18
N LYS A 324 -2.31 17.62 56.21
CA LYS A 324 -1.30 16.81 55.54
C LYS A 324 -1.88 15.90 54.47
N ILE A 325 -3.18 15.89 54.25
CA ILE A 325 -3.73 15.03 53.20
C ILE A 325 -3.35 15.61 51.83
N PRO A 326 -2.73 14.84 50.94
CA PRO A 326 -2.29 15.41 49.67
C PRO A 326 -3.46 15.92 48.83
N CYS A 327 -3.20 16.98 48.09
CA CYS A 327 -4.18 17.62 47.22
C CYS A 327 -3.65 17.64 45.79
N VAL A 328 -4.54 17.43 44.83
CA VAL A 328 -4.20 17.44 43.42
C VAL A 328 -4.97 18.57 42.75
N VAL A 329 -4.26 19.39 41.97
CA VAL A 329 -4.84 20.54 41.28
C VAL A 329 -4.66 20.34 39.80
N VAL A 330 -5.75 20.54 39.04
CA VAL A 330 -5.73 20.35 37.59
C VAL A 330 -5.25 21.65 36.96
N GLU A 331 -3.98 21.66 36.55
CA GLU A 331 -3.44 22.83 35.85
C GLU A 331 -3.97 22.88 34.43
N GLY A 332 -4.02 24.09 33.88
CA GLY A 332 -4.55 24.32 32.55
C GLY A 332 -6.05 24.43 32.47
N SER A 333 -6.75 24.28 33.60
CA SER A 333 -8.20 24.43 33.63
C SER A 333 -8.59 24.86 35.04
N GLY A 334 -9.60 25.72 35.12
CA GLY A 334 -10.05 26.23 36.40
C GLY A 334 -9.48 27.61 36.68
N GLN A 335 -10.25 28.40 37.42
CA GLN A 335 -9.86 29.79 37.67
C GLN A 335 -8.67 29.87 38.60
N ILE A 336 -8.70 29.12 39.70
CA ILE A 336 -7.68 29.23 40.74
C ILE A 336 -6.66 28.12 40.61
N ALA A 337 -7.07 26.99 40.02
CA ALA A 337 -6.12 25.91 39.78
C ALA A 337 -4.95 26.39 38.95
N ASP A 338 -5.22 27.27 37.97
CA ASP A 338 -4.17 27.77 37.10
C ASP A 338 -3.15 28.57 37.90
N VAL A 339 -3.61 29.46 38.79
CA VAL A 339 -2.67 30.27 39.55
C VAL A 339 -1.90 29.40 40.56
N ILE A 340 -2.59 28.44 41.18
CA ILE A 340 -1.89 27.56 42.12
C ILE A 340 -0.80 26.77 41.41
N ALA A 341 -1.08 26.32 40.19
CA ALA A 341 -0.06 25.65 39.39
C ALA A 341 1.06 26.61 39.00
N SER A 342 0.70 27.86 38.69
CA SER A 342 1.71 28.84 38.29
C SER A 342 2.70 29.11 39.41
N LEU A 343 2.21 29.24 40.64
CA LEU A 343 3.09 29.56 41.76
C LEU A 343 4.14 28.47 41.95
N VAL A 344 3.73 27.21 41.88
CA VAL A 344 4.66 26.10 42.07
C VAL A 344 5.58 25.97 40.86
N THR A 351 6.89 38.40 47.62
CA THR A 351 5.98 37.33 48.02
C THR A 351 4.54 37.67 47.64
N SER A 352 4.09 38.84 48.08
CA SER A 352 2.70 39.24 47.85
C SER A 352 2.47 39.73 46.42
N SER A 353 3.47 40.33 45.80
CA SER A 353 3.27 40.93 44.48
C SER A 353 2.95 39.88 43.43
N MET A 354 3.72 38.79 43.38
CA MET A 354 3.49 37.77 42.37
C MET A 354 2.13 37.11 42.55
N VAL A 355 1.78 36.77 43.79
CA VAL A 355 0.49 36.14 44.05
C VAL A 355 -0.64 37.09 43.69
N LYS A 356 -0.50 38.37 44.01
CA LYS A 356 -1.54 39.33 43.65
C LYS A 356 -1.69 39.44 42.14
N GLU A 357 -0.58 39.49 41.42
CA GLU A 357 -0.64 39.58 39.96
C GLU A 357 -1.33 38.35 39.38
N LYS A 358 -0.95 37.17 39.85
CA LYS A 358 -1.57 35.94 39.34
C LYS A 358 -3.06 35.91 39.66
N LEU A 359 -3.43 36.32 40.88
CA LEU A 359 -4.84 36.28 41.27
C LEU A 359 -5.67 37.25 40.42
N VAL A 360 -5.16 38.46 40.19
CA VAL A 360 -5.92 39.41 39.39
C VAL A 360 -5.99 38.95 37.94
N ARG A 361 -4.91 38.35 37.43
CA ARG A 361 -4.94 37.84 36.06
C ARG A 361 -5.95 36.72 35.90
N PHE A 362 -6.03 35.82 36.88
CA PHE A 362 -6.91 34.66 36.76
C PHE A 362 -8.37 35.07 36.87
N LEU A 363 -8.69 35.93 37.82
CA LEU A 363 -10.07 36.32 38.13
C LEU A 363 -10.21 37.83 38.06
N PRO A 364 -10.44 38.38 36.88
CA PRO A 364 -10.64 39.84 36.80
C PRO A 364 -11.85 40.32 37.58
N ARG A 365 -12.91 39.52 37.67
CA ARG A 365 -14.14 39.93 38.33
C ARG A 365 -14.18 39.57 39.80
N THR A 366 -13.65 38.40 40.17
CA THR A 366 -13.72 37.97 41.56
C THR A 366 -12.95 38.92 42.47
N VAL A 367 -11.77 39.34 42.04
CA VAL A 367 -10.97 40.24 42.88
C VAL A 367 -11.64 41.60 42.98
N SER A 368 -12.26 42.07 41.90
CA SER A 368 -12.84 43.41 41.89
C SER A 368 -13.91 43.55 42.96
N ARG A 369 -14.79 42.56 43.08
CA ARG A 369 -15.86 42.64 44.07
C ARG A 369 -15.32 42.47 45.49
N LEU A 370 -14.28 41.65 45.65
CA LEU A 370 -13.77 41.35 46.98
C LEU A 370 -13.14 42.61 47.60
N PRO A 371 -13.38 42.87 48.88
CA PRO A 371 -12.70 44.00 49.54
C PRO A 371 -11.22 43.73 49.71
N GLU A 372 -10.51 44.75 50.16
CA GLU A 372 -9.07 44.63 50.37
C GLU A 372 -8.75 43.60 51.46
N GLU A 373 -9.54 43.60 52.53
CA GLU A 373 -9.30 42.65 53.61
C GLU A 373 -9.46 41.21 53.13
N GLU A 374 -10.49 40.95 52.32
CA GLU A 374 -10.67 39.62 51.77
C GLU A 374 -9.50 39.22 50.89
N ILE A 375 -8.97 40.17 50.10
CA ILE A 375 -7.82 39.88 49.27
C ILE A 375 -6.61 39.53 50.12
N GLU A 376 -6.39 40.28 51.20
CA GLU A 376 -5.27 39.98 52.09
C GLU A 376 -5.43 38.60 52.72
N SER A 377 -6.65 38.26 53.13
CA SER A 377 -6.89 36.93 53.69
C SER A 377 -6.61 35.85 52.66
N TRP A 378 -7.03 36.07 51.41
CA TRP A 378 -6.74 35.10 50.35
C TRP A 378 -5.24 34.94 50.15
N ILE A 379 -4.50 36.04 50.16
CA ILE A 379 -3.05 35.94 50.00
C ILE A 379 -2.45 35.16 51.14
N LYS A 380 -2.92 35.40 52.36
CA LYS A 380 -2.43 34.65 53.51
C LYS A 380 -2.69 33.15 53.35
N TRP A 381 -3.91 32.80 52.94
CA TRP A 381 -4.24 31.38 52.75
C TRP A 381 -3.34 30.75 51.69
N LEU A 382 -3.16 31.45 50.57
CA LEU A 382 -2.37 30.90 49.48
C LEU A 382 -0.91 30.72 49.90
N LYS A 383 -0.37 31.69 50.63
CA LYS A 383 1.00 31.55 51.14
C LYS A 383 1.08 30.35 52.08
N GLU A 384 0.07 30.17 52.94
CA GLU A 384 0.08 29.02 53.84
C GLU A 384 0.15 27.72 53.06
N ILE A 385 -0.70 27.55 52.04
CA ILE A 385 -0.71 26.28 51.33
C ILE A 385 0.58 26.10 50.52
N LEU A 386 1.11 27.18 49.96
CA LEU A 386 2.33 27.06 49.17
C LEU A 386 3.55 26.80 50.04
N GLU A 387 3.48 27.14 51.34
CA GLU A 387 4.58 26.80 52.23
C GLU A 387 4.81 25.30 52.26
N SER A 388 3.73 24.51 52.34
CA SER A 388 3.82 23.06 52.34
C SER A 388 3.58 22.53 50.92
N SER A 389 4.52 22.84 50.05
CA SER A 389 4.41 22.45 48.64
C SER A 389 4.86 21.02 48.38
N HIS A 390 5.46 20.35 49.35
CA HIS A 390 5.93 18.98 49.14
C HIS A 390 4.78 17.98 49.07
N LEU A 391 3.57 18.38 49.45
CA LEU A 391 2.42 17.48 49.43
C LEU A 391 1.63 17.58 48.14
N LEU A 392 1.20 18.78 47.78
CA LEU A 392 0.32 18.96 46.63
C LEU A 392 1.03 18.58 45.34
N THR A 393 0.26 18.04 44.40
CA THR A 393 0.73 17.70 43.07
C THR A 393 -0.15 18.38 42.04
N VAL A 394 0.44 18.68 40.88
CA VAL A 394 -0.23 19.42 39.83
C VAL A 394 -0.20 18.59 38.55
N ILE A 395 -1.37 18.44 37.92
CA ILE A 395 -1.45 17.78 36.62
C ILE A 395 -1.02 18.78 35.56
N LYS A 396 -0.15 18.33 34.65
CA LYS A 396 0.43 19.21 33.64
C LYS A 396 -0.32 19.08 32.32
N MET A 397 -0.39 20.20 31.59
CA MET A 397 -1.13 20.22 30.33
C MET A 397 -0.43 19.41 29.26
N GLU A 398 0.91 19.46 29.24
CA GLU A 398 1.65 18.74 28.20
C GLU A 398 1.36 17.25 28.22
N GLU A 399 1.32 16.66 29.43
CA GLU A 399 1.01 15.24 29.58
C GLU A 399 -0.50 15.06 29.47
N ALA A 400 -0.99 15.18 28.24
CA ALA A 400 -2.42 15.09 27.95
C ALA A 400 -2.85 13.67 27.57
N GLY A 401 -1.96 12.70 27.64
CA GLY A 401 -2.29 11.33 27.31
C GLY A 401 -3.19 10.68 28.35
N ASP A 402 -3.54 9.44 28.08
CA ASP A 402 -4.40 8.68 28.98
C ASP A 402 -3.62 8.20 30.19
N GLU A 403 -4.35 7.71 31.19
CA GLU A 403 -3.77 7.19 32.42
C GLU A 403 -2.91 8.25 33.12
N ILE A 404 -3.44 9.47 33.19
CA ILE A 404 -2.72 10.58 33.81
C ILE A 404 -3.28 10.83 35.21
N VAL A 405 -4.60 10.66 35.37
CA VAL A 405 -5.21 10.85 36.68
C VAL A 405 -4.65 9.86 37.69
N SER A 406 -4.60 8.58 37.29
CA SER A 406 -4.05 7.56 38.17
C SER A 406 -2.58 7.83 38.47
N ASN A 407 -1.82 8.25 37.45
CA ASN A 407 -0.41 8.54 37.65
C ASN A 407 -0.22 9.66 38.66
N ALA A 408 -0.99 10.74 38.52
CA ALA A 408 -0.87 11.86 39.44
C ALA A 408 -1.26 11.47 40.86
N ILE A 409 -2.35 10.73 41.00
CA ILE A 409 -2.80 10.33 42.34
C ILE A 409 -1.75 9.42 42.99
N SER A 410 -1.22 8.47 42.22
CA SER A 410 -0.20 7.58 42.76
C SER A 410 1.05 8.34 43.16
N TYR A 411 1.47 9.32 42.33
CA TYR A 411 2.65 10.10 42.66
C TYR A 411 2.44 10.90 43.94
N ALA A 412 1.27 11.53 44.08
CA ALA A 412 0.99 12.29 45.29
C ALA A 412 1.00 11.40 46.52
N LEU A 413 0.34 10.24 46.43
CA LEU A 413 0.32 9.32 47.57
C LEU A 413 1.72 8.83 47.90
N TYR A 414 2.53 8.55 46.87
CA TYR A 414 3.90 8.09 47.13
C TYR A 414 4.73 9.14 47.83
N LYS A 415 4.62 10.41 47.39
CA LYS A 415 5.34 11.47 48.08
C LYS A 415 4.89 11.58 49.54
N ALA A 416 3.58 11.61 49.76
CA ALA A 416 3.07 11.76 51.12
C ALA A 416 3.54 10.60 52.01
N PHE A 417 3.55 9.38 51.46
CA PHE A 417 3.98 8.24 52.25
C PHE A 417 5.49 8.24 52.46
N SER A 418 6.26 8.73 51.49
CA SER A 418 7.70 8.82 51.66
C SER A 418 8.06 9.76 52.79
N THR A 419 7.38 10.90 52.88
CA THR A 419 7.63 11.86 53.95
C THR A 419 6.67 11.58 55.11
N ASN A 420 7.03 10.57 55.93
CA ASN A 420 6.19 10.20 57.06
C ASN A 420 6.96 9.89 58.34
N GLU A 421 8.29 9.91 58.32
CA GLU A 421 9.16 9.64 59.46
C GLU A 421 9.14 8.18 59.90
N GLN A 422 8.31 7.33 59.28
CA GLN A 422 8.31 5.91 59.57
C GLN A 422 8.38 5.03 58.32
N ASP A 423 7.97 5.52 57.16
CA ASP A 423 8.04 4.76 55.92
C ASP A 423 9.33 4.97 55.16
N LYS A 424 10.20 5.88 55.62
CA LYS A 424 11.45 6.13 54.92
C LYS A 424 12.31 4.87 54.85
N ASP A 425 12.42 4.16 55.97
CA ASP A 425 13.20 2.92 55.99
C ASP A 425 12.45 1.77 55.35
N ASN A 426 11.12 1.81 55.35
CA ASN A 426 10.29 0.72 54.84
C ASN A 426 10.15 0.88 53.33
N TRP A 427 11.13 0.38 52.59
CA TRP A 427 11.04 0.40 51.13
C TRP A 427 10.04 -0.63 50.63
N ASN A 428 9.79 -1.68 51.41
CA ASN A 428 8.82 -2.69 51.00
C ASN A 428 7.43 -2.09 50.86
N GLY A 429 7.05 -1.20 51.77
CA GLY A 429 5.75 -0.55 51.65
C GLY A 429 5.65 0.30 50.40
N GLN A 430 6.72 1.04 50.08
CA GLN A 430 6.71 1.84 48.87
C GLN A 430 6.57 0.96 47.63
N LEU A 431 7.30 -0.16 47.60
CA LEU A 431 7.19 -1.08 46.47
C LEU A 431 5.79 -1.64 46.36
N LYS A 432 5.19 -2.02 47.49
CA LYS A 432 3.84 -2.55 47.49
C LYS A 432 2.85 -1.52 46.95
N LEU A 433 2.97 -0.28 47.39
CA LEU A 433 2.06 0.77 46.93
C LEU A 433 2.24 1.02 45.44
N LEU A 434 3.48 1.09 44.97
CA LEU A 434 3.72 1.32 43.55
C LEU A 434 3.17 0.18 42.71
N LEU A 435 3.35 -1.06 43.18
CA LEU A 435 2.78 -2.20 42.47
C LEU A 435 1.26 -2.12 42.43
N GLU A 436 0.64 -1.72 43.55
CA GLU A 436 -0.81 -1.60 43.59
C GLU A 436 -1.28 -0.56 42.58
N TRP A 437 -0.58 0.57 42.48
CA TRP A 437 -0.95 1.63 41.56
C TRP A 437 -0.27 1.51 40.20
N ASN A 438 0.58 0.50 40.00
CA ASN A 438 1.18 0.22 38.70
C ASN A 438 1.96 1.43 38.18
N GLN A 439 3.00 1.79 38.93
CA GLN A 439 3.93 2.85 38.56
C GLN A 439 5.30 2.19 38.33
N LEU A 440 5.62 1.93 37.06
CA LEU A 440 6.84 1.22 36.73
C LEU A 440 8.05 2.14 36.73
N ASP A 441 8.04 3.16 35.86
CA ASP A 441 9.21 4.02 35.73
C ASP A 441 9.58 4.66 37.05
N LEU A 442 8.59 5.11 37.82
CA LEU A 442 8.86 5.69 39.12
C LEU A 442 9.54 4.68 40.04
N ALA A 443 9.04 3.44 40.04
CA ALA A 443 9.65 2.41 40.88
C ALA A 443 11.07 2.10 40.43
N SER A 444 11.28 1.98 39.11
CA SER A 444 12.61 1.67 38.61
C SER A 444 13.61 2.75 38.96
N ASP A 445 13.21 4.02 38.82
CA ASP A 445 14.13 5.12 39.05
C ASP A 445 14.34 5.39 40.54
N GLU A 446 13.32 5.17 41.38
CA GLU A 446 13.38 5.61 42.76
C GLU A 446 13.86 4.50 43.71
N ILE A 447 13.14 3.38 43.75
CA ILE A 447 13.36 2.38 44.79
C ILE A 447 14.40 1.34 44.36
N PHE A 448 14.37 0.91 43.10
CA PHE A 448 15.32 -0.09 42.61
C PHE A 448 16.65 0.60 42.33
N THR A 449 17.49 0.67 43.35
CA THR A 449 18.80 1.29 43.25
C THR A 449 19.80 0.43 44.01
N ASN A 450 21.08 0.64 43.72
CA ASN A 450 22.15 -0.12 44.36
C ASN A 450 22.37 0.26 45.82
N ASP A 451 21.51 1.10 46.41
CA ASP A 451 21.69 1.47 47.81
C ASP A 451 21.58 0.26 48.73
N ARG A 452 20.62 -0.63 48.45
CA ARG A 452 20.37 -1.80 49.27
C ARG A 452 20.29 -3.04 48.40
N ARG A 453 20.71 -4.17 48.96
CA ARG A 453 20.64 -5.43 48.25
C ARG A 453 19.19 -5.88 48.07
N TRP A 454 18.97 -6.69 47.05
CA TRP A 454 17.63 -7.19 46.70
C TRP A 454 17.67 -8.71 46.72
N GLU A 455 17.31 -9.30 47.85
CA GLU A 455 17.27 -10.75 47.97
C GLU A 455 15.95 -11.30 47.44
N SER A 456 16.02 -12.51 46.88
CA SER A 456 14.83 -13.12 46.28
C SER A 456 13.75 -13.36 47.32
N ALA A 457 14.13 -13.80 48.51
CA ALA A 457 13.15 -14.09 49.54
C ALA A 457 12.37 -12.83 49.92
N ASP A 458 13.05 -11.68 49.98
CA ASP A 458 12.37 -10.43 50.29
C ASP A 458 11.34 -10.08 49.22
N LEU A 459 11.66 -10.38 47.97
CA LEU A 459 10.84 -9.98 46.83
C LEU A 459 9.82 -11.03 46.41
N GLN A 460 9.81 -12.19 47.07
CA GLN A 460 8.93 -13.28 46.65
C GLN A 460 7.45 -12.89 46.77
N GLU A 461 7.07 -12.30 47.90
CA GLU A 461 5.66 -11.94 48.10
C GLU A 461 5.23 -10.89 47.09
N VAL A 462 6.09 -9.91 46.82
CA VAL A 462 5.75 -8.88 45.83
C VAL A 462 5.61 -9.51 44.45
N MET A 463 6.48 -10.48 44.14
CA MET A 463 6.36 -11.16 42.85
C MET A 463 5.04 -11.89 42.73
N PHE A 464 4.63 -12.59 43.79
CA PHE A 464 3.35 -13.29 43.77
C PHE A 464 2.21 -12.30 43.58
N THR A 465 2.25 -11.17 44.30
CA THR A 465 1.20 -10.17 44.17
C THR A 465 1.13 -9.63 42.75
N ALA A 466 2.29 -9.35 42.14
CA ALA A 466 2.31 -8.88 40.77
C ALA A 466 1.73 -9.91 39.82
N LEU A 467 2.05 -11.19 40.05
CA LEU A 467 1.47 -12.25 39.22
C LEU A 467 -0.04 -12.27 39.32
N ILE A 468 -0.57 -12.15 40.54
CA ILE A 468 -2.02 -12.27 40.72
C ILE A 468 -2.75 -11.13 40.02
N LYS A 469 -2.26 -9.90 40.16
CA LYS A 469 -2.99 -8.72 39.73
C LYS A 469 -2.65 -8.28 38.31
N ASP A 470 -2.10 -9.18 37.50
CA ASP A 470 -1.84 -8.90 36.08
C ASP A 470 -0.95 -7.66 35.93
N ARG A 471 0.30 -7.80 36.40
CA ARG A 471 1.31 -6.74 36.35
C ARG A 471 2.52 -7.31 35.62
N PRO A 472 2.46 -7.43 34.29
CA PRO A 472 3.56 -8.07 33.57
C PRO A 472 4.86 -7.29 33.60
N LYS A 473 4.78 -5.96 33.47
CA LYS A 473 6.00 -5.16 33.47
C LYS A 473 6.74 -5.27 34.79
N PHE A 474 6.01 -5.27 35.91
CA PHE A 474 6.63 -5.47 37.20
C PHE A 474 7.22 -6.87 37.31
N VAL A 475 6.58 -7.87 36.72
CA VAL A 475 7.14 -9.22 36.70
C VAL A 475 8.49 -9.22 35.98
N ARG A 476 8.55 -8.57 34.83
CA ARG A 476 9.81 -8.49 34.08
C ARG A 476 10.86 -7.76 34.90
N LEU A 477 10.48 -6.66 35.55
CA LEU A 477 11.43 -5.91 36.35
C LEU A 477 11.97 -6.75 37.49
N PHE A 478 11.10 -7.51 38.17
CA PHE A 478 11.55 -8.38 39.24
C PHE A 478 12.50 -9.45 38.72
N LEU A 479 12.18 -10.03 37.56
CA LEU A 479 13.05 -11.05 37.00
C LEU A 479 14.42 -10.48 36.67
N GLU A 480 14.46 -9.27 36.15
CA GLU A 480 15.76 -8.64 35.83
C GLU A 480 16.60 -8.45 37.08
N ASN A 481 15.98 -8.01 38.17
CA ASN A 481 16.71 -7.64 39.39
C ASN A 481 16.85 -8.84 40.32
N GLY A 482 17.62 -9.83 39.85
CA GLY A 482 18.07 -10.90 40.70
C GLY A 482 17.00 -11.75 41.34
N LEU A 483 16.01 -12.17 40.56
CA LEU A 483 14.97 -13.08 41.03
C LEU A 483 15.09 -14.41 40.29
N ASN A 484 15.11 -15.50 41.06
CA ASN A 484 15.19 -16.85 40.51
C ASN A 484 13.77 -17.40 40.41
N LEU A 485 13.24 -17.41 39.18
CA LEU A 485 11.86 -17.87 38.98
C LEU A 485 11.73 -19.37 39.22
N GLN A 486 12.78 -20.15 38.92
CA GLN A 486 12.70 -21.59 39.12
C GLN A 486 12.50 -21.94 40.58
N LYS A 487 13.21 -21.26 41.49
CA LYS A 487 13.08 -21.55 42.91
C LYS A 487 11.76 -21.03 43.46
N PHE A 488 11.28 -19.89 42.92
CA PHE A 488 10.06 -19.29 43.45
C PHE A 488 8.86 -20.20 43.25
N LEU A 489 8.77 -20.86 42.10
CA LEU A 489 7.60 -21.68 41.76
C LEU A 489 7.65 -22.99 42.54
N THR A 490 7.28 -22.90 43.81
CA THR A 490 7.13 -24.08 44.64
C THR A 490 5.81 -24.77 44.35
N ASN A 491 5.72 -26.04 44.77
CA ASN A 491 4.52 -26.83 44.48
C ASN A 491 3.30 -26.23 45.17
N GLU A 492 3.44 -25.82 46.43
CA GLU A 492 2.32 -25.23 47.15
C GLU A 492 1.83 -23.96 46.48
N VAL A 493 2.77 -23.09 46.07
CA VAL A 493 2.40 -21.87 45.39
C VAL A 493 1.64 -22.18 44.11
N LEU A 494 2.15 -23.13 43.33
CA LEU A 494 1.54 -23.44 42.04
C LEU A 494 0.14 -24.03 42.22
N THR A 495 -0.02 -24.94 43.17
CA THR A 495 -1.33 -25.55 43.39
C THR A 495 -2.34 -24.52 43.90
N GLU A 496 -1.92 -23.64 44.82
CA GLU A 496 -2.82 -22.59 45.29
C GLU A 496 -3.21 -21.67 44.14
N LEU A 497 -2.24 -21.33 43.29
CA LEU A 497 -2.52 -20.44 42.17
C LEU A 497 -3.50 -21.07 41.19
N PHE A 498 -3.34 -22.37 40.93
CA PHE A 498 -4.27 -23.06 40.03
C PHE A 498 -5.64 -23.24 40.66
N SER A 499 -5.71 -23.35 41.99
CA SER A 499 -6.98 -23.65 42.63
C SER A 499 -7.82 -22.39 42.84
N THR A 500 -7.23 -21.35 43.42
CA THR A 500 -8.01 -20.18 43.84
C THR A 500 -8.17 -19.16 42.71
N HIS A 501 -7.08 -18.79 42.05
CA HIS A 501 -7.09 -17.71 41.08
C HIS A 501 -7.41 -18.17 39.66
N PHE A 502 -7.75 -19.44 39.47
CA PHE A 502 -8.14 -19.96 38.16
C PHE A 502 -9.64 -19.77 38.01
N SER A 503 -10.03 -18.94 37.04
CA SER A 503 -11.44 -18.60 36.88
C SER A 503 -12.27 -19.84 36.58
N THR A 504 -13.46 -19.90 37.19
CA THR A 504 -14.34 -21.04 36.96
C THR A 504 -14.90 -21.06 35.55
N LEU A 505 -15.08 -19.89 34.93
CA LEU A 505 -15.55 -19.85 33.55
C LEU A 505 -14.56 -20.54 32.61
N VAL A 506 -13.26 -20.25 32.79
CA VAL A 506 -12.26 -20.89 31.95
C VAL A 506 -12.21 -22.39 32.21
N TYR A 507 -12.41 -22.81 33.46
CA TYR A 507 -12.44 -24.23 33.76
C TYR A 507 -13.63 -24.91 33.09
N ARG A 508 -14.79 -24.25 33.09
CA ARG A 508 -15.95 -24.79 32.39
C ARG A 508 -15.68 -24.90 30.89
N ASN A 509 -15.06 -23.88 30.31
CA ASN A 509 -14.73 -23.93 28.88
C ASN A 509 -13.77 -25.08 28.60
N LEU A 510 -12.80 -25.28 29.49
CA LEU A 510 -11.85 -26.38 29.33
C LEU A 510 -12.57 -27.72 29.41
N GLN A 511 -13.51 -27.86 30.34
CA GLN A 511 -14.30 -29.09 30.42
C GLN A 511 -15.07 -29.33 29.13
N ILE A 512 -15.67 -28.27 28.58
CA ILE A 512 -16.43 -28.41 27.34
C ILE A 512 -15.51 -28.88 26.23
N ALA A 513 -14.33 -28.27 26.12
CA ALA A 513 -13.39 -28.67 25.07
C ALA A 513 -12.94 -30.11 25.26
N LYS A 514 -12.66 -30.50 26.50
CA LYS A 514 -12.21 -31.86 26.77
C LYS A 514 -13.29 -32.87 26.40
N ASN A 515 -14.54 -32.59 26.74
CA ASN A 515 -15.61 -33.55 26.47
C ASN A 515 -15.97 -33.60 24.99
N SER A 516 -15.92 -32.47 24.30
CA SER A 516 -16.33 -32.39 22.90
C SER A 516 -15.15 -32.56 21.95
N TYR A 517 -14.16 -31.69 22.04
CA TYR A 517 -13.01 -31.69 21.13
C TYR A 517 -11.79 -32.17 21.92
N ASN A 518 -11.61 -33.49 21.97
CA ASN A 518 -10.48 -34.08 22.66
C ASN A 518 -9.26 -34.16 21.73
N ASP A 519 -8.09 -34.25 22.33
CA ASP A 519 -6.84 -34.29 21.58
C ASP A 519 -5.77 -34.96 22.42
N ALA A 520 -4.72 -35.42 21.75
CA ALA A 520 -3.62 -36.07 22.46
C ALA A 520 -2.91 -35.13 23.41
N LEU A 521 -2.97 -33.82 23.16
CA LEU A 521 -2.30 -32.83 24.01
C LEU A 521 -3.23 -32.26 25.07
N LEU A 522 -4.45 -31.90 24.69
CA LEU A 522 -5.37 -31.28 25.64
C LEU A 522 -5.61 -32.18 26.85
N THR A 523 -5.60 -33.50 26.64
CA THR A 523 -5.76 -34.41 27.77
C THR A 523 -4.60 -34.26 28.75
N PHE A 524 -3.39 -34.06 28.24
CA PHE A 524 -2.23 -33.91 29.12
C PHE A 524 -2.37 -32.67 30.00
N VAL A 525 -2.71 -31.54 29.40
CA VAL A 525 -2.85 -30.31 30.18
C VAL A 525 -4.03 -30.42 31.14
N TRP A 526 -5.09 -31.10 30.73
CA TRP A 526 -6.22 -31.30 31.63
C TRP A 526 -5.82 -32.12 32.84
N LYS A 527 -5.04 -33.19 32.63
CA LYS A 527 -4.56 -34.00 33.74
C LYS A 527 -3.65 -33.19 34.65
N LEU A 528 -2.77 -32.38 34.06
CA LEU A 528 -1.89 -31.53 34.87
C LEU A 528 -2.69 -30.55 35.72
N VAL A 529 -3.69 -29.92 35.11
CA VAL A 529 -4.54 -28.96 35.83
C VAL A 529 -5.27 -29.67 36.96
N ALA A 530 -5.81 -30.86 36.69
CA ALA A 530 -6.52 -31.60 37.73
C ALA A 530 -5.58 -31.97 38.87
N ASN A 531 -4.36 -32.40 38.53
CA ASN A 531 -3.40 -32.78 39.56
C ASN A 531 -3.06 -31.59 40.46
N PHE A 532 -2.83 -30.42 39.86
CA PHE A 532 -2.51 -29.25 40.66
C PHE A 532 -3.72 -28.72 41.43
N ARG A 533 -4.92 -28.86 40.87
CA ARG A 533 -6.12 -28.32 41.48
C ARG A 533 -6.57 -29.16 42.68
N ARG A 534 -6.53 -30.49 42.53
CA ARG A 534 -6.95 -31.36 43.62
C ARG A 534 -5.94 -31.33 44.76
N SER A 535 -4.65 -31.32 44.43
CA SER A 535 -3.59 -31.33 45.44
C SER A 535 -2.36 -30.60 44.94
N THR A 558 6.70 -29.37 40.50
CA THR A 558 6.69 -30.45 39.52
C THR A 558 7.99 -30.47 38.73
N ARG A 559 8.03 -31.32 37.70
CA ARG A 559 9.23 -31.43 36.88
C ARG A 559 9.52 -30.14 36.14
N HIS A 560 8.49 -29.50 35.57
CA HIS A 560 8.63 -28.31 34.75
C HIS A 560 7.67 -27.23 35.25
N PRO A 561 8.00 -26.56 36.36
CA PRO A 561 7.10 -25.51 36.85
C PRO A 561 6.90 -24.38 35.86
N LEU A 562 7.93 -24.03 35.09
CA LEU A 562 7.80 -22.94 34.13
C LEU A 562 6.75 -23.27 33.07
N GLN A 563 6.73 -24.51 32.59
CA GLN A 563 5.72 -24.90 31.61
C GLN A 563 4.32 -24.81 32.20
N ALA A 564 4.16 -25.22 33.47
CA ALA A 564 2.86 -25.12 34.11
C ALA A 564 2.41 -23.67 34.23
N LEU A 565 3.33 -22.78 34.62
CA LEU A 565 2.98 -21.36 34.71
C LEU A 565 2.62 -20.79 33.35
N PHE A 566 3.36 -21.18 32.31
CA PHE A 566 3.05 -20.72 30.97
C PHE A 566 1.66 -21.20 30.54
N ILE A 567 1.32 -22.45 30.86
CA ILE A 567 0.00 -22.96 30.55
C ILE A 567 -1.07 -22.18 31.29
N TRP A 568 -0.83 -21.88 32.57
CA TRP A 568 -1.80 -21.11 33.35
C TRP A 568 -2.03 -19.75 32.71
N ALA A 569 -0.94 -19.07 32.32
CA ALA A 569 -1.08 -17.77 31.69
C ALA A 569 -1.83 -17.87 30.36
N ILE A 570 -1.52 -18.91 29.58
CA ILE A 570 -2.14 -19.04 28.26
C ILE A 570 -3.64 -19.30 28.38
N LEU A 571 -4.03 -20.20 29.29
CA LEU A 571 -5.43 -20.59 29.38
C LEU A 571 -6.34 -19.42 29.73
N GLN A 572 -5.80 -18.37 30.35
CA GLN A 572 -6.57 -17.20 30.71
C GLN A 572 -6.38 -16.04 29.74
N ASN A 573 -5.77 -16.30 28.59
CA ASN A 573 -5.59 -15.30 27.54
C ASN A 573 -4.85 -14.07 28.07
N LYS A 574 -3.82 -14.30 28.88
CA LYS A 574 -2.92 -13.25 29.33
C LYS A 574 -1.76 -13.16 28.35
N LYS A 575 -1.72 -12.08 27.57
CA LYS A 575 -0.73 -11.96 26.49
C LYS A 575 0.63 -11.57 27.03
N GLU A 576 0.72 -10.41 27.69
CA GLU A 576 2.02 -9.89 28.11
C GLU A 576 2.69 -10.82 29.11
N LEU A 577 1.92 -11.34 30.08
CA LEU A 577 2.49 -12.24 31.06
C LEU A 577 2.98 -13.52 30.42
N SER A 578 2.22 -14.05 29.46
CA SER A 578 2.65 -15.25 28.76
C SER A 578 3.94 -15.00 27.98
N LYS A 579 4.03 -13.85 27.32
CA LYS A 579 5.26 -13.51 26.61
C LYS A 579 6.44 -13.42 27.57
N VAL A 580 6.24 -12.78 28.73
CA VAL A 580 7.31 -12.64 29.69
C VAL A 580 7.77 -14.01 30.19
N ILE A 581 6.81 -14.89 30.50
CA ILE A 581 7.18 -16.22 30.99
C ILE A 581 7.87 -17.03 29.90
N TRP A 582 7.49 -16.81 28.63
CA TRP A 582 8.04 -17.61 27.55
C TRP A 582 9.54 -17.43 27.43
N GLU A 583 10.03 -16.20 27.60
CA GLU A 583 11.46 -15.95 27.45
C GLU A 583 12.30 -16.74 28.45
N GLN A 584 11.71 -17.15 29.57
CA GLN A 584 12.44 -17.92 30.57
C GLN A 584 12.42 -19.42 30.31
N THR A 585 11.61 -19.89 29.37
CA THR A 585 11.52 -21.32 29.10
C THR A 585 12.72 -21.80 28.32
N LYS A 586 12.98 -23.11 28.40
CA LYS A 586 14.06 -23.75 27.66
C LYS A 586 13.61 -24.12 26.25
N GLY A 587 12.56 -24.92 26.14
CA GLY A 587 12.00 -25.27 24.85
C GLY A 587 11.11 -24.17 24.32
N CYS A 588 11.72 -23.06 23.91
CA CYS A 588 10.95 -21.88 23.54
C CYS A 588 10.06 -22.15 22.33
N THR A 589 10.65 -22.66 21.24
CA THR A 589 9.86 -22.92 20.04
C THR A 589 8.88 -24.05 20.26
N LEU A 590 9.30 -25.10 20.98
CA LEU A 590 8.38 -26.18 21.31
C LEU A 590 7.22 -25.67 22.16
N ALA A 591 7.53 -24.81 23.13
CA ALA A 591 6.47 -24.23 23.95
C ALA A 591 5.52 -23.39 23.11
N ALA A 592 6.05 -22.62 22.16
CA ALA A 592 5.20 -21.82 21.29
C ALA A 592 4.28 -22.71 20.46
N LEU A 593 4.82 -23.79 19.89
CA LEU A 593 3.99 -24.71 19.11
C LEU A 593 2.89 -25.31 19.97
N GLY A 594 3.24 -25.76 21.17
CA GLY A 594 2.24 -26.34 22.05
C GLY A 594 1.17 -25.33 22.44
N ALA A 595 1.57 -24.09 22.72
CA ALA A 595 0.61 -23.06 23.07
C ALA A 595 -0.31 -22.76 21.89
N SER A 596 0.24 -22.72 20.68
CA SER A 596 -0.59 -22.48 19.50
C SER A 596 -1.63 -23.58 19.34
N LYS A 597 -1.20 -24.84 19.46
CA LYS A 597 -2.14 -25.94 19.31
C LYS A 597 -3.22 -25.90 20.40
N LEU A 598 -2.80 -25.66 21.65
CA LEU A 598 -3.76 -25.63 22.74
C LEU A 598 -4.76 -24.50 22.56
N LEU A 599 -4.28 -23.32 22.18
CA LEU A 599 -5.17 -22.18 21.98
C LEU A 599 -6.13 -22.42 20.83
N LYS A 600 -5.66 -23.07 19.74
CA LYS A 600 -6.57 -23.37 18.64
C LYS A 600 -7.66 -24.33 19.08
N THR A 601 -7.28 -25.44 19.72
CA THR A 601 -8.28 -26.41 20.14
C THR A 601 -9.22 -25.82 21.19
N LEU A 602 -8.75 -24.84 21.95
CA LEU A 602 -9.61 -24.16 22.92
C LEU A 602 -10.57 -23.21 22.22
N ALA A 603 -10.08 -22.48 21.20
CA ALA A 603 -10.92 -21.55 20.47
C ALA A 603 -11.95 -22.25 19.60
N LYS A 604 -11.73 -23.52 19.27
CA LYS A 604 -12.74 -24.26 18.54
C LYS A 604 -14.04 -24.40 19.33
N VAL A 605 -14.00 -24.15 20.64
CA VAL A 605 -15.22 -24.15 21.44
C VAL A 605 -16.15 -23.03 20.96
N LYS A 606 -17.43 -23.13 21.34
CA LYS A 606 -18.45 -22.18 20.91
C LYS A 606 -19.30 -21.69 22.06
N ASN A 607 -18.86 -21.88 23.31
CA ASN A 607 -19.62 -21.36 24.44
C ASN A 607 -19.69 -19.84 24.41
N ASP A 608 -18.57 -19.19 24.10
CA ASP A 608 -18.51 -17.74 23.95
C ASP A 608 -17.63 -17.42 22.75
N ILE A 609 -17.85 -16.23 22.19
CA ILE A 609 -17.21 -15.82 20.95
C ILE A 609 -15.97 -14.98 21.21
N ASN A 610 -16.08 -13.98 22.09
CA ASN A 610 -14.96 -13.06 22.30
C ASN A 610 -13.72 -13.80 22.80
N ALA A 611 -13.90 -14.69 23.79
CA ALA A 611 -12.78 -15.44 24.32
C ALA A 611 -12.15 -16.33 23.25
N ALA A 612 -12.99 -16.97 22.43
CA ALA A 612 -12.47 -17.83 21.37
C ALA A 612 -11.66 -17.03 20.37
N GLY A 613 -12.15 -15.86 19.98
CA GLY A 613 -11.40 -15.02 19.05
C GLY A 613 -10.09 -14.54 19.63
N GLU A 614 -10.10 -14.15 20.91
CA GLU A 614 -8.87 -13.73 21.57
C GLU A 614 -7.86 -14.87 21.58
N SER A 615 -8.31 -16.08 21.93
CA SER A 615 -7.42 -17.23 21.95
C SER A 615 -6.89 -17.53 20.55
N GLU A 616 -7.73 -17.40 19.53
CA GLU A 616 -7.29 -17.68 18.17
C GLU A 616 -6.22 -16.70 17.72
N GLU A 617 -6.41 -15.40 17.99
CA GLU A 617 -5.40 -14.42 17.61
C GLU A 617 -4.11 -14.65 18.38
N LEU A 618 -4.21 -15.01 19.67
CA LEU A 618 -3.00 -15.32 20.43
C LEU A 618 -2.28 -16.52 19.84
N ALA A 619 -3.03 -17.53 19.42
CA ALA A 619 -2.43 -18.70 18.79
C ALA A 619 -1.70 -18.33 17.51
N ASN A 620 -2.32 -17.48 16.69
CA ASN A 620 -1.65 -17.02 15.47
C ASN A 620 -0.37 -16.27 15.81
N GLU A 621 -0.41 -15.43 16.84
CA GLU A 621 0.77 -14.69 17.25
C GLU A 621 1.89 -15.64 17.66
N TYR A 622 1.58 -16.64 18.47
CA TYR A 622 2.61 -17.58 18.92
C TYR A 622 3.14 -18.42 17.77
N GLU A 623 2.27 -18.80 16.84
CA GLU A 623 2.73 -19.52 15.65
C GLU A 623 3.71 -18.68 14.85
N THR A 624 3.39 -17.40 14.65
CA THR A 624 4.31 -16.52 13.94
C THR A 624 5.64 -16.39 14.67
N ARG A 625 5.58 -16.25 16.00
CA ARG A 625 6.82 -16.16 16.77
C ARG A 625 7.67 -17.40 16.58
N ALA A 626 7.06 -18.58 16.68
CA ALA A 626 7.82 -19.82 16.51
C ALA A 626 8.42 -19.91 15.11
N VAL A 627 7.64 -19.55 14.09
CA VAL A 627 8.15 -19.64 12.72
C VAL A 627 9.36 -18.73 12.55
N GLU A 628 9.25 -17.47 12.99
CA GLU A 628 10.35 -16.54 12.83
C GLU A 628 11.57 -16.99 13.62
N LEU A 629 11.36 -17.45 14.85
CA LEU A 629 12.49 -17.87 15.68
C LEU A 629 13.22 -19.04 15.06
N PHE A 630 12.47 -20.04 14.57
CA PHE A 630 13.13 -21.19 13.96
C PHE A 630 13.79 -20.83 12.63
N THR A 631 13.20 -19.88 11.89
CA THR A 631 13.85 -19.42 10.67
C THR A 631 15.20 -18.81 10.98
N GLU A 632 15.25 -17.94 11.99
CA GLU A 632 16.53 -17.36 12.40
C GLU A 632 17.49 -18.44 12.89
N CYS A 633 16.98 -19.39 13.67
CA CYS A 633 17.81 -20.46 14.21
C CYS A 633 18.43 -21.28 13.10
N TYR A 634 17.65 -21.61 12.07
CA TYR A 634 18.18 -22.39 10.96
C TYR A 634 19.14 -21.57 10.11
N SER A 635 18.87 -20.27 9.95
CA SER A 635 19.78 -19.42 9.20
C SER A 635 21.14 -19.35 9.87
N ASN A 636 21.16 -19.23 11.20
CA ASN A 636 22.44 -19.18 11.91
C ASN A 636 23.21 -20.48 11.77
N ASP A 637 22.53 -21.62 11.87
CA ASP A 637 23.18 -22.92 11.78
C ASP A 637 22.16 -23.94 11.31
N GLU A 638 22.67 -25.07 10.82
CA GLU A 638 21.83 -26.10 10.20
C GLU A 638 21.78 -27.38 11.01
N ASP A 639 22.93 -27.96 11.33
CA ASP A 639 22.93 -29.24 12.05
C ASP A 639 22.29 -29.09 13.42
N LEU A 640 22.64 -28.03 14.15
CA LEU A 640 22.05 -27.82 15.47
C LEU A 640 20.55 -27.58 15.36
N ALA A 641 20.13 -26.83 14.34
CA ALA A 641 18.70 -26.59 14.14
C ALA A 641 17.96 -27.89 13.89
N GLU A 642 18.52 -28.78 13.07
CA GLU A 642 17.88 -30.07 12.83
C GLU A 642 17.83 -30.91 14.09
N GLN A 643 18.92 -30.91 14.87
CA GLN A 643 18.93 -31.66 16.12
C GLN A 643 17.84 -31.14 17.06
N LEU A 644 17.70 -29.82 17.15
CA LEU A 644 16.66 -29.25 18.01
C LEU A 644 15.28 -29.61 17.49
N LEU A 645 15.08 -29.57 16.18
CA LEU A 645 13.77 -29.89 15.61
C LEU A 645 13.38 -31.31 15.92
N VAL A 646 14.31 -32.26 15.78
CA VAL A 646 14.02 -33.66 16.10
C VAL A 646 14.10 -33.93 17.59
N TYR A 647 14.40 -32.92 18.40
CA TYR A 647 14.58 -33.11 19.83
C TYR A 647 13.24 -33.46 20.48
N SER A 648 13.13 -34.67 21.00
CA SER A 648 11.89 -35.09 21.66
C SER A 648 11.68 -34.38 22.98
N CYS A 649 12.76 -34.02 23.67
CA CYS A 649 12.68 -33.36 24.97
C CYS A 649 12.10 -34.30 26.01
N GLU A 650 11.81 -33.79 27.20
CA GLU A 650 11.33 -34.59 28.31
C GLU A 650 9.91 -34.14 28.68
N ALA A 651 8.93 -34.68 27.97
CA ALA A 651 7.52 -34.57 28.33
C ALA A 651 7.10 -33.11 28.56
N TRP A 652 7.23 -32.31 27.50
CA TRP A 652 6.51 -31.04 27.46
C TRP A 652 5.03 -31.31 27.21
N GLY A 653 4.73 -31.96 26.09
CA GLY A 653 3.41 -32.50 25.84
C GLY A 653 3.53 -33.92 25.33
N GLY A 654 4.71 -34.51 25.52
CA GLY A 654 4.97 -35.85 25.03
C GLY A 654 5.31 -35.92 23.55
N SER A 655 5.72 -34.80 22.94
CA SER A 655 5.98 -34.78 21.51
C SER A 655 7.04 -33.72 21.21
N ASN A 656 7.61 -33.82 20.01
CA ASN A 656 8.62 -32.89 19.54
C ASN A 656 7.96 -31.72 18.81
N CYS A 657 8.79 -30.80 18.33
CA CYS A 657 8.25 -29.64 17.61
C CYS A 657 7.53 -30.08 16.34
N LEU A 658 8.11 -31.02 15.59
CA LEU A 658 7.52 -31.43 14.33
C LEU A 658 6.17 -32.08 14.54
N GLU A 659 6.05 -32.94 15.55
CA GLU A 659 4.78 -33.62 15.82
C GLU A 659 3.69 -32.62 16.19
N LEU A 660 4.02 -31.64 17.04
CA LEU A 660 3.02 -30.63 17.40
C LEU A 660 2.65 -29.79 16.19
N ALA A 661 3.62 -29.42 15.36
CA ALA A 661 3.33 -28.62 14.18
C ALA A 661 2.39 -29.35 13.25
N VAL A 662 2.64 -30.64 13.01
CA VAL A 662 1.79 -31.40 12.10
C VAL A 662 0.41 -31.64 12.71
N GLU A 663 0.35 -31.92 14.02
CA GLU A 663 -0.94 -32.17 14.65
C GLU A 663 -1.84 -30.94 14.58
N ALA A 664 -1.26 -29.76 14.77
CA ALA A 664 -2.03 -28.52 14.67
C ALA A 664 -2.24 -28.07 13.25
N THR A 665 -1.72 -28.80 12.27
CA THR A 665 -1.86 -28.45 10.86
C THR A 665 -1.24 -27.09 10.57
N ASP A 666 -0.07 -26.83 11.17
CA ASP A 666 0.66 -25.60 10.96
C ASP A 666 1.46 -25.73 9.65
N GLN A 667 0.72 -25.66 8.54
CA GLN A 667 1.34 -25.84 7.23
C GLN A 667 2.41 -24.78 6.97
N HIS A 668 2.19 -23.56 7.47
CA HIS A 668 3.17 -22.50 7.23
C HIS A 668 4.52 -22.83 7.85
N PHE A 669 4.52 -23.34 9.08
CA PHE A 669 5.77 -23.66 9.75
C PHE A 669 6.51 -24.80 9.05
N ILE A 670 5.78 -25.86 8.68
CA ILE A 670 6.41 -27.06 8.12
C ILE A 670 6.79 -26.89 6.66
N ALA A 671 6.30 -25.85 6.00
CA ALA A 671 6.63 -25.59 4.60
C ALA A 671 7.85 -24.69 4.44
N GLN A 672 8.49 -24.29 5.54
CA GLN A 672 9.63 -23.40 5.45
C GLN A 672 10.83 -24.11 4.83
N PRO A 673 11.74 -23.36 4.21
CA PRO A 673 12.85 -24.01 3.49
C PRO A 673 13.70 -24.92 4.36
N GLY A 674 13.92 -24.57 5.63
CA GLY A 674 14.74 -25.41 6.48
C GLY A 674 14.13 -26.78 6.72
N VAL A 675 12.84 -26.81 7.03
CA VAL A 675 12.17 -28.07 7.28
C VAL A 675 12.10 -28.91 6.01
N GLN A 676 11.86 -28.26 4.87
CA GLN A 676 11.83 -28.99 3.61
C GLN A 676 13.20 -29.57 3.28
N ASN A 677 14.27 -28.82 3.55
CA ASN A 677 15.61 -29.34 3.33
C ASN A 677 15.90 -30.52 4.23
N PHE A 678 15.47 -30.45 5.50
CA PHE A 678 15.65 -31.57 6.40
C PHE A 678 14.89 -32.80 5.90
N LEU A 679 13.66 -32.61 5.44
CA LEU A 679 12.89 -33.72 4.91
C LEU A 679 13.54 -34.31 3.67
N SER A 680 14.09 -33.45 2.80
CA SER A 680 14.77 -33.95 1.61
C SER A 680 16.01 -34.73 1.97
N LYS A 681 16.77 -34.27 2.96
CA LYS A 681 17.92 -35.03 3.43
C LYS A 681 17.49 -36.39 3.95
N GLN A 682 16.41 -36.43 4.73
CA GLN A 682 15.91 -37.70 5.23
C GLN A 682 15.47 -38.61 4.08
N TRP A 683 14.85 -38.02 3.06
CA TRP A 683 14.32 -38.80 1.94
C TRP A 683 15.45 -39.42 1.11
N TYR A 684 16.44 -38.61 0.74
CA TYR A 684 17.58 -39.11 -0.03
C TYR A 684 18.54 -39.93 0.82
N GLY A 685 18.46 -39.81 2.15
CA GLY A 685 19.35 -40.58 3.01
C GLY A 685 20.80 -40.23 2.74
N GLU A 686 21.65 -41.26 2.67
CA GLU A 686 23.08 -41.03 2.49
C GLU A 686 23.39 -40.45 1.11
N ILE A 687 22.53 -40.71 0.12
CA ILE A 687 22.76 -40.16 -1.21
C ILE A 687 22.83 -38.65 -1.15
N SER A 688 23.80 -38.07 -1.85
CA SER A 688 23.87 -36.62 -1.95
C SER A 688 22.63 -36.07 -2.63
N ARG A 689 22.13 -34.95 -2.11
CA ARG A 689 20.86 -34.41 -2.58
C ARG A 689 20.96 -33.83 -3.98
N ASP A 690 22.15 -33.45 -4.43
CA ASP A 690 22.31 -32.76 -5.70
C ASP A 690 22.53 -33.69 -6.88
N THR A 691 22.65 -35.00 -6.65
CA THR A 691 22.82 -35.93 -7.77
C THR A 691 21.56 -35.95 -8.62
N LYS A 692 21.76 -36.12 -9.92
CA LYS A 692 20.63 -36.12 -10.85
C LYS A 692 19.82 -37.41 -10.72
N ASN A 693 18.54 -37.32 -11.09
CA ASN A 693 17.61 -38.42 -10.84
C ASN A 693 17.87 -39.60 -11.78
N TRP A 694 17.96 -39.32 -13.08
CA TRP A 694 18.17 -40.41 -14.04
C TRP A 694 19.43 -41.19 -13.71
N LYS A 695 20.43 -40.54 -13.12
CA LYS A 695 21.61 -41.27 -12.66
C LYS A 695 21.23 -42.30 -11.61
N ILE A 696 20.41 -41.91 -10.63
CA ILE A 696 19.98 -42.86 -9.60
C ILE A 696 19.20 -44.01 -10.24
N ILE A 697 18.31 -43.67 -11.18
CA ILE A 697 17.46 -44.72 -11.76
C ILE A 697 18.32 -45.71 -12.54
N LEU A 698 19.28 -45.22 -13.33
CA LEU A 698 20.16 -46.10 -14.07
C LEU A 698 20.99 -46.97 -13.13
N CYS A 699 21.49 -46.38 -12.04
CA CYS A 699 22.24 -47.19 -11.08
C CYS A 699 21.35 -48.22 -10.40
N LEU A 700 20.06 -47.90 -10.24
CA LEU A 700 19.12 -48.87 -9.68
C LEU A 700 18.96 -50.05 -10.63
N PHE A 701 18.78 -49.77 -11.93
CA PHE A 701 18.60 -50.87 -12.88
C PHE A 701 19.89 -51.64 -13.09
N ILE A 702 21.02 -50.95 -13.13
CA ILE A 702 22.33 -51.58 -13.32
C ILE A 702 23.03 -51.60 -11.97
N ILE A 703 23.07 -52.77 -11.34
CA ILE A 703 23.67 -52.88 -10.01
C ILE A 703 25.15 -52.53 -10.01
N PRO A 704 25.98 -53.07 -10.91
CA PRO A 704 27.44 -52.85 -10.77
C PRO A 704 27.86 -51.40 -10.88
N LEU A 705 26.99 -50.51 -11.36
CA LEU A 705 27.40 -49.13 -11.61
C LEU A 705 27.50 -48.31 -10.33
N VAL A 706 26.85 -48.74 -9.25
CA VAL A 706 26.83 -47.94 -8.03
C VAL A 706 28.25 -47.76 -7.50
N GLY A 707 29.05 -48.82 -7.52
CA GLY A 707 30.39 -48.72 -6.98
C GLY A 707 31.29 -47.76 -7.74
N CYS A 708 31.01 -47.54 -9.02
CA CYS A 708 31.91 -46.75 -9.85
C CYS A 708 32.03 -45.31 -9.35
N GLY A 709 30.90 -44.67 -9.04
CA GLY A 709 30.96 -43.35 -8.45
C GLY A 709 29.98 -42.32 -8.99
N LEU A 710 29.23 -42.66 -10.04
CA LEU A 710 28.36 -41.67 -10.66
C LEU A 710 27.28 -41.19 -9.70
N VAL A 711 26.95 -41.99 -8.68
CA VAL A 711 25.89 -41.61 -7.75
C VAL A 711 26.38 -40.53 -6.78
N SER A 712 27.66 -40.56 -6.40
CA SER A 712 28.29 -39.47 -5.66
C SER A 712 27.60 -39.23 -4.30
N PHE A 713 27.75 -40.22 -3.42
CA PHE A 713 27.20 -40.11 -2.07
C PHE A 713 27.70 -38.85 -1.37
N ARG A 714 26.94 -38.41 -0.37
CA ARG A 714 27.33 -37.23 0.39
C ARG A 714 28.60 -37.49 1.21
N LYS A 715 28.64 -38.61 1.93
CA LYS A 715 29.81 -38.97 2.71
C LYS A 715 30.82 -39.72 1.85
N LYS A 723 34.73 -49.26 2.17
CA LYS A 723 35.01 -49.88 0.87
C LYS A 723 33.72 -49.98 0.05
N LEU A 724 33.79 -50.70 -1.07
CA LEU A 724 32.64 -50.79 -1.97
C LEU A 724 31.42 -51.37 -1.26
N LEU A 725 31.63 -52.26 -0.28
CA LEU A 725 30.50 -52.82 0.45
C LEU A 725 29.71 -51.73 1.16
N TRP A 726 30.42 -50.79 1.80
CA TRP A 726 29.74 -49.68 2.46
C TRP A 726 28.94 -48.86 1.46
N TYR A 727 29.51 -48.62 0.28
CA TYR A 727 28.78 -47.89 -0.75
C TYR A 727 27.47 -48.58 -1.09
N TYR A 728 27.50 -49.89 -1.31
CA TYR A 728 26.30 -50.61 -1.72
C TYR A 728 25.26 -50.62 -0.61
N VAL A 729 25.69 -50.87 0.63
CA VAL A 729 24.72 -50.88 1.73
C VAL A 729 24.10 -49.51 1.91
N ALA A 730 24.90 -48.45 1.80
CA ALA A 730 24.35 -47.10 1.92
C ALA A 730 23.37 -46.82 0.78
N PHE A 731 23.69 -47.25 -0.44
CA PHE A 731 22.78 -47.03 -1.55
C PHE A 731 21.46 -47.75 -1.35
N PHE A 732 21.50 -49.01 -0.95
CA PHE A 732 20.29 -49.81 -0.84
C PHE A 732 19.53 -49.58 0.46
N THR A 733 20.12 -48.86 1.42
CA THR A 733 19.40 -48.44 2.61
C THR A 733 18.73 -47.08 2.43
N SER A 734 18.94 -46.42 1.30
CA SER A 734 18.34 -45.11 1.08
C SER A 734 16.83 -45.25 0.91
N PRO A 735 16.04 -44.37 1.53
CA PRO A 735 14.58 -44.45 1.35
C PRO A 735 14.14 -44.33 -0.09
N PHE A 736 14.82 -43.53 -0.91
CA PHE A 736 14.42 -43.35 -2.30
C PHE A 736 14.54 -44.65 -3.08
N VAL A 737 15.65 -45.37 -2.90
CA VAL A 737 15.83 -46.65 -3.59
C VAL A 737 14.79 -47.66 -3.14
N VAL A 738 14.52 -47.72 -1.84
CA VAL A 738 13.51 -48.62 -1.33
C VAL A 738 12.16 -48.31 -1.94
N PHE A 739 11.82 -47.01 -2.02
CA PHE A 739 10.55 -46.61 -2.60
C PHE A 739 10.46 -47.02 -4.07
N SER A 740 11.52 -46.81 -4.83
CA SER A 740 11.50 -47.20 -6.24
C SER A 740 11.33 -48.71 -6.40
N TRP A 741 12.06 -49.49 -5.60
CA TRP A 741 11.91 -50.93 -5.67
C TRP A 741 10.50 -51.35 -5.31
N ASN A 742 9.92 -50.73 -4.28
CA ASN A 742 8.55 -51.05 -3.88
C ASN A 742 7.57 -50.72 -4.99
N VAL A 743 7.78 -49.59 -5.67
CA VAL A 743 6.89 -49.21 -6.76
C VAL A 743 6.96 -50.25 -7.88
N VAL A 744 8.17 -50.66 -8.25
CA VAL A 744 8.32 -51.66 -9.31
C VAL A 744 7.65 -52.96 -8.89
N PHE A 745 7.87 -53.38 -7.64
CA PHE A 745 7.27 -54.62 -7.17
C PHE A 745 5.75 -54.54 -7.19
N TYR A 746 5.19 -53.41 -6.78
CA TYR A 746 3.74 -53.29 -6.73
C TYR A 746 3.15 -53.27 -8.13
N ILE A 747 3.82 -52.61 -9.08
CA ILE A 747 3.34 -52.62 -10.46
C ILE A 747 3.34 -54.05 -11.00
N ALA A 748 4.43 -54.80 -10.75
CA ALA A 748 4.48 -56.19 -11.19
C ALA A 748 3.38 -57.01 -10.53
N PHE A 749 3.14 -56.77 -9.24
CA PHE A 749 2.10 -57.49 -8.51
C PHE A 749 0.73 -57.24 -9.11
N LEU A 750 0.42 -55.98 -9.42
CA LEU A 750 -0.87 -55.67 -10.03
C LEU A 750 -0.99 -56.29 -11.41
N LEU A 751 0.10 -56.26 -12.20
CA LEU A 751 0.05 -56.87 -13.53
C LEU A 751 -0.24 -58.37 -13.42
N LEU A 752 0.46 -59.05 -12.50
CA LEU A 752 0.23 -60.48 -12.33
C LEU A 752 -1.17 -60.77 -11.81
N PHE A 753 -1.67 -59.93 -10.91
CA PHE A 753 -3.03 -60.09 -10.41
C PHE A 753 -4.04 -59.98 -11.55
N ALA A 754 -3.89 -58.96 -12.39
CA ALA A 754 -4.78 -58.82 -13.53
C ALA A 754 -4.72 -60.06 -14.41
N TYR A 755 -3.51 -60.50 -14.75
CA TYR A 755 -3.38 -61.65 -15.64
C TYR A 755 -4.03 -62.89 -15.04
N VAL A 756 -3.74 -63.20 -13.78
CA VAL A 756 -4.24 -64.43 -13.18
C VAL A 756 -5.75 -64.38 -13.03
N LEU A 757 -6.28 -63.25 -12.53
CA LEU A 757 -7.72 -63.15 -12.32
C LEU A 757 -8.47 -63.24 -13.63
N LEU A 758 -7.93 -62.64 -14.70
CA LEU A 758 -8.67 -62.58 -15.96
C LEU A 758 -8.55 -63.87 -16.76
N MET A 759 -7.34 -64.45 -16.83
CA MET A 759 -7.06 -65.55 -17.75
C MET A 759 -6.87 -66.89 -17.05
N ASP A 760 -6.78 -66.92 -15.73
CA ASP A 760 -6.38 -68.14 -15.03
C ASP A 760 -7.24 -68.37 -13.78
N PHE A 761 -8.56 -68.29 -13.94
CA PHE A 761 -9.49 -68.46 -12.82
C PHE A 761 -10.10 -69.86 -12.78
N HIS A 762 -9.32 -70.88 -13.14
CA HIS A 762 -9.83 -72.25 -13.11
C HIS A 762 -10.09 -72.68 -11.67
N SER A 763 -11.03 -73.61 -11.51
CA SER A 763 -11.34 -74.13 -10.18
C SER A 763 -10.12 -74.82 -9.57
N VAL A 764 -9.42 -75.62 -10.36
CA VAL A 764 -8.21 -76.29 -9.85
C VAL A 764 -7.15 -75.23 -9.56
N PRO A 765 -6.43 -75.31 -8.43
CA PRO A 765 -5.39 -74.33 -8.16
C PRO A 765 -4.29 -74.36 -9.21
N HIS A 766 -3.71 -73.19 -9.46
CA HIS A 766 -2.62 -73.05 -10.43
C HIS A 766 -1.54 -72.16 -9.84
N THR A 767 -0.32 -72.31 -10.37
CA THR A 767 0.84 -71.68 -9.74
C THR A 767 0.74 -70.16 -9.66
N PRO A 768 0.31 -69.42 -10.70
CA PRO A 768 0.25 -67.96 -10.54
C PRO A 768 -0.66 -67.54 -9.40
N GLU A 769 -1.76 -68.25 -9.21
CA GLU A 769 -2.65 -67.97 -8.09
C GLU A 769 -1.95 -68.20 -6.76
N LEU A 770 -1.15 -69.26 -6.67
CA LEU A 770 -0.41 -69.51 -5.43
C LEU A 770 0.58 -68.39 -5.14
N ILE A 771 1.29 -67.92 -6.17
CA ILE A 771 2.21 -66.81 -5.99
C ILE A 771 1.46 -65.58 -5.50
N LEU A 772 0.29 -65.31 -6.10
CA LEU A 772 -0.50 -64.15 -5.69
C LEU A 772 -0.95 -64.28 -4.24
N TYR A 773 -1.36 -65.48 -3.84
CA TYR A 773 -1.74 -65.69 -2.44
C TYR A 773 -0.58 -65.41 -1.49
N ALA A 774 0.61 -65.89 -1.84
CA ALA A 774 1.78 -65.64 -1.00
C ALA A 774 2.06 -64.14 -0.88
N LEU A 775 1.99 -63.42 -2.01
CA LEU A 775 2.25 -62.00 -1.99
C LEU A 775 1.22 -61.26 -1.16
N VAL A 776 -0.05 -61.65 -1.24
CA VAL A 776 -1.06 -60.99 -0.42
C VAL A 776 -0.80 -61.25 1.05
N PHE A 777 -0.29 -62.43 1.40
CA PHE A 777 0.07 -62.66 2.80
C PHE A 777 1.20 -61.73 3.23
N VAL A 778 2.19 -61.52 2.37
CA VAL A 778 3.27 -60.58 2.72
C VAL A 778 2.69 -59.18 2.93
N LEU A 779 1.76 -58.77 2.07
CA LEU A 779 1.13 -57.46 2.26
C LEU A 779 0.37 -57.41 3.58
N PHE A 780 -0.29 -58.51 3.95
CA PHE A 780 -1.00 -58.55 5.23
C PHE A 780 -0.03 -58.39 6.39
N CYS A 781 1.14 -59.03 6.30
CA CYS A 781 2.15 -58.86 7.35
C CYS A 781 2.62 -57.42 7.44
N ASP A 782 2.84 -56.79 6.28
CA ASP A 782 3.20 -55.37 6.29
C ASP A 782 2.13 -54.53 6.98
N GLU A 783 0.86 -54.82 6.69
CA GLU A 783 -0.22 -54.08 7.34
C GLU A 783 -0.27 -54.35 8.83
N VAL A 784 0.07 -55.57 9.26
CA VAL A 784 0.15 -55.86 10.69
C VAL A 784 1.23 -55.00 11.34
N ARG A 785 2.39 -54.91 10.69
CA ARG A 785 3.45 -54.05 11.20
C ARG A 785 2.96 -52.61 11.33
N GLN A 786 2.29 -52.11 10.28
CA GLN A 786 1.77 -50.76 10.33
C GLN A 786 0.75 -50.60 11.46
N TRP A 787 -0.04 -51.63 11.72
CA TRP A 787 -0.99 -51.58 12.82
C TRP A 787 -0.28 -51.47 14.16
N TYR A 788 0.84 -52.18 14.33
CA TYR A 788 1.57 -52.09 15.59
C TYR A 788 2.00 -50.65 15.88
N MET A 789 2.50 -49.94 14.87
CA MET A 789 2.96 -48.58 15.04
C MET A 789 1.81 -47.62 14.73
N ASN A 790 1.51 -46.73 15.68
CA ASN A 790 0.41 -45.78 15.53
C ASN A 790 -0.90 -46.51 15.22
N GLY A 791 -1.25 -47.47 16.08
CA GLY A 791 -2.46 -48.24 15.86
C GLY A 791 -3.71 -47.38 15.81
N VAL A 792 -3.79 -46.39 16.71
CA VAL A 792 -4.95 -45.50 16.70
C VAL A 792 -5.02 -44.73 15.38
N ASN A 793 -3.89 -44.17 14.96
CA ASN A 793 -3.85 -43.50 13.66
C ASN A 793 -4.09 -44.49 12.52
N TYR A 794 -3.54 -45.70 12.64
CA TYR A 794 -3.72 -46.70 11.60
C TYR A 794 -5.20 -46.99 11.38
N PHE A 795 -5.97 -47.13 12.45
CA PHE A 795 -7.40 -47.37 12.31
C PHE A 795 -8.15 -46.11 11.88
N THR A 796 -7.73 -44.95 12.38
CA THR A 796 -8.43 -43.71 12.07
C THR A 796 -8.28 -43.32 10.61
N ASP A 797 -7.10 -43.53 10.04
CA ASP A 797 -6.84 -43.08 8.68
C ASP A 797 -7.84 -43.70 7.71
N LEU A 798 -8.39 -42.86 6.82
CA LEU A 798 -9.39 -43.34 5.87
C LEU A 798 -8.77 -44.28 4.84
N TRP A 799 -7.63 -43.89 4.27
CA TRP A 799 -7.00 -44.71 3.25
C TRP A 799 -6.42 -45.99 3.83
N ASN A 800 -5.88 -45.91 5.05
CA ASN A 800 -5.41 -47.13 5.72
C ASN A 800 -6.57 -48.09 5.96
N VAL A 801 -7.72 -47.56 6.40
CA VAL A 801 -8.90 -48.39 6.58
C VAL A 801 -9.33 -48.98 5.24
N MET A 802 -9.22 -48.19 4.17
CA MET A 802 -9.57 -48.70 2.85
C MET A 802 -8.70 -49.89 2.46
N ASP A 803 -7.39 -49.77 2.70
CA ASP A 803 -6.49 -50.88 2.37
C ASP A 803 -6.77 -52.11 3.22
N THR A 804 -7.03 -51.91 4.51
CA THR A 804 -7.35 -53.04 5.38
C THR A 804 -8.63 -53.73 4.93
N LEU A 805 -9.64 -52.95 4.57
CA LEU A 805 -10.88 -53.52 4.05
C LEU A 805 -10.64 -54.27 2.75
N GLY A 806 -9.74 -53.75 1.91
CA GLY A 806 -9.39 -54.45 0.69
C GLY A 806 -8.78 -55.81 0.97
N LEU A 807 -7.86 -55.86 1.94
CA LEU A 807 -7.26 -57.14 2.31
C LEU A 807 -8.31 -58.10 2.87
N PHE A 808 -9.21 -57.60 3.71
CA PHE A 808 -10.26 -58.46 4.27
C PHE A 808 -11.17 -59.01 3.17
N TYR A 809 -11.58 -58.16 2.23
CA TYR A 809 -12.39 -58.62 1.12
C TYR A 809 -11.64 -59.63 0.28
N PHE A 810 -10.34 -59.43 0.08
CA PHE A 810 -9.57 -60.38 -0.70
C PHE A 810 -9.53 -61.74 -0.02
N ILE A 811 -9.29 -61.78 1.29
CA ILE A 811 -9.23 -63.08 1.95
C ILE A 811 -10.60 -63.74 1.93
N ALA A 812 -11.67 -62.95 2.05
CA ALA A 812 -13.01 -63.52 1.93
C ALA A 812 -13.23 -64.14 0.56
N GLY A 813 -12.82 -63.43 -0.50
CA GLY A 813 -12.97 -63.98 -1.84
C GLY A 813 -12.13 -65.23 -2.05
N ILE A 814 -10.92 -65.24 -1.49
CA ILE A 814 -10.05 -66.42 -1.59
C ILE A 814 -10.72 -67.61 -0.93
N VAL A 815 -11.32 -67.40 0.24
CA VAL A 815 -12.05 -68.48 0.91
C VAL A 815 -13.22 -68.91 0.03
N PHE A 816 -13.90 -67.96 -0.62
CA PHE A 816 -15.03 -68.30 -1.47
C PHE A 816 -14.60 -69.20 -2.63
N ARG A 817 -13.47 -68.89 -3.27
CA ARG A 817 -13.03 -69.72 -4.40
C ARG A 817 -12.73 -71.15 -3.96
N LEU A 818 -12.36 -71.35 -2.69
CA LEU A 818 -11.98 -72.68 -2.24
C LEU A 818 -13.11 -73.68 -2.42
N HIS A 819 -14.34 -73.27 -2.10
CA HIS A 819 -15.51 -74.14 -2.23
C HIS A 819 -15.87 -74.24 -3.70
N SER A 820 -15.23 -75.17 -4.40
CA SER A 820 -15.44 -75.35 -5.84
C SER A 820 -16.69 -76.15 -6.16
N SER A 821 -17.34 -76.75 -5.16
CA SER A 821 -18.54 -77.53 -5.43
C SER A 821 -19.66 -76.66 -6.00
N ASN A 822 -19.80 -75.45 -5.47
CA ASN A 822 -20.87 -74.55 -5.85
C ASN A 822 -20.39 -73.59 -6.93
N LYS A 823 -21.10 -73.55 -8.06
CA LYS A 823 -20.78 -72.60 -9.12
C LYS A 823 -20.97 -71.16 -8.63
N SER A 824 -22.03 -70.91 -7.88
CA SER A 824 -22.28 -69.57 -7.36
C SER A 824 -21.15 -69.11 -6.46
N SER A 825 -20.56 -70.01 -5.69
CA SER A 825 -19.42 -69.66 -4.86
C SER A 825 -18.25 -69.20 -5.71
N LEU A 826 -17.99 -69.91 -6.81
CA LEU A 826 -16.92 -69.52 -7.72
C LEU A 826 -17.18 -68.13 -8.31
N TYR A 827 -18.42 -67.89 -8.74
CA TYR A 827 -18.76 -66.58 -9.30
C TYR A 827 -18.58 -65.48 -8.27
N SER A 828 -19.04 -65.71 -7.03
CA SER A 828 -18.92 -64.71 -5.99
C SER A 828 -17.45 -64.43 -5.66
N GLY A 829 -16.63 -65.47 -5.63
CA GLY A 829 -15.20 -65.27 -5.43
C GLY A 829 -14.59 -64.41 -6.52
N ARG A 830 -14.96 -64.67 -7.77
CA ARG A 830 -14.47 -63.84 -8.87
C ARG A 830 -14.88 -62.39 -8.69
N VAL A 831 -16.14 -62.15 -8.32
CA VAL A 831 -16.63 -60.78 -8.13
C VAL A 831 -15.84 -60.07 -7.03
N ILE A 832 -15.67 -60.76 -5.89
CA ILE A 832 -14.94 -60.17 -4.77
C ILE A 832 -13.50 -59.89 -5.17
N PHE A 833 -12.91 -60.77 -5.97
CA PHE A 833 -11.55 -60.54 -6.44
C PHE A 833 -11.47 -59.29 -7.31
N CYS A 834 -12.47 -59.07 -8.15
CA CYS A 834 -12.49 -57.85 -8.96
C CYS A 834 -12.52 -56.61 -8.08
N LEU A 835 -13.35 -56.62 -7.04
CA LEU A 835 -13.38 -55.47 -6.14
C LEU A 835 -12.04 -55.30 -5.43
N ASP A 836 -11.43 -56.40 -5.00
CA ASP A 836 -10.11 -56.30 -4.38
C ASP A 836 -9.09 -55.70 -5.33
N TYR A 837 -9.17 -56.07 -6.61
CA TYR A 837 -8.24 -55.52 -7.59
C TYR A 837 -8.40 -54.02 -7.72
N ILE A 838 -9.65 -53.54 -7.79
CA ILE A 838 -9.83 -52.10 -7.95
C ILE A 838 -9.34 -51.35 -6.70
N ILE A 839 -9.54 -51.94 -5.51
CA ILE A 839 -9.03 -51.31 -4.30
C ILE A 839 -7.50 -51.25 -4.34
N PHE A 840 -6.86 -52.32 -4.80
CA PHE A 840 -5.41 -52.31 -4.91
C PHE A 840 -4.94 -51.26 -5.91
N THR A 841 -5.71 -51.04 -6.98
CA THR A 841 -5.38 -49.95 -7.90
C THR A 841 -5.46 -48.60 -7.18
N LEU A 842 -6.46 -48.43 -6.33
CA LEU A 842 -6.53 -47.19 -5.56
C LEU A 842 -5.27 -47.02 -4.69
N ARG A 843 -4.79 -48.11 -4.11
CA ARG A 843 -3.54 -48.06 -3.35
C ARG A 843 -2.37 -47.62 -4.24
N LEU A 844 -2.28 -48.19 -5.43
CA LEU A 844 -1.23 -47.77 -6.36
C LEU A 844 -1.34 -46.28 -6.65
N ILE A 845 -2.55 -45.78 -6.86
CA ILE A 845 -2.74 -44.34 -7.07
C ILE A 845 -2.22 -43.57 -5.87
N HIS A 846 -2.52 -44.06 -4.66
CA HIS A 846 -2.03 -43.41 -3.45
C HIS A 846 -0.52 -43.24 -3.50
N ILE A 847 0.19 -44.22 -4.08
CA ILE A 847 1.64 -44.13 -4.13
C ILE A 847 2.08 -42.88 -4.90
N PHE A 848 1.46 -42.61 -6.04
CA PHE A 848 1.96 -41.60 -6.98
C PHE A 848 2.16 -40.22 -6.39
N THR A 849 1.65 -39.98 -5.18
CA THR A 849 1.68 -38.64 -4.61
C THR A 849 3.11 -38.13 -4.40
N VAL A 850 4.11 -39.02 -4.41
CA VAL A 850 5.49 -38.58 -4.15
C VAL A 850 5.91 -37.53 -5.16
N SER A 851 5.70 -37.81 -6.45
CA SER A 851 6.26 -36.96 -7.49
C SER A 851 5.72 -35.54 -7.39
N ARG A 852 6.63 -34.57 -7.46
CA ARG A 852 6.23 -33.17 -7.44
C ARG A 852 5.41 -32.78 -8.68
N ASN A 853 5.58 -33.51 -9.77
CA ASN A 853 4.91 -33.14 -11.02
C ASN A 853 3.40 -33.25 -10.89
N LEU A 854 2.90 -34.33 -10.28
CA LEU A 854 1.48 -34.65 -10.32
C LEU A 854 0.81 -34.76 -8.96
N GLY A 855 1.56 -34.74 -7.86
CA GLY A 855 0.98 -34.87 -6.55
C GLY A 855 -0.05 -33.81 -6.25
N PRO A 856 0.28 -32.55 -6.54
CA PRO A 856 -0.71 -31.48 -6.40
C PRO A 856 -1.97 -31.73 -7.22
N LYS A 857 -1.83 -32.35 -8.39
CA LYS A 857 -2.99 -32.68 -9.20
C LYS A 857 -3.89 -33.68 -8.48
N ILE A 858 -3.30 -34.70 -7.87
CA ILE A 858 -4.10 -35.67 -7.11
C ILE A 858 -4.78 -34.98 -5.94
N ILE A 859 -4.07 -34.10 -5.25
CA ILE A 859 -4.68 -33.36 -4.14
C ILE A 859 -5.88 -32.56 -4.65
N MET A 860 -5.72 -31.89 -5.79
CA MET A 860 -6.79 -31.06 -6.33
C MET A 860 -8.00 -31.92 -6.71
N LEU A 861 -7.76 -33.09 -7.32
CA LEU A 861 -8.86 -33.98 -7.65
C LEU A 861 -9.61 -34.42 -6.39
N GLN A 862 -8.87 -34.78 -5.35
CA GLN A 862 -9.50 -35.16 -4.09
C GLN A 862 -10.35 -34.01 -3.55
N ARG A 863 -9.83 -32.79 -3.64
CA ARG A 863 -10.58 -31.63 -3.14
C ARG A 863 -11.86 -31.40 -3.96
N MET A 864 -11.78 -31.54 -5.28
CA MET A 864 -12.91 -31.24 -6.14
C MET A 864 -13.99 -32.31 -6.10
N LEU A 865 -13.64 -33.54 -5.71
CA LEU A 865 -14.61 -34.63 -5.75
C LEU A 865 -15.84 -34.32 -4.90
N ILE A 866 -15.64 -33.74 -3.71
CA ILE A 866 -16.75 -33.49 -2.79
C ILE A 866 -17.77 -32.54 -3.41
N ASP A 867 -17.26 -31.40 -3.92
CA ASP A 867 -18.16 -30.40 -4.49
C ASP A 867 -18.86 -30.94 -5.74
N VAL A 868 -18.13 -31.66 -6.59
CA VAL A 868 -18.78 -32.20 -7.78
C VAL A 868 -19.85 -33.22 -7.38
N PHE A 869 -19.62 -33.97 -6.29
CA PHE A 869 -20.64 -34.89 -5.82
C PHE A 869 -21.90 -34.15 -5.43
N PHE A 870 -21.78 -33.05 -4.70
CA PHE A 870 -22.97 -32.30 -4.31
C PHE A 870 -23.70 -31.75 -5.55
N PHE A 871 -22.95 -31.21 -6.51
CA PHE A 871 -23.57 -30.69 -7.73
C PHE A 871 -24.33 -31.80 -8.44
N LEU A 872 -23.71 -32.96 -8.60
CA LEU A 872 -24.36 -34.08 -9.28
C LEU A 872 -25.56 -34.58 -8.49
N PHE A 873 -25.55 -34.45 -7.17
CA PHE A 873 -26.71 -34.85 -6.38
C PHE A 873 -27.90 -33.95 -6.66
N LEU A 874 -27.69 -32.63 -6.70
CA LEU A 874 -28.77 -31.73 -7.07
C LEU A 874 -29.28 -32.05 -8.47
N PHE A 875 -28.34 -32.28 -9.40
CA PHE A 875 -28.72 -32.69 -10.75
C PHE A 875 -29.61 -33.93 -10.71
N ALA A 876 -29.21 -34.93 -9.93
CA ALA A 876 -29.92 -36.19 -9.89
C ALA A 876 -31.35 -35.98 -9.40
N VAL A 877 -31.53 -35.20 -8.34
CA VAL A 877 -32.88 -35.06 -7.79
C VAL A 877 -33.78 -34.35 -8.78
N TRP A 878 -33.32 -33.24 -9.37
CA TRP A 878 -34.25 -32.50 -10.23
C TRP A 878 -34.48 -33.25 -11.54
N MET A 879 -33.48 -34.00 -12.01
CA MET A 879 -33.67 -34.83 -13.19
C MET A 879 -34.64 -35.97 -12.90
N VAL A 880 -34.58 -36.53 -11.69
CA VAL A 880 -35.53 -37.56 -11.30
C VAL A 880 -36.95 -37.00 -11.32
N ALA A 881 -37.11 -35.78 -10.80
CA ALA A 881 -38.45 -35.18 -10.81
C ALA A 881 -38.96 -35.00 -12.24
N PHE A 882 -38.10 -34.46 -13.12
CA PHE A 882 -38.51 -34.32 -14.52
C PHE A 882 -38.88 -35.66 -15.13
N GLY A 883 -38.07 -36.69 -14.86
CA GLY A 883 -38.34 -38.00 -15.45
C GLY A 883 -39.62 -38.62 -14.94
N VAL A 884 -39.90 -38.48 -13.65
CA VAL A 884 -41.13 -39.05 -13.10
C VAL A 884 -42.34 -38.31 -13.65
N ALA A 885 -42.25 -36.99 -13.80
CA ALA A 885 -43.36 -36.26 -14.42
C ALA A 885 -43.59 -36.74 -15.85
N ARG A 886 -42.50 -36.91 -16.61
CA ARG A 886 -42.61 -37.37 -17.99
C ARG A 886 -43.25 -38.76 -18.06
N GLN A 887 -42.78 -39.68 -17.20
CA GLN A 887 -43.34 -41.02 -17.19
C GLN A 887 -44.80 -41.01 -16.79
N GLY A 888 -45.15 -40.21 -15.79
CA GLY A 888 -46.54 -40.13 -15.36
C GLY A 888 -47.45 -39.68 -16.49
N ILE A 889 -47.04 -38.63 -17.20
CA ILE A 889 -47.88 -38.14 -18.29
C ILE A 889 -47.93 -39.15 -19.44
N LEU A 890 -46.81 -39.82 -19.72
CA LEU A 890 -46.71 -40.61 -20.94
C LEU A 890 -47.53 -41.91 -20.83
N ARG A 891 -47.41 -42.61 -19.71
CA ARG A 891 -48.01 -43.93 -19.56
C ARG A 891 -48.80 -44.01 -18.26
N GLN A 892 -49.58 -45.08 -18.11
CA GLN A 892 -50.49 -45.26 -16.99
C GLN A 892 -50.29 -46.62 -16.36
N ASN A 893 -50.13 -46.63 -15.03
CA ASN A 893 -50.24 -47.85 -14.20
C ASN A 893 -49.37 -48.99 -14.75
N GLU A 894 -48.06 -48.76 -14.70
CA GLU A 894 -47.09 -49.82 -14.93
C GLU A 894 -46.93 -50.63 -13.64
N GLN A 895 -47.27 -51.91 -13.68
CA GLN A 895 -47.35 -52.75 -12.50
C GLN A 895 -46.08 -53.54 -12.21
N ARG A 896 -45.02 -53.36 -13.00
CA ARG A 896 -43.76 -54.06 -12.79
C ARG A 896 -42.82 -53.13 -12.02
N TRP A 897 -42.67 -53.40 -10.73
CA TRP A 897 -41.87 -52.51 -9.87
C TRP A 897 -40.42 -52.46 -10.33
N ARG A 898 -39.81 -53.63 -10.59
CA ARG A 898 -38.45 -53.63 -11.12
C ARG A 898 -38.36 -52.87 -12.44
N TRP A 899 -39.23 -53.23 -13.39
CA TRP A 899 -39.20 -52.61 -14.71
C TRP A 899 -39.45 -51.11 -14.61
N ILE A 900 -40.44 -50.71 -13.82
CA ILE A 900 -40.79 -49.29 -13.76
C ILE A 900 -39.70 -48.50 -13.06
N PHE A 901 -39.12 -49.05 -11.99
CA PHE A 901 -38.02 -48.35 -11.34
C PHE A 901 -36.90 -48.11 -12.33
N ARG A 902 -36.48 -49.14 -13.06
CA ARG A 902 -35.40 -48.97 -14.02
C ARG A 902 -35.79 -47.97 -15.11
N SER A 903 -37.02 -48.05 -15.61
CA SER A 903 -37.45 -47.16 -16.68
C SER A 903 -37.41 -45.70 -16.23
N VAL A 904 -38.00 -45.41 -15.07
CA VAL A 904 -38.04 -44.03 -14.60
C VAL A 904 -36.63 -43.52 -14.33
N ILE A 905 -35.78 -44.36 -13.74
CA ILE A 905 -34.42 -43.92 -13.42
C ILE A 905 -33.63 -43.65 -14.69
N TYR A 906 -33.83 -44.45 -15.73
CA TYR A 906 -32.95 -44.43 -16.89
C TYR A 906 -33.42 -43.48 -18.00
N GLU A 907 -34.71 -43.43 -18.28
CA GLU A 907 -35.17 -42.78 -19.51
C GLU A 907 -34.82 -41.30 -19.59
N PRO A 908 -35.03 -40.48 -18.55
CA PRO A 908 -34.91 -39.02 -18.78
C PRO A 908 -33.53 -38.59 -19.28
N TYR A 909 -32.46 -39.23 -18.78
CA TYR A 909 -31.12 -38.84 -19.20
C TYR A 909 -30.94 -39.06 -20.70
N LEU A 910 -31.37 -40.22 -21.20
CA LEU A 910 -31.27 -40.48 -22.64
C LEU A 910 -32.19 -39.56 -23.42
N ALA A 911 -33.42 -39.34 -22.92
CA ALA A 911 -34.37 -38.50 -23.64
C ALA A 911 -33.86 -37.09 -23.79
N MET A 912 -33.11 -36.59 -22.81
CA MET A 912 -32.59 -35.23 -22.89
C MET A 912 -31.66 -35.06 -24.08
N PHE A 913 -30.54 -35.79 -24.08
CA PHE A 913 -29.48 -35.61 -25.08
C PHE A 913 -29.15 -36.86 -25.86
N GLY A 914 -29.19 -38.03 -25.21
CA GLY A 914 -28.73 -39.25 -25.89
C GLY A 914 -29.58 -39.59 -27.10
N GLN A 915 -30.90 -39.54 -26.96
CA GLN A 915 -31.80 -39.91 -28.03
C GLN A 915 -33.17 -39.32 -27.74
N VAL A 916 -34.05 -39.38 -28.75
CA VAL A 916 -35.40 -38.86 -28.62
C VAL A 916 -36.40 -39.89 -29.12
N PRO A 917 -36.48 -41.07 -28.50
CA PRO A 917 -37.49 -42.05 -28.91
C PRO A 917 -38.92 -41.54 -28.77
N SER A 918 -39.19 -40.73 -27.75
CA SER A 918 -40.54 -40.20 -27.56
C SER A 918 -40.89 -39.19 -28.65
N ASP A 919 -39.95 -38.33 -29.02
CA ASP A 919 -40.19 -37.32 -30.03
C ASP A 919 -40.46 -37.95 -31.39
N PHE A 952 -55.46 -37.39 -27.10
CA PHE A 952 -54.07 -37.40 -27.54
C PHE A 952 -53.92 -36.77 -28.92
N PRO A 953 -54.07 -35.44 -29.00
CA PRO A 953 -53.91 -34.76 -30.29
C PRO A 953 -52.43 -34.63 -30.65
N GLU A 954 -52.12 -34.94 -31.91
CA GLU A 954 -50.73 -34.86 -32.36
C GLU A 954 -50.22 -33.42 -32.33
N TRP A 955 -51.06 -32.47 -32.75
CA TRP A 955 -50.60 -31.09 -32.88
C TRP A 955 -50.22 -30.50 -31.53
N ILE A 956 -50.99 -30.78 -30.48
CA ILE A 956 -50.73 -30.19 -29.16
C ILE A 956 -49.74 -31.03 -28.34
N THR A 957 -49.37 -32.21 -28.81
CA THR A 957 -48.48 -33.07 -28.03
C THR A 957 -47.03 -32.65 -28.19
N ILE A 958 -46.58 -32.42 -29.43
CA ILE A 958 -45.15 -32.17 -29.66
C ILE A 958 -44.64 -30.94 -28.92
N PRO A 959 -45.36 -29.82 -28.84
CA PRO A 959 -44.77 -28.65 -28.18
C PRO A 959 -44.39 -28.90 -26.72
N LEU A 960 -45.17 -29.71 -26.01
CA LEU A 960 -44.87 -29.98 -24.61
C LEU A 960 -43.58 -30.80 -24.48
N VAL A 961 -43.39 -31.79 -25.35
CA VAL A 961 -42.15 -32.55 -25.33
C VAL A 961 -40.98 -31.65 -25.68
N CYS A 962 -41.18 -30.75 -26.65
CA CYS A 962 -40.12 -29.82 -27.03
C CYS A 962 -39.73 -28.90 -25.86
N ILE A 963 -40.72 -28.37 -25.15
CA ILE A 963 -40.41 -27.49 -24.03
C ILE A 963 -39.75 -28.27 -22.90
N TYR A 964 -40.15 -29.53 -22.69
CA TYR A 964 -39.46 -30.37 -21.72
C TYR A 964 -37.99 -30.51 -22.08
N MET A 965 -37.70 -30.83 -23.34
CA MET A 965 -36.32 -30.99 -23.76
C MET A 965 -35.54 -29.69 -23.59
N LEU A 966 -36.15 -28.57 -23.96
CA LEU A 966 -35.49 -27.27 -23.84
C LEU A 966 -35.16 -26.97 -22.38
N SER A 967 -36.12 -27.21 -21.48
CA SER A 967 -35.88 -26.97 -20.07
C SER A 967 -34.76 -27.84 -19.54
N THR A 968 -34.78 -29.13 -19.90
CA THR A 968 -33.72 -30.02 -19.43
C THR A 968 -32.35 -29.56 -19.91
N ASN A 969 -32.25 -29.19 -21.19
CA ASN A 969 -30.96 -28.76 -21.74
C ASN A 969 -30.47 -27.48 -21.08
N ILE A 970 -31.36 -26.49 -20.90
CA ILE A 970 -30.93 -25.23 -20.30
C ILE A 970 -30.49 -25.46 -18.87
N LEU A 971 -31.24 -26.27 -18.10
CA LEU A 971 -30.82 -26.54 -16.73
C LEU A 971 -29.48 -27.26 -16.69
N LEU A 972 -29.27 -28.22 -17.60
CA LEU A 972 -28.01 -28.95 -17.61
C LEU A 972 -26.83 -28.03 -17.89
N VAL A 973 -26.97 -27.16 -18.90
CA VAL A 973 -25.87 -26.26 -19.23
C VAL A 973 -25.64 -25.28 -18.09
N ASN A 974 -26.72 -24.83 -17.44
CA ASN A 974 -26.58 -23.99 -16.26
C ASN A 974 -25.75 -24.69 -15.18
N LEU A 975 -26.05 -25.96 -14.93
CA LEU A 975 -25.31 -26.71 -13.93
C LEU A 975 -23.83 -26.81 -14.31
N LEU A 976 -23.56 -27.14 -15.56
CA LEU A 976 -22.16 -27.29 -16.00
C LEU A 976 -21.39 -25.99 -15.84
N VAL A 977 -21.98 -24.87 -16.28
CA VAL A 977 -21.28 -23.60 -16.19
C VAL A 977 -21.10 -23.20 -14.73
N ALA A 978 -22.10 -23.44 -13.89
CA ALA A 978 -21.96 -23.10 -12.48
C ALA A 978 -20.84 -23.90 -11.82
N MET A 979 -20.73 -25.18 -12.15
CA MET A 979 -19.68 -26.00 -11.57
C MET A 979 -18.30 -25.54 -12.03
N PHE A 980 -18.15 -25.29 -13.34
CA PHE A 980 -16.88 -24.83 -13.87
C PHE A 980 -16.54 -23.44 -13.36
N GLY A 981 -17.54 -22.66 -12.95
CA GLY A 981 -17.25 -21.41 -12.27
C GLY A 981 -16.79 -21.64 -10.85
N TYR A 982 -17.47 -22.52 -10.12
CA TYR A 982 -17.14 -22.76 -8.72
C TYR A 982 -15.74 -23.32 -8.56
N THR A 983 -15.26 -24.09 -9.54
CA THR A 983 -13.95 -24.73 -9.39
C THR A 983 -12.81 -23.70 -9.30
N VAL A 984 -12.98 -22.53 -9.91
CA VAL A 984 -11.88 -21.56 -9.95
C VAL A 984 -11.56 -21.06 -8.55
N GLY A 985 -12.59 -20.89 -7.72
CA GLY A 985 -12.33 -20.44 -6.35
C GLY A 985 -11.47 -21.42 -5.58
N ILE A 986 -11.72 -22.71 -5.75
CA ILE A 986 -10.87 -23.72 -5.12
C ILE A 986 -9.47 -23.67 -5.71
N VAL A 987 -9.38 -23.49 -7.03
CA VAL A 987 -8.06 -23.45 -7.67
C VAL A 987 -7.23 -22.30 -7.13
N GLN A 988 -7.87 -21.17 -6.82
CA GLN A 988 -7.13 -19.99 -6.41
C GLN A 988 -6.17 -20.29 -5.28
N GLU A 989 -6.59 -21.10 -4.31
CA GLU A 989 -5.72 -21.46 -3.19
C GLU A 989 -4.56 -22.32 -3.68
N ASN A 990 -3.36 -22.02 -3.19
CA ASN A 990 -2.18 -22.77 -3.56
C ASN A 990 -2.21 -24.17 -2.94
N ASN A 991 -1.56 -25.11 -3.63
CA ASN A 991 -1.52 -26.51 -3.19
C ASN A 991 -0.12 -26.98 -2.81
N ASP A 992 0.94 -26.26 -3.20
CA ASP A 992 2.29 -26.68 -2.84
C ASP A 992 2.44 -26.77 -1.32
N GLN A 993 1.83 -25.83 -0.61
CA GLN A 993 1.84 -25.86 0.85
C GLN A 993 1.23 -27.16 1.39
N VAL A 994 0.04 -27.51 0.91
CA VAL A 994 -0.61 -28.75 1.33
C VAL A 994 0.19 -29.95 0.84
N TRP A 995 0.80 -29.84 -0.34
CA TRP A 995 1.62 -30.94 -0.84
C TRP A 995 2.79 -31.23 0.09
N LYS A 996 3.45 -30.19 0.58
CA LYS A 996 4.55 -30.39 1.52
C LYS A 996 4.05 -30.94 2.85
N PHE A 997 2.90 -30.44 3.32
CA PHE A 997 2.35 -30.96 4.57
C PHE A 997 2.08 -32.46 4.46
N GLN A 998 1.53 -32.90 3.33
CA GLN A 998 1.33 -34.34 3.11
C GLN A 998 2.65 -35.07 2.90
N ARG A 999 3.61 -34.40 2.26
CA ARG A 999 4.93 -34.98 2.03
C ARG A 999 5.59 -35.33 3.35
N TYR A 1000 5.28 -34.59 4.42
CA TYR A 1000 5.84 -34.95 5.72
C TYR A 1000 5.43 -36.37 6.12
N PHE A 1001 4.13 -36.66 6.10
CA PHE A 1001 3.66 -38.01 6.40
C PHE A 1001 4.26 -39.01 5.43
N LEU A 1002 4.30 -38.64 4.15
CA LEU A 1002 4.79 -39.55 3.12
C LEU A 1002 6.24 -39.96 3.39
N VAL A 1003 7.07 -38.99 3.75
CA VAL A 1003 8.47 -39.29 4.04
C VAL A 1003 8.60 -40.09 5.33
N GLN A 1004 7.81 -39.73 6.35
CA GLN A 1004 7.90 -40.44 7.63
C GLN A 1004 7.54 -41.91 7.46
N GLU A 1005 6.54 -42.20 6.64
CA GLU A 1005 6.08 -43.59 6.49
C GLU A 1005 7.21 -44.49 5.99
N TYR A 1006 8.00 -44.02 5.03
CA TYR A 1006 9.12 -44.80 4.53
C TYR A 1006 10.36 -44.68 5.40
N CYS A 1007 10.49 -43.60 6.18
CA CYS A 1007 11.67 -43.43 7.01
C CYS A 1007 11.62 -44.36 8.22
N ASN A 1008 10.45 -44.46 8.87
CA ASN A 1008 10.36 -45.31 10.05
C ASN A 1008 10.48 -46.80 9.71
N ARG A 1009 10.20 -47.18 8.46
CA ARG A 1009 10.27 -48.57 8.05
C ARG A 1009 11.71 -49.04 7.90
N LEU A 1010 11.90 -50.35 8.01
CA LEU A 1010 13.19 -50.94 7.69
C LEU A 1010 13.50 -50.74 6.22
N ASN A 1011 14.73 -50.32 5.93
CA ASN A 1011 15.15 -50.01 4.56
C ASN A 1011 15.54 -51.30 3.84
N ILE A 1012 14.52 -52.09 3.53
CA ILE A 1012 14.70 -53.36 2.81
C ILE A 1012 13.76 -53.34 1.61
N PRO A 1013 14.16 -53.89 0.46
CA PRO A 1013 13.23 -53.97 -0.66
C PRO A 1013 11.97 -54.74 -0.26
N PHE A 1014 10.84 -54.26 -0.76
CA PHE A 1014 9.56 -54.85 -0.36
C PHE A 1014 9.48 -56.35 -0.63
N PRO A 1015 9.93 -56.88 -1.76
CA PRO A 1015 9.79 -58.33 -1.99
C PRO A 1015 10.42 -59.17 -0.90
N PHE A 1016 11.55 -58.75 -0.35
CA PHE A 1016 12.30 -59.52 0.62
C PHE A 1016 12.18 -58.96 2.04
N VAL A 1017 11.16 -58.14 2.31
CA VAL A 1017 11.02 -57.55 3.63
C VAL A 1017 10.54 -58.58 4.66
N VAL A 1018 9.88 -59.65 4.23
CA VAL A 1018 9.40 -60.66 5.17
C VAL A 1018 10.57 -61.35 5.85
N PHE A 1019 11.68 -61.54 5.13
CA PHE A 1019 12.85 -62.18 5.72
C PHE A 1019 13.37 -61.36 6.91
N ALA A 1020 13.34 -60.03 6.79
CA ALA A 1020 13.76 -59.19 7.90
C ALA A 1020 12.68 -59.09 8.98
N TYR A 1021 11.41 -59.12 8.58
CA TYR A 1021 10.34 -59.13 9.56
C TYR A 1021 10.44 -60.37 10.45
N PHE A 1022 10.96 -61.48 9.89
CA PHE A 1022 11.20 -62.66 10.71
C PHE A 1022 12.13 -62.34 11.87
N TYR A 1023 13.19 -61.57 11.61
CA TYR A 1023 14.05 -61.11 12.69
C TYR A 1023 13.33 -60.13 13.60
N MET A 1024 12.47 -59.29 13.04
CA MET A 1024 11.70 -58.37 13.87
C MET A 1024 10.88 -59.12 14.92
N VAL A 1025 10.27 -60.25 14.53
CA VAL A 1025 9.43 -60.99 15.44
C VAL A 1025 10.23 -61.47 16.66
N VAL A 1026 11.41 -62.01 16.42
CA VAL A 1026 12.23 -62.55 17.51
C VAL A 1026 12.93 -61.41 18.24
N ASP A 1050 22.00 -32.54 24.68
CA ASP A 1050 20.75 -31.80 24.56
C ASP A 1050 20.88 -30.43 25.23
N ASN A 1051 21.66 -30.38 26.31
CA ASN A 1051 21.84 -29.11 27.02
C ASN A 1051 22.47 -28.06 26.13
N GLU A 1052 23.48 -28.45 25.33
CA GLU A 1052 24.14 -27.48 24.46
C GLU A 1052 23.17 -26.93 23.43
N THR A 1053 22.33 -27.78 22.85
CA THR A 1053 21.37 -27.31 21.86
C THR A 1053 20.40 -26.30 22.48
N LEU A 1054 19.89 -26.60 23.67
CA LEU A 1054 18.99 -25.66 24.34
C LEU A 1054 19.71 -24.37 24.70
N ALA A 1055 20.97 -24.47 25.17
CA ALA A 1055 21.74 -23.27 25.45
C ALA A 1055 21.94 -22.45 24.18
N TRP A 1056 22.26 -23.11 23.08
CA TRP A 1056 22.36 -22.40 21.81
C TRP A 1056 21.01 -21.84 21.38
N GLU A 1057 19.93 -22.57 21.68
CA GLU A 1057 18.59 -22.06 21.39
C GLU A 1057 18.32 -20.76 22.13
N GLY A 1058 18.72 -20.71 23.40
CA GLY A 1058 18.52 -19.48 24.16
C GLY A 1058 19.28 -18.31 23.58
N VAL A 1059 20.53 -18.54 23.16
CA VAL A 1059 21.33 -17.46 22.59
C VAL A 1059 20.66 -16.91 21.34
N MET A 1060 20.20 -17.80 20.46
CA MET A 1060 19.51 -17.35 19.25
C MET A 1060 18.23 -16.61 19.60
N LYS A 1061 17.53 -17.02 20.66
CA LYS A 1061 16.35 -16.31 21.09
C LYS A 1061 16.68 -14.88 21.48
N GLU A 1062 17.77 -14.68 22.22
CA GLU A 1062 18.15 -13.33 22.63
C GLU A 1062 18.42 -12.46 21.41
N ASN A 1063 19.11 -12.99 20.40
CA ASN A 1063 19.30 -12.25 19.17
C ASN A 1063 17.96 -11.94 18.51
N TYR A 1064 17.05 -12.90 18.51
CA TYR A 1064 15.72 -12.65 17.94
C TYR A 1064 14.98 -11.57 18.72
N LEU A 1065 15.07 -11.61 20.05
CA LEU A 1065 14.38 -10.60 20.86
C LEU A 1065 14.93 -9.21 20.56
N VAL A 1066 16.25 -9.10 20.38
CA VAL A 1066 16.84 -7.81 20.04
C VAL A 1066 16.32 -7.33 18.68
N LYS A 1067 16.25 -8.23 17.70
CA LYS A 1067 15.84 -7.83 16.36
C LYS A 1067 14.40 -7.33 16.35
N ILE A 1068 13.50 -8.00 17.09
CA ILE A 1068 12.11 -7.57 17.11
C ILE A 1068 11.98 -6.21 17.81
N ASN A 1069 12.74 -6.00 18.88
CA ASN A 1069 12.63 -4.76 19.65
C ASN A 1069 13.20 -3.56 18.90
N THR A 1070 14.06 -3.77 17.92
CA THR A 1070 14.69 -2.65 17.22
C THR A 1070 13.69 -1.83 16.41
N LYS A 1071 12.52 -2.40 16.11
CA LYS A 1071 11.54 -1.68 15.29
C LYS A 1071 11.10 -0.40 15.97
N ALA A 1072 10.90 -0.45 17.29
CA ALA A 1072 10.45 0.75 18.01
C ALA A 1072 11.48 1.87 17.93
N ASN A 1073 12.77 1.53 18.01
CA ASN A 1073 13.81 2.55 17.99
C ASN A 1073 13.87 3.28 16.66
N ASP A 1074 13.27 2.74 15.60
CA ASP A 1074 13.32 3.40 14.30
C ASP A 1074 12.60 4.75 14.31
N ASN A 1075 11.73 4.99 15.29
CA ASN A 1075 10.98 6.24 15.34
C ASN A 1075 11.90 7.41 15.68
N SER A 1076 11.41 8.62 15.39
CA SER A 1076 12.14 9.84 15.67
C SER A 1076 11.83 10.41 17.05
N GLU A 1077 11.06 9.68 17.87
CA GLU A 1077 10.82 10.12 19.23
C GLU A 1077 12.13 10.31 20.00
N GLU A 1078 13.15 9.50 19.69
CA GLU A 1078 14.45 9.71 20.30
C GLU A 1078 15.02 11.07 19.90
N MET A 1079 14.86 11.46 18.64
CA MET A 1079 15.30 12.78 18.21
C MET A 1079 14.53 13.88 18.91
N ARG A 1080 13.23 13.69 19.09
CA ARG A 1080 12.44 14.67 19.83
C ARG A 1080 12.92 14.80 21.27
N HIS A 1081 13.24 13.68 21.91
CA HIS A 1081 13.77 13.71 23.27
C HIS A 1081 15.11 14.42 23.31
N ARG A 1082 15.96 14.19 22.30
CA ARG A 1082 17.23 14.92 22.23
C ARG A 1082 16.99 16.41 22.08
N PHE A 1083 16.01 16.80 21.26
CA PHE A 1083 15.66 18.21 21.14
C PHE A 1083 15.22 18.79 22.46
N ARG A 1084 14.40 18.05 23.22
CA ARG A 1084 13.97 18.54 24.52
C ARG A 1084 15.14 18.62 25.50
N GLN A 1085 16.11 17.71 25.39
CA GLN A 1085 17.32 17.82 26.22
C GLN A 1085 18.10 19.08 25.86
N LEU A 1086 18.20 19.39 24.58
CA LEU A 1086 18.86 20.63 24.16
C LEU A 1086 18.12 21.84 24.74
N ASP A 1087 16.78 21.81 24.69
CA ASP A 1087 16.01 22.90 25.29
C ASP A 1087 16.22 22.98 26.79
N SER A 1088 16.41 21.83 27.45
CA SER A 1088 16.73 21.85 28.88
C SER A 1088 18.10 22.50 29.12
N LYS A 1089 19.04 22.27 28.21
CA LYS A 1089 20.32 22.98 28.30
C LYS A 1089 20.12 24.48 28.15
N LEU A 1090 19.25 24.88 27.23
CA LEU A 1090 18.92 26.30 27.10
C LEU A 1090 18.32 26.84 28.39
N ASN A 1091 17.46 26.05 29.03
CA ASN A 1091 16.88 26.45 30.31
C ASN A 1091 17.96 26.57 31.39
N ASP A 1092 18.96 25.69 31.34
CA ASP A 1092 20.08 25.81 32.27
C ASP A 1092 20.83 27.12 32.06
N LEU A 1093 21.04 27.49 30.79
CA LEU A 1093 21.63 28.79 30.50
C LEU A 1093 20.75 29.91 31.07
N LYS A 1094 19.44 29.79 30.91
CA LYS A 1094 18.53 30.80 31.45
C LYS A 1094 18.67 30.93 32.96
N SER A 1095 18.78 29.79 33.65
CA SER A 1095 18.94 29.82 35.10
C SER A 1095 20.26 30.46 35.50
N LEU A 1096 21.35 30.08 34.83
CA LEU A 1096 22.64 30.72 35.10
C LEU A 1096 22.54 32.22 34.92
N LEU A 1097 21.86 32.65 33.88
CA LEU A 1097 21.74 34.07 33.57
C LEU A 1097 20.90 34.79 34.59
N LYS A 1098 19.80 34.19 35.03
CA LYS A 1098 19.00 34.78 36.10
C LYS A 1098 19.84 34.93 37.36
N GLU A 1099 20.70 33.95 37.62
CA GLU A 1099 21.58 34.03 38.78
C GLU A 1099 22.54 35.21 38.68
N ILE A 1100 23.18 35.37 37.52
CA ILE A 1100 24.13 36.48 37.38
C ILE A 1100 23.39 37.82 37.42
N ALA A 1101 22.18 37.87 36.86
CA ALA A 1101 21.40 39.10 36.89
C ALA A 1101 21.04 39.47 38.33
N ASN A 1102 20.64 38.48 39.13
CA ASN A 1102 20.37 38.75 40.54
C ASN A 1102 21.63 39.21 41.26
N ASN A 1103 22.78 38.59 40.94
CA ASN A 1103 24.02 38.95 41.62
C ASN A 1103 24.43 40.38 41.32
N ILE A 1104 24.42 40.77 40.04
CA ILE A 1104 24.86 42.10 39.67
C ILE A 1104 23.92 43.16 40.25
N LYS A 1105 22.61 42.91 40.20
CA LYS A 1105 21.64 43.85 40.72
C LYS A 1105 21.52 43.72 42.24
N ASP B 41 -38.17 61.54 -13.68
CA ASP B 41 -38.08 60.81 -12.42
C ASP B 41 -36.65 60.77 -11.91
N LEU B 42 -35.84 59.88 -12.47
CA LEU B 42 -34.45 59.77 -12.04
C LEU B 42 -33.68 61.05 -12.32
N VAL B 43 -33.89 61.64 -13.51
CA VAL B 43 -33.17 62.86 -13.86
C VAL B 43 -33.55 64.00 -12.91
N ASN B 44 -34.84 64.15 -12.63
CA ASN B 44 -35.29 65.20 -11.71
C ASN B 44 -34.73 64.97 -10.31
N PHE B 45 -34.71 63.72 -9.85
CA PHE B 45 -34.17 63.42 -8.53
C PHE B 45 -32.68 63.76 -8.47
N ILE B 46 -31.93 63.40 -9.51
CA ILE B 46 -30.51 63.71 -9.55
C ILE B 46 -30.28 65.22 -9.53
N GLN B 47 -31.05 65.95 -10.34
CA GLN B 47 -30.90 67.40 -10.38
C GLN B 47 -31.22 68.02 -9.02
N ALA B 48 -32.27 67.53 -8.36
CA ALA B 48 -32.60 68.04 -7.03
C ALA B 48 -31.50 67.72 -6.04
N ASN B 49 -30.86 66.56 -6.18
CA ASN B 49 -29.79 66.20 -5.26
C ASN B 49 -28.64 67.19 -5.33
N PHE B 50 -28.27 67.60 -6.54
CA PHE B 50 -27.17 68.55 -6.72
C PHE B 50 -27.66 69.85 -7.34
N ASP B 102 -25.09 69.60 -13.13
CA ASP B 102 -25.11 68.15 -12.97
C ASP B 102 -24.07 67.49 -13.87
N ALA B 103 -24.40 67.37 -15.15
CA ALA B 103 -23.49 66.78 -16.14
C ALA B 103 -23.10 65.35 -15.74
N PHE B 104 -24.12 64.53 -15.51
CA PHE B 104 -23.94 63.13 -15.14
C PHE B 104 -24.17 62.24 -16.36
N GLY B 105 -23.54 61.07 -16.34
CA GLY B 105 -23.66 60.13 -17.43
C GLY B 105 -23.59 58.68 -17.00
N ASP B 106 -24.47 57.85 -17.54
CA ASP B 106 -24.47 56.42 -17.26
C ASP B 106 -23.44 55.75 -18.17
N ILE B 107 -22.28 55.41 -17.61
CA ILE B 107 -21.23 54.82 -18.41
C ILE B 107 -21.68 53.49 -18.99
N GLN B 108 -21.21 53.18 -20.20
CA GLN B 108 -21.47 51.90 -20.83
C GLN B 108 -20.38 51.65 -21.86
N PHE B 109 -19.84 50.43 -21.86
CA PHE B 109 -18.78 50.06 -22.78
C PHE B 109 -18.95 48.62 -23.24
N GLY B 116 -22.40 50.36 -15.31
CA GLY B 116 -23.68 50.48 -14.64
C GLY B 116 -24.20 51.90 -14.61
N LYS B 117 -23.85 52.63 -13.56
CA LYS B 117 -24.26 54.00 -13.37
C LYS B 117 -23.07 54.85 -12.96
N TYR B 118 -23.11 56.13 -13.31
CA TYR B 118 -22.05 57.06 -12.97
C TYR B 118 -22.65 58.44 -12.79
N LEU B 119 -22.22 59.14 -11.74
CA LEU B 119 -22.72 60.47 -11.40
C LEU B 119 -21.55 61.41 -11.19
N ARG B 120 -21.87 62.70 -11.09
CA ARG B 120 -20.89 63.76 -10.84
C ARG B 120 -21.40 64.59 -9.68
N LEU B 121 -20.91 64.31 -8.48
CA LEU B 121 -21.33 64.98 -7.26
C LEU B 121 -20.21 65.88 -6.76
N SER B 122 -20.55 67.14 -6.49
CA SER B 122 -19.56 68.08 -6.00
C SER B 122 -19.11 67.71 -4.60
N CYS B 123 -17.95 68.26 -4.20
CA CYS B 123 -17.40 67.96 -2.88
C CYS B 123 -18.37 68.38 -1.78
N ASP B 124 -19.00 69.55 -1.93
CA ASP B 124 -19.98 70.04 -0.96
C ASP B 124 -21.33 69.36 -1.21
N THR B 125 -21.38 68.09 -0.85
CA THR B 125 -22.57 67.28 -1.02
C THR B 125 -22.97 66.67 0.32
N ASP B 126 -24.28 66.51 0.51
CA ASP B 126 -24.81 65.96 1.76
C ASP B 126 -24.71 64.45 1.75
N SER B 127 -24.04 63.89 2.76
CA SER B 127 -23.90 62.44 2.84
C SER B 127 -25.26 61.77 2.98
N GLU B 128 -26.17 62.37 3.75
CA GLU B 128 -27.50 61.82 3.88
C GLU B 128 -28.21 61.76 2.54
N THR B 129 -28.02 62.78 1.71
CA THR B 129 -28.64 62.77 0.38
C THR B 129 -28.10 61.61 -0.45
N LEU B 130 -26.79 61.38 -0.42
CA LEU B 130 -26.22 60.27 -1.17
C LEU B 130 -26.74 58.94 -0.66
N TYR B 131 -26.81 58.77 0.66
CA TYR B 131 -27.32 57.51 1.20
C TYR B 131 -28.77 57.28 0.81
N GLU B 132 -29.59 58.33 0.87
CA GLU B 132 -30.97 58.21 0.43
C GLU B 132 -31.05 57.84 -1.04
N LEU B 133 -30.22 58.47 -1.87
CA LEU B 133 -30.19 58.14 -3.30
C LEU B 133 -29.86 56.68 -3.51
N LEU B 134 -28.86 56.18 -2.80
CA LEU B 134 -28.42 54.80 -2.99
C LEU B 134 -29.36 53.78 -2.39
N THR B 135 -30.14 54.15 -1.38
CA THR B 135 -31.02 53.21 -0.68
C THR B 135 -32.44 53.18 -1.22
N GLN B 136 -33.00 54.33 -1.59
CA GLN B 136 -34.42 54.39 -1.94
C GLN B 136 -34.74 53.53 -3.16
N HIS B 137 -33.90 53.61 -4.20
CA HIS B 137 -34.24 52.97 -5.47
C HIS B 137 -33.06 52.29 -6.15
N TRP B 138 -31.89 52.21 -5.51
CA TRP B 138 -30.72 51.58 -6.10
C TRP B 138 -30.30 50.30 -5.39
N HIS B 139 -30.08 50.36 -4.07
CA HIS B 139 -29.57 49.23 -3.32
C HIS B 139 -30.30 49.10 -2.00
N LEU B 140 -30.02 48.00 -1.30
CA LEU B 140 -30.64 47.69 -0.03
C LEU B 140 -29.71 48.10 1.12
N LYS B 141 -30.18 47.85 2.35
CA LYS B 141 -29.35 48.07 3.51
C LYS B 141 -28.15 47.13 3.47
N THR B 142 -27.02 47.60 3.99
CA THR B 142 -25.77 46.88 3.88
C THR B 142 -25.46 46.17 5.18
N PRO B 143 -25.48 44.83 5.22
CA PRO B 143 -25.03 44.14 6.45
C PRO B 143 -23.58 44.43 6.79
N ASN B 144 -22.75 44.76 5.80
CA ASN B 144 -21.35 45.05 6.05
C ASN B 144 -20.83 45.96 4.94
N LEU B 145 -19.74 46.66 5.27
CA LEU B 145 -19.14 47.62 4.34
C LEU B 145 -17.64 47.61 4.56
N VAL B 146 -16.87 47.43 3.49
CA VAL B 146 -15.41 47.36 3.57
C VAL B 146 -14.84 48.32 2.53
N ILE B 147 -13.85 49.11 2.95
CA ILE B 147 -13.20 50.08 2.07
C ILE B 147 -11.73 49.69 1.95
N SER B 148 -11.24 49.65 0.71
CA SER B 148 -9.85 49.34 0.42
C SER B 148 -9.15 50.61 -0.04
N VAL B 149 -7.93 50.82 0.46
CA VAL B 149 -7.13 51.99 0.14
C VAL B 149 -5.82 51.53 -0.48
N THR B 150 -5.49 52.10 -1.64
CA THR B 150 -4.26 51.79 -2.34
C THR B 150 -3.74 53.05 -3.00
N GLY B 151 -2.44 53.05 -3.28
CA GLY B 151 -1.81 54.19 -3.91
C GLY B 151 -2.22 54.33 -5.37
N GLY B 152 -1.87 55.47 -5.94
CA GLY B 152 -2.19 55.76 -7.33
C GLY B 152 -1.29 55.11 -8.34
N ALA B 153 -0.28 54.36 -7.90
CA ALA B 153 0.61 53.68 -8.83
C ALA B 153 -0.17 52.73 -9.72
N LYS B 154 0.10 52.81 -11.03
CA LYS B 154 -0.59 51.94 -11.98
C LYS B 154 -0.15 50.48 -11.82
N ASN B 155 1.11 50.25 -11.46
CA ASN B 155 1.67 48.92 -11.33
C ASN B 155 1.70 48.51 -9.86
N PHE B 156 1.20 47.32 -9.57
CA PHE B 156 1.19 46.78 -8.23
C PHE B 156 1.64 45.32 -8.26
N ALA B 157 2.16 44.86 -7.12
CA ALA B 157 2.68 43.50 -7.02
C ALA B 157 1.52 42.52 -6.91
N LEU B 158 1.32 41.72 -7.96
CA LEU B 158 0.26 40.71 -7.97
C LEU B 158 0.78 39.37 -7.46
N LYS B 159 1.32 39.41 -6.24
CA LYS B 159 1.83 38.20 -5.61
C LYS B 159 0.68 37.24 -5.31
N PRO B 160 0.96 35.95 -5.21
CA PRO B 160 -0.12 35.00 -4.92
C PRO B 160 -0.84 35.29 -3.62
N ARG B 161 -0.11 35.76 -2.60
CA ARG B 161 -0.74 36.09 -1.33
C ARG B 161 -1.82 37.15 -1.52
N MET B 162 -1.47 38.24 -2.21
CA MET B 162 -2.45 39.30 -2.46
C MET B 162 -3.51 38.85 -3.47
N ARG B 163 -3.15 37.92 -4.36
CA ARG B 163 -4.11 37.45 -5.34
C ARG B 163 -5.18 36.57 -4.70
N LYS B 164 -4.86 35.91 -3.59
CA LYS B 164 -5.81 35.05 -2.90
C LYS B 164 -6.54 35.75 -1.76
N ILE B 165 -5.86 36.65 -1.04
CA ILE B 165 -6.50 37.34 0.08
C ILE B 165 -7.70 38.14 -0.41
N PHE B 166 -7.54 38.87 -1.50
CA PHE B 166 -8.63 39.71 -1.98
C PHE B 166 -9.73 38.88 -2.64
N SER B 167 -9.38 37.73 -3.22
CA SER B 167 -10.43 36.83 -3.71
C SER B 167 -11.28 36.34 -2.54
N ARG B 168 -10.64 35.96 -1.43
CA ARG B 168 -11.39 35.56 -0.25
C ARG B 168 -12.23 36.73 0.28
N LEU B 169 -11.66 37.93 0.27
CA LEU B 169 -12.38 39.12 0.74
C LEU B 169 -13.65 39.33 -0.08
N ILE B 170 -13.55 39.26 -1.40
CA ILE B 170 -14.71 39.51 -2.25
C ILE B 170 -15.73 38.39 -2.09
N TYR B 171 -15.27 37.15 -1.93
CA TYR B 171 -16.20 36.05 -1.66
C TYR B 171 -16.97 36.29 -0.37
N ILE B 172 -16.28 36.73 0.67
CA ILE B 172 -16.93 37.05 1.94
C ILE B 172 -17.95 38.17 1.73
N ALA B 173 -17.56 39.20 0.97
CA ALA B 173 -18.47 40.32 0.73
C ALA B 173 -19.73 39.85 0.04
N GLN B 174 -19.61 38.96 -0.95
CA GLN B 174 -20.81 38.43 -1.59
C GLN B 174 -21.64 37.63 -0.61
N SER B 175 -21.00 36.80 0.22
CA SER B 175 -21.75 36.00 1.16
C SER B 175 -22.55 36.88 2.11
N LYS B 176 -21.96 37.99 2.55
CA LYS B 176 -22.63 38.91 3.47
C LYS B 176 -23.36 40.03 2.76
N GLY B 177 -23.26 40.13 1.44
CA GLY B 177 -23.88 41.23 0.72
C GLY B 177 -23.32 42.59 1.11
N ALA B 178 -22.01 42.67 1.26
CA ALA B 178 -21.36 43.88 1.76
C ALA B 178 -21.01 44.83 0.61
N TRP B 179 -20.87 46.10 0.95
CA TRP B 179 -20.38 47.08 -0.01
C TRP B 179 -18.86 47.10 0.00
N ILE B 180 -18.29 47.44 -1.17
CA ILE B 180 -16.85 47.60 -1.32
C ILE B 180 -16.60 49.00 -1.88
N LEU B 181 -15.76 49.76 -1.20
CA LEU B 181 -15.41 51.10 -1.64
C LEU B 181 -13.93 51.15 -2.03
N THR B 182 -13.67 51.55 -3.27
CA THR B 182 -12.33 51.68 -3.81
C THR B 182 -12.23 52.99 -4.58
N GLY B 183 -11.04 53.29 -5.10
CA GLY B 183 -10.86 54.49 -5.89
C GLY B 183 -11.64 54.46 -7.19
N GLY B 184 -11.60 53.33 -7.90
CA GLY B 184 -12.32 53.19 -9.14
C GLY B 184 -11.53 53.63 -10.36
N THR B 185 -10.27 53.18 -10.45
CA THR B 185 -9.42 53.47 -11.60
C THR B 185 -8.93 52.17 -12.20
N HIS B 186 -8.85 52.12 -13.53
CA HIS B 186 -8.47 50.93 -14.24
C HIS B 186 -7.02 50.52 -14.00
N TYR B 187 -6.20 51.41 -13.45
CA TYR B 187 -4.79 51.14 -13.22
C TYR B 187 -4.57 50.76 -11.76
N GLY B 188 -4.10 49.54 -11.54
CA GLY B 188 -3.75 49.10 -10.20
C GLY B 188 -4.57 47.92 -9.70
N LEU B 189 -4.53 47.69 -8.39
CA LEU B 189 -5.23 46.56 -7.79
C LEU B 189 -6.74 46.68 -7.96
N MET B 190 -7.26 47.90 -8.05
CA MET B 190 -8.70 48.08 -8.15
C MET B 190 -9.25 47.51 -9.44
N LYS B 191 -8.46 47.52 -10.51
CA LYS B 191 -8.86 46.84 -11.74
C LYS B 191 -8.98 45.34 -11.51
N TYR B 192 -8.05 44.76 -10.74
CA TYR B 192 -8.13 43.35 -10.39
C TYR B 192 -9.40 43.08 -9.60
N ILE B 193 -9.72 43.94 -8.63
CA ILE B 193 -10.94 43.77 -7.85
C ILE B 193 -12.17 43.81 -8.75
N GLY B 194 -12.20 44.76 -9.68
CA GLY B 194 -13.33 44.84 -10.59
C GLY B 194 -13.46 43.61 -11.47
N GLU B 195 -12.33 43.09 -11.95
CA GLU B 195 -12.37 41.89 -12.78
C GLU B 195 -12.88 40.69 -11.98
N VAL B 196 -12.44 40.57 -10.73
CA VAL B 196 -12.92 39.47 -9.89
C VAL B 196 -14.41 39.62 -9.65
N VAL B 197 -14.88 40.85 -9.41
CA VAL B 197 -16.32 41.07 -9.24
C VAL B 197 -17.06 40.63 -10.49
N ARG B 198 -16.54 41.00 -11.66
CA ARG B 198 -17.21 40.63 -12.91
C ARG B 198 -17.30 39.12 -13.05
N ASP B 199 -16.19 38.41 -12.81
CA ASP B 199 -16.21 36.96 -13.00
C ASP B 199 -17.12 36.28 -11.98
N ASN B 200 -17.11 36.75 -10.74
CA ASN B 200 -18.01 36.18 -9.74
C ASN B 200 -19.47 36.42 -10.11
N THR B 201 -19.79 37.60 -10.61
CA THR B 201 -21.15 37.86 -11.08
C THR B 201 -21.51 36.94 -12.23
N ILE B 202 -20.56 36.70 -13.14
CA ILE B 202 -20.81 35.77 -14.24
C ILE B 202 -21.09 34.37 -13.69
N SER B 203 -20.33 33.94 -12.70
CA SER B 203 -20.53 32.64 -12.08
C SER B 203 -21.90 32.57 -11.41
N GLU B 208 -28.98 38.74 -5.09
CA GLU B 208 -27.68 38.16 -4.78
C GLU B 208 -26.62 38.67 -5.75
N ASN B 209 -26.37 39.98 -5.72
CA ASN B 209 -25.38 40.62 -6.57
C ASN B 209 -24.43 41.44 -5.72
N ILE B 210 -23.17 41.51 -6.16
CA ILE B 210 -22.17 42.28 -5.45
C ILE B 210 -22.29 43.75 -5.83
N VAL B 211 -21.94 44.62 -4.90
CA VAL B 211 -22.00 46.06 -5.10
C VAL B 211 -20.60 46.63 -4.87
N ALA B 212 -20.09 47.37 -5.84
CA ALA B 212 -18.78 48.01 -5.77
C ALA B 212 -18.91 49.46 -6.20
N ILE B 213 -18.31 50.37 -5.43
CA ILE B 213 -18.37 51.80 -5.70
C ILE B 213 -16.95 52.33 -5.82
N GLY B 214 -16.71 53.10 -6.87
CA GLY B 214 -15.43 53.77 -7.08
C GLY B 214 -15.62 55.27 -6.95
N ILE B 215 -14.68 55.92 -6.26
CA ILE B 215 -14.75 57.35 -5.98
C ILE B 215 -13.48 58.00 -6.51
N ALA B 216 -13.66 59.03 -7.34
CA ALA B 216 -12.55 59.77 -7.90
C ALA B 216 -13.05 61.16 -8.30
N ALA B 217 -12.10 62.06 -8.55
CA ALA B 217 -12.43 63.42 -8.93
C ALA B 217 -12.68 63.51 -10.43
N TRP B 218 -13.71 64.26 -10.81
CA TRP B 218 -14.04 64.42 -12.22
C TRP B 218 -12.89 65.08 -12.97
N GLY B 219 -12.28 66.11 -12.36
CA GLY B 219 -11.16 66.77 -13.01
C GLY B 219 -9.99 65.83 -13.24
N MET B 220 -9.75 64.92 -12.31
CA MET B 220 -8.65 63.98 -12.44
C MET B 220 -8.86 62.99 -13.59
N VAL B 221 -10.10 62.86 -14.08
CA VAL B 221 -10.36 61.94 -15.18
C VAL B 221 -9.75 62.48 -16.46
N SER B 222 -9.19 61.57 -17.27
CA SER B 222 -8.57 61.98 -18.52
C SER B 222 -9.59 62.60 -19.47
N ASN B 223 -10.77 61.99 -19.57
CA ASN B 223 -11.81 62.44 -20.49
C ASN B 223 -13.11 62.64 -19.74
N ARG B 224 -13.90 63.62 -20.18
CA ARG B 224 -15.18 63.93 -19.59
C ARG B 224 -16.22 64.04 -20.70
N ASP B 225 -17.33 63.33 -20.54
CA ASP B 225 -18.44 63.36 -21.49
C ASP B 225 -19.72 63.68 -20.74
N THR B 226 -20.48 64.63 -21.26
CA THR B 226 -21.72 65.09 -20.63
C THR B 226 -22.91 64.38 -21.26
N LEU B 227 -23.89 64.04 -20.44
CA LEU B 227 -25.10 63.37 -20.91
C LEU B 227 -26.32 63.86 -20.14
N SER B 238 -27.77 59.30 -22.17
CA SER B 238 -26.83 58.30 -21.68
C SER B 238 -25.58 58.27 -22.54
N ALA B 239 -24.52 58.93 -22.08
CA ALA B 239 -23.27 58.97 -22.82
C ALA B 239 -22.54 57.64 -22.72
N GLN B 240 -21.52 57.48 -23.55
CA GLN B 240 -20.72 56.26 -23.60
C GLN B 240 -19.25 56.62 -23.43
N TYR B 241 -18.55 55.88 -22.58
CA TYR B 241 -17.13 56.06 -22.33
C TYR B 241 -16.39 54.86 -22.91
N ILE B 242 -15.45 55.12 -23.81
CA ILE B 242 -14.70 54.07 -24.49
C ILE B 242 -13.21 54.36 -24.33
N MET B 243 -12.44 53.35 -23.98
CA MET B 243 -11.00 53.50 -23.80
C MET B 243 -10.32 53.78 -25.13
N LEU B 251 -4.40 63.16 -15.91
CA LEU B 251 -5.26 62.30 -16.73
C LEU B 251 -5.20 60.86 -16.22
N TYR B 252 -6.36 60.33 -15.83
CA TYR B 252 -6.48 58.97 -15.35
C TYR B 252 -7.60 58.25 -16.09
N ILE B 253 -7.46 56.92 -16.17
CA ILE B 253 -8.43 56.06 -16.82
C ILE B 253 -9.18 55.28 -15.74
N LEU B 254 -10.50 55.26 -15.83
CA LEU B 254 -11.34 54.62 -14.83
C LEU B 254 -11.80 53.25 -15.32
N ASP B 255 -11.86 52.29 -14.39
CA ASP B 255 -12.33 50.96 -14.72
C ASP B 255 -13.84 50.98 -14.97
N ASN B 256 -14.27 50.21 -15.96
CA ASN B 256 -15.69 50.05 -16.25
C ASN B 256 -16.31 48.84 -15.57
N ASN B 257 -15.50 48.03 -14.88
CA ASN B 257 -16.02 46.85 -14.21
C ASN B 257 -16.88 47.22 -13.02
N HIS B 258 -16.50 48.26 -12.29
CA HIS B 258 -17.26 48.67 -11.11
C HIS B 258 -18.66 49.09 -11.51
N THR B 259 -19.65 48.60 -10.77
CA THR B 259 -21.05 48.87 -11.12
C THR B 259 -21.37 50.36 -10.99
N HIS B 260 -20.89 51.01 -9.94
CA HIS B 260 -21.20 52.40 -9.67
C HIS B 260 -19.90 53.18 -9.47
N LEU B 261 -19.95 54.46 -9.82
CA LEU B 261 -18.79 55.34 -9.69
C LEU B 261 -19.26 56.72 -9.26
N LEU B 262 -18.35 57.48 -8.66
CA LEU B 262 -18.61 58.83 -8.20
C LEU B 262 -17.56 59.78 -8.78
N LEU B 263 -17.99 60.98 -9.14
CA LEU B 263 -17.12 62.01 -9.70
C LEU B 263 -17.20 63.23 -8.81
N VAL B 264 -16.05 63.67 -8.31
CA VAL B 264 -15.96 64.84 -7.43
C VAL B 264 -15.52 66.04 -8.26
N ASP B 265 -16.27 67.13 -8.16
CA ASP B 265 -16.01 68.34 -8.93
C ASP B 265 -15.44 69.39 -7.99
N ASN B 266 -14.12 69.38 -7.83
CA ASN B 266 -13.41 70.36 -7.03
C ASN B 266 -12.49 71.26 -7.85
N GLY B 267 -12.04 70.79 -9.02
CA GLY B 267 -11.18 71.59 -9.85
C GLY B 267 -10.97 70.93 -11.20
N CYS B 268 -10.11 71.54 -12.00
CA CYS B 268 -9.79 71.05 -13.33
C CYS B 268 -8.33 70.60 -13.36
N HIS B 269 -8.10 69.36 -13.82
CA HIS B 269 -6.75 68.82 -13.91
C HIS B 269 -6.04 68.91 -12.56
N GLY B 270 -6.78 68.62 -11.49
CA GLY B 270 -6.22 68.70 -10.15
C GLY B 270 -5.49 67.43 -9.76
N HIS B 271 -4.15 67.48 -9.80
CA HIS B 271 -3.36 66.33 -9.40
C HIS B 271 -3.62 65.89 -7.97
N PRO B 272 -3.63 66.77 -6.97
CA PRO B 272 -3.86 66.30 -5.60
C PRO B 272 -5.26 65.73 -5.43
N THR B 273 -5.37 64.76 -4.52
CA THR B 273 -6.65 64.10 -4.28
C THR B 273 -7.69 65.10 -3.79
N VAL B 274 -8.91 64.97 -4.32
CA VAL B 274 -10.03 65.81 -3.92
C VAL B 274 -11.24 65.01 -3.50
N GLU B 275 -11.15 63.67 -3.48
CA GLU B 275 -12.26 62.82 -3.09
C GLU B 275 -12.10 62.18 -1.72
N ALA B 276 -10.96 62.38 -1.06
CA ALA B 276 -10.75 61.77 0.25
C ALA B 276 -11.75 62.28 1.28
N LYS B 277 -12.00 63.60 1.28
CA LYS B 277 -12.93 64.16 2.25
C LYS B 277 -14.33 63.56 2.07
N LEU B 278 -14.80 63.48 0.83
CA LEU B 278 -16.13 62.94 0.58
C LEU B 278 -16.23 61.48 1.03
N ARG B 279 -15.22 60.67 0.69
CA ARG B 279 -15.25 59.27 1.09
C ARG B 279 -15.24 59.12 2.60
N ASN B 280 -14.39 59.89 3.28
CA ASN B 280 -14.33 59.79 4.73
C ASN B 280 -15.64 60.21 5.37
N GLN B 281 -16.24 61.29 4.89
CA GLN B 281 -17.52 61.73 5.44
C GLN B 281 -18.61 60.69 5.19
N LEU B 282 -18.62 60.11 3.99
CA LEU B 282 -19.62 59.08 3.71
C LEU B 282 -19.44 57.87 4.61
N GLU B 283 -18.19 57.44 4.81
CA GLU B 283 -17.94 56.30 5.69
C GLU B 283 -18.39 56.61 7.12
N LYS B 284 -18.08 57.80 7.61
CA LYS B 284 -18.50 58.18 8.96
C LYS B 284 -20.02 58.20 9.07
N TYR B 285 -20.70 58.78 8.08
CA TYR B 285 -22.16 58.83 8.12
C TYR B 285 -22.75 57.44 8.11
N ILE B 286 -22.22 56.54 7.26
CA ILE B 286 -22.72 55.18 7.22
C ILE B 286 -22.48 54.48 8.55
N SER B 287 -21.35 54.78 9.19
CA SER B 287 -21.11 54.25 10.53
C SER B 287 -22.18 54.74 11.50
N GLU B 288 -22.57 56.01 11.38
CA GLU B 288 -23.61 56.55 12.25
C GLU B 288 -24.98 55.93 11.99
N ARG B 289 -25.17 55.28 10.85
CA ARG B 289 -26.47 54.72 10.51
C ARG B 289 -26.81 53.56 11.45
N THR B 290 -28.11 53.32 11.61
CA THR B 290 -28.62 52.29 12.49
C THR B 290 -29.35 51.24 11.66
N SER B 291 -29.07 49.97 11.93
CA SER B 291 -29.72 48.85 11.24
C SER B 291 -29.99 47.77 12.28
N GLN B 292 -31.26 47.52 12.58
CA GLN B 292 -31.60 46.53 13.59
C GLN B 292 -31.42 45.10 13.08
N ASP B 293 -31.62 44.87 11.78
CA ASP B 293 -31.53 43.52 11.24
C ASP B 293 -30.13 42.95 11.39
N SER B 294 -29.11 43.80 11.42
CA SER B 294 -27.74 43.33 11.51
C SER B 294 -27.46 42.69 12.85
N ASN B 295 -26.71 41.59 12.83
CA ASN B 295 -26.30 40.95 14.08
C ASN B 295 -25.39 41.86 14.88
N TYR B 296 -24.55 42.64 14.21
CA TYR B 296 -23.70 43.61 14.89
C TYR B 296 -24.57 44.56 15.70
N GLY B 297 -24.15 44.82 16.94
CA GLY B 297 -24.95 45.62 17.83
C GLY B 297 -25.20 47.02 17.31
N GLY B 298 -26.43 47.29 16.88
CA GLY B 298 -26.79 48.62 16.45
C GLY B 298 -26.24 49.01 15.09
N LYS B 299 -25.23 49.87 15.09
CA LYS B 299 -24.75 50.49 13.86
C LYS B 299 -24.18 49.44 12.90
N ILE B 300 -24.21 49.78 11.62
CA ILE B 300 -23.68 48.89 10.59
C ILE B 300 -22.17 48.78 10.75
N PRO B 301 -21.60 47.57 10.69
CA PRO B 301 -20.13 47.46 10.80
C PRO B 301 -19.43 48.04 9.59
N ILE B 302 -18.23 48.56 9.83
CA ILE B 302 -17.35 49.06 8.78
C ILE B 302 -15.92 48.66 9.11
N VAL B 303 -15.17 48.26 8.08
CA VAL B 303 -13.80 47.80 8.25
C VAL B 303 -12.98 48.33 7.08
N CYS B 304 -11.85 48.97 7.38
CA CYS B 304 -10.96 49.47 6.34
C CYS B 304 -9.80 48.49 6.12
N PHE B 305 -9.39 48.36 4.86
CA PHE B 305 -8.37 47.41 4.46
C PHE B 305 -7.20 48.17 3.86
N ALA B 306 -5.99 47.85 4.32
CA ALA B 306 -4.78 48.50 3.85
C ALA B 306 -3.88 47.48 3.18
N GLN B 307 -3.40 47.80 1.98
CA GLN B 307 -2.59 46.90 1.19
C GLN B 307 -1.25 47.48 0.76
N GLY B 308 -1.21 48.76 0.39
CA GLY B 308 -0.02 49.37 -0.17
C GLY B 308 0.40 50.62 0.58
N GLY B 309 1.51 51.20 0.13
CA GLY B 309 2.06 52.39 0.72
C GLY B 309 1.67 53.66 -0.02
N GLY B 310 2.17 54.77 0.50
CA GLY B 310 1.88 56.08 -0.05
C GLY B 310 1.33 57.04 0.98
N ARG B 311 1.42 58.35 0.70
CA ARG B 311 0.89 59.34 1.63
C ARG B 311 -0.62 59.19 1.77
N GLU B 312 -1.32 58.93 0.67
CA GLU B 312 -2.77 58.80 0.73
C GLU B 312 -3.17 57.65 1.64
N THR B 313 -2.42 56.55 1.62
CA THR B 313 -2.75 55.42 2.48
C THR B 313 -2.68 55.83 3.95
N LEU B 314 -1.60 56.50 4.35
CA LEU B 314 -1.46 56.92 5.74
C LEU B 314 -2.54 57.93 6.11
N LYS B 315 -2.85 58.86 5.22
CA LYS B 315 -3.89 59.85 5.51
C LYS B 315 -5.23 59.16 5.74
N ALA B 316 -5.60 58.24 4.85
CA ALA B 316 -6.86 57.54 4.99
C ALA B 316 -6.90 56.70 6.25
N ILE B 317 -5.79 56.02 6.58
CA ILE B 317 -5.76 55.20 7.78
C ILE B 317 -5.89 56.07 9.02
N ASN B 318 -5.18 57.20 9.07
CA ASN B 318 -5.28 58.08 10.23
C ASN B 318 -6.69 58.61 10.38
N THR B 319 -7.33 59.03 9.29
CA THR B 319 -8.70 59.50 9.38
C THR B 319 -9.64 58.39 9.83
N SER B 320 -9.43 57.17 9.33
CA SER B 320 -10.27 56.05 9.72
C SER B 320 -10.10 55.72 11.19
N VAL B 321 -8.85 55.59 11.65
CA VAL B 321 -8.60 55.27 13.05
C VAL B 321 -9.14 56.38 13.94
N LYS B 322 -8.91 57.64 13.56
CA LYS B 322 -9.49 58.75 14.31
C LYS B 322 -11.02 58.66 14.33
N SER B 323 -11.61 58.09 13.29
CA SER B 323 -13.05 57.88 13.24
C SER B 323 -13.48 56.60 13.95
N LYS B 324 -12.53 55.81 14.43
CA LYS B 324 -12.72 54.59 15.22
C LYS B 324 -13.08 53.38 14.37
N ILE B 325 -13.20 53.52 13.06
CA ILE B 325 -13.53 52.34 12.23
C ILE B 325 -12.31 51.43 12.16
N PRO B 326 -12.43 50.15 12.51
CA PRO B 326 -11.24 49.28 12.52
C PRO B 326 -10.62 49.15 11.14
N CYS B 327 -9.29 49.03 11.14
CA CYS B 327 -8.50 48.88 9.93
C CYS B 327 -7.71 47.60 9.99
N VAL B 328 -7.58 46.91 8.86
CA VAL B 328 -6.83 45.68 8.75
C VAL B 328 -5.67 45.90 7.78
N VAL B 329 -4.47 45.52 8.19
CA VAL B 329 -3.25 45.68 7.40
C VAL B 329 -2.67 44.31 7.13
N VAL B 330 -2.33 44.07 5.86
CA VAL B 330 -1.79 42.78 5.44
C VAL B 330 -0.29 42.81 5.67
N GLU B 331 0.15 42.17 6.75
CA GLU B 331 1.58 42.06 7.02
C GLU B 331 2.22 41.05 6.08
N GLY B 332 3.52 41.24 5.84
CA GLY B 332 4.25 40.39 4.92
C GLY B 332 4.12 40.76 3.47
N SER B 333 3.33 41.78 3.14
CA SER B 333 3.18 42.24 1.77
C SER B 333 2.80 43.72 1.81
N GLY B 334 3.31 44.47 0.85
CA GLY B 334 3.05 45.89 0.80
C GLY B 334 4.19 46.70 1.39
N GLN B 335 4.39 47.90 0.85
CA GLN B 335 5.52 48.73 1.26
C GLN B 335 5.35 49.23 2.69
N ILE B 336 4.17 49.77 3.01
CA ILE B 336 3.94 50.42 4.29
C ILE B 336 3.23 49.48 5.26
N ALA B 337 2.49 48.53 4.72
CA ALA B 337 1.84 47.54 5.58
C ALA B 337 2.87 46.81 6.42
N ASP B 338 4.05 46.53 5.84
CA ASP B 338 5.09 45.81 6.56
C ASP B 338 5.57 46.63 7.76
N VAL B 339 5.81 47.93 7.57
CA VAL B 339 6.30 48.75 8.68
C VAL B 339 5.22 48.93 9.73
N ILE B 340 3.96 49.11 9.30
CA ILE B 340 2.88 49.26 10.28
C ILE B 340 2.75 48.00 11.12
N ALA B 341 2.90 46.83 10.49
CA ALA B 341 2.90 45.59 11.25
C ALA B 341 4.11 45.49 12.16
N SER B 342 5.26 45.96 11.69
CA SER B 342 6.48 45.89 12.50
C SER B 342 6.35 46.70 13.77
N LEU B 343 5.77 47.91 13.68
CA LEU B 343 5.67 48.77 14.85
C LEU B 343 4.83 48.11 15.94
N VAL B 344 3.71 47.50 15.56
CA VAL B 344 2.83 46.85 16.54
C VAL B 344 3.47 45.56 17.05
N THR B 351 11.08 57.20 20.00
CA THR B 351 9.81 57.20 19.29
C THR B 351 10.03 57.41 17.79
N SER B 352 10.74 58.49 17.45
CA SER B 352 10.94 58.85 16.05
C SER B 352 12.01 57.99 15.39
N SER B 353 13.00 57.53 16.15
CA SER B 353 14.13 56.82 15.54
C SER B 353 13.67 55.49 14.93
N MET B 354 12.91 54.71 15.69
CA MET B 354 12.47 53.40 15.19
C MET B 354 11.57 53.55 13.97
N VAL B 355 10.62 54.48 14.02
CA VAL B 355 9.73 54.67 12.89
C VAL B 355 10.51 55.15 11.67
N LYS B 356 11.47 56.04 11.86
CA LYS B 356 12.29 56.50 10.75
C LYS B 356 13.08 55.35 10.14
N GLU B 357 13.69 54.51 10.98
CA GLU B 357 14.45 53.38 10.47
C GLU B 357 13.55 52.43 9.67
N LYS B 358 12.38 52.11 10.21
CA LYS B 358 11.47 51.23 9.51
C LYS B 358 11.02 51.84 8.18
N LEU B 359 10.71 53.14 8.18
CA LEU B 359 10.25 53.79 6.97
C LEU B 359 11.32 53.80 5.90
N VAL B 360 12.57 54.10 6.27
CA VAL B 360 13.64 54.13 5.28
C VAL B 360 13.93 52.71 4.77
N ARG B 361 13.85 51.71 5.66
CA ARG B 361 14.09 50.34 5.24
C ARG B 361 13.01 49.88 4.25
N PHE B 362 11.75 50.23 4.51
CA PHE B 362 10.67 49.75 3.67
C PHE B 362 10.69 50.42 2.29
N LEU B 363 10.91 51.74 2.26
CA LEU B 363 10.84 52.52 1.03
C LEU B 363 12.14 53.29 0.83
N PRO B 364 13.16 52.65 0.24
CA PRO B 364 14.40 53.39 -0.03
C PRO B 364 14.22 54.58 -0.95
N ARG B 365 13.30 54.50 -1.91
CA ARG B 365 13.12 55.56 -2.89
C ARG B 365 12.08 56.59 -2.47
N THR B 366 10.99 56.15 -1.83
CA THR B 366 9.94 57.09 -1.46
C THR B 366 10.45 58.14 -0.48
N VAL B 367 11.23 57.72 0.52
CA VAL B 367 11.75 58.66 1.50
C VAL B 367 12.75 59.62 0.87
N SER B 368 13.56 59.12 -0.07
CA SER B 368 14.60 59.95 -0.66
C SER B 368 14.02 61.16 -1.36
N ARG B 369 12.95 60.96 -2.14
CA ARG B 369 12.34 62.09 -2.85
C ARG B 369 11.62 63.02 -1.90
N LEU B 370 11.01 62.47 -0.84
CA LEU B 370 10.21 63.30 0.05
C LEU B 370 11.10 64.29 0.80
N PRO B 371 10.66 65.54 0.96
CA PRO B 371 11.43 66.49 1.77
C PRO B 371 11.38 66.12 3.25
N GLU B 372 12.18 66.85 4.03
CA GLU B 372 12.22 66.60 5.47
C GLU B 372 10.87 66.88 6.13
N GLU B 373 10.21 67.97 5.71
CA GLU B 373 8.91 68.30 6.29
C GLU B 373 7.88 67.21 6.02
N GLU B 374 7.88 66.65 4.81
CA GLU B 374 6.96 65.56 4.50
C GLU B 374 7.27 64.34 5.37
N ILE B 375 8.55 64.06 5.60
CA ILE B 375 8.92 62.93 6.45
C ILE B 375 8.42 63.17 7.88
N GLU B 376 8.59 64.38 8.40
CA GLU B 376 8.09 64.68 9.73
C GLU B 376 6.58 64.51 9.82
N SER B 377 5.87 64.98 8.80
CA SER B 377 4.42 64.82 8.77
C SER B 377 4.03 63.35 8.75
N TRP B 378 4.75 62.54 7.97
CA TRP B 378 4.49 61.11 7.94
C TRP B 378 4.71 60.48 9.32
N ILE B 379 5.78 60.87 9.99
CA ILE B 379 6.05 60.34 11.33
C ILE B 379 4.92 60.71 12.28
N LYS B 380 4.45 61.96 12.19
CA LYS B 380 3.34 62.39 13.03
C LYS B 380 2.10 61.56 12.77
N TRP B 381 1.77 61.34 11.50
CA TRP B 381 0.59 60.54 11.16
C TRP B 381 0.73 59.12 11.72
N LEU B 382 1.90 58.51 11.52
CA LEU B 382 2.10 57.14 11.96
C LEU B 382 2.00 57.03 13.48
N LYS B 383 2.58 57.99 14.20
CA LYS B 383 2.45 58.01 15.65
C LYS B 383 0.98 58.14 16.06
N GLU B 384 0.23 59.00 15.36
CA GLU B 384 -1.18 59.15 15.67
C GLU B 384 -1.91 57.82 15.54
N ILE B 385 -1.70 57.10 14.42
CA ILE B 385 -2.45 55.87 14.23
C ILE B 385 -1.99 54.80 15.21
N LEU B 386 -0.69 54.76 15.52
CA LEU B 386 -0.20 53.75 16.45
C LEU B 386 -0.62 54.03 17.88
N GLU B 387 -0.98 55.28 18.20
CA GLU B 387 -1.50 55.56 19.53
C GLU B 387 -2.77 54.77 19.80
N SER B 388 -3.66 54.69 18.81
CA SER B 388 -4.90 53.92 18.94
C SER B 388 -4.70 52.55 18.29
N SER B 389 -3.85 51.74 18.92
CA SER B 389 -3.51 50.42 18.40
C SER B 389 -4.53 49.35 18.79
N HIS B 390 -5.48 49.66 19.67
CA HIS B 390 -6.46 48.67 20.09
C HIS B 390 -7.49 48.38 19.01
N LEU B 391 -7.55 49.19 17.94
CA LEU B 391 -8.53 49.00 16.88
C LEU B 391 -7.94 48.19 15.73
N LEU B 392 -6.81 48.62 15.19
CA LEU B 392 -6.26 47.98 13.99
C LEU B 392 -5.84 46.55 14.28
N THR B 393 -5.99 45.70 13.27
CA THR B 393 -5.55 44.32 13.33
C THR B 393 -4.63 44.03 12.15
N VAL B 394 -3.70 43.10 12.36
CA VAL B 394 -2.67 42.77 11.38
C VAL B 394 -2.77 41.29 11.04
N ILE B 395 -2.81 40.98 9.76
CA ILE B 395 -2.75 39.60 9.29
C ILE B 395 -1.30 39.13 9.35
N LYS B 396 -1.08 37.94 9.92
CA LYS B 396 0.26 37.43 10.14
C LYS B 396 0.65 36.46 9.03
N MET B 397 1.94 36.46 8.71
CA MET B 397 2.44 35.63 7.61
C MET B 397 2.40 34.14 7.98
N GLU B 398 2.68 33.82 9.25
CA GLU B 398 2.71 32.42 9.66
C GLU B 398 1.36 31.75 9.43
N GLU B 399 0.27 32.43 9.78
CA GLU B 399 -1.07 31.90 9.56
C GLU B 399 -1.46 32.10 8.09
N ALA B 400 -0.84 31.27 7.25
CA ALA B 400 -1.03 31.32 5.80
C ALA B 400 -2.14 30.40 5.32
N GLY B 401 -2.85 29.74 6.22
CA GLY B 401 -3.92 28.85 5.83
C GLY B 401 -5.13 29.58 5.31
N ASP B 402 -6.14 28.81 4.93
CA ASP B 402 -7.38 29.36 4.41
C ASP B 402 -8.24 29.92 5.54
N GLU B 403 -9.27 30.67 5.15
CA GLU B 403 -10.20 31.26 6.11
C GLU B 403 -9.48 32.17 7.10
N ILE B 404 -8.57 32.99 6.58
CA ILE B 404 -7.79 33.90 7.43
C ILE B 404 -8.35 35.31 7.31
N VAL B 405 -8.82 35.68 6.10
CA VAL B 405 -9.39 37.01 5.92
C VAL B 405 -10.63 37.17 6.79
N SER B 406 -11.52 36.19 6.75
CA SER B 406 -12.72 36.25 7.58
C SER B 406 -12.37 36.25 9.05
N ASN B 407 -11.39 35.45 9.45
CA ASN B 407 -10.98 35.41 10.86
C ASN B 407 -10.48 36.78 11.30
N ALA B 408 -9.63 37.41 10.51
CA ALA B 408 -9.07 38.71 10.87
C ALA B 408 -10.17 39.78 10.94
N ILE B 409 -11.07 39.79 9.96
CA ILE B 409 -12.15 40.78 9.95
C ILE B 409 -13.04 40.59 11.17
N SER B 410 -13.38 39.34 11.48
CA SER B 410 -14.24 39.07 12.63
C SER B 410 -13.55 39.48 13.92
N TYR B 411 -12.24 39.20 14.04
CA TYR B 411 -11.52 39.58 15.25
C TYR B 411 -11.49 41.10 15.41
N ALA B 412 -11.23 41.83 14.33
CA ALA B 412 -11.21 43.28 14.40
C ALA B 412 -12.57 43.83 14.81
N LEU B 413 -13.64 43.32 14.19
CA LEU B 413 -14.98 43.79 14.54
C LEU B 413 -15.30 43.46 15.99
N TYR B 414 -14.90 42.28 16.46
CA TYR B 414 -15.18 41.90 17.84
C TYR B 414 -14.46 42.82 18.82
N LYS B 415 -13.19 43.14 18.55
CA LYS B 415 -12.49 44.07 19.42
C LYS B 415 -13.17 45.44 19.43
N ALA B 416 -13.49 45.96 18.25
CA ALA B 416 -14.12 47.27 18.17
C ALA B 416 -15.45 47.29 18.92
N PHE B 417 -16.23 46.21 18.80
CA PHE B 417 -17.51 46.16 19.48
C PHE B 417 -17.35 45.96 20.98
N SER B 418 -16.32 45.23 21.40
CA SER B 418 -16.06 45.06 22.82
C SER B 418 -15.74 46.39 23.49
N THR B 419 -14.93 47.21 22.83
CA THR B 419 -14.58 48.53 23.38
C THR B 419 -15.55 49.56 22.82
N ASN B 420 -16.74 49.63 23.43
CA ASN B 420 -17.76 50.57 22.99
C ASN B 420 -18.51 51.27 24.12
N GLU B 421 -18.24 50.94 25.38
CA GLU B 421 -18.87 51.53 26.56
C GLU B 421 -20.34 51.14 26.72
N GLN B 422 -20.91 50.40 25.76
CA GLN B 422 -22.28 49.90 25.89
C GLN B 422 -22.41 48.41 25.60
N ASP B 423 -21.50 47.81 24.84
CA ASP B 423 -21.54 46.39 24.55
C ASP B 423 -20.76 45.54 25.55
N LYS B 424 -20.05 46.18 26.50
CA LYS B 424 -19.26 45.42 27.46
C LYS B 424 -20.16 44.50 28.29
N ASP B 425 -21.29 45.03 28.77
CA ASP B 425 -22.22 44.22 29.55
C ASP B 425 -23.03 43.28 28.66
N ASN B 426 -23.23 43.64 27.39
CA ASN B 426 -24.08 42.86 26.49
C ASN B 426 -23.23 41.74 25.88
N TRP B 427 -23.12 40.63 26.61
CA TRP B 427 -22.43 39.46 26.08
C TRP B 427 -23.23 38.77 25.00
N ASN B 428 -24.56 38.93 25.03
CA ASN B 428 -25.41 38.31 24.01
C ASN B 428 -25.06 38.84 22.63
N GLY B 429 -24.82 40.15 22.52
CA GLY B 429 -24.43 40.70 21.23
C GLY B 429 -23.12 40.14 20.73
N GLN B 430 -22.14 40.00 21.63
CA GLN B 430 -20.87 39.41 21.23
C GLN B 430 -21.04 37.98 20.75
N LEU B 431 -21.86 37.20 21.47
CA LEU B 431 -22.12 35.83 21.04
C LEU B 431 -22.80 35.80 19.68
N LYS B 432 -23.77 36.69 19.48
CA LYS B 432 -24.48 36.74 18.19
C LYS B 432 -23.51 37.06 17.07
N LEU B 433 -22.63 38.05 17.28
CA LEU B 433 -21.69 38.43 16.24
C LEU B 433 -20.72 37.28 15.95
N LEU B 434 -20.20 36.63 16.98
CA LEU B 434 -19.28 35.53 16.78
C LEU B 434 -19.95 34.38 16.03
N LEU B 435 -21.20 34.08 16.38
CA LEU B 435 -21.93 33.05 15.65
C LEU B 435 -22.12 33.43 14.19
N GLU B 436 -22.43 34.71 13.93
CA GLU B 436 -22.60 35.16 12.56
C GLU B 436 -21.31 35.00 11.76
N TRP B 437 -20.18 35.32 12.38
CA TRP B 437 -18.88 35.20 11.72
C TRP B 437 -18.20 33.86 11.95
N ASN B 438 -18.82 32.96 12.72
CA ASN B 438 -18.32 31.61 12.91
C ASN B 438 -16.90 31.61 13.47
N GLN B 439 -16.77 32.16 14.68
CA GLN B 439 -15.51 32.16 15.42
C GLN B 439 -15.72 31.30 16.66
N LEU B 440 -15.26 30.05 16.60
CA LEU B 440 -15.50 29.10 17.67
C LEU B 440 -14.49 29.28 18.81
N ASP B 441 -13.21 29.10 18.50
CA ASP B 441 -12.19 29.14 19.55
C ASP B 441 -12.22 30.47 20.29
N LEU B 442 -12.38 31.57 19.56
CA LEU B 442 -12.46 32.87 20.21
C LEU B 442 -13.65 32.94 21.16
N ALA B 443 -14.82 32.43 20.72
CA ALA B 443 -15.99 32.43 21.59
C ALA B 443 -15.77 31.55 22.80
N SER B 444 -15.21 30.36 22.61
CA SER B 444 -14.99 29.45 23.73
C SER B 444 -14.04 30.05 24.76
N ASP B 445 -12.96 30.69 24.30
CA ASP B 445 -11.97 31.23 25.21
C ASP B 445 -12.42 32.53 25.87
N GLU B 446 -13.20 33.35 25.16
CA GLU B 446 -13.49 34.70 25.62
C GLU B 446 -14.81 34.79 26.40
N ILE B 447 -15.91 34.42 25.74
CA ILE B 447 -17.24 34.70 26.31
C ILE B 447 -17.73 33.56 27.19
N PHE B 448 -17.49 32.31 26.79
CA PHE B 448 -17.94 31.16 27.58
C PHE B 448 -16.97 30.96 28.73
N THR B 449 -17.26 31.62 29.85
CA THR B 449 -16.45 31.54 31.06
C THR B 449 -17.37 31.47 32.26
N ASN B 450 -16.82 31.03 33.39
CA ASN B 450 -17.60 30.89 34.61
C ASN B 450 -17.93 32.23 35.26
N ASP B 451 -17.65 33.36 34.60
CA ASP B 451 -17.98 34.66 35.19
C ASP B 451 -19.49 34.81 35.38
N ARG B 452 -20.28 34.37 34.42
CA ARG B 452 -21.72 34.51 34.46
C ARG B 452 -22.38 33.16 34.14
N ARG B 453 -23.55 32.94 34.75
CA ARG B 453 -24.30 31.72 34.50
C ARG B 453 -24.86 31.70 33.09
N TRP B 454 -25.09 30.49 32.57
CA TRP B 454 -25.59 30.29 31.22
C TRP B 454 -26.89 29.50 31.30
N GLU B 455 -28.01 30.22 31.32
CA GLU B 455 -29.32 29.59 31.37
C GLU B 455 -29.77 29.19 29.96
N SER B 456 -30.52 28.09 29.89
CA SER B 456 -30.96 27.58 28.60
C SER B 456 -31.87 28.57 27.88
N ALA B 457 -32.76 29.22 28.62
CA ALA B 457 -33.67 30.18 28.01
C ALA B 457 -32.92 31.32 27.34
N ASP B 458 -31.85 31.79 27.98
CA ASP B 458 -31.05 32.86 27.39
C ASP B 458 -30.42 32.42 26.09
N LEU B 459 -30.01 31.15 26.00
CA LEU B 459 -29.26 30.63 24.87
C LEU B 459 -30.14 30.00 23.80
N GLN B 460 -31.46 29.94 24.02
CA GLN B 460 -32.34 29.26 23.09
C GLN B 460 -32.33 29.92 21.71
N GLU B 461 -32.44 31.25 21.67
CA GLU B 461 -32.48 31.94 20.39
C GLU B 461 -31.17 31.76 19.63
N VAL B 462 -30.05 31.84 20.34
CA VAL B 462 -28.75 31.64 19.69
C VAL B 462 -28.64 30.21 19.16
N MET B 463 -29.16 29.24 19.90
CA MET B 463 -29.15 27.87 19.43
C MET B 463 -29.96 27.72 18.15
N PHE B 464 -31.15 28.33 18.11
CA PHE B 464 -31.96 28.27 16.90
C PHE B 464 -31.23 28.90 15.73
N THR B 465 -30.60 30.07 15.96
CA THR B 465 -29.86 30.73 14.89
C THR B 465 -28.73 29.85 14.38
N ALA B 466 -28.00 29.22 15.29
CA ALA B 466 -26.91 28.34 14.87
C ALA B 466 -27.45 27.17 14.06
N LEU B 467 -28.60 26.62 14.46
CA LEU B 467 -29.20 25.53 13.70
C LEU B 467 -29.54 25.98 12.29
N ILE B 468 -30.13 27.17 12.15
CA ILE B 468 -30.58 27.62 10.84
C ILE B 468 -29.40 27.81 9.89
N LYS B 469 -28.32 28.43 10.37
CA LYS B 469 -27.24 28.87 9.51
C LYS B 469 -26.11 27.85 9.38
N ASP B 470 -26.38 26.58 9.70
CA ASP B 470 -25.41 25.50 9.50
C ASP B 470 -24.12 25.79 10.27
N ARG B 471 -24.25 25.80 11.60
CA ARG B 471 -23.12 26.05 12.51
C ARG B 471 -23.04 24.86 13.47
N PRO B 472 -22.51 23.73 12.99
CA PRO B 472 -22.51 22.53 13.85
C PRO B 472 -21.62 22.64 15.07
N LYS B 473 -20.44 23.24 14.94
CA LYS B 473 -19.53 23.34 16.07
C LYS B 473 -20.13 24.19 17.18
N PHE B 474 -20.80 25.29 16.82
CA PHE B 474 -21.50 26.09 17.81
C PHE B 474 -22.65 25.32 18.45
N VAL B 475 -23.32 24.47 17.68
CA VAL B 475 -24.38 23.63 18.25
C VAL B 475 -23.79 22.71 19.32
N ARG B 476 -22.66 22.07 18.99
CA ARG B 476 -22.01 21.20 19.97
C ARG B 476 -21.58 21.98 21.20
N LEU B 477 -21.02 23.17 21.00
CA LEU B 477 -20.60 23.99 22.13
C LEU B 477 -21.77 24.36 23.02
N PHE B 478 -22.90 24.74 22.41
CA PHE B 478 -24.09 25.06 23.20
C PHE B 478 -24.59 23.84 23.96
N LEU B 479 -24.59 22.67 23.33
CA LEU B 479 -25.03 21.47 24.01
C LEU B 479 -24.14 21.16 25.21
N GLU B 480 -22.83 21.34 25.05
CA GLU B 480 -21.91 21.08 26.16
C GLU B 480 -22.20 22.00 27.34
N ASN B 481 -22.47 23.27 27.07
CA ASN B 481 -22.60 24.28 28.13
C ASN B 481 -24.06 24.39 28.59
N GLY B 482 -24.53 23.31 29.20
CA GLY B 482 -25.79 23.34 29.93
C GLY B 482 -27.01 23.70 29.11
N LEU B 483 -27.17 23.08 27.95
CA LEU B 483 -28.37 23.25 27.12
C LEU B 483 -29.13 21.94 27.06
N ASN B 484 -30.42 21.99 27.33
CA ASN B 484 -31.30 20.82 27.28
C ASN B 484 -31.98 20.81 25.92
N LEU B 485 -31.50 19.93 25.04
CA LEU B 485 -32.04 19.87 23.68
C LEU B 485 -33.47 19.32 23.67
N GLN B 486 -33.79 18.42 24.60
CA GLN B 486 -35.13 17.86 24.62
C GLN B 486 -36.18 18.94 24.88
N LYS B 487 -35.91 19.84 25.82
CA LYS B 487 -36.87 20.90 26.12
C LYS B 487 -36.91 21.95 25.03
N PHE B 488 -35.79 22.21 24.38
CA PHE B 488 -35.74 23.25 23.35
C PHE B 488 -36.64 22.92 22.17
N LEU B 489 -36.67 21.65 21.76
CA LEU B 489 -37.40 21.23 20.56
C LEU B 489 -38.90 21.19 20.88
N THR B 490 -39.50 22.38 20.91
CA THR B 490 -40.94 22.48 21.07
C THR B 490 -41.64 22.22 19.73
N ASN B 491 -42.93 21.92 19.81
CA ASN B 491 -43.68 21.59 18.61
C ASN B 491 -43.73 22.76 17.63
N GLU B 492 -43.96 23.97 18.14
CA GLU B 492 -44.01 25.14 17.27
C GLU B 492 -42.68 25.36 16.57
N VAL B 493 -41.58 25.25 17.32
CA VAL B 493 -40.26 25.41 16.72
C VAL B 493 -40.05 24.39 15.61
N LEU B 494 -40.39 23.13 15.89
CA LEU B 494 -40.14 22.07 14.92
C LEU B 494 -40.98 22.26 13.67
N THR B 495 -42.26 22.61 13.83
CA THR B 495 -43.12 22.79 12.66
C THR B 495 -42.66 23.99 11.83
N GLU B 496 -42.28 25.09 12.50
CA GLU B 496 -41.77 26.24 11.75
C GLU B 496 -40.50 25.87 11.00
N LEU B 497 -39.62 25.11 11.65
CA LEU B 497 -38.36 24.72 11.02
C LEU B 497 -38.60 23.83 9.81
N PHE B 498 -39.56 22.91 9.92
CA PHE B 498 -39.88 22.04 8.78
C PHE B 498 -40.60 22.81 7.66
N SER B 499 -41.34 23.86 8.01
CA SER B 499 -42.14 24.55 7.00
C SER B 499 -41.31 25.57 6.23
N THR B 500 -40.60 26.44 6.94
CA THR B 500 -39.93 27.58 6.30
C THR B 500 -38.54 27.22 5.77
N HIS B 501 -37.71 26.59 6.59
CA HIS B 501 -36.32 26.35 6.26
C HIS B 501 -36.08 25.03 5.54
N PHE B 502 -37.14 24.31 5.19
CA PHE B 502 -37.02 23.06 4.44
C PHE B 502 -37.06 23.40 2.96
N SER B 503 -35.95 23.14 2.26
CA SER B 503 -35.83 23.53 0.87
C SER B 503 -36.89 22.84 0.02
N THR B 504 -37.45 23.61 -0.93
CA THR B 504 -38.48 23.06 -1.80
C THR B 504 -37.92 22.02 -2.76
N LEU B 505 -36.65 22.17 -3.15
CA LEU B 505 -36.02 21.17 -4.02
C LEU B 505 -35.98 19.80 -3.34
N VAL B 506 -35.59 19.77 -2.07
CA VAL B 506 -35.55 18.51 -1.35
C VAL B 506 -36.95 17.93 -1.19
N TYR B 507 -37.95 18.80 -0.99
CA TYR B 507 -39.32 18.31 -0.88
C TYR B 507 -39.80 17.71 -2.19
N ARG B 508 -39.44 18.33 -3.32
CA ARG B 508 -39.77 17.77 -4.63
C ARG B 508 -39.10 16.41 -4.81
N ASN B 509 -37.82 16.31 -4.44
CA ASN B 509 -37.12 15.03 -4.55
C ASN B 509 -37.79 13.97 -3.69
N LEU B 510 -38.22 14.36 -2.48
CA LEU B 510 -38.92 13.42 -1.60
C LEU B 510 -40.24 12.98 -2.22
N GLN B 511 -40.97 13.90 -2.84
CA GLN B 511 -42.20 13.53 -3.53
C GLN B 511 -41.93 12.54 -4.64
N ILE B 512 -40.86 12.78 -5.42
CA ILE B 512 -40.52 11.87 -6.51
C ILE B 512 -40.21 10.49 -5.96
N ALA B 513 -39.42 10.42 -4.89
CA ALA B 513 -39.09 9.13 -4.30
C ALA B 513 -40.33 8.43 -3.78
N LYS B 514 -41.22 9.18 -3.12
CA LYS B 514 -42.44 8.59 -2.57
C LYS B 514 -43.32 8.02 -3.68
N ASN B 515 -43.46 8.77 -4.79
CA ASN B 515 -44.35 8.31 -5.86
C ASN B 515 -43.74 7.17 -6.64
N SER B 516 -42.42 7.17 -6.83
CA SER B 516 -41.75 6.16 -7.66
C SER B 516 -41.23 5.00 -6.82
N TYR B 517 -40.34 5.27 -5.87
CA TYR B 517 -39.71 4.24 -5.05
C TYR B 517 -40.28 4.34 -3.64
N ASN B 518 -41.39 3.66 -3.41
CA ASN B 518 -42.03 3.64 -2.11
C ASN B 518 -41.43 2.54 -1.24
N ASP B 519 -41.60 2.70 0.07
CA ASP B 519 -41.03 1.75 1.03
C ASP B 519 -41.84 1.84 2.32
N ALA B 520 -41.71 0.79 3.14
CA ALA B 520 -42.41 0.76 4.41
C ALA B 520 -41.94 1.85 5.36
N LEU B 521 -40.71 2.34 5.19
CA LEU B 521 -40.14 3.37 6.05
C LEU B 521 -40.33 4.77 5.47
N LEU B 522 -40.07 4.95 4.18
CA LEU B 522 -40.17 6.28 3.58
C LEU B 522 -41.56 6.87 3.74
N THR B 523 -42.59 6.01 3.72
CA THR B 523 -43.95 6.50 3.95
C THR B 523 -44.09 7.10 5.34
N PHE B 524 -43.45 6.49 6.34
CA PHE B 524 -43.54 7.00 7.70
C PHE B 524 -42.92 8.39 7.81
N VAL B 525 -41.73 8.57 7.27
CA VAL B 525 -41.08 9.88 7.34
C VAL B 525 -41.84 10.89 6.51
N TRP B 526 -42.42 10.47 5.39
CA TRP B 526 -43.23 11.39 4.58
C TRP B 526 -44.45 11.85 5.37
N LYS B 527 -45.12 10.94 6.08
CA LYS B 527 -46.26 11.32 6.89
C LYS B 527 -45.84 12.26 8.01
N LEU B 528 -44.71 11.98 8.65
CA LEU B 528 -44.22 12.85 9.71
C LEU B 528 -43.93 14.25 9.17
N VAL B 529 -43.28 14.33 8.02
CA VAL B 529 -42.96 15.62 7.42
C VAL B 529 -44.24 16.37 7.07
N ALA B 530 -45.22 15.67 6.50
CA ALA B 530 -46.49 16.31 6.17
C ALA B 530 -47.19 16.82 7.42
N ASN B 531 -47.18 16.03 8.50
CA ASN B 531 -47.83 16.44 9.73
C ASN B 531 -47.18 17.70 10.30
N PHE B 532 -45.85 17.76 10.29
CA PHE B 532 -45.17 18.94 10.82
C PHE B 532 -45.32 20.13 9.89
N ARG B 533 -45.37 19.89 8.57
CA ARG B 533 -45.43 20.99 7.61
C ARG B 533 -46.80 21.63 7.57
N ARG B 534 -47.87 20.82 7.58
CA ARG B 534 -49.22 21.38 7.55
C ARG B 534 -49.56 22.07 8.87
N SER B 535 -49.16 21.49 9.99
CA SER B 535 -49.47 22.05 11.29
C SER B 535 -48.38 21.72 12.30
N THR B 558 -43.55 16.47 19.55
CA THR B 558 -44.01 15.11 19.27
C THR B 558 -43.41 14.13 20.26
N ARG B 559 -43.63 12.83 20.01
CA ARG B 559 -43.11 11.81 20.91
C ARG B 559 -41.58 11.80 20.93
N HIS B 560 -40.96 11.91 19.75
CA HIS B 560 -39.51 11.82 19.61
C HIS B 560 -39.01 13.01 18.81
N PRO B 561 -38.91 14.18 19.44
CA PRO B 561 -38.41 15.36 18.71
C PRO B 561 -36.99 15.19 18.18
N LEU B 562 -36.14 14.48 18.92
CA LEU B 562 -34.76 14.28 18.47
C LEU B 562 -34.72 13.51 17.16
N GLN B 563 -35.55 12.48 17.02
CA GLN B 563 -35.59 11.72 15.78
C GLN B 563 -36.05 12.60 14.63
N ALA B 564 -37.04 13.46 14.87
CA ALA B 564 -37.50 14.36 13.83
C ALA B 564 -36.40 15.32 13.40
N LEU B 565 -35.66 15.87 14.36
CA LEU B 565 -34.56 16.77 14.02
C LEU B 565 -33.47 16.04 13.24
N PHE B 566 -33.17 14.80 13.65
CA PHE B 566 -32.19 14.00 12.93
C PHE B 566 -32.64 13.76 11.49
N ILE B 567 -33.92 13.45 11.30
CA ILE B 567 -34.45 13.25 9.96
C ILE B 567 -34.32 14.54 9.14
N TRP B 568 -34.66 15.68 9.75
CA TRP B 568 -34.54 16.95 9.05
C TRP B 568 -33.11 17.19 8.60
N ALA B 569 -32.15 16.95 9.49
CA ALA B 569 -30.75 17.14 9.13
C ALA B 569 -30.33 16.18 8.02
N ILE B 570 -30.78 14.93 8.10
CA ILE B 570 -30.36 13.94 7.11
C ILE B 570 -30.91 14.27 5.74
N LEU B 571 -32.19 14.64 5.66
CA LEU B 571 -32.82 14.86 4.36
C LEU B 571 -32.16 15.98 3.58
N GLN B 572 -31.47 16.89 4.25
CA GLN B 572 -30.77 17.99 3.58
C GLN B 572 -29.28 17.73 3.44
N ASN B 573 -28.82 16.50 3.68
CA ASN B 573 -27.43 16.13 3.51
C ASN B 573 -26.50 17.01 4.33
N LYS B 574 -26.91 17.30 5.58
CA LYS B 574 -26.06 17.99 6.54
C LYS B 574 -25.30 16.95 7.34
N LYS B 575 -23.99 16.85 7.11
CA LYS B 575 -23.20 15.78 7.72
C LYS B 575 -22.87 16.09 9.18
N GLU B 576 -22.18 17.20 9.42
CA GLU B 576 -21.70 17.50 10.77
C GLU B 576 -22.87 17.67 11.73
N LEU B 577 -23.92 18.39 11.32
CA LEU B 577 -25.07 18.60 12.19
C LEU B 577 -25.77 17.28 12.49
N SER B 578 -25.90 16.40 11.49
CA SER B 578 -26.51 15.11 11.72
C SER B 578 -25.68 14.29 12.70
N LYS B 579 -24.35 14.30 12.57
CA LYS B 579 -23.50 13.60 13.51
C LYS B 579 -23.68 14.14 14.92
N VAL B 580 -23.74 15.47 15.05
CA VAL B 580 -23.89 16.07 16.37
C VAL B 580 -25.21 15.67 17.00
N ILE B 581 -26.29 15.69 16.21
CA ILE B 581 -27.60 15.33 16.74
C ILE B 581 -27.64 13.84 17.08
N TRP B 582 -26.90 13.01 16.34
CA TRP B 582 -26.97 11.57 16.55
C TRP B 582 -26.50 11.19 17.95
N GLU B 583 -25.43 11.84 18.43
CA GLU B 583 -24.89 11.50 19.74
C GLU B 583 -25.90 11.70 20.85
N GLN B 584 -26.90 12.56 20.65
CA GLN B 584 -27.91 12.81 21.67
C GLN B 584 -29.07 11.82 21.61
N THR B 585 -29.17 11.01 20.57
CA THR B 585 -30.27 10.08 20.43
C THR B 585 -30.08 8.88 21.35
N LYS B 586 -31.21 8.22 21.66
CA LYS B 586 -31.20 7.02 22.49
C LYS B 586 -30.92 5.77 21.65
N GLY B 587 -31.74 5.53 20.63
CA GLY B 587 -31.51 4.43 19.72
C GLY B 587 -30.48 4.77 18.68
N CYS B 588 -29.22 4.87 19.10
CA CYS B 588 -28.16 5.36 18.22
C CYS B 588 -27.97 4.44 17.01
N THR B 589 -27.78 3.15 17.26
CA THR B 589 -27.55 2.23 16.15
C THR B 589 -28.82 2.06 15.31
N LEU B 590 -29.98 2.00 15.95
CA LEU B 590 -31.23 1.95 15.21
C LEU B 590 -31.41 3.20 14.35
N ALA B 591 -31.09 4.36 14.92
CA ALA B 591 -31.18 5.60 14.15
C ALA B 591 -30.23 5.58 12.97
N ALA B 592 -29.01 5.05 13.16
CA ALA B 592 -28.06 4.96 12.06
C ALA B 592 -28.57 4.05 10.95
N LEU B 593 -29.14 2.90 11.33
CA LEU B 593 -29.69 1.99 10.32
C LEU B 593 -30.82 2.65 9.56
N GLY B 594 -31.72 3.32 10.27
CA GLY B 594 -32.82 4.00 9.60
C GLY B 594 -32.35 5.10 8.67
N ALA B 595 -31.35 5.86 9.11
CA ALA B 595 -30.80 6.92 8.26
C ALA B 595 -30.15 6.33 7.02
N SER B 596 -29.42 5.23 7.17
CA SER B 596 -28.79 4.59 6.02
C SER B 596 -29.84 4.15 5.01
N LYS B 597 -30.91 3.50 5.49
CA LYS B 597 -31.96 3.04 4.58
C LYS B 597 -32.63 4.22 3.89
N LEU B 598 -32.95 5.25 4.66
CA LEU B 598 -33.63 6.41 4.08
C LEU B 598 -32.75 7.09 3.04
N LEU B 599 -31.47 7.26 3.35
CA LEU B 599 -30.56 7.91 2.41
C LEU B 599 -30.38 7.07 1.15
N LYS B 600 -30.32 5.74 1.28
CA LYS B 600 -30.21 4.90 0.09
C LYS B 600 -31.44 5.03 -0.79
N THR B 601 -32.63 4.89 -0.20
CA THR B 601 -33.86 5.00 -1.00
C THR B 601 -34.02 6.38 -1.59
N LEU B 602 -33.46 7.41 -0.93
CA LEU B 602 -33.50 8.75 -1.49
C LEU B 602 -32.53 8.91 -2.64
N ALA B 603 -31.33 8.33 -2.50
CA ALA B 603 -30.32 8.42 -3.54
C ALA B 603 -30.68 7.60 -4.77
N LYS B 604 -31.57 6.62 -4.62
CA LYS B 604 -32.04 5.88 -5.80
C LYS B 604 -32.77 6.78 -6.79
N VAL B 605 -33.19 7.98 -6.36
CA VAL B 605 -33.79 8.93 -7.28
C VAL B 605 -32.76 9.34 -8.33
N LYS B 606 -33.27 9.92 -9.42
CA LYS B 606 -32.42 10.30 -10.56
C LYS B 606 -32.71 11.72 -11.04
N ASN B 607 -33.40 12.54 -10.24
CA ASN B 607 -33.65 13.92 -10.63
C ASN B 607 -32.34 14.69 -10.74
N ASP B 608 -31.43 14.51 -9.79
CA ASP B 608 -30.11 15.10 -9.82
C ASP B 608 -29.09 14.08 -9.37
N ILE B 609 -27.85 14.28 -9.77
CA ILE B 609 -26.78 13.31 -9.55
C ILE B 609 -25.95 13.65 -8.31
N ASN B 610 -25.55 14.91 -8.17
CA ASN B 610 -24.67 15.29 -7.08
C ASN B 610 -25.32 15.02 -5.72
N ALA B 611 -26.59 15.41 -5.57
CA ALA B 611 -27.29 15.18 -4.31
C ALA B 611 -27.42 13.69 -4.02
N ALA B 612 -27.72 12.89 -5.05
CA ALA B 612 -27.85 11.45 -4.85
C ALA B 612 -26.53 10.84 -4.40
N GLY B 613 -25.42 11.25 -5.02
CA GLY B 613 -24.13 10.73 -4.62
C GLY B 613 -23.76 11.13 -3.19
N GLU B 614 -24.05 12.39 -2.83
CA GLU B 614 -23.79 12.83 -1.47
C GLU B 614 -24.60 12.01 -0.47
N SER B 615 -25.88 11.78 -0.77
CA SER B 615 -26.71 10.98 0.12
C SER B 615 -26.20 9.56 0.22
N GLU B 616 -25.74 8.99 -0.91
CA GLU B 616 -25.24 7.62 -0.89
C GLU B 616 -23.99 7.50 -0.04
N GLU B 617 -23.06 8.44 -0.18
CA GLU B 617 -21.85 8.39 0.64
C GLU B 617 -22.18 8.58 2.12
N LEU B 618 -23.12 9.47 2.43
CA LEU B 618 -23.54 9.64 3.82
C LEU B 618 -24.17 8.36 4.35
N ALA B 619 -24.96 7.67 3.54
CA ALA B 619 -25.54 6.41 3.95
C ALA B 619 -24.47 5.37 4.24
N ASN B 620 -23.46 5.29 3.38
CA ASN B 620 -22.36 4.36 3.64
C ASN B 620 -21.65 4.70 4.95
N GLU B 621 -21.44 5.99 5.19
CA GLU B 621 -20.79 6.42 6.43
C GLU B 621 -21.59 5.99 7.65
N TYR B 622 -22.91 6.21 7.61
CA TYR B 622 -23.74 5.85 8.75
C TYR B 622 -23.80 4.34 8.94
N GLU B 623 -23.84 3.59 7.83
CA GLU B 623 -23.80 2.13 7.94
C GLU B 623 -22.52 1.67 8.60
N THR B 624 -21.38 2.24 8.20
CA THR B 624 -20.12 1.89 8.83
C THR B 624 -20.13 2.23 10.31
N ARG B 625 -20.66 3.40 10.66
CA ARG B 625 -20.73 3.78 12.07
C ARG B 625 -21.55 2.77 12.86
N ALA B 626 -22.72 2.38 12.34
CA ALA B 626 -23.55 1.43 13.04
C ALA B 626 -22.85 0.09 13.20
N VAL B 627 -22.19 -0.38 12.14
CA VAL B 627 -21.51 -1.67 12.20
C VAL B 627 -20.43 -1.64 13.28
N GLU B 628 -19.59 -0.60 13.27
CA GLU B 628 -18.51 -0.52 14.25
C GLU B 628 -19.06 -0.41 15.67
N LEU B 629 -20.09 0.42 15.85
CA LEU B 629 -20.64 0.61 17.19
C LEU B 629 -21.22 -0.69 17.72
N PHE B 630 -21.97 -1.43 16.89
CA PHE B 630 -22.54 -2.67 17.37
C PHE B 630 -21.47 -3.74 17.58
N THR B 631 -20.41 -3.72 16.76
CA THR B 631 -19.30 -4.65 17.00
C THR B 631 -18.69 -4.41 18.37
N GLU B 632 -18.43 -3.15 18.71
CA GLU B 632 -17.90 -2.83 20.02
C GLU B 632 -18.89 -3.22 21.11
N CYS B 633 -20.17 -2.94 20.89
CA CYS B 633 -21.20 -3.26 21.88
C CYS B 633 -21.26 -4.75 22.16
N TYR B 634 -21.18 -5.57 21.11
CA TYR B 634 -21.21 -7.01 21.29
C TYR B 634 -19.93 -7.52 21.94
N SER B 635 -18.79 -6.92 21.59
CA SER B 635 -17.54 -7.32 22.20
C SER B 635 -17.55 -7.07 23.71
N ASN B 636 -18.09 -5.92 24.12
CA ASN B 636 -18.15 -5.62 25.55
C ASN B 636 -19.07 -6.61 26.28
N ASP B 637 -20.21 -6.94 25.70
CA ASP B 637 -21.17 -7.84 26.32
C ASP B 637 -22.01 -8.50 25.23
N GLU B 638 -22.63 -9.61 25.60
CA GLU B 638 -23.36 -10.45 24.64
C GLU B 638 -24.87 -10.44 24.88
N ASP B 639 -25.32 -10.75 26.09
CA ASP B 639 -26.75 -10.82 26.34
C ASP B 639 -27.41 -9.46 26.14
N LEU B 640 -26.79 -8.40 26.67
CA LEU B 640 -27.35 -7.07 26.51
C LEU B 640 -27.35 -6.65 25.04
N ALA B 641 -26.30 -7.01 24.30
CA ALA B 641 -26.26 -6.69 22.89
C ALA B 641 -27.40 -7.39 22.13
N GLU B 642 -27.64 -8.66 22.44
CA GLU B 642 -28.74 -9.36 21.79
C GLU B 642 -30.09 -8.74 22.15
N GLN B 643 -30.27 -8.38 23.42
CA GLN B 643 -31.51 -7.74 23.83
C GLN B 643 -31.72 -6.43 23.07
N LEU B 644 -30.66 -5.64 22.93
CA LEU B 644 -30.77 -4.39 22.18
C LEU B 644 -31.08 -4.65 20.72
N LEU B 645 -30.44 -5.67 20.14
CA LEU B 645 -30.67 -5.97 18.72
C LEU B 645 -32.12 -6.36 18.48
N VAL B 646 -32.69 -7.19 19.35
CA VAL B 646 -34.09 -7.57 19.22
C VAL B 646 -35.04 -6.51 19.74
N TYR B 647 -34.52 -5.40 20.25
CA TYR B 647 -35.33 -4.36 20.87
C TYR B 647 -36.18 -3.68 19.80
N SER B 648 -37.50 -3.85 19.88
CA SER B 648 -38.40 -3.23 18.91
C SER B 648 -38.47 -1.72 19.10
N CYS B 649 -38.30 -1.24 20.32
CA CYS B 649 -38.38 0.19 20.62
C CYS B 649 -39.79 0.69 20.42
N GLU B 650 -39.98 2.01 20.48
CA GLU B 650 -41.30 2.63 20.38
C GLU B 650 -41.34 3.52 19.14
N ALA B 651 -41.64 2.90 18.00
CA ALA B 651 -41.96 3.60 16.77
C ALA B 651 -40.91 4.64 16.40
N TRP B 652 -39.68 4.15 16.18
CA TRP B 652 -38.71 4.96 15.44
C TRP B 652 -39.07 4.98 13.96
N GLY B 653 -39.14 3.81 13.35
CA GLY B 653 -39.72 3.63 12.04
C GLY B 653 -40.67 2.46 12.03
N GLY B 654 -41.06 2.01 13.23
CA GLY B 654 -41.91 0.85 13.37
C GLY B 654 -41.20 -0.47 13.25
N SER B 655 -39.89 -0.51 13.43
CA SER B 655 -39.11 -1.72 13.24
C SER B 655 -37.88 -1.69 14.13
N ASN B 656 -37.28 -2.86 14.31
CA ASN B 656 -36.08 -3.01 15.10
C ASN B 656 -34.84 -2.85 14.21
N CYS B 657 -33.66 -2.99 14.82
CA CYS B 657 -32.42 -2.85 14.07
C CYS B 657 -32.30 -3.93 13.01
N LEU B 658 -32.65 -5.16 13.35
CA LEU B 658 -32.50 -6.27 12.42
C LEU B 658 -33.40 -6.10 11.20
N GLU B 659 -34.65 -5.69 11.43
CA GLU B 659 -35.58 -5.50 10.32
C GLU B 659 -35.11 -4.41 9.37
N LEU B 660 -34.62 -3.28 9.91
CA LEU B 660 -34.11 -2.23 9.05
C LEU B 660 -32.88 -2.70 8.29
N ALA B 661 -31.99 -3.42 8.97
CA ALA B 661 -30.78 -3.90 8.30
C ALA B 661 -31.12 -4.83 7.14
N VAL B 662 -32.07 -5.73 7.34
CA VAL B 662 -32.43 -6.67 6.29
C VAL B 662 -33.17 -5.95 5.16
N GLU B 663 -34.05 -5.01 5.52
CA GLU B 663 -34.81 -4.30 4.49
C GLU B 663 -33.88 -3.50 3.57
N ALA B 664 -32.86 -2.87 4.14
CA ALA B 664 -31.89 -2.13 3.35
C ALA B 664 -30.85 -3.01 2.70
N THR B 665 -30.91 -4.33 2.92
CA THR B 665 -29.95 -5.28 2.35
C THR B 665 -28.53 -4.96 2.81
N ASP B 666 -28.40 -4.61 4.10
CA ASP B 666 -27.10 -4.34 4.70
C ASP B 666 -26.45 -5.68 5.07
N GLN B 667 -25.99 -6.37 4.03
CA GLN B 667 -25.39 -7.68 4.22
C GLN B 667 -24.16 -7.61 5.13
N HIS B 668 -23.40 -6.53 5.05
CA HIS B 668 -22.19 -6.42 5.87
C HIS B 668 -22.54 -6.41 7.35
N PHE B 669 -23.58 -5.68 7.74
CA PHE B 669 -23.95 -5.60 9.15
C PHE B 669 -24.45 -6.94 9.67
N ILE B 670 -25.31 -7.60 8.89
CA ILE B 670 -25.95 -8.83 9.36
C ILE B 670 -25.04 -10.04 9.27
N ALA B 671 -23.91 -9.93 8.57
CA ALA B 671 -22.95 -11.03 8.46
C ALA B 671 -21.88 -10.99 9.54
N GLN B 672 -21.96 -10.06 10.47
CA GLN B 672 -20.95 -9.94 11.50
C GLN B 672 -21.05 -11.12 12.47
N PRO B 673 -19.93 -11.45 13.14
CA PRO B 673 -19.94 -12.66 13.99
C PRO B 673 -20.99 -12.62 15.10
N GLY B 674 -21.27 -11.46 15.68
CA GLY B 674 -22.25 -11.39 16.75
C GLY B 674 -23.65 -11.76 16.27
N VAL B 675 -24.05 -11.19 15.14
CA VAL B 675 -25.38 -11.48 14.61
C VAL B 675 -25.49 -12.93 14.19
N GLN B 676 -24.43 -13.47 13.58
CA GLN B 676 -24.44 -14.88 13.20
C GLN B 676 -24.54 -15.78 14.42
N ASN B 677 -23.83 -15.43 15.50
CA ASN B 677 -23.93 -16.22 16.73
C ASN B 677 -25.33 -16.16 17.31
N PHE B 678 -25.95 -14.97 17.28
CA PHE B 678 -27.33 -14.86 17.75
C PHE B 678 -28.28 -15.72 16.92
N LEU B 679 -28.11 -15.69 15.60
CA LEU B 679 -28.94 -16.51 14.72
C LEU B 679 -28.73 -17.99 14.99
N SER B 680 -27.47 -18.40 15.22
CA SER B 680 -27.20 -19.79 15.52
C SER B 680 -27.83 -20.22 16.85
N LYS B 681 -27.78 -19.34 17.86
CA LYS B 681 -28.45 -19.65 19.12
C LYS B 681 -29.94 -19.81 18.90
N GLN B 682 -30.54 -18.93 18.11
CA GLN B 682 -31.96 -19.05 17.82
C GLN B 682 -32.26 -20.35 17.08
N TRP B 683 -31.38 -20.74 16.16
CA TRP B 683 -31.60 -21.92 15.33
C TRP B 683 -31.52 -23.19 16.17
N TYR B 684 -30.47 -23.33 16.98
CA TYR B 684 -30.33 -24.49 17.84
C TYR B 684 -31.27 -24.45 19.04
N GLY B 685 -31.82 -23.29 19.36
CA GLY B 685 -32.73 -23.20 20.49
C GLY B 685 -32.04 -23.60 21.79
N GLU B 686 -32.74 -24.39 22.60
CA GLU B 686 -32.21 -24.79 23.90
C GLU B 686 -30.98 -25.68 23.76
N ILE B 687 -30.87 -26.42 22.66
CA ILE B 687 -29.72 -27.29 22.45
C ILE B 687 -28.45 -26.47 22.49
N SER B 688 -27.43 -26.99 23.18
CA SER B 688 -26.13 -26.35 23.19
C SER B 688 -25.57 -26.31 21.78
N ARG B 689 -24.94 -25.18 21.43
CA ARG B 689 -24.48 -24.98 20.07
C ARG B 689 -23.28 -25.85 19.72
N ASP B 690 -22.53 -26.32 20.71
CA ASP B 690 -21.28 -27.05 20.45
C ASP B 690 -21.48 -28.55 20.33
N THR B 691 -22.69 -29.07 20.55
CA THR B 691 -22.92 -30.50 20.39
C THR B 691 -22.74 -30.90 18.94
N LYS B 692 -22.23 -32.10 18.73
CA LYS B 692 -21.98 -32.59 17.38
C LYS B 692 -23.29 -32.96 16.68
N ASN B 693 -23.27 -32.88 15.35
CA ASN B 693 -24.50 -33.02 14.57
C ASN B 693 -25.00 -34.46 14.56
N TRP B 694 -24.11 -35.42 14.25
CA TRP B 694 -24.56 -36.80 14.18
C TRP B 694 -25.15 -37.26 15.50
N LYS B 695 -24.70 -36.69 16.62
CA LYS B 695 -25.34 -36.97 17.90
C LYS B 695 -26.81 -36.55 17.89
N ILE B 696 -27.09 -35.34 17.40
CA ILE B 696 -28.47 -34.89 17.33
C ILE B 696 -29.29 -35.80 16.42
N ILE B 697 -28.71 -36.18 15.28
CA ILE B 697 -29.47 -36.99 14.33
C ILE B 697 -29.79 -38.35 14.93
N LEU B 698 -28.81 -38.97 15.60
CA LEU B 698 -29.06 -40.26 16.23
C LEU B 698 -30.10 -40.14 17.33
N CYS B 699 -30.04 -39.07 18.12
CA CYS B 699 -31.05 -38.89 19.15
C CYS B 699 -32.43 -38.64 18.53
N LEU B 700 -32.47 -38.02 17.35
CA LEU B 700 -33.73 -37.83 16.65
C LEU B 700 -34.32 -39.17 16.24
N PHE B 701 -33.48 -40.05 15.67
CA PHE B 701 -34.00 -41.35 15.24
C PHE B 701 -34.32 -42.24 16.43
N ILE B 702 -33.51 -42.20 17.47
CA ILE B 702 -33.72 -43.00 18.68
C ILE B 702 -34.26 -42.07 19.75
N ILE B 703 -35.57 -42.17 20.02
CA ILE B 703 -36.20 -41.28 20.99
C ILE B 703 -35.64 -41.47 22.40
N PRO B 704 -35.50 -42.69 22.93
CA PRO B 704 -35.13 -42.84 24.35
C PRO B 704 -33.75 -42.29 24.68
N LEU B 705 -32.91 -42.00 23.68
CA LEU B 705 -31.54 -41.59 23.96
C LEU B 705 -31.44 -40.14 24.42
N VAL B 706 -32.44 -39.32 24.13
CA VAL B 706 -32.36 -37.90 24.47
C VAL B 706 -32.19 -37.72 25.98
N GLY B 707 -32.95 -38.48 26.76
CA GLY B 707 -32.90 -38.32 28.21
C GLY B 707 -31.54 -38.67 28.79
N CYS B 708 -30.78 -39.54 28.13
CA CYS B 708 -29.54 -40.03 28.72
C CYS B 708 -28.53 -38.91 28.95
N GLY B 709 -28.33 -38.04 27.95
CA GLY B 709 -27.47 -36.89 28.14
C GLY B 709 -26.51 -36.57 27.02
N LEU B 710 -26.43 -37.43 26.00
CA LEU B 710 -25.44 -37.20 24.95
C LEU B 710 -25.69 -35.89 24.20
N VAL B 711 -26.92 -35.39 24.21
CA VAL B 711 -27.24 -34.17 23.48
C VAL B 711 -26.70 -32.94 24.21
N SER B 712 -26.68 -32.96 25.55
CA SER B 712 -25.99 -31.94 26.34
C SER B 712 -26.56 -30.54 26.10
N PHE B 713 -27.80 -30.36 26.53
CA PHE B 713 -28.46 -29.07 26.41
C PHE B 713 -27.63 -27.97 27.07
N ARG B 714 -27.87 -26.72 26.63
CA ARG B 714 -27.17 -25.59 27.21
C ARG B 714 -27.56 -25.37 28.67
N LYS B 715 -28.86 -25.37 28.95
CA LYS B 715 -29.35 -25.20 30.32
C LYS B 715 -29.38 -26.53 31.05
N LYS B 723 -37.01 -32.16 35.12
CA LYS B 723 -36.86 -33.61 35.01
C LYS B 723 -36.77 -34.03 33.54
N LEU B 724 -36.84 -35.34 33.29
CA LEU B 724 -36.69 -35.83 31.93
C LEU B 724 -37.74 -35.25 30.99
N LEU B 725 -38.94 -34.95 31.51
CA LEU B 725 -39.98 -34.37 30.67
C LEU B 725 -39.53 -33.02 30.12
N TRP B 726 -38.91 -32.19 30.95
CA TRP B 726 -38.41 -30.90 30.47
C TRP B 726 -37.36 -31.10 29.38
N TYR B 727 -36.49 -32.09 29.55
CA TYR B 727 -35.49 -32.39 28.54
C TYR B 727 -36.14 -32.70 27.20
N TYR B 728 -37.16 -33.56 27.20
CA TYR B 728 -37.79 -33.97 25.96
C TYR B 728 -38.53 -32.80 25.31
N VAL B 729 -39.26 -32.01 26.09
CA VAL B 729 -39.98 -30.89 25.51
C VAL B 729 -39.00 -29.88 24.93
N ALA B 730 -37.90 -29.61 25.64
CA ALA B 730 -36.89 -28.70 25.11
C ALA B 730 -36.28 -29.22 23.82
N PHE B 731 -36.01 -30.54 23.77
CA PHE B 731 -35.43 -31.11 22.55
C PHE B 731 -36.39 -30.99 21.38
N PHE B 732 -37.65 -31.33 21.57
CA PHE B 732 -38.61 -31.34 20.48
C PHE B 732 -39.18 -29.97 20.15
N THR B 733 -38.92 -28.96 20.98
CA THR B 733 -39.27 -27.59 20.64
C THR B 733 -38.14 -26.87 19.91
N SER B 734 -36.98 -27.51 19.75
CA SER B 734 -35.86 -26.87 19.08
C SER B 734 -36.17 -26.70 17.59
N PRO B 735 -35.86 -25.55 17.00
CA PRO B 735 -36.11 -25.38 15.56
C PRO B 735 -35.39 -26.39 14.69
N PHE B 736 -34.18 -26.81 15.07
CA PHE B 736 -33.42 -27.76 14.27
C PHE B 736 -34.14 -29.10 14.18
N VAL B 737 -34.64 -29.60 15.31
CA VAL B 737 -35.37 -30.87 15.32
C VAL B 737 -36.64 -30.77 14.49
N VAL B 738 -37.37 -29.67 14.63
CA VAL B 738 -38.58 -29.46 13.84
C VAL B 738 -38.25 -29.46 12.35
N PHE B 739 -37.16 -28.79 11.98
CA PHE B 739 -36.77 -28.74 10.58
C PHE B 739 -36.42 -30.13 10.05
N SER B 740 -35.69 -30.92 10.84
CA SER B 740 -35.33 -32.26 10.39
C SER B 740 -36.57 -33.12 10.23
N TRP B 741 -37.50 -33.06 11.18
CA TRP B 741 -38.74 -33.82 11.06
C TRP B 741 -39.53 -33.39 9.84
N ASN B 742 -39.60 -32.08 9.59
CA ASN B 742 -40.31 -31.58 8.41
C ASN B 742 -39.66 -32.07 7.14
N VAL B 743 -38.33 -32.10 7.10
CA VAL B 743 -37.63 -32.58 5.90
C VAL B 743 -37.97 -34.05 5.66
N VAL B 744 -37.92 -34.87 6.70
CA VAL B 744 -38.25 -36.29 6.56
C VAL B 744 -39.68 -36.45 6.08
N PHE B 745 -40.61 -35.70 6.69
CA PHE B 745 -42.01 -35.80 6.30
C PHE B 745 -42.21 -35.40 4.84
N TYR B 746 -41.54 -34.34 4.39
CA TYR B 746 -41.71 -33.88 3.03
C TYR B 746 -41.12 -34.88 2.03
N ILE B 747 -39.98 -35.48 2.37
CA ILE B 747 -39.41 -36.50 1.49
C ILE B 747 -40.37 -37.68 1.37
N ALA B 748 -40.93 -38.12 2.50
CA ALA B 748 -41.90 -39.22 2.45
C ALA B 748 -43.12 -38.83 1.63
N PHE B 749 -43.58 -37.58 1.79
CA PHE B 749 -44.75 -37.11 1.04
C PHE B 749 -44.48 -37.14 -0.46
N LEU B 750 -43.31 -36.66 -0.87
CA LEU B 750 -42.98 -36.69 -2.30
C LEU B 750 -42.87 -38.11 -2.82
N LEU B 751 -42.27 -39.01 -2.02
CA LEU B 751 -42.16 -40.40 -2.45
C LEU B 751 -43.54 -41.01 -2.65
N LEU B 752 -44.45 -40.78 -1.70
CA LEU B 752 -45.79 -41.32 -1.81
C LEU B 752 -46.55 -40.70 -2.99
N PHE B 753 -46.35 -39.40 -3.21
CA PHE B 753 -46.98 -38.74 -4.35
C PHE B 753 -46.50 -39.37 -5.66
N ALA B 754 -45.19 -39.57 -5.81
CA ALA B 754 -44.67 -40.21 -7.00
C ALA B 754 -45.32 -41.59 -7.18
N TYR B 755 -45.31 -42.39 -6.12
CA TYR B 755 -45.84 -43.74 -6.22
C TYR B 755 -47.31 -43.74 -6.64
N VAL B 756 -48.13 -42.93 -5.96
CA VAL B 756 -49.56 -42.94 -6.23
C VAL B 756 -49.86 -42.42 -7.63
N LEU B 757 -49.23 -41.30 -8.01
CA LEU B 757 -49.51 -40.73 -9.31
C LEU B 757 -49.09 -41.67 -10.43
N LEU B 758 -47.96 -42.36 -10.25
CA LEU B 758 -47.43 -43.17 -11.34
C LEU B 758 -48.12 -44.53 -11.43
N MET B 759 -48.36 -45.18 -10.29
CA MET B 759 -48.82 -46.57 -10.27
C MET B 759 -50.28 -46.74 -9.85
N ASP B 760 -50.92 -45.70 -9.35
CA ASP B 760 -52.24 -45.85 -8.72
C ASP B 760 -53.18 -44.73 -9.16
N PHE B 761 -53.29 -44.49 -10.47
CA PHE B 761 -54.13 -43.43 -11.00
C PHE B 761 -55.47 -43.98 -11.52
N HIS B 762 -56.02 -44.99 -10.87
CA HIS B 762 -57.30 -45.54 -11.31
C HIS B 762 -58.42 -44.52 -11.11
N SER B 763 -59.46 -44.63 -11.93
CA SER B 763 -60.60 -43.73 -11.81
C SER B 763 -61.26 -43.89 -10.44
N VAL B 764 -61.44 -45.11 -9.98
CA VAL B 764 -62.04 -45.34 -8.66
C VAL B 764 -61.09 -44.82 -7.59
N PRO B 765 -61.58 -44.12 -6.56
CA PRO B 765 -60.68 -43.64 -5.52
C PRO B 765 -60.00 -44.79 -4.79
N HIS B 766 -58.77 -44.54 -4.35
CA HIS B 766 -57.99 -45.53 -3.61
C HIS B 766 -57.31 -44.86 -2.43
N THR B 767 -56.97 -45.67 -1.42
CA THR B 767 -56.52 -45.13 -0.15
C THR B 767 -55.28 -44.24 -0.25
N PRO B 768 -54.23 -44.60 -1.00
CA PRO B 768 -53.06 -43.71 -1.05
C PRO B 768 -53.41 -42.34 -1.57
N GLU B 769 -54.32 -42.27 -2.55
CA GLU B 769 -54.76 -40.99 -3.06
C GLU B 769 -55.48 -40.19 -1.99
N LEU B 770 -56.30 -40.85 -1.17
CA LEU B 770 -56.97 -40.15 -0.09
C LEU B 770 -55.98 -39.58 0.92
N ILE B 771 -54.95 -40.36 1.27
CA ILE B 771 -53.93 -39.86 2.17
C ILE B 771 -53.24 -38.64 1.57
N LEU B 772 -52.93 -38.70 0.27
CA LEU B 772 -52.27 -37.58 -0.39
C LEU B 772 -53.17 -36.35 -0.38
N TYR B 773 -54.47 -36.53 -0.61
CA TYR B 773 -55.40 -35.40 -0.54
C TYR B 773 -55.39 -34.77 0.84
N ALA B 774 -55.43 -35.59 1.89
CA ALA B 774 -55.41 -35.06 3.25
C ALA B 774 -54.13 -34.27 3.50
N LEU B 775 -52.99 -34.81 3.08
CA LEU B 775 -51.73 -34.11 3.29
C LEU B 775 -51.68 -32.78 2.54
N VAL B 776 -52.22 -32.75 1.31
CA VAL B 776 -52.22 -31.49 0.58
C VAL B 776 -53.11 -30.48 1.29
N PHE B 777 -54.20 -30.93 1.92
CA PHE B 777 -55.01 -29.99 2.69
C PHE B 777 -54.22 -29.44 3.87
N VAL B 778 -53.44 -30.28 4.55
CA VAL B 778 -52.62 -29.77 5.65
C VAL B 778 -51.62 -28.74 5.13
N LEU B 779 -51.01 -29.00 3.97
CA LEU B 779 -50.11 -28.01 3.38
C LEU B 779 -50.84 -26.71 3.07
N PHE B 780 -52.07 -26.81 2.58
CA PHE B 780 -52.86 -25.62 2.30
C PHE B 780 -53.11 -24.82 3.57
N CYS B 781 -53.40 -25.50 4.67
CA CYS B 781 -53.59 -24.80 5.94
C CYS B 781 -52.31 -24.12 6.39
N ASP B 782 -51.16 -24.78 6.21
CA ASP B 782 -49.89 -24.14 6.53
C ASP B 782 -49.69 -22.88 5.70
N GLU B 783 -50.03 -22.96 4.41
CA GLU B 783 -49.91 -21.78 3.56
C GLU B 783 -50.87 -20.67 3.97
N VAL B 784 -52.07 -21.03 4.45
CA VAL B 784 -52.99 -20.03 4.98
C VAL B 784 -52.37 -19.32 6.17
N ARG B 785 -51.77 -20.09 7.09
CA ARG B 785 -51.09 -19.50 8.23
C ARG B 785 -50.01 -18.53 7.75
N GLN B 786 -49.20 -18.97 6.79
CA GLN B 786 -48.15 -18.09 6.26
C GLN B 786 -48.74 -16.83 5.63
N TRP B 787 -49.90 -16.96 4.99
CA TRP B 787 -50.56 -15.79 4.42
C TRP B 787 -50.99 -14.81 5.49
N TYR B 788 -51.47 -15.32 6.64
CA TYR B 788 -51.87 -14.41 7.71
C TYR B 788 -50.71 -13.53 8.17
N MET B 789 -49.53 -14.13 8.32
CA MET B 789 -48.35 -13.40 8.76
C MET B 789 -47.58 -12.87 7.56
N ASN B 790 -47.34 -11.57 7.53
CA ASN B 790 -46.65 -10.92 6.42
C ASN B 790 -47.36 -11.23 5.10
N GLY B 791 -48.66 -10.93 5.05
CA GLY B 791 -49.43 -11.22 3.84
C GLY B 791 -48.89 -10.50 2.63
N VAL B 792 -48.50 -9.24 2.78
CA VAL B 792 -47.94 -8.50 1.66
C VAL B 792 -46.66 -9.16 1.17
N ASN B 793 -45.77 -9.51 2.10
CA ASN B 793 -44.56 -10.24 1.73
C ASN B 793 -44.90 -11.62 1.17
N TYR B 794 -45.90 -12.28 1.78
CA TYR B 794 -46.28 -13.61 1.31
C TYR B 794 -46.69 -13.58 -0.16
N PHE B 795 -47.46 -12.57 -0.56
CA PHE B 795 -47.86 -12.45 -1.96
C PHE B 795 -46.70 -11.98 -2.83
N THR B 796 -45.87 -11.08 -2.31
CA THR B 796 -44.80 -10.51 -3.11
C THR B 796 -43.72 -11.55 -3.43
N ASP B 797 -43.41 -12.42 -2.47
CA ASP B 797 -42.32 -13.37 -2.64
C ASP B 797 -42.56 -14.24 -3.87
N LEU B 798 -41.52 -14.40 -4.69
CA LEU B 798 -41.64 -15.18 -5.92
C LEU B 798 -41.83 -16.66 -5.62
N TRP B 799 -41.02 -17.21 -4.71
CA TRP B 799 -41.11 -18.63 -4.40
C TRP B 799 -42.40 -18.95 -3.63
N ASN B 800 -42.82 -18.04 -2.75
CA ASN B 800 -44.10 -18.23 -2.08
C ASN B 800 -45.25 -18.25 -3.08
N VAL B 801 -45.22 -17.32 -4.05
CA VAL B 801 -46.23 -17.31 -5.10
C VAL B 801 -46.16 -18.60 -5.90
N MET B 802 -44.96 -19.11 -6.14
CA MET B 802 -44.80 -20.37 -6.87
C MET B 802 -45.48 -21.51 -6.12
N ASP B 803 -45.26 -21.59 -4.81
CA ASP B 803 -45.89 -22.65 -4.02
C ASP B 803 -47.40 -22.51 -3.99
N THR B 804 -47.90 -21.28 -3.84
CA THR B 804 -49.36 -21.08 -3.86
C THR B 804 -49.96 -21.49 -5.19
N LEU B 805 -49.29 -21.13 -6.29
CA LEU B 805 -49.76 -21.54 -7.61
C LEU B 805 -49.72 -23.06 -7.75
N GLY B 806 -48.70 -23.70 -7.17
CA GLY B 806 -48.65 -25.15 -7.19
C GLY B 806 -49.85 -25.76 -6.49
N LEU B 807 -50.19 -25.23 -5.32
CA LEU B 807 -51.36 -25.74 -4.60
C LEU B 807 -52.65 -25.52 -5.40
N PHE B 808 -52.79 -24.34 -6.02
CA PHE B 808 -53.98 -24.07 -6.82
C PHE B 808 -54.08 -25.03 -8.00
N TYR B 809 -52.97 -25.26 -8.70
CA TYR B 809 -52.98 -26.21 -9.81
C TYR B 809 -53.30 -27.61 -9.32
N PHE B 810 -52.79 -27.98 -8.14
CA PHE B 810 -53.09 -29.31 -7.61
C PHE B 810 -54.58 -29.47 -7.34
N ILE B 811 -55.20 -28.47 -6.71
CA ILE B 811 -56.62 -28.60 -6.41
C ILE B 811 -57.43 -28.63 -7.71
N ALA B 812 -57.01 -27.86 -8.71
CA ALA B 812 -57.68 -27.91 -10.01
C ALA B 812 -57.58 -29.31 -10.61
N GLY B 813 -56.39 -29.91 -10.57
CA GLY B 813 -56.23 -31.26 -11.10
C GLY B 813 -57.05 -32.28 -10.34
N ILE B 814 -57.11 -32.13 -9.00
CA ILE B 814 -57.92 -33.03 -8.19
C ILE B 814 -59.38 -32.94 -8.58
N VAL B 815 -59.87 -31.72 -8.79
CA VAL B 815 -61.24 -31.55 -9.27
C VAL B 815 -61.42 -32.20 -10.64
N PHE B 816 -60.40 -32.07 -11.49
CA PHE B 816 -60.47 -32.68 -12.83
C PHE B 816 -60.62 -34.19 -12.75
N ARG B 817 -59.85 -34.84 -11.88
CA ARG B 817 -59.92 -36.29 -11.78
C ARG B 817 -61.31 -36.75 -11.32
N LEU B 818 -62.03 -35.91 -10.58
CA LEU B 818 -63.31 -36.32 -10.03
C LEU B 818 -64.29 -36.70 -11.15
N HIS B 819 -64.31 -35.93 -12.23
CA HIS B 819 -65.21 -36.19 -13.35
C HIS B 819 -64.64 -37.36 -14.15
N SER B 820 -64.99 -38.57 -13.72
CA SER B 820 -64.48 -39.78 -14.35
C SER B 820 -65.23 -40.15 -15.62
N SER B 821 -66.35 -39.48 -15.92
CA SER B 821 -67.11 -39.82 -17.12
C SER B 821 -66.29 -39.55 -18.37
N ASN B 822 -65.52 -38.46 -18.39
CA ASN B 822 -64.76 -38.04 -19.56
C ASN B 822 -63.32 -38.56 -19.44
N LYS B 823 -62.89 -39.28 -20.47
CA LYS B 823 -61.49 -39.74 -20.52
C LYS B 823 -60.53 -38.56 -20.59
N SER B 824 -60.89 -37.54 -21.37
CA SER B 824 -60.02 -36.36 -21.50
C SER B 824 -59.86 -35.67 -20.16
N SER B 825 -60.91 -35.65 -19.33
CA SER B 825 -60.79 -35.06 -18.01
C SER B 825 -59.78 -35.82 -17.16
N LEU B 826 -59.81 -37.16 -17.22
CA LEU B 826 -58.84 -37.97 -16.50
C LEU B 826 -57.41 -37.66 -16.96
N TYR B 827 -57.21 -37.59 -18.28
CA TYR B 827 -55.89 -37.29 -18.81
C TYR B 827 -55.41 -35.91 -18.37
N SER B 828 -56.30 -34.92 -18.41
CA SER B 828 -55.92 -33.57 -18.00
C SER B 828 -55.58 -33.52 -16.52
N GLY B 829 -56.33 -34.24 -15.70
CA GLY B 829 -56.00 -34.31 -14.29
C GLY B 829 -54.63 -34.92 -14.05
N ARG B 830 -54.31 -35.99 -14.78
CA ARG B 830 -52.99 -36.59 -14.68
C ARG B 830 -51.90 -35.58 -15.05
N VAL B 831 -52.10 -34.84 -16.14
CA VAL B 831 -51.11 -33.86 -16.59
C VAL B 831 -50.89 -32.79 -15.52
N ILE B 832 -52.00 -32.24 -15.00
CA ILE B 832 -51.91 -31.20 -13.98
C ILE B 832 -51.21 -31.75 -12.73
N PHE B 833 -51.48 -33.01 -12.39
CA PHE B 833 -50.81 -33.61 -11.25
C PHE B 833 -49.30 -33.71 -11.47
N CYS B 834 -48.89 -34.03 -12.69
CA CYS B 834 -47.46 -34.06 -12.99
C CYS B 834 -46.83 -32.68 -12.77
N LEU B 835 -47.49 -31.64 -13.26
CA LEU B 835 -46.95 -30.30 -13.04
C LEU B 835 -46.89 -29.96 -11.55
N ASP B 836 -47.93 -30.32 -10.81
CA ASP B 836 -47.93 -30.09 -9.37
C ASP B 836 -46.75 -30.81 -8.71
N TYR B 837 -46.47 -32.03 -9.15
CA TYR B 837 -45.36 -32.78 -8.58
C TYR B 837 -44.03 -32.07 -8.82
N ILE B 838 -43.82 -31.57 -10.04
CA ILE B 838 -42.53 -30.92 -10.30
C ILE B 838 -42.42 -29.64 -9.49
N ILE B 839 -43.52 -28.92 -9.29
CA ILE B 839 -43.47 -27.72 -8.45
C ILE B 839 -43.13 -28.09 -7.01
N PHE B 840 -43.72 -29.18 -6.51
CA PHE B 840 -43.39 -29.62 -5.16
C PHE B 840 -41.93 -30.02 -5.05
N THR B 841 -41.36 -30.60 -6.11
CA THR B 841 -39.92 -30.87 -6.10
C THR B 841 -39.13 -29.57 -5.99
N LEU B 842 -39.56 -28.53 -6.70
CA LEU B 842 -38.90 -27.24 -6.56
C LEU B 842 -38.95 -26.76 -5.12
N ARG B 843 -40.08 -26.96 -4.45
CA ARG B 843 -40.18 -26.62 -3.02
C ARG B 843 -39.16 -27.40 -2.19
N LEU B 844 -39.05 -28.70 -2.45
CA LEU B 844 -38.05 -29.51 -1.75
C LEU B 844 -36.66 -28.95 -1.97
N ILE B 845 -36.34 -28.56 -3.22
CA ILE B 845 -35.05 -27.95 -3.50
C ILE B 845 -34.88 -26.69 -2.66
N HIS B 846 -35.93 -25.89 -2.57
CA HIS B 846 -35.86 -24.68 -1.75
C HIS B 846 -35.43 -25.00 -0.33
N ILE B 847 -35.87 -26.16 0.19
CA ILE B 847 -35.50 -26.51 1.57
C ILE B 847 -33.98 -26.60 1.71
N PHE B 848 -33.30 -27.26 0.76
CA PHE B 848 -31.91 -27.64 0.93
C PHE B 848 -30.96 -26.47 1.26
N THR B 849 -31.44 -25.23 1.13
CA THR B 849 -30.56 -24.09 1.31
C THR B 849 -29.97 -24.00 2.71
N VAL B 850 -30.54 -24.71 3.69
CA VAL B 850 -30.05 -24.62 5.07
C VAL B 850 -28.58 -25.01 5.14
N SER B 851 -28.23 -26.16 4.55
CA SER B 851 -26.90 -26.71 4.74
C SER B 851 -25.85 -25.76 4.21
N ARG B 852 -24.80 -25.56 5.02
CA ARG B 852 -23.68 -24.72 4.61
C ARG B 852 -22.90 -25.32 3.46
N ASN B 853 -22.97 -26.65 3.30
CA ASN B 853 -22.17 -27.31 2.27
C ASN B 853 -22.59 -26.89 0.87
N LEU B 854 -23.91 -26.83 0.61
CA LEU B 854 -24.42 -26.67 -0.75
C LEU B 854 -25.28 -25.43 -0.96
N GLY B 855 -25.67 -24.71 0.10
CA GLY B 855 -26.52 -23.56 -0.06
C GLY B 855 -25.94 -22.51 -0.98
N PRO B 856 -24.65 -22.18 -0.79
CA PRO B 856 -23.99 -21.27 -1.72
C PRO B 856 -24.04 -21.77 -3.16
N LYS B 857 -23.98 -23.08 -3.36
CA LYS B 857 -24.07 -23.62 -4.71
C LYS B 857 -25.44 -23.33 -5.32
N ILE B 858 -26.50 -23.50 -4.55
CA ILE B 858 -27.85 -23.18 -5.04
C ILE B 858 -27.95 -21.69 -5.36
N ILE B 859 -27.40 -20.85 -4.49
CA ILE B 859 -27.40 -19.41 -4.76
C ILE B 859 -26.70 -19.12 -6.07
N MET B 860 -25.54 -19.75 -6.29
CA MET B 860 -24.76 -19.50 -7.50
C MET B 860 -25.53 -19.96 -8.74
N LEU B 861 -26.19 -21.11 -8.66
CA LEU B 861 -26.99 -21.57 -9.79
C LEU B 861 -28.11 -20.58 -10.10
N GLN B 862 -28.79 -20.10 -9.07
CA GLN B 862 -29.84 -19.10 -9.30
C GLN B 862 -29.26 -17.86 -9.97
N ARG B 863 -28.08 -17.43 -9.53
CA ARG B 863 -27.46 -16.24 -10.13
C ARG B 863 -27.11 -16.47 -11.59
N MET B 864 -26.57 -17.64 -11.91
CA MET B 864 -26.09 -17.93 -13.27
C MET B 864 -27.23 -18.18 -14.26
N LEU B 865 -28.40 -18.57 -13.77
CA LEU B 865 -29.49 -18.93 -14.67
C LEU B 865 -29.86 -17.77 -15.59
N ILE B 866 -29.90 -16.54 -15.06
CA ILE B 866 -30.35 -15.39 -15.84
C ILE B 866 -29.39 -15.16 -17.02
N ASP B 867 -28.09 -15.11 -16.74
CA ASP B 867 -27.12 -14.85 -17.79
C ASP B 867 -27.10 -15.97 -18.81
N VAL B 868 -27.18 -17.22 -18.37
CA VAL B 868 -27.19 -18.32 -19.33
C VAL B 868 -28.44 -18.24 -20.19
N PHE B 869 -29.57 -17.81 -19.61
CA PHE B 869 -30.78 -17.63 -20.41
C PHE B 869 -30.56 -16.62 -21.53
N PHE B 870 -29.94 -15.48 -21.21
CA PHE B 870 -29.70 -14.49 -22.25
C PHE B 870 -28.76 -15.03 -23.34
N PHE B 871 -27.69 -15.72 -22.93
CA PHE B 871 -26.79 -16.31 -23.91
C PHE B 871 -27.52 -17.28 -24.83
N LEU B 872 -28.32 -18.17 -24.24
CA LEU B 872 -29.06 -19.13 -25.04
C LEU B 872 -30.09 -18.45 -25.93
N PHE B 873 -30.62 -17.30 -25.52
CA PHE B 873 -31.55 -16.58 -26.38
C PHE B 873 -30.87 -16.05 -27.63
N LEU B 874 -29.68 -15.44 -27.46
CA LEU B 874 -28.92 -15.02 -28.64
C LEU B 874 -28.61 -16.22 -29.54
N PHE B 875 -28.19 -17.32 -28.92
CA PHE B 875 -27.95 -18.55 -29.68
C PHE B 875 -29.18 -18.94 -30.47
N ALA B 876 -30.35 -18.91 -29.83
CA ALA B 876 -31.58 -19.35 -30.47
C ALA B 876 -31.90 -18.49 -31.68
N VAL B 877 -31.77 -17.17 -31.55
CA VAL B 877 -32.16 -16.31 -32.67
C VAL B 877 -31.24 -16.53 -33.86
N TRP B 878 -29.92 -16.56 -33.62
CA TRP B 878 -29.04 -16.65 -34.79
C TRP B 878 -29.08 -18.06 -35.39
N MET B 879 -29.32 -19.08 -34.55
CA MET B 879 -29.49 -20.43 -35.08
C MET B 879 -30.78 -20.54 -35.88
N VAL B 880 -31.84 -19.85 -35.44
CA VAL B 880 -33.08 -19.83 -36.20
C VAL B 880 -32.85 -19.21 -37.57
N ALA B 881 -32.08 -18.11 -37.61
CA ALA B 881 -31.80 -17.48 -38.89
C ALA B 881 -31.04 -18.43 -39.81
N PHE B 882 -30.01 -19.09 -39.28
CA PHE B 882 -29.28 -20.07 -40.10
C PHE B 882 -30.21 -21.16 -40.60
N GLY B 883 -31.06 -21.68 -39.72
CA GLY B 883 -31.95 -22.76 -40.12
C GLY B 883 -32.96 -22.35 -41.17
N VAL B 884 -33.52 -21.14 -41.04
CA VAL B 884 -34.49 -20.68 -42.03
C VAL B 884 -33.81 -20.46 -43.37
N ALA B 885 -32.59 -19.93 -43.37
CA ALA B 885 -31.86 -19.79 -44.63
C ALA B 885 -31.63 -21.15 -45.28
N ARG B 886 -31.21 -22.13 -44.47
CA ARG B 886 -30.95 -23.47 -44.99
C ARG B 886 -32.23 -24.08 -45.56
N GLN B 887 -33.34 -23.97 -44.84
CA GLN B 887 -34.60 -24.52 -45.33
C GLN B 887 -35.04 -23.82 -46.60
N GLY B 888 -34.91 -22.50 -46.65
CA GLY B 888 -35.30 -21.77 -47.85
C GLY B 888 -34.52 -22.23 -49.07
N ILE B 889 -33.21 -22.39 -48.92
CA ILE B 889 -32.41 -22.81 -50.07
C ILE B 889 -32.73 -24.26 -50.44
N LEU B 890 -32.96 -25.11 -49.43
CA LEU B 890 -33.04 -26.55 -49.69
C LEU B 890 -34.34 -26.93 -50.39
N ARG B 891 -35.47 -26.40 -49.93
CA ARG B 891 -36.78 -26.81 -50.42
C ARG B 891 -37.61 -25.58 -50.76
N GLN B 892 -38.74 -25.83 -51.44
CA GLN B 892 -39.61 -24.77 -51.95
C GLN B 892 -41.05 -25.01 -51.54
N ASN B 893 -41.67 -23.96 -50.98
CA ASN B 893 -43.12 -23.89 -50.80
C ASN B 893 -43.69 -25.13 -50.10
N GLU B 894 -43.28 -25.29 -48.85
CA GLU B 894 -43.90 -26.27 -47.97
C GLU B 894 -45.19 -25.67 -47.40
N GLN B 895 -46.32 -26.29 -47.70
CA GLN B 895 -47.63 -25.72 -47.39
C GLN B 895 -48.21 -26.21 -46.08
N ARG B 896 -47.49 -27.02 -45.32
CA ARG B 896 -47.97 -27.53 -44.03
C ARG B 896 -47.38 -26.65 -42.93
N TRP B 897 -48.21 -25.76 -42.38
CA TRP B 897 -47.72 -24.80 -41.39
C TRP B 897 -47.19 -25.50 -40.14
N ARG B 898 -47.95 -26.47 -39.61
CA ARG B 898 -47.46 -27.24 -38.48
C ARG B 898 -46.15 -27.95 -38.82
N TRP B 899 -46.15 -28.70 -39.92
CA TRP B 899 -44.98 -29.47 -40.32
C TRP B 899 -43.78 -28.56 -40.56
N ILE B 900 -44.00 -27.45 -41.27
CA ILE B 900 -42.88 -26.59 -41.63
C ILE B 900 -42.34 -25.88 -40.40
N PHE B 901 -43.23 -25.42 -39.51
CA PHE B 901 -42.75 -24.81 -38.28
C PHE B 901 -41.85 -25.77 -37.52
N ARG B 902 -42.33 -27.01 -37.32
CA ARG B 902 -41.50 -27.97 -36.58
C ARG B 902 -40.19 -28.25 -37.31
N SER B 903 -40.24 -28.40 -38.63
CA SER B 903 -39.04 -28.72 -39.39
C SER B 903 -38.00 -27.61 -39.25
N VAL B 904 -38.42 -26.36 -39.48
CA VAL B 904 -37.47 -25.25 -39.41
C VAL B 904 -36.91 -25.13 -38.00
N ILE B 905 -37.77 -25.27 -36.98
CA ILE B 905 -37.31 -25.12 -35.61
C ILE B 905 -36.31 -26.22 -35.26
N TYR B 906 -36.54 -27.44 -35.74
CA TYR B 906 -35.79 -28.59 -35.25
C TYR B 906 -34.53 -28.90 -36.05
N GLU B 907 -34.59 -28.79 -37.38
CA GLU B 907 -33.51 -29.35 -38.21
C GLU B 907 -32.14 -28.73 -37.93
N PRO B 908 -31.97 -27.40 -37.85
CA PRO B 908 -30.60 -26.88 -37.83
C PRO B 908 -29.75 -27.41 -36.69
N TYR B 909 -30.34 -27.58 -35.50
CA TYR B 909 -29.56 -28.06 -34.37
C TYR B 909 -28.99 -29.45 -34.64
N LEU B 910 -29.82 -30.35 -35.17
CA LEU B 910 -29.33 -31.68 -35.51
C LEU B 910 -28.33 -31.63 -36.66
N ALA B 911 -28.60 -30.81 -37.67
CA ALA B 911 -27.71 -30.72 -38.82
C ALA B 911 -26.32 -30.25 -38.42
N MET B 912 -26.24 -29.37 -37.41
CA MET B 912 -24.94 -28.87 -36.98
C MET B 912 -24.06 -29.99 -36.47
N PHE B 913 -24.48 -30.65 -35.38
CA PHE B 913 -23.65 -31.62 -34.69
C PHE B 913 -24.29 -32.99 -34.57
N GLY B 914 -25.61 -33.05 -34.37
CA GLY B 914 -26.24 -34.34 -34.11
C GLY B 914 -26.10 -35.32 -35.28
N GLN B 915 -26.37 -34.84 -36.49
CA GLN B 915 -26.32 -35.69 -37.66
C GLN B 915 -26.20 -34.81 -38.90
N VAL B 916 -25.93 -35.45 -40.04
CA VAL B 916 -25.78 -34.74 -41.31
C VAL B 916 -26.61 -35.44 -42.37
N PRO B 917 -27.94 -35.51 -42.23
CA PRO B 917 -28.74 -36.11 -43.30
C PRO B 917 -28.63 -35.38 -44.63
N SER B 918 -28.50 -34.05 -44.60
CA SER B 918 -28.36 -33.29 -45.83
C SER B 918 -27.04 -33.58 -46.52
N ASP B 919 -25.96 -33.66 -45.76
CA ASP B 919 -24.64 -33.92 -46.34
C ASP B 919 -24.58 -35.29 -46.99
N PHE B 952 -28.86 -27.78 -59.98
CA PHE B 952 -28.42 -28.49 -58.79
C PHE B 952 -27.18 -29.33 -59.09
N PRO B 953 -26.03 -28.68 -59.29
CA PRO B 953 -24.79 -29.42 -59.55
C PRO B 953 -24.24 -30.03 -58.25
N GLU B 954 -23.85 -31.29 -58.32
CA GLU B 954 -23.31 -31.97 -57.15
C GLU B 954 -22.00 -31.32 -56.70
N TRP B 955 -21.13 -30.97 -57.65
CA TRP B 955 -19.80 -30.47 -57.28
C TRP B 955 -19.88 -29.15 -56.53
N ILE B 956 -20.76 -28.25 -56.94
CA ILE B 956 -20.86 -26.94 -56.31
C ILE B 956 -21.78 -26.93 -55.09
N THR B 957 -22.52 -28.02 -54.85
CA THR B 957 -23.46 -28.04 -53.74
C THR B 957 -22.77 -28.32 -52.41
N ILE B 958 -21.89 -29.32 -52.37
CA ILE B 958 -21.30 -29.75 -51.09
C ILE B 958 -20.52 -28.62 -50.42
N PRO B 959 -19.73 -27.81 -51.11
CA PRO B 959 -18.93 -26.80 -50.37
C PRO B 959 -19.79 -25.83 -49.57
N LEU B 960 -20.97 -25.48 -50.07
CA LEU B 960 -21.83 -24.54 -49.34
C LEU B 960 -22.37 -25.17 -48.06
N VAL B 961 -22.76 -26.44 -48.11
CA VAL B 961 -23.19 -27.13 -46.90
C VAL B 961 -22.03 -27.23 -45.92
N CYS B 962 -20.82 -27.51 -46.43
CA CYS B 962 -19.66 -27.61 -45.57
C CYS B 962 -19.38 -26.28 -44.87
N ILE B 963 -19.44 -25.18 -45.61
CA ILE B 963 -19.16 -23.87 -44.99
C ILE B 963 -20.27 -23.51 -44.00
N TYR B 964 -21.52 -23.90 -44.29
CA TYR B 964 -22.58 -23.69 -43.31
C TYR B 964 -22.27 -24.43 -42.01
N MET B 965 -21.88 -25.70 -42.11
CA MET B 965 -21.57 -26.48 -40.91
C MET B 965 -20.39 -25.86 -40.16
N LEU B 966 -19.35 -25.43 -40.90
CA LEU B 966 -18.19 -24.83 -40.26
C LEU B 966 -18.58 -23.56 -39.51
N SER B 967 -19.39 -22.71 -40.14
CA SER B 967 -19.83 -21.47 -39.49
C SER B 967 -20.63 -21.77 -38.24
N THR B 968 -21.56 -22.72 -38.32
CA THR B 968 -22.37 -23.06 -37.15
C THR B 968 -21.48 -23.56 -36.01
N ASN B 969 -20.53 -24.44 -36.32
CA ASN B 969 -19.67 -24.98 -35.27
C ASN B 969 -18.81 -23.91 -34.63
N ILE B 970 -18.21 -23.03 -35.46
CA ILE B 970 -17.34 -22.00 -34.90
C ILE B 970 -18.14 -21.05 -34.03
N LEU B 971 -19.34 -20.65 -34.49
CA LEU B 971 -20.17 -19.77 -33.67
C LEU B 971 -20.57 -20.44 -32.36
N LEU B 972 -20.91 -21.73 -32.41
CA LEU B 972 -21.30 -22.43 -31.19
C LEU B 972 -20.16 -22.48 -30.18
N VAL B 973 -18.95 -22.82 -30.65
CA VAL B 973 -17.83 -22.90 -29.72
C VAL B 973 -17.49 -21.52 -29.19
N ASN B 974 -17.63 -20.48 -30.03
CA ASN B 974 -17.45 -19.11 -29.57
C ASN B 974 -18.42 -18.80 -28.42
N LEU B 975 -19.69 -19.16 -28.60
CA LEU B 975 -20.68 -18.92 -27.56
C LEU B 975 -20.31 -19.64 -26.27
N LEU B 976 -19.93 -20.91 -26.38
CA LEU B 976 -19.62 -21.68 -25.18
C LEU B 976 -18.43 -21.08 -24.43
N VAL B 977 -17.37 -20.73 -25.16
CA VAL B 977 -16.20 -20.16 -24.50
C VAL B 977 -16.52 -18.80 -23.90
N ALA B 978 -17.32 -17.99 -24.58
CA ALA B 978 -17.69 -16.69 -24.04
C ALA B 978 -18.48 -16.84 -22.75
N MET B 979 -19.41 -17.80 -22.71
CA MET B 979 -20.21 -18.01 -21.51
C MET B 979 -19.33 -18.50 -20.35
N PHE B 980 -18.46 -19.47 -20.62
CA PHE B 980 -17.58 -19.98 -19.57
C PHE B 980 -16.57 -18.93 -19.12
N GLY B 981 -16.29 -17.95 -19.98
CA GLY B 981 -15.50 -16.82 -19.53
C GLY B 981 -16.30 -15.87 -18.65
N TYR B 982 -17.52 -15.56 -19.06
CA TYR B 982 -18.35 -14.62 -18.31
C TYR B 982 -18.65 -15.13 -16.91
N THR B 983 -18.75 -16.45 -16.74
CA THR B 983 -19.14 -16.97 -15.43
C THR B 983 -18.10 -16.65 -14.35
N VAL B 984 -16.83 -16.51 -14.72
CA VAL B 984 -15.78 -16.32 -13.71
C VAL B 984 -15.97 -14.99 -12.99
N GLY B 985 -16.41 -13.96 -13.72
CA GLY B 985 -16.65 -12.67 -13.08
C GLY B 985 -17.70 -12.76 -11.99
N ILE B 986 -18.78 -13.49 -12.25
CA ILE B 986 -19.79 -13.72 -11.21
C ILE B 986 -19.20 -14.51 -10.07
N VAL B 987 -18.39 -15.53 -10.38
CA VAL B 987 -17.82 -16.37 -9.33
C VAL B 987 -16.95 -15.53 -8.39
N GLN B 988 -16.25 -14.55 -8.95
CA GLN B 988 -15.29 -13.77 -8.15
C GLN B 988 -15.93 -13.24 -6.88
N GLU B 989 -17.17 -12.75 -6.97
CA GLU B 989 -17.86 -12.24 -5.80
C GLU B 989 -18.15 -13.38 -4.82
N ASN B 990 -17.92 -13.11 -3.53
CA ASN B 990 -18.17 -14.10 -2.50
C ASN B 990 -19.67 -14.30 -2.30
N ASN B 991 -20.03 -15.51 -1.86
CA ASN B 991 -21.42 -15.88 -1.65
C ASN B 991 -21.77 -16.16 -0.19
N ASP B 992 -20.78 -16.37 0.68
CA ASP B 992 -21.07 -16.62 2.09
C ASP B 992 -21.84 -15.46 2.69
N GLN B 993 -21.50 -14.24 2.31
CA GLN B 993 -22.23 -13.05 2.76
C GLN B 993 -23.71 -13.14 2.38
N VAL B 994 -23.99 -13.41 1.10
CA VAL B 994 -25.37 -13.55 0.65
C VAL B 994 -26.03 -14.77 1.30
N TRP B 995 -25.25 -15.83 1.52
CA TRP B 995 -25.80 -17.01 2.17
C TRP B 995 -26.28 -16.69 3.58
N LYS B 996 -25.51 -15.91 4.33
CA LYS B 996 -25.94 -15.52 5.67
C LYS B 996 -27.15 -14.58 5.60
N PHE B 997 -27.17 -13.66 4.64
CA PHE B 997 -28.31 -12.77 4.52
C PHE B 997 -29.59 -13.55 4.27
N GLN B 998 -29.52 -14.58 3.42
CA GLN B 998 -30.67 -15.45 3.20
C GLN B 998 -30.95 -16.32 4.41
N ARG B 999 -29.90 -16.75 5.11
CA ARG B 999 -30.06 -17.55 6.32
C ARG B 999 -30.88 -16.81 7.36
N TYR B 1000 -30.82 -15.48 7.36
CA TYR B 1000 -31.66 -14.73 8.30
C TYR B 1000 -33.13 -15.04 8.07
N PHE B 1001 -33.60 -14.89 6.83
CA PHE B 1001 -34.99 -15.22 6.52
C PHE B 1001 -35.28 -16.68 6.82
N LEU B 1002 -34.33 -17.55 6.47
CA LEU B 1002 -34.52 -18.97 6.64
C LEU B 1002 -34.74 -19.33 8.10
N VAL B 1003 -33.94 -18.74 8.99
CA VAL B 1003 -34.09 -18.99 10.42
C VAL B 1003 -35.37 -18.38 10.95
N GLN B 1004 -35.71 -17.16 10.50
CA GLN B 1004 -36.91 -16.51 10.99
C GLN B 1004 -38.15 -17.32 10.65
N GLU B 1005 -38.18 -17.89 9.44
CA GLU B 1005 -39.37 -18.62 9.00
C GLU B 1005 -39.70 -19.76 9.96
N TYR B 1006 -38.70 -20.51 10.39
CA TYR B 1006 -38.92 -21.60 11.33
C TYR B 1006 -39.02 -21.13 12.78
N CYS B 1007 -38.44 -19.97 13.11
CA CYS B 1007 -38.49 -19.49 14.48
C CYS B 1007 -39.88 -18.96 14.83
N ASN B 1008 -40.50 -18.20 13.92
CA ASN B 1008 -41.81 -17.65 14.21
C ASN B 1008 -42.89 -18.71 14.26
N ARG B 1009 -42.67 -19.86 13.64
CA ARG B 1009 -43.65 -20.93 13.61
C ARG B 1009 -43.71 -21.65 14.95
N LEU B 1010 -44.86 -22.29 15.19
CA LEU B 1010 -44.99 -23.18 16.34
C LEU B 1010 -44.04 -24.36 16.18
N ASN B 1011 -43.33 -24.69 17.26
CA ASN B 1011 -42.32 -25.74 17.22
C ASN B 1011 -43.00 -27.11 17.42
N ILE B 1012 -43.72 -27.51 16.38
CA ILE B 1012 -44.42 -28.80 16.36
C ILE B 1012 -43.98 -29.54 15.11
N PRO B 1013 -43.83 -30.87 15.15
CA PRO B 1013 -43.53 -31.60 13.93
C PRO B 1013 -44.60 -31.35 12.87
N PHE B 1014 -44.16 -31.24 11.62
CA PHE B 1014 -45.09 -30.90 10.55
C PHE B 1014 -46.26 -31.86 10.44
N PRO B 1015 -46.08 -33.19 10.54
CA PRO B 1015 -47.24 -34.08 10.36
C PRO B 1015 -48.37 -33.79 11.32
N PHE B 1016 -48.07 -33.39 12.55
CA PHE B 1016 -49.08 -33.17 13.58
C PHE B 1016 -49.29 -31.70 13.89
N VAL B 1017 -48.91 -30.80 12.97
CA VAL B 1017 -49.08 -29.38 13.23
C VAL B 1017 -50.53 -28.94 13.11
N VAL B 1018 -51.36 -29.68 12.38
CA VAL B 1018 -52.77 -29.32 12.24
C VAL B 1018 -53.48 -29.40 13.58
N PHE B 1019 -53.09 -30.37 14.42
CA PHE B 1019 -53.71 -30.49 15.73
C PHE B 1019 -53.50 -29.23 16.56
N ALA B 1020 -52.31 -28.63 16.47
CA ALA B 1020 -52.04 -27.39 17.18
C ALA B 1020 -52.68 -26.19 16.48
N TYR B 1021 -52.73 -26.22 15.15
CA TYR B 1021 -53.42 -25.16 14.43
C TYR B 1021 -54.89 -25.10 14.82
N PHE B 1022 -55.47 -26.24 15.18
CA PHE B 1022 -56.84 -26.25 15.69
C PHE B 1022 -56.96 -25.36 16.93
N TYR B 1023 -55.98 -25.43 17.83
CA TYR B 1023 -55.95 -24.53 18.97
C TYR B 1023 -55.70 -23.09 18.53
N MET B 1024 -54.85 -22.90 17.51
CA MET B 1024 -54.61 -21.56 17.01
C MET B 1024 -55.90 -20.89 16.57
N VAL B 1025 -56.78 -21.65 15.91
CA VAL B 1025 -58.02 -21.06 15.40
C VAL B 1025 -58.87 -20.52 16.54
N VAL B 1026 -59.00 -21.28 17.62
CA VAL B 1026 -59.85 -20.86 18.74
C VAL B 1026 -59.09 -19.85 19.60
N ASP B 1050 -35.87 -1.92 29.38
CA ASP B 1050 -35.38 -1.34 28.15
C ASP B 1050 -34.51 -0.11 28.43
N ASN B 1051 -34.85 0.61 29.50
CA ASN B 1051 -34.09 1.80 29.85
C ASN B 1051 -32.63 1.45 30.15
N GLU B 1052 -32.41 0.36 30.88
CA GLU B 1052 -31.05 -0.03 31.22
C GLU B 1052 -30.23 -0.35 29.97
N THR B 1053 -30.85 -1.05 29.01
CA THR B 1053 -30.13 -1.38 27.78
C THR B 1053 -29.74 -0.13 27.02
N LEU B 1054 -30.66 0.83 26.90
CA LEU B 1054 -30.34 2.08 26.23
C LEU B 1054 -29.28 2.87 27.00
N ALA B 1055 -29.37 2.89 28.32
CA ALA B 1055 -28.34 3.55 29.12
C ALA B 1055 -26.99 2.88 28.90
N TRP B 1056 -26.96 1.56 28.88
CA TRP B 1056 -25.72 0.85 28.57
C TRP B 1056 -25.28 1.12 27.14
N GLU B 1057 -26.25 1.26 26.23
CA GLU B 1057 -25.91 1.61 24.85
C GLU B 1057 -25.20 2.96 24.79
N GLY B 1058 -25.70 3.94 25.54
CA GLY B 1058 -25.05 5.24 25.56
C GLY B 1058 -23.62 5.17 26.06
N VAL B 1059 -23.39 4.40 27.13
CA VAL B 1059 -22.05 4.30 27.70
C VAL B 1059 -21.09 3.72 26.66
N MET B 1060 -21.51 2.65 25.98
CA MET B 1060 -20.68 2.06 24.95
C MET B 1060 -20.43 3.04 23.81
N LYS B 1061 -21.43 3.86 23.49
CA LYS B 1061 -21.24 4.89 22.46
C LYS B 1061 -20.13 5.86 22.86
N GLU B 1062 -20.13 6.30 24.12
CA GLU B 1062 -19.11 7.24 24.57
C GLU B 1062 -17.72 6.63 24.42
N ASN B 1063 -17.57 5.36 24.79
CA ASN B 1063 -16.30 4.68 24.57
C ASN B 1063 -15.95 4.63 23.10
N TYR B 1064 -16.95 4.36 22.24
CA TYR B 1064 -16.70 4.35 20.81
C TYR B 1064 -16.28 5.72 20.31
N LEU B 1065 -16.94 6.78 20.79
CA LEU B 1065 -16.58 8.12 20.36
C LEU B 1065 -15.15 8.46 20.76
N VAL B 1066 -14.73 8.05 21.95
CA VAL B 1066 -13.35 8.29 22.38
C VAL B 1066 -12.38 7.55 21.46
N LYS B 1067 -12.70 6.30 21.12
CA LYS B 1067 -11.78 5.51 20.30
C LYS B 1067 -11.61 6.11 18.91
N ILE B 1068 -12.69 6.59 18.31
CA ILE B 1068 -12.59 7.17 16.98
C ILE B 1068 -11.80 8.48 17.02
N ASN B 1069 -11.98 9.28 18.07
CA ASN B 1069 -11.32 10.57 18.16
C ASN B 1069 -9.83 10.45 18.44
N THR B 1070 -9.37 9.31 18.98
CA THR B 1070 -7.96 9.17 19.33
C THR B 1070 -7.06 9.17 18.10
N LYS B 1071 -7.60 8.91 16.91
CA LYS B 1071 -6.77 8.85 15.72
C LYS B 1071 -6.07 10.19 15.46
N ALA B 1072 -6.79 11.29 15.68
CA ALA B 1072 -6.20 12.61 15.43
C ALA B 1072 -5.01 12.86 16.36
N ASN B 1073 -5.12 12.44 17.62
CA ASN B 1073 -4.04 12.69 18.58
C ASN B 1073 -2.76 11.96 18.21
N ASP B 1074 -2.81 10.97 17.33
CA ASP B 1074 -1.61 10.23 16.96
C ASP B 1074 -0.59 11.11 16.25
N ASN B 1075 -1.02 12.25 15.71
CA ASN B 1075 -0.10 13.12 14.98
C ASN B 1075 0.90 13.78 15.92
N SER B 1076 1.99 14.27 15.34
CA SER B 1076 3.03 14.97 16.08
C SER B 1076 2.79 16.46 16.19
N GLU B 1077 1.63 16.94 15.73
CA GLU B 1077 1.30 18.36 15.90
C GLU B 1077 1.33 18.76 17.37
N GLU B 1078 0.98 17.84 18.26
CA GLU B 1078 1.10 18.13 19.69
C GLU B 1078 2.55 18.36 20.07
N MET B 1079 3.46 17.56 19.52
CA MET B 1079 4.88 17.77 19.79
C MET B 1079 5.35 19.10 19.23
N ARG B 1080 4.86 19.48 18.04
CA ARG B 1080 5.21 20.79 17.49
C ARG B 1080 4.71 21.92 18.38
N HIS B 1081 3.49 21.78 18.92
CA HIS B 1081 2.96 22.79 19.84
C HIS B 1081 3.79 22.85 21.11
N ARG B 1082 4.24 21.70 21.61
CA ARG B 1082 5.12 21.70 22.78
C ARG B 1082 6.43 22.41 22.47
N PHE B 1083 6.98 22.18 21.27
CA PHE B 1083 8.19 22.88 20.86
C PHE B 1083 7.96 24.39 20.83
N ARG B 1084 6.82 24.82 20.30
CA ARG B 1084 6.53 26.25 20.27
C ARG B 1084 6.33 26.81 21.67
N GLN B 1085 5.78 26.02 22.59
CA GLN B 1085 5.69 26.45 23.99
C GLN B 1085 7.08 26.61 24.61
N LEU B 1086 7.99 25.68 24.30
CA LEU B 1086 9.36 25.83 24.75
C LEU B 1086 9.99 27.11 24.20
N ASP B 1087 9.75 27.39 22.92
CA ASP B 1087 10.25 28.62 22.32
C ASP B 1087 9.62 29.85 22.99
N SER B 1088 8.36 29.75 23.41
CA SER B 1088 7.74 30.85 24.14
C SER B 1088 8.43 31.04 25.49
N LYS B 1089 8.84 29.95 26.13
CA LYS B 1089 9.63 30.07 27.35
C LYS B 1089 10.95 30.77 27.07
N LEU B 1090 11.59 30.44 25.94
CA LEU B 1090 12.81 31.15 25.55
C LEU B 1090 12.54 32.63 25.36
N ASN B 1091 11.40 32.96 24.75
CA ASN B 1091 11.02 34.36 24.59
C ASN B 1091 10.80 35.05 25.93
N ASP B 1092 10.25 34.31 26.90
CA ASP B 1092 10.10 34.85 28.25
C ASP B 1092 11.46 35.16 28.85
N LEU B 1093 12.43 34.26 28.66
CA LEU B 1093 13.79 34.56 29.09
C LEU B 1093 14.31 35.82 28.41
N LYS B 1094 14.04 35.95 27.11
CA LYS B 1094 14.50 37.13 26.38
C LYS B 1094 13.89 38.40 26.97
N SER B 1095 12.61 38.36 27.32
CA SER B 1095 11.96 39.53 27.91
C SER B 1095 12.55 39.86 29.28
N LEU B 1096 12.74 38.85 30.12
CA LEU B 1096 13.39 39.06 31.41
C LEU B 1096 14.75 39.72 31.22
N LEU B 1097 15.50 39.24 30.24
CA LEU B 1097 16.84 39.76 30.00
C LEU B 1097 16.81 41.19 29.49
N LYS B 1098 15.89 41.50 28.58
CA LYS B 1098 15.75 42.88 28.14
C LYS B 1098 15.41 43.78 29.32
N GLU B 1099 14.59 43.29 30.24
CA GLU B 1099 14.25 44.06 31.43
C GLU B 1099 15.49 44.35 32.26
N ILE B 1100 16.31 43.32 32.54
CA ILE B 1100 17.49 43.55 33.36
C ILE B 1100 18.48 44.45 32.64
N ALA B 1101 18.59 44.31 31.31
CA ALA B 1101 19.48 45.17 30.54
C ALA B 1101 19.04 46.62 30.62
N ASN B 1102 17.73 46.87 30.51
CA ASN B 1102 17.23 48.23 30.68
C ASN B 1102 17.50 48.75 32.09
N ASN B 1103 17.33 47.89 33.10
CA ASN B 1103 17.53 48.32 34.48
C ASN B 1103 18.98 48.72 34.73
N ILE B 1104 19.93 47.86 34.32
CA ILE B 1104 21.33 48.14 34.59
C ILE B 1104 21.78 49.39 33.86
N LYS B 1105 21.37 49.54 32.60
CA LYS B 1105 21.74 50.70 31.80
C LYS B 1105 20.87 51.91 32.15
N ASP C 41 55.52 -32.17 36.24
CA ASP C 41 55.60 -31.16 35.20
C ASP C 41 54.91 -29.88 35.65
N LEU C 42 53.58 -29.86 35.54
CA LEU C 42 52.82 -28.67 35.94
C LEU C 42 52.98 -28.39 37.42
N VAL C 43 52.92 -29.44 38.26
CA VAL C 43 53.04 -29.24 39.69
C VAL C 43 54.42 -28.68 40.05
N ASN C 44 55.47 -29.24 39.45
CA ASN C 44 56.82 -28.76 39.71
C ASN C 44 56.98 -27.31 39.25
N PHE C 45 56.42 -26.98 38.08
CA PHE C 45 56.51 -25.61 37.58
C PHE C 45 55.79 -24.64 38.52
N ILE C 46 54.62 -25.03 39.01
CA ILE C 46 53.87 -24.17 39.93
C ILE C 46 54.65 -23.98 41.22
N GLN C 47 55.22 -25.06 41.76
CA GLN C 47 55.98 -24.96 42.99
C GLN C 47 57.20 -24.07 42.81
N ALA C 48 57.89 -24.19 41.67
CA ALA C 48 59.03 -23.33 41.39
C ALA C 48 58.59 -21.88 41.27
N ASN C 49 57.41 -21.63 40.70
CA ASN C 49 56.94 -20.26 40.55
C ASN C 49 56.77 -19.59 41.90
N PHE C 50 56.23 -20.31 42.89
CA PHE C 50 56.01 -19.74 44.22
C PHE C 50 56.83 -20.50 45.26
N ASP C 102 52.32 -23.53 48.53
CA ASP C 102 51.53 -23.46 47.32
C ASP C 102 50.04 -23.55 47.64
N ALA C 103 49.57 -24.77 47.89
CA ALA C 103 48.16 -25.02 48.22
C ALA C 103 47.24 -24.51 47.12
N PHE C 104 47.50 -24.99 45.90
CA PHE C 104 46.69 -24.62 44.74
C PHE C 104 45.73 -25.75 44.39
N GLY C 105 44.62 -25.38 43.77
CA GLY C 105 43.62 -26.36 43.38
C GLY C 105 42.89 -26.02 42.10
N ASP C 106 42.69 -27.01 41.24
CA ASP C 106 41.95 -26.83 40.00
C ASP C 106 40.47 -26.96 40.31
N ILE C 107 39.78 -25.81 40.36
CA ILE C 107 38.36 -25.81 40.71
C ILE C 107 37.57 -26.59 39.66
N GLN C 108 36.52 -27.26 40.11
CA GLN C 108 35.61 -27.97 39.22
C GLN C 108 34.28 -28.14 39.94
N PHE C 109 33.20 -27.84 39.23
CA PHE C 109 31.86 -27.94 39.79
C PHE C 109 30.86 -28.45 38.74
N GLY C 116 37.85 -24.22 35.40
CA GLY C 116 39.06 -24.47 34.64
C GLY C 116 40.26 -24.71 35.51
N LYS C 117 40.98 -23.63 35.84
CA LYS C 117 42.17 -23.70 36.66
C LYS C 117 42.11 -22.62 37.73
N TYR C 118 42.76 -22.88 38.86
CA TYR C 118 42.81 -21.93 39.96
C TYR C 118 44.12 -22.11 40.71
N LEU C 119 44.76 -20.99 41.05
CA LEU C 119 46.04 -21.00 41.73
C LEU C 119 45.97 -20.09 42.94
N ARG C 120 47.00 -20.16 43.78
CA ARG C 120 47.14 -19.33 44.97
C ARG C 120 48.52 -18.70 44.94
N LEU C 121 48.59 -17.45 44.47
CA LEU C 121 49.85 -16.72 44.34
C LEU C 121 49.91 -15.62 45.37
N SER C 122 51.02 -15.58 46.11
CA SER C 122 51.19 -14.56 47.13
C SER C 122 51.34 -13.17 46.50
N CYS C 123 51.11 -12.14 47.32
CA CYS C 123 51.20 -10.77 46.82
C CYS C 123 52.59 -10.48 46.27
N ASP C 124 53.64 -10.95 46.95
CA ASP C 124 55.02 -10.75 46.51
C ASP C 124 55.35 -11.79 45.45
N THR C 125 54.77 -11.58 44.26
CA THR C 125 54.96 -12.47 43.13
C THR C 125 55.47 -11.68 41.94
N ASP C 126 56.31 -12.32 41.12
CA ASP C 126 56.90 -11.68 39.96
C ASP C 126 55.90 -11.67 38.81
N SER C 127 55.61 -10.48 38.28
CA SER C 127 54.68 -10.37 37.17
C SER C 127 55.20 -11.11 35.94
N GLU C 128 56.51 -11.03 35.70
CA GLU C 128 57.08 -11.76 34.58
C GLU C 128 56.87 -13.26 34.73
N THR C 129 56.99 -13.78 35.95
CA THR C 129 56.75 -15.19 36.18
C THR C 129 55.32 -15.57 35.84
N LEU C 130 54.35 -14.75 36.25
CA LEU C 130 52.95 -15.03 35.93
C LEU C 130 52.72 -14.99 34.43
N TYR C 131 53.28 -13.99 33.75
CA TYR C 131 53.09 -13.91 32.30
C TYR C 131 53.69 -15.10 31.60
N GLU C 132 54.88 -15.53 32.02
CA GLU C 132 55.49 -16.73 31.44
C GLU C 132 54.62 -17.95 31.69
N LEU C 133 54.09 -18.09 32.91
CA LEU C 133 53.20 -19.20 33.22
C LEU C 133 52.00 -19.22 32.30
N LEU C 134 51.38 -18.06 32.09
CA LEU C 134 50.16 -17.98 31.28
C LEU C 134 50.44 -18.11 29.79
N THR C 135 51.64 -17.79 29.33
CA THR C 135 51.94 -17.79 27.91
C THR C 135 52.59 -19.08 27.42
N GLN C 136 53.48 -19.69 28.22
CA GLN C 136 54.25 -20.82 27.73
C GLN C 136 53.36 -22.01 27.39
N HIS C 137 52.39 -22.33 28.25
CA HIS C 137 51.62 -23.55 28.08
C HIS C 137 50.14 -23.40 28.36
N TRP C 138 49.64 -22.17 28.59
CA TRP C 138 48.23 -21.95 28.87
C TRP C 138 47.52 -21.16 27.78
N HIS C 139 48.03 -20.00 27.41
CA HIS C 139 47.35 -19.12 26.47
C HIS C 139 48.37 -18.52 25.50
N LEU C 140 47.84 -17.84 24.48
CA LEU C 140 48.65 -17.21 23.45
C LEU C 140 48.85 -15.73 23.76
N LYS C 141 49.57 -15.05 22.86
CA LYS C 141 49.71 -13.61 22.97
C LYS C 141 48.35 -12.94 22.80
N THR C 142 48.16 -11.82 23.50
CA THR C 142 46.87 -11.18 23.56
C THR C 142 46.84 -9.97 22.63
N PRO C 143 46.06 -10.00 21.54
CA PRO C 143 45.93 -8.78 20.73
C PRO C 143 45.34 -7.62 21.50
N ASN C 144 44.55 -7.88 22.54
CA ASN C 144 43.94 -6.82 23.33
C ASN C 144 43.64 -7.35 24.72
N LEU C 145 43.54 -6.41 25.67
CA LEU C 145 43.30 -6.75 27.07
C LEU C 145 42.43 -5.66 27.68
N VAL C 146 41.33 -6.05 28.33
CA VAL C 146 40.40 -5.10 28.92
C VAL C 146 40.13 -5.54 30.34
N ILE C 147 40.18 -4.58 31.28
CA ILE C 147 39.93 -4.85 32.69
C ILE C 147 38.70 -4.06 33.11
N SER C 148 37.78 -4.75 33.79
CA SER C 148 36.57 -4.13 34.32
C SER C 148 36.68 -4.02 35.83
N VAL C 149 36.26 -2.88 36.37
CA VAL C 149 36.31 -2.61 37.80
C VAL C 149 34.90 -2.33 38.30
N THR C 150 34.49 -3.02 39.35
CA THR C 150 33.18 -2.84 39.95
C THR C 150 33.31 -3.01 41.45
N GLY C 151 32.36 -2.43 42.17
CA GLY C 151 32.35 -2.52 43.62
C GLY C 151 32.01 -3.91 44.10
N GLY C 152 32.22 -4.12 45.40
CA GLY C 152 31.96 -5.40 46.02
C GLY C 152 30.50 -5.68 46.33
N ALA C 153 29.61 -4.73 46.03
CA ALA C 153 28.19 -4.95 46.27
C ALA C 153 27.69 -6.16 45.51
N LYS C 154 26.95 -7.04 46.21
CA LYS C 154 26.42 -8.23 45.56
C LYS C 154 25.33 -7.88 44.56
N ASN C 155 24.56 -6.84 44.83
CA ASN C 155 23.44 -6.44 43.97
C ASN C 155 23.87 -5.27 43.09
N PHE C 156 23.58 -5.38 41.80
CA PHE C 156 23.90 -4.34 40.83
C PHE C 156 22.70 -4.13 39.91
N ALA C 157 22.62 -2.93 39.34
CA ALA C 157 21.50 -2.58 38.46
C ALA C 157 21.71 -3.23 37.11
N LEU C 158 20.85 -4.20 36.79
CA LEU C 158 20.92 -4.89 35.50
C LEU C 158 20.00 -4.20 34.49
N LYS C 159 20.24 -2.91 34.29
CA LYS C 159 19.48 -2.14 33.32
C LYS C 159 19.78 -2.62 31.91
N PRO C 160 18.85 -2.42 30.98
CA PRO C 160 19.09 -2.88 29.60
C PRO C 160 20.34 -2.28 28.98
N ARG C 161 20.64 -1.01 29.30
CA ARG C 161 21.84 -0.39 28.77
C ARG C 161 23.09 -1.16 29.18
N MET C 162 23.22 -1.46 30.48
CA MET C 162 24.37 -2.22 30.95
C MET C 162 24.30 -3.67 30.50
N ARG C 163 23.09 -4.19 30.28
CA ARG C 163 22.95 -5.58 29.84
C ARG C 163 23.39 -5.74 28.39
N LYS C 164 23.31 -4.69 27.58
CA LYS C 164 23.71 -4.74 26.19
C LYS C 164 25.14 -4.27 25.96
N ILE C 165 25.60 -3.26 26.70
CA ILE C 165 26.95 -2.74 26.51
C ILE C 165 27.97 -3.83 26.78
N PHE C 166 27.81 -4.57 27.86
CA PHE C 166 28.78 -5.60 28.21
C PHE C 166 28.68 -6.81 27.29
N SER C 167 27.49 -7.10 26.77
CA SER C 167 27.38 -8.14 25.75
C SER C 167 28.17 -7.75 24.50
N ARG C 168 28.04 -6.50 24.07
CA ARG C 168 28.84 -6.03 22.94
C ARG C 168 30.33 -6.09 23.26
N LEU C 169 30.69 -5.71 24.49
CA LEU C 169 32.10 -5.75 24.90
C LEU C 169 32.67 -7.16 24.80
N ILE C 170 31.93 -8.15 25.31
CA ILE C 170 32.43 -9.52 25.30
C ILE C 170 32.48 -10.05 23.87
N TYR C 171 31.50 -9.68 23.04
CA TYR C 171 31.56 -10.08 21.64
C TYR C 171 32.80 -9.51 20.96
N ILE C 172 33.12 -8.24 21.22
CA ILE C 172 34.32 -7.63 20.67
C ILE C 172 35.55 -8.38 21.16
N ALA C 173 35.57 -8.72 22.45
CA ALA C 173 36.72 -9.42 23.01
C ALA C 173 36.92 -10.77 22.32
N GLN C 174 35.84 -11.49 22.06
CA GLN C 174 35.98 -12.75 21.34
C GLN C 174 36.49 -12.51 19.93
N SER C 175 35.96 -11.49 19.25
CA SER C 175 36.39 -11.22 17.88
C SER C 175 37.89 -10.93 17.84
N LYS C 176 38.40 -10.18 18.82
CA LYS C 176 39.81 -9.83 18.87
C LYS C 176 40.63 -10.81 19.71
N GLY C 177 40.01 -11.79 20.34
CA GLY C 177 40.74 -12.70 21.20
C GLY C 177 41.39 -12.01 22.39
N ALA C 178 40.67 -11.08 23.02
CA ALA C 178 41.23 -10.26 24.08
C ALA C 178 41.04 -10.93 25.44
N TRP C 179 41.89 -10.54 26.38
CA TRP C 179 41.73 -10.97 27.77
C TRP C 179 40.77 -10.04 28.49
N ILE C 180 40.07 -10.59 29.48
CA ILE C 180 39.17 -9.84 30.34
C ILE C 180 39.59 -10.09 31.78
N LEU C 181 39.84 -9.00 32.52
CA LEU C 181 40.24 -9.10 33.92
C LEU C 181 39.14 -8.51 34.81
N THR C 182 38.63 -9.33 35.72
CA THR C 182 37.59 -8.92 36.67
C THR C 182 37.97 -9.42 38.06
N GLY C 183 37.14 -9.11 39.05
CA GLY C 183 37.40 -9.59 40.40
C GLY C 183 37.27 -11.10 40.51
N GLY C 184 36.22 -11.67 39.92
CA GLY C 184 36.02 -13.09 39.95
C GLY C 184 35.21 -13.55 41.15
N THR C 185 34.09 -12.89 41.42
CA THR C 185 33.18 -13.27 42.49
C THR C 185 31.79 -13.48 41.93
N HIS C 186 31.09 -14.50 42.45
CA HIS C 186 29.78 -14.86 41.96
C HIS C 186 28.72 -13.80 42.22
N TYR C 187 29.00 -12.83 43.09
CA TYR C 187 28.04 -11.79 43.46
C TYR C 187 28.36 -10.52 42.69
N GLY C 188 27.40 -10.09 41.84
CA GLY C 188 27.54 -8.84 41.13
C GLY C 188 27.59 -8.99 39.62
N LEU C 189 28.04 -7.91 38.95
CA LEU C 189 28.08 -7.91 37.50
C LEU C 189 29.03 -8.97 36.95
N MET C 190 30.07 -9.31 37.71
CA MET C 190 31.06 -10.26 37.21
C MET C 190 30.44 -11.64 37.01
N LYS C 191 29.45 -12.01 37.81
CA LYS C 191 28.72 -13.24 37.55
C LYS C 191 27.99 -13.17 36.22
N TYR C 192 27.40 -12.02 35.91
CA TYR C 192 26.76 -11.83 34.61
C TYR C 192 27.77 -11.99 33.48
N ILE C 193 28.96 -11.40 33.65
CA ILE C 193 29.99 -11.52 32.63
C ILE C 193 30.38 -12.98 32.43
N GLY C 194 30.55 -13.71 33.54
CA GLY C 194 30.89 -15.12 33.43
C GLY C 194 29.81 -15.93 32.74
N GLU C 195 28.55 -15.64 33.05
CA GLU C 195 27.45 -16.37 32.40
C GLU C 195 27.43 -16.08 30.91
N VAL C 196 27.66 -14.82 30.52
CA VAL C 196 27.69 -14.49 29.10
C VAL C 196 28.84 -15.20 28.42
N VAL C 197 30.00 -15.25 29.08
CA VAL C 197 31.14 -15.98 28.52
C VAL C 197 30.76 -17.45 28.31
N ARG C 198 30.10 -18.05 29.31
CA ARG C 198 29.72 -19.45 29.20
C ARG C 198 28.79 -19.67 28.00
N ASP C 199 27.77 -18.82 27.86
CA ASP C 199 26.81 -19.04 26.79
C ASP C 199 27.45 -18.80 25.42
N ASN C 200 28.31 -17.79 25.31
CA ASN C 200 29.01 -17.56 24.05
C ASN C 200 29.91 -18.75 23.70
N THR C 201 30.61 -19.31 24.69
CA THR C 201 31.42 -20.50 24.43
C THR C 201 30.54 -21.66 23.99
N ILE C 202 29.36 -21.80 24.59
CA ILE C 202 28.44 -22.85 24.17
C ILE C 202 28.02 -22.63 22.72
N SER C 203 27.73 -21.40 22.35
CA SER C 203 27.36 -21.07 20.97
C SER C 203 28.51 -21.37 20.01
N GLU C 208 39.76 -20.49 19.13
CA GLU C 208 38.72 -19.47 19.14
C GLU C 208 37.90 -19.58 20.43
N ASN C 209 38.55 -19.35 21.57
CA ASN C 209 37.91 -19.42 22.87
C ASN C 209 38.21 -18.13 23.64
N ILE C 210 37.24 -17.71 24.45
CA ILE C 210 37.39 -16.51 25.25
C ILE C 210 38.19 -16.85 26.52
N VAL C 211 38.94 -15.87 27.00
CA VAL C 211 39.75 -16.01 28.20
C VAL C 211 39.32 -14.96 29.21
N ALA C 212 38.99 -15.41 30.42
CA ALA C 212 38.57 -14.52 31.50
C ALA C 212 39.34 -14.90 32.76
N ILE C 213 39.86 -13.90 33.46
CA ILE C 213 40.65 -14.10 34.67
C ILE C 213 40.01 -13.31 35.80
N GLY C 214 39.83 -13.97 36.93
CA GLY C 214 39.32 -13.34 38.15
C GLY C 214 40.42 -13.31 39.20
N ILE C 215 40.54 -12.17 39.87
CA ILE C 215 41.58 -11.95 40.87
C ILE C 215 40.93 -11.57 42.19
N ALA C 216 41.27 -12.31 43.24
CA ALA C 216 40.75 -12.05 44.57
C ALA C 216 41.73 -12.62 45.59
N ALA C 217 41.55 -12.22 46.85
CA ALA C 217 42.42 -12.68 47.92
C ALA C 217 41.93 -14.01 48.46
N TRP C 218 42.87 -14.92 48.72
CA TRP C 218 42.52 -16.23 49.24
C TRP C 218 41.83 -16.10 50.60
N GLY C 219 42.36 -15.23 51.47
CA GLY C 219 41.73 -15.03 52.76
C GLY C 219 40.31 -14.53 52.66
N MET C 220 40.04 -13.66 51.69
CA MET C 220 38.69 -13.14 51.51
C MET C 220 37.70 -14.20 51.08
N VAL C 221 38.18 -15.34 50.59
CA VAL C 221 37.27 -16.41 50.16
C VAL C 221 36.61 -17.04 51.38
N SER C 222 35.32 -17.37 51.24
CA SER C 222 34.59 -17.97 52.35
C SER C 222 35.17 -19.31 52.73
N ASN C 223 35.50 -20.14 51.73
CA ASN C 223 36.01 -21.48 51.96
C ASN C 223 37.32 -21.68 51.21
N ARG C 224 38.21 -22.47 51.80
CA ARG C 224 39.50 -22.78 51.21
C ARG C 224 39.72 -24.29 51.25
N ASP C 225 40.06 -24.87 50.10
CA ASP C 225 40.35 -26.29 49.98
C ASP C 225 41.71 -26.47 49.33
N THR C 226 42.53 -27.32 49.94
CA THR C 226 43.90 -27.56 49.47
C THR C 226 43.94 -28.81 48.61
N LEU C 227 44.73 -28.76 47.55
CA LEU C 227 44.88 -29.89 46.64
C LEU C 227 46.32 -30.01 46.15
N SER C 238 43.53 -32.65 42.67
CA SER C 238 42.54 -31.72 42.11
C SER C 238 41.31 -31.64 43.01
N ALA C 239 41.26 -30.60 43.85
CA ALA C 239 40.14 -30.43 44.76
C ALA C 239 38.91 -29.94 44.00
N GLN C 240 37.77 -29.99 44.68
CA GLN C 240 36.49 -29.58 44.11
C GLN C 240 35.85 -28.53 45.02
N TYR C 241 35.35 -27.45 44.42
CA TYR C 241 34.66 -26.39 45.14
C TYR C 241 33.19 -26.43 44.75
N ILE C 242 32.32 -26.56 45.75
CA ILE C 242 30.89 -26.68 45.54
C ILE C 242 30.20 -25.63 46.42
N MET C 243 29.24 -24.92 45.82
CA MET C 243 28.50 -23.90 46.55
C MET C 243 27.60 -24.52 47.62
N LEU C 251 33.86 -13.33 54.21
CA LEU C 251 33.50 -14.52 53.44
C LEU C 251 32.82 -14.13 52.13
N TYR C 252 33.42 -14.55 51.02
CA TYR C 252 32.90 -14.27 49.69
C TYR C 252 32.81 -15.57 48.90
N ILE C 253 31.89 -15.59 47.94
CA ILE C 253 31.68 -16.72 47.05
C ILE C 253 32.19 -16.34 45.66
N LEU C 254 32.98 -17.22 45.06
CA LEU C 254 33.59 -16.95 43.77
C LEU C 254 32.83 -17.66 42.66
N ASP C 255 32.71 -16.99 41.52
CA ASP C 255 32.05 -17.59 40.36
C ASP C 255 32.91 -18.70 39.77
N ASN C 256 32.26 -19.78 39.35
CA ASN C 256 32.94 -20.88 38.68
C ASN C 256 32.91 -20.75 37.16
N ASN C 257 32.22 -19.74 36.62
CA ASN C 257 32.14 -19.57 35.18
C ASN C 257 33.48 -19.14 34.60
N HIS C 258 34.21 -18.29 35.32
CA HIS C 258 35.49 -17.80 34.84
C HIS C 258 36.47 -18.96 34.67
N THR C 259 37.14 -19.00 33.52
CA THR C 259 38.04 -20.11 33.22
C THR C 259 39.21 -20.17 34.20
N HIS C 260 39.79 -19.02 34.52
CA HIS C 260 40.96 -18.95 35.38
C HIS C 260 40.70 -17.98 36.52
N LEU C 261 41.36 -18.24 37.65
CA LEU C 261 41.21 -17.41 38.84
C LEU C 261 42.56 -17.32 39.55
N LEU C 262 42.71 -16.26 40.34
CA LEU C 262 43.92 -16.00 41.11
C LEU C 262 43.55 -15.80 42.57
N LEU C 263 44.39 -16.31 43.47
CA LEU C 263 44.20 -16.19 44.90
C LEU C 263 45.42 -15.49 45.49
N VAL C 264 45.19 -14.38 46.19
CA VAL C 264 46.25 -13.60 46.80
C VAL C 264 46.31 -13.95 48.28
N ASP C 265 47.49 -14.29 48.76
CA ASP C 265 47.71 -14.70 50.15
C ASP C 265 48.43 -13.58 50.88
N ASN C 266 47.64 -12.65 51.42
CA ASN C 266 48.17 -11.55 52.22
C ASN C 266 47.74 -11.61 53.68
N GLY C 267 46.62 -12.28 53.98
CA GLY C 267 46.17 -12.39 55.34
C GLY C 267 45.00 -13.35 55.44
N CYS C 268 44.45 -13.43 56.64
CA CYS C 268 43.32 -14.31 56.93
C CYS C 268 42.10 -13.47 57.26
N HIS C 269 40.99 -13.73 56.58
CA HIS C 269 39.74 -12.99 56.80
C HIS C 269 39.98 -11.49 56.68
N GLY C 270 40.78 -11.10 55.70
CA GLY C 270 41.09 -9.70 55.49
C GLY C 270 40.03 -8.98 54.68
N HIS C 271 39.20 -8.19 55.36
CA HIS C 271 38.17 -7.43 54.66
C HIS C 271 38.75 -6.48 53.62
N PRO C 272 39.75 -5.66 53.92
CA PRO C 272 40.26 -4.72 52.91
C PRO C 272 40.88 -5.46 51.74
N THR C 273 40.78 -4.84 50.56
CA THR C 273 41.31 -5.45 49.35
C THR C 273 42.81 -5.67 49.46
N VAL C 274 43.27 -6.83 48.99
CA VAL C 274 44.69 -7.17 48.98
C VAL C 274 45.17 -7.60 47.61
N GLU C 275 44.31 -7.57 46.58
CA GLU C 275 44.68 -7.97 45.24
C GLU C 275 44.83 -6.80 44.27
N ALA C 276 44.53 -5.58 44.70
CA ALA C 276 44.63 -4.43 43.81
C ALA C 276 46.07 -4.22 43.34
N LYS C 277 47.03 -4.32 44.26
CA LYS C 277 48.43 -4.11 43.90
C LYS C 277 48.88 -5.10 42.84
N LEU C 278 48.54 -6.39 43.04
CA LEU C 278 48.95 -7.40 42.09
C LEU C 278 48.34 -7.16 40.72
N ARG C 279 47.04 -6.83 40.67
CA ARG C 279 46.38 -6.59 39.39
C ARG C 279 46.99 -5.39 38.69
N ASN C 280 47.24 -4.31 39.43
CA ASN C 280 47.83 -3.11 38.82
C ASN C 280 49.21 -3.40 38.27
N GLN C 281 50.03 -4.12 39.04
CA GLN C 281 51.38 -4.45 38.58
C GLN C 281 51.32 -5.33 37.35
N LEU C 282 50.41 -6.32 37.34
CA LEU C 282 50.29 -7.18 36.16
C LEU C 282 49.86 -6.39 34.94
N GLU C 283 48.89 -5.49 35.10
CA GLU C 283 48.45 -4.67 33.98
C GLU C 283 49.59 -3.81 33.45
N LYS C 284 50.36 -3.20 34.36
CA LYS C 284 51.49 -2.37 33.93
C LYS C 284 52.52 -3.21 33.19
N TYR C 285 52.85 -4.39 33.71
CA TYR C 285 53.83 -5.23 33.06
C TYR C 285 53.35 -5.66 31.68
N ILE C 286 52.08 -6.02 31.56
CA ILE C 286 51.54 -6.42 30.25
C ILE C 286 51.58 -5.23 29.29
N SER C 287 51.34 -4.02 29.81
CA SER C 287 51.50 -2.84 28.98
C SER C 287 52.93 -2.71 28.48
N GLU C 288 53.90 -3.00 29.35
CA GLU C 288 55.30 -2.92 28.95
C GLU C 288 55.68 -3.99 27.93
N ARG C 289 54.87 -5.03 27.77
CA ARG C 289 55.20 -6.10 26.84
C ARG C 289 55.15 -5.60 25.40
N THR C 290 55.91 -6.27 24.54
CA THR C 290 56.02 -5.92 23.14
C THR C 290 55.46 -7.06 22.29
N SER C 291 54.63 -6.71 21.31
CA SER C 291 54.05 -7.69 20.39
C SER C 291 54.04 -7.07 19.00
N GLN C 292 54.85 -7.61 18.09
CA GLN C 292 54.94 -7.05 16.75
C GLN C 292 53.71 -7.39 15.90
N ASP C 293 53.09 -8.55 16.13
CA ASP C 293 51.96 -8.96 15.31
C ASP C 293 50.78 -8.01 15.46
N SER C 294 50.67 -7.34 16.61
CA SER C 294 49.54 -6.45 16.84
C SER C 294 49.60 -5.23 15.93
N ASN C 295 48.44 -4.82 15.42
CA ASN C 295 48.38 -3.60 14.62
C ASN C 295 48.72 -2.38 15.45
N TYR C 296 48.34 -2.38 16.73
CA TYR C 296 48.71 -1.30 17.63
C TYR C 296 50.22 -1.15 17.65
N GLY C 297 50.70 0.09 17.57
CA GLY C 297 52.12 0.34 17.49
C GLY C 297 52.88 -0.19 18.68
N GLY C 298 53.63 -1.26 18.49
CA GLY C 298 54.47 -1.79 19.55
C GLY C 298 53.71 -2.52 20.64
N LYS C 299 53.60 -1.88 21.80
CA LYS C 299 53.10 -2.54 22.99
C LYS C 299 51.64 -2.98 22.80
N ILE C 300 51.27 -4.01 23.55
CA ILE C 300 49.90 -4.52 23.50
C ILE C 300 48.94 -3.48 24.05
N PRO C 301 47.81 -3.21 23.40
CA PRO C 301 46.85 -2.24 23.95
C PRO C 301 46.19 -2.76 25.21
N ILE C 302 45.85 -1.81 26.09
CA ILE C 302 45.11 -2.09 27.31
C ILE C 302 44.10 -0.97 27.53
N VAL C 303 42.90 -1.34 27.97
CA VAL C 303 41.81 -0.39 28.18
C VAL C 303 41.07 -0.79 29.44
N CYS C 304 40.88 0.14 30.37
CA CYS C 304 40.12 -0.12 31.58
C CYS C 304 38.69 0.39 31.44
N PHE C 305 37.76 -0.37 32.02
CA PHE C 305 36.33 -0.10 31.89
C PHE C 305 35.76 0.16 33.28
N ALA C 306 35.02 1.25 33.42
CA ALA C 306 34.42 1.65 34.68
C ALA C 306 32.90 1.63 34.55
N GLN C 307 32.24 0.99 35.51
CA GLN C 307 30.79 0.83 35.48
C GLN C 307 30.10 1.33 36.74
N GLY C 308 30.67 1.08 37.92
CA GLY C 308 30.01 1.39 39.17
C GLY C 308 30.86 2.28 40.06
N GLY C 309 30.30 2.61 41.23
CA GLY C 309 30.96 3.46 42.19
C GLY C 309 31.62 2.67 43.30
N GLY C 310 32.24 3.42 44.22
CA GLY C 310 32.95 2.84 45.34
C GLY C 310 34.37 3.36 45.43
N ARG C 311 34.97 3.24 46.62
CA ARG C 311 36.35 3.68 46.79
C ARG C 311 37.30 2.87 45.91
N GLU C 312 37.07 1.56 45.81
CA GLU C 312 37.94 0.72 45.00
C GLU C 312 37.93 1.16 43.54
N THR C 313 36.77 1.57 43.04
CA THR C 313 36.70 2.02 41.66
C THR C 313 37.58 3.23 41.43
N LEU C 314 37.49 4.22 42.31
CA LEU C 314 38.31 5.42 42.17
C LEU C 314 39.79 5.09 42.31
N LYS C 315 40.14 4.23 43.26
CA LYS C 315 41.54 3.86 43.44
C LYS C 315 42.09 3.20 42.19
N ALA C 316 41.34 2.25 41.63
CA ALA C 316 41.79 1.56 40.42
C ALA C 316 41.89 2.51 39.24
N ILE C 317 40.93 3.42 39.10
CA ILE C 317 40.97 4.37 37.99
C ILE C 317 42.17 5.29 38.14
N ASN C 318 42.42 5.81 39.34
CA ASN C 318 43.56 6.68 39.55
C ASN C 318 44.86 5.97 39.24
N THR C 319 45.01 4.72 39.70
CA THR C 319 46.22 3.97 39.40
C THR C 319 46.35 3.73 37.90
N SER C 320 45.24 3.42 37.23
CA SER C 320 45.28 3.18 35.79
C SER C 320 45.66 4.44 35.03
N VAL C 321 45.00 5.56 35.33
CA VAL C 321 45.31 6.81 34.65
C VAL C 321 46.74 7.23 34.93
N LYS C 322 47.18 7.10 36.19
CA LYS C 322 48.58 7.37 36.50
C LYS C 322 49.50 6.46 35.70
N SER C 323 49.06 5.25 35.39
CA SER C 323 49.82 4.33 34.57
C SER C 323 49.64 4.60 33.07
N LYS C 324 48.78 5.53 32.70
CA LYS C 324 48.53 6.00 31.33
C LYS C 324 47.62 5.07 30.55
N ILE C 325 47.18 3.95 31.11
CA ILE C 325 46.29 3.07 30.34
C ILE C 325 44.92 3.73 30.22
N PRO C 326 44.37 3.89 29.02
CA PRO C 326 43.09 4.60 28.89
C PRO C 326 41.96 3.89 29.61
N CYS C 327 41.04 4.69 30.13
CA CYS C 327 39.88 4.19 30.87
C CYS C 327 38.61 4.70 30.19
N VAL C 328 37.58 3.86 30.16
CA VAL C 328 36.30 4.19 29.57
C VAL C 328 35.24 4.14 30.67
N VAL C 329 34.43 5.18 30.76
CA VAL C 329 33.39 5.30 31.79
C VAL C 329 32.05 5.39 31.07
N VAL C 330 31.09 4.59 31.53
CA VAL C 330 29.76 4.54 30.93
C VAL C 330 28.92 5.65 31.56
N GLU C 331 28.76 6.75 30.84
CA GLU C 331 27.91 7.83 31.32
C GLU C 331 26.44 7.45 31.19
N GLY C 332 25.61 8.05 32.04
CA GLY C 332 24.20 7.75 32.07
C GLY C 332 23.82 6.52 32.86
N SER C 333 24.80 5.82 33.43
CA SER C 333 24.54 4.66 34.27
C SER C 333 25.70 4.50 35.24
N GLY C 334 25.38 4.08 36.45
CA GLY C 334 26.39 3.92 37.48
C GLY C 334 26.42 5.11 38.42
N GLN C 335 26.79 4.83 39.67
CA GLN C 335 26.76 5.88 40.69
C GLN C 335 27.84 6.92 40.46
N ILE C 336 29.07 6.48 40.20
CA ILE C 336 30.22 7.38 40.12
C ILE C 336 30.55 7.68 38.66
N ALA C 337 30.19 6.77 37.76
CA ALA C 337 30.41 7.03 36.35
C ALA C 337 29.69 8.30 35.92
N ASP C 338 28.50 8.54 36.46
CA ASP C 338 27.74 9.73 36.12
C ASP C 338 28.48 10.99 36.51
N VAL C 339 29.04 11.02 37.73
CA VAL C 339 29.74 12.24 38.18
C VAL C 339 31.03 12.41 37.40
N ILE C 340 31.75 11.31 37.12
CA ILE C 340 32.99 11.43 36.36
C ILE C 340 32.70 11.98 34.97
N ALA C 341 31.59 11.53 34.36
CA ALA C 341 31.19 12.09 33.07
C ALA C 341 30.78 13.55 33.21
N SER C 342 30.11 13.90 34.31
CA SER C 342 29.67 15.28 34.50
C SER C 342 30.85 16.24 34.59
N LEU C 343 31.90 15.85 35.31
CA LEU C 343 33.05 16.74 35.48
C LEU C 343 33.69 17.07 34.14
N VAL C 344 33.86 16.07 33.28
CA VAL C 344 34.48 16.29 31.97
C VAL C 344 33.53 17.03 31.06
N THR C 351 37.13 24.38 42.68
CA THR C 351 37.61 23.04 42.36
C THR C 351 36.91 22.00 43.22
N SER C 352 36.96 22.19 44.53
CA SER C 352 36.38 21.22 45.46
C SER C 352 34.87 21.32 45.54
N SER C 353 34.30 22.51 45.35
CA SER C 353 32.86 22.69 45.55
C SER C 353 32.06 21.89 44.52
N MET C 354 32.43 21.99 43.25
CA MET C 354 31.68 21.30 42.21
C MET C 354 31.77 19.79 42.38
N VAL C 355 32.97 19.28 42.65
CA VAL C 355 33.14 17.84 42.84
C VAL C 355 32.35 17.36 44.04
N LYS C 356 32.37 18.13 45.13
CA LYS C 356 31.60 17.77 46.31
C LYS C 356 30.11 17.72 46.01
N GLU C 357 29.60 18.74 45.30
CA GLU C 357 28.19 18.76 44.96
C GLU C 357 27.81 17.56 44.10
N LYS C 358 28.62 17.26 43.09
CA LYS C 358 28.33 16.11 42.24
C LYS C 358 28.38 14.81 43.03
N LEU C 359 29.36 14.66 43.92
CA LEU C 359 29.49 13.43 44.69
C LEU C 359 28.30 13.24 45.62
N VAL C 360 27.87 14.30 46.30
CA VAL C 360 26.73 14.18 47.20
C VAL C 360 25.46 13.91 46.41
N ARG C 361 25.31 14.55 45.24
CA ARG C 361 24.12 14.30 44.43
C ARG C 361 24.06 12.85 43.95
N PHE C 362 25.21 12.30 43.53
CA PHE C 362 25.22 10.95 42.99
C PHE C 362 24.96 9.91 44.06
N LEU C 363 25.61 10.05 45.21
CA LEU C 363 25.55 9.05 46.28
C LEU C 363 25.10 9.72 47.58
N PRO C 364 23.78 9.85 47.78
CA PRO C 364 23.31 10.42 49.05
C PRO C 364 23.72 9.61 50.27
N ARG C 365 23.81 8.29 50.15
CA ARG C 365 24.11 7.43 51.29
C ARG C 365 25.60 7.17 51.46
N THR C 366 26.33 7.00 50.36
CA THR C 366 27.75 6.68 50.45
C THR C 366 28.52 7.81 51.15
N VAL C 367 28.23 9.05 50.78
CA VAL C 367 28.94 10.18 51.38
C VAL C 367 28.58 10.31 52.86
N SER C 368 27.32 10.05 53.21
CA SER C 368 26.88 10.24 54.59
C SER C 368 27.67 9.36 55.56
N ARG C 369 27.87 8.10 55.20
CA ARG C 369 28.60 7.20 56.08
C ARG C 369 30.09 7.54 56.11
N LEU C 370 30.64 7.99 54.99
CA LEU C 370 32.07 8.24 54.91
C LEU C 370 32.45 9.40 55.82
N PRO C 371 33.57 9.30 56.54
CA PRO C 371 34.04 10.44 57.34
C PRO C 371 34.54 11.57 56.45
N GLU C 372 34.84 12.70 57.09
CA GLU C 372 35.33 13.86 56.34
C GLU C 372 36.68 13.57 55.68
N GLU C 373 37.57 12.86 56.39
CA GLU C 373 38.87 12.54 55.82
C GLU C 373 38.73 11.67 54.58
N GLU C 374 37.84 10.69 54.62
CA GLU C 374 37.61 9.85 53.44
C GLU C 374 37.08 10.69 52.28
N ILE C 375 36.20 11.65 52.57
CA ILE C 375 35.67 12.52 51.52
C ILE C 375 36.80 13.34 50.90
N GLU C 376 37.68 13.89 51.73
CA GLU C 376 38.81 14.67 51.22
C GLU C 376 39.71 13.79 50.36
N SER C 377 39.97 12.57 50.78
CA SER C 377 40.79 11.66 50.00
C SER C 377 40.13 11.36 48.65
N TRP C 378 38.81 11.16 48.66
CA TRP C 378 38.09 10.93 47.40
C TRP C 378 38.21 12.13 46.47
N ILE C 379 38.08 13.33 47.02
CA ILE C 379 38.21 14.54 46.20
C ILE C 379 39.61 14.61 45.61
N LYS C 380 40.62 14.30 46.40
CA LYS C 380 41.99 14.31 45.90
C LYS C 380 42.15 13.31 44.75
N TRP C 381 41.63 12.10 44.92
CA TRP C 381 41.75 11.09 43.86
C TRP C 381 41.06 11.56 42.59
N LEU C 382 39.84 12.11 42.74
CA LEU C 382 39.09 12.53 41.56
C LEU C 382 39.79 13.67 40.84
N LYS C 383 40.35 14.63 41.60
CA LYS C 383 41.12 15.69 40.98
C LYS C 383 42.32 15.13 40.24
N GLU C 384 43.00 14.15 40.84
CA GLU C 384 44.14 13.54 40.17
C GLU C 384 43.74 12.94 38.83
N ILE C 385 42.65 12.17 38.81
CA ILE C 385 42.28 11.52 37.54
C ILE C 385 41.79 12.54 36.53
N LEU C 386 41.08 13.58 36.98
CA LEU C 386 40.59 14.58 36.06
C LEU C 386 41.70 15.46 35.52
N GLU C 387 42.83 15.54 36.21
CA GLU C 387 43.97 16.28 35.68
C GLU C 387 44.42 15.70 34.35
N SER C 388 44.48 14.37 34.25
CA SER C 388 44.86 13.70 33.01
C SER C 388 43.59 13.26 32.27
N SER C 389 42.85 14.25 31.78
CA SER C 389 41.59 14.00 31.10
C SER C 389 41.77 13.66 29.62
N HIS C 390 42.98 13.79 29.08
CA HIS C 390 43.20 13.49 27.67
C HIS C 390 43.17 12.00 27.38
N LEU C 391 43.22 11.14 28.41
CA LEU C 391 43.22 9.70 28.22
C LEU C 391 41.81 9.12 28.30
N LEU C 392 41.09 9.39 29.38
CA LEU C 392 39.81 8.75 29.61
C LEU C 392 38.79 9.20 28.56
N THR C 393 37.89 8.29 28.21
CA THR C 393 36.80 8.55 27.29
C THR C 393 35.48 8.18 27.96
N VAL C 394 34.42 8.88 27.58
CA VAL C 394 33.10 8.71 28.18
C VAL C 394 32.11 8.34 27.09
N ILE C 395 31.34 7.29 27.34
CA ILE C 395 30.24 6.92 26.45
C ILE C 395 29.06 7.83 26.73
N LYS C 396 28.46 8.37 25.68
CA LYS C 396 27.39 9.35 25.81
C LYS C 396 26.03 8.68 25.65
N MET C 397 25.05 9.21 26.39
CA MET C 397 23.71 8.62 26.39
C MET C 397 23.02 8.85 25.05
N GLU C 398 23.23 10.01 24.43
CA GLU C 398 22.54 10.31 23.18
C GLU C 398 22.89 9.29 22.10
N GLU C 399 24.16 8.92 22.00
CA GLU C 399 24.60 7.91 21.03
C GLU C 399 24.28 6.52 21.58
N ALA C 400 22.98 6.20 21.55
CA ALA C 400 22.47 4.95 22.07
C ALA C 400 22.39 3.85 21.01
N GLY C 401 22.85 4.12 19.79
CA GLY C 401 22.81 3.13 18.74
C GLY C 401 23.80 2.00 18.95
N ASP C 402 23.79 1.06 18.02
CA ASP C 402 24.68 -0.09 18.09
C ASP C 402 26.10 0.30 17.68
N GLU C 403 27.03 -0.62 17.94
CA GLU C 403 28.44 -0.42 17.61
C GLU C 403 29.00 0.85 18.27
N ILE C 404 28.67 1.02 19.55
CA ILE C 404 29.12 2.19 20.31
C ILE C 404 30.28 1.80 21.21
N VAL C 405 30.24 0.58 21.76
CA VAL C 405 31.33 0.12 22.61
C VAL C 405 32.63 0.05 21.82
N SER C 406 32.58 -0.55 20.63
CA SER C 406 33.77 -0.62 19.80
C SER C 406 34.25 0.76 19.40
N ASN C 407 33.31 1.65 19.06
CA ASN C 407 33.69 3.00 18.67
C ASN C 407 34.41 3.72 19.82
N ALA C 408 33.88 3.62 21.02
CA ALA C 408 34.49 4.29 22.17
C ALA C 408 35.87 3.70 22.47
N ILE C 409 35.99 2.38 22.44
CA ILE C 409 37.29 1.75 22.73
C ILE C 409 38.31 2.16 21.68
N SER C 410 37.92 2.15 20.41
CA SER C 410 38.84 2.54 19.35
C SER C 410 39.25 4.00 19.50
N TYR C 411 38.30 4.88 19.83
CA TYR C 411 38.64 6.28 20.00
C TYR C 411 39.61 6.48 21.15
N ALA C 412 39.38 5.81 22.28
CA ALA C 412 40.29 5.92 23.41
C ALA C 412 41.69 5.44 23.04
N LEU C 413 41.77 4.28 22.38
CA LEU C 413 43.07 3.75 21.99
C LEU C 413 43.77 4.69 21.01
N TYR C 414 43.00 5.28 20.08
CA TYR C 414 43.60 6.19 19.11
C TYR C 414 44.15 7.42 19.79
N LYS C 415 43.41 7.99 20.75
CA LYS C 415 43.94 9.14 21.47
C LYS C 415 45.22 8.78 22.23
N ALA C 416 45.18 7.67 22.96
CA ALA C 416 46.35 7.26 23.73
C ALA C 416 47.56 7.04 22.83
N PHE C 417 47.35 6.43 21.66
CA PHE C 417 48.45 6.19 20.74
C PHE C 417 48.93 7.48 20.08
N SER C 418 48.02 8.42 19.82
CA SER C 418 48.42 9.69 19.24
C SER C 418 49.34 10.46 20.19
N THR C 419 49.02 10.45 21.48
CA THR C 419 49.85 11.14 22.47
C THR C 419 50.84 10.14 23.05
N ASN C 420 51.92 9.90 22.31
CA ASN C 420 52.95 8.96 22.74
C ASN C 420 54.38 9.42 22.51
N GLU C 421 54.60 10.58 21.87
CA GLU C 421 55.91 11.14 21.59
C GLU C 421 56.69 10.35 20.54
N GLN C 422 56.15 9.23 20.06
CA GLN C 422 56.79 8.48 18.97
C GLN C 422 55.83 8.13 17.84
N ASP C 423 54.52 8.06 18.09
CA ASP C 423 53.54 7.76 17.05
C ASP C 423 52.99 9.00 16.36
N LYS C 424 53.38 10.20 16.83
CA LYS C 424 52.86 11.43 16.21
C LYS C 424 53.27 11.50 14.75
N ASP C 425 54.54 11.21 14.45
CA ASP C 425 55.00 11.23 13.07
C ASP C 425 54.53 10.02 12.29
N ASN C 426 54.28 8.90 12.97
CA ASN C 426 53.92 7.64 12.31
C ASN C 426 52.41 7.64 12.06
N TRP C 427 52.01 8.25 10.95
CA TRP C 427 50.61 8.22 10.56
C TRP C 427 50.19 6.85 10.05
N ASN C 428 51.15 6.07 9.55
CA ASN C 428 50.84 4.72 9.06
C ASN C 428 50.30 3.86 10.18
N GLY C 429 50.89 3.96 11.37
CA GLY C 429 50.38 3.19 12.50
C GLY C 429 48.96 3.57 12.87
N GLN C 430 48.66 4.88 12.86
CA GLN C 430 47.31 5.33 13.15
C GLN C 430 46.33 4.79 12.12
N LEU C 431 46.70 4.83 10.84
CA LEU C 431 45.83 4.30 9.79
C LEU C 431 45.61 2.81 9.99
N LYS C 432 46.68 2.08 10.31
CA LYS C 432 46.56 0.64 10.52
C LYS C 432 45.61 0.34 11.67
N LEU C 433 45.76 1.07 12.79
CA LEU C 433 44.89 0.84 13.93
C LEU C 433 43.44 1.16 13.60
N LEU C 434 43.19 2.28 12.92
CA LEU C 434 41.84 2.65 12.56
C LEU C 434 41.22 1.61 11.63
N LEU C 435 42.00 1.10 10.67
CA LEU C 435 41.50 0.05 9.79
C LEU C 435 41.17 -1.21 10.58
N GLU C 436 42.03 -1.56 11.55
CA GLU C 436 41.76 -2.74 12.37
C GLU C 436 40.47 -2.58 13.15
N TRP C 437 40.23 -1.39 13.69
CA TRP C 437 39.02 -1.14 14.47
C TRP C 437 37.87 -0.58 13.62
N ASN C 438 38.08 -0.37 12.33
CA ASN C 438 37.02 0.05 11.41
C ASN C 438 36.38 1.36 11.87
N GLN C 439 37.20 2.41 11.89
CA GLN C 439 36.74 3.76 12.19
C GLN C 439 36.93 4.59 10.92
N LEU C 440 35.85 4.78 10.17
CA LEU C 440 35.92 5.46 8.88
C LEU C 440 35.92 6.97 9.05
N ASP C 441 34.84 7.51 9.64
CA ASP C 441 34.71 8.96 9.73
C ASP C 441 35.88 9.58 10.48
N LEU C 442 36.31 8.93 11.56
CA LEU C 442 37.47 9.43 12.31
C LEU C 442 38.71 9.46 11.42
N ALA C 443 38.94 8.40 10.66
CA ALA C 443 40.10 8.36 9.76
C ALA C 443 39.99 9.43 8.69
N SER C 444 38.81 9.58 8.09
CA SER C 444 38.65 10.57 7.03
C SER C 444 38.89 11.99 7.55
N ASP C 445 38.37 12.30 8.74
CA ASP C 445 38.49 13.64 9.27
C ASP C 445 39.88 13.93 9.83
N GLU C 446 40.55 12.92 10.40
CA GLU C 446 41.77 13.15 11.15
C GLU C 446 43.03 12.97 10.30
N ILE C 447 43.22 11.77 9.74
CA ILE C 447 44.49 11.42 9.12
C ILE C 447 44.52 11.78 7.65
N PHE C 448 43.43 11.56 6.92
CA PHE C 448 43.38 11.88 5.49
C PHE C 448 43.18 13.38 5.34
N THR C 449 44.28 14.11 5.29
CA THR C 449 44.27 15.55 5.12
C THR C 449 45.39 15.94 4.17
N ASN C 450 45.30 17.15 3.65
CA ASN C 450 46.28 17.66 2.69
C ASN C 450 47.62 18.00 3.35
N ASP C 451 47.83 17.69 4.63
CA ASP C 451 49.10 17.99 5.27
C ASP C 451 50.25 17.24 4.61
N ARG C 452 50.03 15.97 4.26
CA ARG C 452 51.06 15.13 3.68
C ARG C 452 50.52 14.44 2.43
N ARG C 453 51.41 14.19 1.47
CA ARG C 453 51.03 13.51 0.25
C ARG C 453 50.71 12.05 0.53
N TRP C 454 49.89 11.45 -0.33
CA TRP C 454 49.44 10.07 -0.21
C TRP C 454 49.84 9.32 -1.47
N GLU C 455 51.01 8.67 -1.44
CA GLU C 455 51.48 7.89 -2.56
C GLU C 455 50.86 6.49 -2.53
N SER C 456 50.64 5.95 -3.73
CA SER C 456 50.00 4.64 -3.84
C SER C 456 50.85 3.55 -3.20
N ALA C 457 52.16 3.61 -3.39
CA ALA C 457 53.05 2.59 -2.82
C ALA C 457 52.94 2.57 -1.30
N ASP C 458 52.85 3.74 -0.67
CA ASP C 458 52.72 3.79 0.78
C ASP C 458 51.43 3.13 1.23
N LEU C 459 50.36 3.27 0.46
CA LEU C 459 49.03 2.82 0.83
C LEU C 459 48.70 1.41 0.34
N GLN C 460 49.62 0.78 -0.41
CA GLN C 460 49.33 -0.52 -1.00
C GLN C 460 49.08 -1.58 0.07
N GLU C 461 49.94 -1.64 1.08
CA GLU C 461 49.79 -2.66 2.12
C GLU C 461 48.48 -2.47 2.89
N VAL C 462 48.15 -1.21 3.19
CA VAL C 462 46.89 -0.94 3.90
C VAL C 462 45.70 -1.34 3.03
N MET C 463 45.79 -1.10 1.72
CA MET C 463 44.72 -1.51 0.83
C MET C 463 44.55 -3.02 0.83
N PHE C 464 45.67 -3.75 0.78
CA PHE C 464 45.59 -5.22 0.82
C PHE C 464 44.95 -5.68 2.13
N THR C 465 45.37 -5.08 3.24
CA THR C 465 44.80 -5.45 4.54
C THR C 465 43.30 -5.20 4.58
N ALA C 466 42.87 -4.04 4.06
CA ALA C 466 41.44 -3.74 4.03
C ALA C 466 40.69 -4.74 3.17
N LEU C 467 41.28 -5.14 2.04
CA LEU C 467 40.65 -6.16 1.20
C LEU C 467 40.48 -7.46 1.95
N ILE C 468 41.51 -7.89 2.67
CA ILE C 468 41.46 -9.19 3.33
C ILE C 468 40.38 -9.22 4.40
N LYS C 469 40.30 -8.16 5.21
CA LYS C 469 39.46 -8.17 6.41
C LYS C 469 38.06 -7.62 6.17
N ASP C 470 37.61 -7.58 4.92
CA ASP C 470 36.25 -7.17 4.60
C ASP C 470 35.96 -5.77 5.12
N ARG C 471 36.66 -4.78 4.55
CA ARG C 471 36.53 -3.38 4.92
C ARG C 471 36.19 -2.60 3.65
N PRO C 472 34.94 -2.69 3.18
CA PRO C 472 34.61 -2.05 1.90
C PRO C 472 34.69 -0.53 1.93
N LYS C 473 34.23 0.10 3.00
CA LYS C 473 34.24 1.55 3.06
C LYS C 473 35.67 2.09 3.02
N PHE C 474 36.59 1.43 3.72
CA PHE C 474 37.99 1.82 3.64
C PHE C 474 38.56 1.60 2.24
N VAL C 475 38.11 0.55 1.56
CA VAL C 475 38.53 0.33 0.16
C VAL C 475 38.09 1.51 -0.70
N ARG C 476 36.83 1.92 -0.56
CA ARG C 476 36.35 3.06 -1.32
C ARG C 476 37.13 4.32 -0.99
N LEU C 477 37.40 4.54 0.31
CA LEU C 477 38.16 5.73 0.71
C LEU C 477 39.55 5.72 0.10
N PHE C 478 40.22 4.57 0.10
CA PHE C 478 41.54 4.47 -0.50
C PHE C 478 41.48 4.74 -2.00
N LEU C 479 40.47 4.20 -2.68
CA LEU C 479 40.33 4.43 -4.11
C LEU C 479 40.14 5.91 -4.40
N GLU C 480 39.34 6.59 -3.58
CA GLU C 480 39.11 8.02 -3.80
C GLU C 480 40.41 8.81 -3.67
N ASN C 481 41.23 8.47 -2.68
CA ASN C 481 42.42 9.26 -2.35
C ASN C 481 43.64 8.74 -3.12
N GLY C 482 43.57 8.90 -4.44
CA GLY C 482 44.73 8.71 -5.29
C GLY C 482 45.35 7.33 -5.26
N LEU C 483 44.54 6.29 -5.38
CA LEU C 483 45.01 4.91 -5.47
C LEU C 483 44.67 4.36 -6.84
N ASN C 484 45.66 3.78 -7.51
CA ASN C 484 45.48 3.18 -8.83
C ASN C 484 45.27 1.68 -8.63
N LEU C 485 44.02 1.24 -8.76
CA LEU C 485 43.69 -0.15 -8.52
C LEU C 485 44.26 -1.05 -9.62
N GLN C 486 44.36 -0.54 -10.84
CA GLN C 486 44.89 -1.35 -11.94
C GLN C 486 46.33 -1.76 -11.68
N LYS C 487 47.15 -0.82 -11.20
CA LYS C 487 48.55 -1.13 -10.93
C LYS C 487 48.71 -2.00 -9.68
N PHE C 488 47.84 -1.81 -8.70
CA PHE C 488 47.96 -2.56 -7.46
C PHE C 488 47.79 -4.06 -7.68
N LEU C 489 46.84 -4.44 -8.53
CA LEU C 489 46.50 -5.85 -8.73
C LEU C 489 47.57 -6.51 -9.59
N THR C 490 48.69 -6.82 -8.95
CA THR C 490 49.75 -7.57 -9.60
C THR C 490 49.41 -9.06 -9.61
N ASN C 491 50.10 -9.80 -10.48
CA ASN C 491 49.81 -11.21 -10.63
C ASN C 491 50.10 -11.98 -9.35
N GLU C 492 51.22 -11.67 -8.69
CA GLU C 492 51.56 -12.37 -7.45
C GLU C 492 50.51 -12.10 -6.38
N VAL C 493 50.09 -10.85 -6.25
CA VAL C 493 49.07 -10.50 -5.26
C VAL C 493 47.79 -11.29 -5.54
N LEU C 494 47.37 -11.31 -6.80
CA LEU C 494 46.11 -11.96 -7.15
C LEU C 494 46.17 -13.46 -6.90
N THR C 495 47.28 -14.10 -7.29
CA THR C 495 47.40 -15.55 -7.09
C THR C 495 47.45 -15.88 -5.60
N GLU C 496 48.18 -15.10 -4.80
CA GLU C 496 48.21 -15.34 -3.37
C GLU C 496 46.82 -15.17 -2.77
N LEU C 497 46.10 -14.13 -3.21
CA LEU C 497 44.76 -13.89 -2.69
C LEU C 497 43.81 -15.02 -3.04
N PHE C 498 43.91 -15.55 -4.26
CA PHE C 498 43.06 -16.67 -4.65
C PHE C 498 43.45 -17.96 -3.93
N SER C 499 44.73 -18.11 -3.58
CA SER C 499 45.19 -19.38 -3.02
C SER C 499 44.93 -19.45 -1.52
N THR C 500 45.32 -18.42 -0.77
CA THR C 500 45.29 -18.49 0.69
C THR C 500 43.94 -18.08 1.26
N HIS C 501 43.42 -16.94 0.83
CA HIS C 501 42.22 -16.35 1.43
C HIS C 501 40.93 -16.83 0.78
N PHE C 502 41.00 -17.77 -0.16
CA PHE C 502 39.81 -18.33 -0.80
C PHE C 502 39.35 -19.52 0.03
N SER C 503 38.15 -19.40 0.62
CA SER C 503 37.66 -20.42 1.53
C SER C 503 37.53 -21.76 0.82
N THR C 504 37.90 -22.83 1.53
CA THR C 504 37.82 -24.16 0.96
C THR C 504 36.37 -24.61 0.78
N LEU C 505 35.47 -24.14 1.64
CA LEU C 505 34.06 -24.48 1.48
C LEU C 505 33.52 -23.97 0.16
N VAL C 506 33.85 -22.73 -0.19
CA VAL C 506 33.39 -22.16 -1.46
C VAL C 506 34.01 -22.91 -2.62
N TYR C 507 35.26 -23.33 -2.49
CA TYR C 507 35.90 -24.10 -3.55
C TYR C 507 35.21 -25.44 -3.74
N ARG C 508 34.84 -26.10 -2.63
CA ARG C 508 34.10 -27.35 -2.73
C ARG C 508 32.75 -27.13 -3.42
N ASN C 509 32.05 -26.06 -3.04
CA ASN C 509 30.78 -25.77 -3.69
C ASN C 509 30.96 -25.52 -5.18
N LEU C 510 32.03 -24.82 -5.55
CA LEU C 510 32.32 -24.57 -6.96
C LEU C 510 32.60 -25.88 -7.69
N GLN C 511 33.34 -26.79 -7.06
CA GLN C 511 33.59 -28.10 -7.66
C GLN C 511 32.27 -28.84 -7.87
N ILE C 512 31.39 -28.80 -6.88
CA ILE C 512 30.10 -29.49 -7.01
C ILE C 512 29.32 -28.91 -8.18
N ALA C 513 29.27 -27.58 -8.28
CA ALA C 513 28.55 -26.95 -9.38
C ALA C 513 29.16 -27.31 -10.72
N LYS C 514 30.50 -27.31 -10.81
CA LYS C 514 31.17 -27.64 -12.05
C LYS C 514 30.87 -29.07 -12.48
N ASN C 515 30.90 -30.01 -11.53
CA ASN C 515 30.69 -31.41 -11.88
C ASN C 515 29.23 -31.70 -12.19
N SER C 516 28.30 -31.04 -11.50
CA SER C 516 26.87 -31.33 -11.67
C SER C 516 26.22 -30.38 -12.67
N TYR C 517 26.27 -29.08 -12.41
CA TYR C 517 25.62 -28.08 -13.25
C TYR C 517 26.70 -27.30 -13.99
N ASN C 518 27.10 -27.82 -15.14
CA ASN C 518 28.11 -27.17 -15.96
C ASN C 518 27.47 -26.16 -16.90
N ASP C 519 28.28 -25.21 -17.36
CA ASP C 519 27.79 -24.15 -18.22
C ASP C 519 28.96 -23.60 -19.03
N ALA C 520 28.62 -22.91 -20.12
CA ALA C 520 29.65 -22.33 -20.98
C ALA C 520 30.46 -21.26 -20.26
N LEU C 521 29.89 -20.63 -19.23
CA LEU C 521 30.56 -19.57 -18.49
C LEU C 521 31.27 -20.10 -17.25
N LEU C 522 30.60 -20.96 -16.47
CA LEU C 522 31.19 -21.45 -15.23
C LEU C 522 32.51 -22.15 -15.48
N THR C 523 32.64 -22.82 -16.63
CA THR C 523 33.92 -23.46 -16.96
C THR C 523 35.02 -22.42 -17.10
N PHE C 524 34.71 -21.26 -17.68
CA PHE C 524 35.72 -20.22 -17.85
C PHE C 524 36.22 -19.71 -16.51
N VAL C 525 35.31 -19.41 -15.58
CA VAL C 525 35.73 -18.92 -14.28
C VAL C 525 36.46 -20.01 -13.50
N TRP C 526 36.04 -21.27 -13.67
CA TRP C 526 36.74 -22.37 -13.01
C TRP C 526 38.17 -22.48 -13.52
N LYS C 527 38.37 -22.35 -14.83
CA LYS C 527 39.72 -22.39 -15.39
C LYS C 527 40.54 -21.22 -14.88
N LEU C 528 39.94 -20.03 -14.83
CA LEU C 528 40.66 -18.86 -14.32
C LEU C 528 41.08 -19.07 -12.87
N VAL C 529 40.17 -19.58 -12.05
CA VAL C 529 40.47 -19.82 -10.64
C VAL C 529 41.58 -20.86 -10.51
N ALA C 530 41.51 -21.92 -11.30
CA ALA C 530 42.56 -22.94 -11.25
C ALA C 530 43.91 -22.36 -11.67
N ASN C 531 43.92 -21.52 -12.71
CA ASN C 531 45.16 -20.93 -13.17
C ASN C 531 45.78 -20.05 -12.09
N PHE C 532 44.96 -19.24 -11.42
CA PHE C 532 45.51 -18.38 -10.37
C PHE C 532 45.87 -19.16 -9.13
N ARG C 533 45.16 -20.25 -8.83
CA ARG C 533 45.41 -21.01 -7.62
C ARG C 533 46.66 -21.86 -7.74
N ARG C 534 46.86 -22.52 -8.88
CA ARG C 534 48.04 -23.35 -9.06
C ARG C 534 49.31 -22.50 -9.18
N SER C 535 49.22 -21.38 -9.90
CA SER C 535 50.37 -20.52 -10.11
C SER C 535 49.94 -19.07 -10.26
N THR C 558 47.04 -10.55 -14.99
CA THR C 558 46.38 -11.09 -16.17
C THR C 558 45.86 -9.97 -17.06
N ARG C 559 45.09 -10.34 -18.09
CA ARG C 559 44.56 -9.35 -19.01
C ARG C 559 43.58 -8.41 -18.31
N HIS C 560 42.71 -8.95 -17.47
CA HIS C 560 41.65 -8.18 -16.81
C HIS C 560 41.69 -8.47 -15.32
N PRO C 561 42.63 -7.87 -14.59
CA PRO C 561 42.69 -8.11 -13.13
C PRO C 561 41.42 -7.68 -12.40
N LEU C 562 40.79 -6.59 -12.85
CA LEU C 562 39.59 -6.12 -12.19
C LEU C 562 38.47 -7.15 -12.27
N GLN C 563 38.31 -7.79 -13.42
CA GLN C 563 37.29 -8.83 -13.55
C GLN C 563 37.59 -10.00 -12.61
N ALA C 564 38.86 -10.38 -12.50
CA ALA C 564 39.22 -11.46 -11.58
C ALA C 564 38.90 -11.10 -10.14
N LEU C 565 39.21 -9.87 -9.73
CA LEU C 565 38.89 -9.44 -8.38
C LEU C 565 37.38 -9.42 -8.15
N PHE C 566 36.63 -8.95 -9.14
CA PHE C 566 35.17 -8.94 -9.03
C PHE C 566 34.63 -10.36 -8.87
N ILE C 567 35.19 -11.31 -9.64
CA ILE C 567 34.77 -12.70 -9.52
C ILE C 567 35.10 -13.23 -8.12
N TRP C 568 36.29 -12.92 -7.62
CA TRP C 568 36.66 -13.36 -6.28
C TRP C 568 35.68 -12.84 -5.24
N ALA C 569 35.33 -11.55 -5.32
CA ALA C 569 34.38 -10.98 -4.38
C ALA C 569 33.01 -11.63 -4.51
N ILE C 570 32.58 -11.89 -5.74
CA ILE C 570 31.24 -12.44 -5.96
C ILE C 570 31.15 -13.86 -5.40
N LEU C 571 32.16 -14.68 -5.68
CA LEU C 571 32.09 -16.09 -5.30
C LEU C 571 31.97 -16.27 -3.79
N GLN C 572 32.40 -15.29 -3.00
CA GLN C 572 32.32 -15.36 -1.55
C GLN C 572 31.14 -14.57 -1.00
N ASN C 573 30.22 -14.15 -1.86
CA ASN C 573 29.01 -13.44 -1.44
C ASN C 573 29.34 -12.19 -0.63
N LYS C 574 30.36 -11.45 -1.07
CA LYS C 574 30.69 -10.15 -0.50
C LYS C 574 29.94 -9.08 -1.29
N LYS C 575 28.94 -8.47 -0.66
CA LYS C 575 28.07 -7.53 -1.38
C LYS C 575 28.73 -6.17 -1.55
N GLU C 576 29.08 -5.52 -0.44
CA GLU C 576 29.60 -4.16 -0.51
C GLU C 576 30.89 -4.09 -1.30
N LEU C 577 31.80 -5.04 -1.05
CA LEU C 577 33.07 -5.05 -1.77
C LEU C 577 32.86 -5.27 -3.26
N SER C 578 31.94 -6.17 -3.62
CA SER C 578 31.65 -6.40 -5.03
C SER C 578 31.08 -5.15 -5.68
N LYS C 579 30.18 -4.45 -4.98
CA LYS C 579 29.64 -3.20 -5.51
C LYS C 579 30.75 -2.18 -5.72
N VAL C 580 31.65 -2.06 -4.75
CA VAL C 580 32.74 -1.09 -4.85
C VAL C 580 33.63 -1.42 -6.04
N ILE C 581 33.97 -2.70 -6.21
CA ILE C 581 34.83 -3.08 -7.33
C ILE C 581 34.11 -2.89 -8.66
N TRP C 582 32.79 -3.06 -8.67
CA TRP C 582 32.05 -2.97 -9.93
C TRP C 582 32.16 -1.58 -10.55
N GLU C 583 32.11 -0.54 -9.73
CA GLU C 583 32.17 0.83 -10.26
C GLU C 583 33.46 1.10 -11.01
N GLN C 584 34.52 0.35 -10.73
CA GLN C 584 35.80 0.55 -11.40
C GLN C 584 35.92 -0.23 -12.70
N THR C 585 35.00 -1.15 -12.97
CA THR C 585 35.07 -1.96 -14.18
C THR C 585 34.65 -1.14 -15.41
N LYS C 586 35.11 -1.61 -16.57
CA LYS C 586 34.76 -0.98 -17.85
C LYS C 586 33.43 -1.52 -18.37
N GLY C 587 33.33 -2.84 -18.55
CA GLY C 587 32.09 -3.45 -18.96
C GLY C 587 31.14 -3.64 -17.78
N CYS C 588 30.59 -2.53 -17.30
CA CYS C 588 29.81 -2.57 -16.07
C CYS C 588 28.56 -3.43 -16.23
N THR C 589 27.76 -3.16 -17.26
CA THR C 589 26.54 -3.93 -17.46
C THR C 589 26.85 -5.37 -17.85
N LEU C 590 27.86 -5.57 -18.69
CA LEU C 590 28.28 -6.92 -19.03
C LEU C 590 28.76 -7.67 -17.78
N ALA C 591 29.52 -7.00 -16.93
CA ALA C 591 29.98 -7.62 -15.70
C ALA C 591 28.79 -7.98 -14.80
N ALA C 592 27.80 -7.10 -14.73
CA ALA C 592 26.62 -7.40 -13.92
C ALA C 592 25.87 -8.61 -14.45
N LEU C 593 25.71 -8.70 -15.77
CA LEU C 593 25.03 -9.86 -16.36
C LEU C 593 25.80 -11.14 -16.05
N GLY C 594 27.12 -11.10 -16.23
CA GLY C 594 27.92 -12.28 -15.95
C GLY C 594 27.85 -12.69 -14.50
N ALA C 595 27.89 -11.71 -13.60
CA ALA C 595 27.78 -12.01 -12.17
C ALA C 595 26.42 -12.61 -11.84
N SER C 596 25.36 -12.08 -12.44
CA SER C 596 24.03 -12.64 -12.20
C SER C 596 23.96 -14.10 -12.64
N LYS C 597 24.47 -14.38 -13.84
CA LYS C 597 24.43 -15.75 -14.34
C LYS C 597 25.26 -16.68 -13.45
N LEU C 598 26.46 -16.24 -13.08
CA LEU C 598 27.32 -17.08 -12.26
C LEU C 598 26.69 -17.34 -10.90
N LEU C 599 26.12 -16.30 -10.29
CA LEU C 599 25.49 -16.48 -8.98
C LEU C 599 24.28 -17.39 -9.07
N LYS C 600 23.49 -17.30 -10.14
CA LYS C 600 22.35 -18.19 -10.30
C LYS C 600 22.81 -19.63 -10.42
N THR C 601 23.76 -19.90 -11.32
CA THR C 601 24.22 -21.27 -11.49
C THR C 601 24.90 -21.79 -10.23
N LEU C 602 25.48 -20.91 -9.43
CA LEU C 602 26.06 -21.33 -8.16
C LEU C 602 24.99 -21.64 -7.13
N ALA C 603 23.94 -20.82 -7.09
CA ALA C 603 22.85 -21.02 -6.13
C ALA C 603 22.02 -22.24 -6.47
N LYS C 604 22.06 -22.70 -7.72
CA LYS C 604 21.36 -23.94 -8.07
C LYS C 604 21.91 -25.14 -7.31
N VAL C 605 23.11 -25.02 -6.73
CA VAL C 605 23.64 -26.08 -5.89
C VAL C 605 22.75 -26.29 -4.67
N LYS C 606 22.90 -27.44 -4.01
CA LYS C 606 22.07 -27.80 -2.88
C LYS C 606 22.89 -28.32 -1.70
N ASN C 607 24.20 -28.08 -1.69
CA ASN C 607 25.02 -28.49 -0.56
C ASN C 607 24.60 -27.76 0.70
N ASP C 608 24.36 -26.46 0.61
CA ASP C 608 23.86 -25.67 1.72
C ASP C 608 22.80 -24.71 1.20
N ILE C 609 21.94 -24.27 2.10
CA ILE C 609 20.77 -23.47 1.75
C ILE C 609 21.02 -21.98 1.92
N ASN C 610 21.59 -21.58 3.06
CA ASN C 610 21.78 -20.16 3.34
C ASN C 610 22.67 -19.50 2.29
N ALA C 611 23.78 -20.14 1.95
CA ALA C 611 24.67 -19.58 0.94
C ALA C 611 23.99 -19.47 -0.41
N ALA C 612 23.22 -20.50 -0.78
CA ALA C 612 22.53 -20.46 -2.06
C ALA C 612 21.51 -19.32 -2.11
N GLY C 613 20.77 -19.13 -1.02
CA GLY C 613 19.81 -18.03 -0.99
C GLY C 613 20.48 -16.68 -1.04
N GLU C 614 21.60 -16.52 -0.33
CA GLU C 614 22.34 -15.27 -0.39
C GLU C 614 22.83 -15.00 -1.81
N SER C 615 23.37 -16.01 -2.47
CA SER C 615 23.83 -15.85 -3.84
C SER C 615 22.67 -15.50 -4.77
N GLU C 616 21.51 -16.13 -4.57
CA GLU C 616 20.37 -15.86 -5.42
C GLU C 616 19.89 -14.42 -5.27
N GLU C 617 19.80 -13.93 -4.03
CA GLU C 617 19.38 -12.55 -3.83
C GLU C 617 20.40 -11.57 -4.41
N LEU C 618 21.69 -11.88 -4.27
CA LEU C 618 22.72 -11.03 -4.87
C LEU C 618 22.59 -11.02 -6.40
N ALA C 619 22.28 -12.18 -6.98
CA ALA C 619 22.09 -12.24 -8.43
C ALA C 619 20.90 -11.39 -8.86
N ASN C 620 19.80 -11.46 -8.11
CA ASN C 620 18.66 -10.62 -8.43
C ASN C 620 19.02 -9.14 -8.33
N GLU C 621 19.79 -8.77 -7.32
CA GLU C 621 20.22 -7.38 -7.15
C GLU C 621 21.04 -6.92 -8.35
N TYR C 622 22.00 -7.74 -8.78
CA TYR C 622 22.84 -7.35 -9.90
C TYR C 622 22.05 -7.29 -11.20
N GLU C 623 21.10 -8.21 -11.38
CA GLU C 623 20.23 -8.16 -12.55
C GLU C 623 19.44 -6.86 -12.58
N THR C 624 18.88 -6.47 -11.44
CA THR C 624 18.15 -5.21 -11.38
C THR C 624 19.05 -4.03 -11.69
N ARG C 625 20.27 -4.04 -11.15
CA ARG C 625 21.21 -2.95 -11.43
C ARG C 625 21.49 -2.87 -12.92
N ALA C 626 21.75 -4.00 -13.57
CA ALA C 626 22.04 -3.98 -15.00
C ALA C 626 20.85 -3.47 -15.79
N VAL C 627 19.64 -3.92 -15.43
CA VAL C 627 18.45 -3.50 -16.16
C VAL C 627 18.28 -1.99 -16.05
N GLU C 628 18.37 -1.45 -14.84
CA GLU C 628 18.19 -0.02 -14.66
C GLU C 628 19.28 0.77 -15.38
N LEU C 629 20.52 0.32 -15.28
CA LEU C 629 21.62 1.05 -15.91
C LEU C 629 21.45 1.08 -17.42
N PHE C 630 21.09 -0.06 -18.03
CA PHE C 630 20.92 -0.06 -19.47
C PHE C 630 19.68 0.71 -19.89
N THR C 631 18.63 0.73 -19.06
CA THR C 631 17.47 1.55 -19.37
C THR C 631 17.86 3.02 -19.43
N GLU C 632 18.62 3.48 -18.43
CA GLU C 632 19.10 4.86 -18.46
C GLU C 632 20.00 5.11 -19.65
N CYS C 633 20.88 4.16 -19.95
CA CYS C 633 21.81 4.31 -21.06
C CYS C 633 21.08 4.45 -22.38
N TYR C 634 20.03 3.64 -22.59
CA TYR C 634 19.26 3.72 -23.82
C TYR C 634 18.43 5.00 -23.87
N SER C 635 17.90 5.43 -22.72
CA SER C 635 17.14 6.67 -22.70
C SER C 635 18.02 7.86 -23.08
N ASN C 636 19.26 7.89 -22.59
CA ASN C 636 20.15 8.99 -22.95
C ASN C 636 20.47 8.98 -24.44
N ASP C 637 20.72 7.81 -25.00
CA ASP C 637 21.08 7.70 -26.41
C ASP C 637 20.71 6.31 -26.91
N GLU C 638 20.60 6.18 -28.22
CA GLU C 638 20.11 4.96 -28.86
C GLU C 638 21.19 4.22 -29.63
N ASP C 639 21.85 4.90 -30.57
CA ASP C 639 22.84 4.22 -31.41
C ASP C 639 24.01 3.71 -30.55
N LEU C 640 24.50 4.53 -29.64
CA LEU C 640 25.60 4.10 -28.77
C LEU C 640 25.16 2.96 -27.88
N ALA C 641 23.92 3.00 -27.38
CA ALA C 641 23.43 1.91 -26.55
C ALA C 641 23.38 0.60 -27.33
N GLU C 642 22.90 0.66 -28.58
CA GLU C 642 22.88 -0.55 -29.40
C GLU C 642 24.29 -1.07 -29.67
N GLN C 643 25.22 -0.16 -29.97
CA GLN C 643 26.60 -0.57 -30.21
C GLN C 643 27.17 -1.26 -28.97
N LEU C 644 26.91 -0.70 -27.79
CA LEU C 644 27.39 -1.32 -26.56
C LEU C 644 26.74 -2.68 -26.34
N LEU C 645 25.44 -2.79 -26.61
CA LEU C 645 24.75 -4.05 -26.41
C LEU C 645 25.32 -5.14 -27.30
N VAL C 646 25.58 -4.82 -28.58
CA VAL C 646 26.18 -5.80 -29.49
C VAL C 646 27.69 -5.92 -29.29
N TYR C 647 28.27 -5.16 -28.36
CA TYR C 647 29.71 -5.14 -28.16
C TYR C 647 30.18 -6.49 -27.60
N SER C 648 30.95 -7.23 -28.39
CA SER C 648 31.45 -8.53 -27.94
C SER C 648 32.50 -8.38 -26.85
N CYS C 649 33.26 -7.28 -26.87
CA CYS C 649 34.32 -7.05 -25.89
C CYS C 649 35.44 -8.06 -26.07
N GLU C 650 36.39 -8.08 -25.14
CA GLU C 650 37.56 -8.94 -25.23
C GLU C 650 37.54 -9.93 -24.06
N ALA C 651 36.82 -11.03 -24.24
CA ALA C 651 36.89 -12.19 -23.35
C ALA C 651 36.67 -11.80 -21.89
N TRP C 652 35.48 -11.25 -21.61
CA TRP C 652 35.01 -11.21 -20.24
C TRP C 652 34.57 -12.60 -19.81
N GLY C 653 33.61 -13.16 -20.53
CA GLY C 653 33.25 -14.57 -20.43
C GLY C 653 33.15 -15.18 -21.80
N GLY C 654 33.69 -14.49 -22.80
CA GLY C 654 33.59 -14.94 -24.18
C GLY C 654 32.27 -14.64 -24.85
N SER C 655 31.49 -13.70 -24.32
CA SER C 655 30.17 -13.41 -24.85
C SER C 655 29.81 -11.96 -24.60
N ASN C 656 28.81 -11.48 -25.32
CA ASN C 656 28.31 -10.12 -25.19
C ASN C 656 27.20 -10.07 -24.13
N CYS C 657 26.65 -8.88 -23.92
CA CYS C 657 25.59 -8.71 -22.94
C CYS C 657 24.36 -9.51 -23.32
N LEU C 658 23.99 -9.48 -24.60
CA LEU C 658 22.78 -10.16 -25.04
C LEU C 658 22.89 -11.67 -24.85
N GLU C 659 24.05 -12.25 -25.20
CA GLU C 659 24.24 -13.68 -25.05
C GLU C 659 24.16 -14.11 -23.59
N LEU C 660 24.78 -13.35 -22.69
CA LEU C 660 24.69 -13.69 -21.27
C LEU C 660 23.27 -13.55 -20.77
N ALA C 661 22.56 -12.49 -21.19
CA ALA C 661 21.19 -12.31 -20.75
C ALA C 661 20.30 -13.46 -21.18
N VAL C 662 20.45 -13.91 -22.43
CA VAL C 662 19.61 -15.00 -22.91
C VAL C 662 20.00 -16.32 -22.26
N GLU C 663 21.31 -16.54 -22.07
CA GLU C 663 21.74 -17.79 -21.46
C GLU C 663 21.21 -17.94 -20.03
N ALA C 664 21.20 -16.84 -19.28
CA ALA C 664 20.67 -16.85 -17.92
C ALA C 664 19.16 -16.75 -17.88
N THR C 665 18.50 -16.66 -19.04
CA THR C 665 17.04 -16.57 -19.11
C THR C 665 16.54 -15.31 -18.38
N ASP C 666 17.27 -14.21 -18.55
CA ASP C 666 16.89 -12.93 -17.96
C ASP C 666 15.82 -12.28 -18.85
N GLN C 667 14.62 -12.84 -18.78
CA GLN C 667 13.53 -12.37 -19.63
C GLN C 667 13.21 -10.90 -19.35
N HIS C 668 13.35 -10.47 -18.10
CA HIS C 668 13.03 -9.09 -17.77
C HIS C 668 13.95 -8.11 -18.51
N PHE C 669 15.24 -8.42 -18.56
CA PHE C 669 16.19 -7.52 -19.22
C PHE C 669 15.93 -7.46 -20.72
N ILE C 670 15.71 -8.62 -21.35
CA ILE C 670 15.59 -8.68 -22.80
C ILE C 670 14.23 -8.23 -23.30
N ALA C 671 13.25 -8.10 -22.41
CA ALA C 671 11.92 -7.64 -22.79
C ALA C 671 11.76 -6.12 -22.68
N GLN C 672 12.82 -5.41 -22.34
CA GLN C 672 12.72 -3.97 -22.18
C GLN C 672 12.51 -3.29 -23.53
N PRO C 673 11.91 -2.10 -23.54
CA PRO C 673 11.59 -1.46 -24.84
C PRO C 673 12.79 -1.23 -25.73
N GLY C 674 13.96 -0.90 -25.17
CA GLY C 674 15.12 -0.65 -25.99
C GLY C 674 15.57 -1.89 -26.75
N VAL C 675 15.64 -3.02 -26.05
CA VAL C 675 16.08 -4.26 -26.69
C VAL C 675 15.06 -4.70 -27.73
N GLN C 676 13.77 -4.55 -27.42
CA GLN C 676 12.74 -4.91 -28.39
C GLN C 676 12.82 -4.03 -29.63
N ASN C 677 13.09 -2.73 -29.45
CA ASN C 677 13.25 -1.84 -30.59
C ASN C 677 14.46 -2.24 -31.42
N PHE C 678 15.56 -2.60 -30.77
CA PHE C 678 16.73 -3.06 -31.51
C PHE C 678 16.42 -4.32 -32.30
N LEU C 679 15.70 -5.27 -31.69
CA LEU C 679 15.34 -6.49 -32.38
C LEU C 679 14.42 -6.20 -33.56
N SER C 680 13.49 -5.27 -33.39
CA SER C 680 12.59 -4.90 -34.48
C SER C 680 13.36 -4.25 -35.63
N LYS C 681 14.33 -3.39 -35.30
CA LYS C 681 15.16 -2.81 -36.35
C LYS C 681 15.93 -3.90 -37.10
N GLN C 682 16.48 -4.87 -36.37
CA GLN C 682 17.18 -5.97 -37.02
C GLN C 682 16.23 -6.77 -37.90
N TRP C 683 15.00 -6.98 -37.43
CA TRP C 683 14.03 -7.80 -38.16
C TRP C 683 13.60 -7.12 -39.45
N TYR C 684 13.22 -5.85 -39.39
CA TYR C 684 12.82 -5.11 -40.58
C TYR C 684 14.01 -4.73 -41.46
N GLY C 685 15.22 -4.78 -40.92
CA GLY C 685 16.38 -4.44 -41.72
C GLY C 685 16.31 -3.01 -42.22
N GLU C 686 16.65 -2.81 -43.49
CA GLU C 686 16.68 -1.47 -44.06
C GLU C 686 15.28 -0.86 -44.15
N ILE C 687 14.25 -1.70 -44.24
CA ILE C 687 12.89 -1.18 -44.32
C ILE C 687 12.59 -0.35 -43.08
N SER C 688 11.95 0.81 -43.30
CA SER C 688 11.52 1.62 -42.17
C SER C 688 10.51 0.85 -41.33
N ARG C 689 10.64 0.99 -40.01
CA ARG C 689 9.83 0.19 -39.10
C ARG C 689 8.36 0.61 -39.09
N ASP C 690 8.06 1.86 -39.50
CA ASP C 690 6.70 2.38 -39.39
C ASP C 690 5.85 2.12 -40.63
N THR C 691 6.41 1.55 -41.69
CA THR C 691 5.62 1.24 -42.87
C THR C 691 4.57 0.18 -42.53
N LYS C 692 3.41 0.29 -43.16
CA LYS C 692 2.33 -0.65 -42.90
C LYS C 692 2.62 -2.01 -43.53
N ASN C 693 2.02 -3.05 -42.95
CA ASN C 693 2.36 -4.42 -43.33
C ASN C 693 1.80 -4.78 -44.70
N TRP C 694 0.51 -4.51 -44.92
CA TRP C 694 -0.09 -4.88 -46.20
C TRP C 694 0.64 -4.21 -47.35
N LYS C 695 1.22 -3.03 -47.12
CA LYS C 695 2.05 -2.42 -48.15
C LYS C 695 3.23 -3.31 -48.50
N ILE C 696 3.93 -3.83 -47.48
CA ILE C 696 5.06 -4.72 -47.74
C ILE C 696 4.59 -5.96 -48.49
N ILE C 697 3.46 -6.53 -48.07
CA ILE C 697 3.01 -7.77 -48.70
C ILE C 697 2.67 -7.53 -50.16
N LEU C 698 1.96 -6.43 -50.46
CA LEU C 698 1.64 -6.11 -51.84
C LEU C 698 2.89 -5.87 -52.66
N CYS C 699 3.88 -5.17 -52.10
CA CYS C 699 5.12 -4.98 -52.83
C CYS C 699 5.86 -6.29 -53.04
N LEU C 700 5.72 -7.24 -52.10
CA LEU C 700 6.31 -8.55 -52.28
C LEU C 700 5.67 -9.27 -53.45
N PHE C 701 4.34 -9.25 -53.53
CA PHE C 701 3.67 -9.94 -54.63
C PHE C 701 3.90 -9.23 -55.95
N ILE C 702 3.89 -7.90 -55.95
CA ILE C 702 4.10 -7.10 -57.15
C ILE C 702 5.52 -6.55 -57.09
N ILE C 703 6.41 -7.14 -57.88
CA ILE C 703 7.82 -6.72 -57.86
C ILE C 703 7.99 -5.27 -58.30
N PRO C 704 7.43 -4.81 -59.41
CA PRO C 704 7.76 -3.46 -59.90
C PRO C 704 7.37 -2.34 -58.96
N LEU C 705 6.54 -2.62 -57.94
CA LEU C 705 6.03 -1.54 -57.08
C LEU C 705 7.07 -1.07 -56.06
N VAL C 706 8.08 -1.89 -55.77
CA VAL C 706 9.05 -1.52 -54.75
C VAL C 706 9.76 -0.23 -55.12
N GLY C 707 10.15 -0.08 -56.38
CA GLY C 707 10.88 1.10 -56.79
C GLY C 707 10.09 2.38 -56.66
N CYS C 708 8.76 2.29 -56.74
CA CYS C 708 7.94 3.50 -56.78
C CYS C 708 8.10 4.33 -55.50
N GLY C 709 8.02 3.69 -54.34
CA GLY C 709 8.26 4.39 -53.09
C GLY C 709 7.31 4.10 -51.95
N LEU C 710 6.26 3.31 -52.19
CA LEU C 710 5.26 3.09 -51.14
C LEU C 710 5.88 2.40 -49.93
N VAL C 711 6.98 1.67 -50.11
CA VAL C 711 7.58 0.93 -49.01
C VAL C 711 8.33 1.87 -48.07
N SER C 712 8.94 2.95 -48.59
CA SER C 712 9.49 4.03 -47.78
C SER C 712 10.58 3.53 -46.83
N PHE C 713 11.70 3.13 -47.45
CA PHE C 713 12.85 2.66 -46.68
C PHE C 713 13.30 3.72 -45.67
N ARG C 714 14.01 3.28 -44.64
CA ARG C 714 14.52 4.20 -43.64
C ARG C 714 15.58 5.12 -44.22
N LYS C 715 16.55 4.55 -44.93
CA LYS C 715 17.60 5.35 -45.56
C LYS C 715 17.15 5.86 -46.92
N LYS C 723 20.51 4.27 -56.55
CA LYS C 723 19.48 4.22 -57.58
C LYS C 723 18.48 3.10 -57.29
N LEU C 724 17.61 2.81 -58.26
CA LEU C 724 16.57 1.80 -58.05
C LEU C 724 17.16 0.44 -57.72
N LEU C 725 18.35 0.14 -58.25
CA LEU C 725 18.99 -1.14 -57.94
C LEU C 725 19.26 -1.27 -56.45
N TRP C 726 19.76 -0.21 -55.82
CA TRP C 726 19.99 -0.24 -54.38
C TRP C 726 18.69 -0.47 -53.63
N TYR C 727 17.61 0.17 -54.07
CA TYR C 727 16.32 -0.03 -53.44
C TYR C 727 15.92 -1.51 -53.46
N TYR C 728 16.04 -2.14 -54.63
CA TYR C 728 15.62 -3.54 -54.76
C TYR C 728 16.49 -4.46 -53.93
N VAL C 729 17.82 -4.26 -53.95
CA VAL C 729 18.69 -5.13 -53.16
C VAL C 729 18.41 -4.96 -51.68
N ALA C 730 18.19 -3.71 -51.23
CA ALA C 730 17.86 -3.49 -49.83
C ALA C 730 16.54 -4.16 -49.46
N PHE C 731 15.55 -4.07 -50.34
CA PHE C 731 14.26 -4.70 -50.06
C PHE C 731 14.38 -6.21 -49.95
N PHE C 732 15.09 -6.84 -50.89
CA PHE C 732 15.18 -8.29 -50.91
C PHE C 732 16.22 -8.85 -49.97
N THR C 733 17.06 -8.01 -49.37
CA THR C 733 17.97 -8.44 -48.31
C THR C 733 17.34 -8.31 -46.93
N SER C 734 16.13 -7.76 -46.83
CA SER C 734 15.49 -7.59 -45.54
C SER C 734 15.09 -8.95 -44.97
N PRO C 735 15.32 -9.18 -43.67
CA PRO C 735 14.91 -10.48 -43.10
C PRO C 735 13.41 -10.76 -43.22
N PHE C 736 12.57 -9.73 -43.14
CA PHE C 736 11.13 -9.94 -43.22
C PHE C 736 10.73 -10.48 -44.58
N VAL C 737 11.28 -9.91 -45.66
CA VAL C 737 10.97 -10.39 -47.00
C VAL C 737 11.45 -11.82 -47.19
N VAL C 738 12.66 -12.12 -46.71
CA VAL C 738 13.20 -13.47 -46.81
C VAL C 738 12.29 -14.45 -46.07
N PHE C 739 11.83 -14.06 -44.88
CA PHE C 739 10.95 -14.93 -44.11
C PHE C 739 9.64 -15.18 -44.84
N SER C 740 9.06 -14.13 -45.43
CA SER C 740 7.80 -14.31 -46.16
C SER C 740 7.99 -15.22 -47.36
N TRP C 741 9.07 -15.03 -48.12
CA TRP C 741 9.34 -15.90 -49.25
C TRP C 741 9.54 -17.35 -48.80
N ASN C 742 10.26 -17.55 -47.69
CA ASN C 742 10.47 -18.89 -47.18
C ASN C 742 9.15 -19.53 -46.77
N VAL C 743 8.27 -18.75 -46.14
CA VAL C 743 6.97 -19.28 -45.74
C VAL C 743 6.18 -19.72 -46.96
N VAL C 744 6.14 -18.89 -48.00
CA VAL C 744 5.41 -19.26 -49.21
C VAL C 744 6.01 -20.51 -49.83
N PHE C 745 7.33 -20.57 -49.91
CA PHE C 745 7.99 -21.73 -50.49
C PHE C 745 7.68 -22.99 -49.69
N TYR C 746 7.69 -22.91 -48.37
CA TYR C 746 7.43 -24.08 -47.55
C TYR C 746 5.99 -24.54 -47.67
N ILE C 747 5.05 -23.60 -47.75
CA ILE C 747 3.65 -23.98 -47.95
C ILE C 747 3.49 -24.69 -49.28
N ALA C 748 4.11 -24.16 -50.33
CA ALA C 748 4.03 -24.82 -51.63
C ALA C 748 4.68 -26.21 -51.58
N PHE C 749 5.81 -26.32 -50.87
CA PHE C 749 6.49 -27.60 -50.75
C PHE C 749 5.60 -28.63 -50.06
N LEU C 750 4.94 -28.23 -48.96
CA LEU C 750 4.05 -29.16 -48.28
C LEU C 750 2.87 -29.55 -49.16
N LEU C 751 2.31 -28.59 -49.88
CA LEU C 751 1.19 -28.90 -50.77
C LEU C 751 1.61 -29.91 -51.83
N LEU C 752 2.77 -29.71 -52.44
CA LEU C 752 3.25 -30.63 -53.46
C LEU C 752 3.56 -32.00 -52.85
N PHE C 753 4.13 -32.03 -51.65
CA PHE C 753 4.39 -33.29 -50.96
C PHE C 753 3.09 -34.05 -50.73
N ALA C 754 2.07 -33.38 -50.22
CA ALA C 754 0.79 -34.03 -50.03
C ALA C 754 0.27 -34.60 -51.34
N TYR C 755 0.27 -33.78 -52.40
CA TYR C 755 -0.25 -34.23 -53.68
C TYR C 755 0.49 -35.46 -54.19
N VAL C 756 1.82 -35.40 -54.20
CA VAL C 756 2.61 -36.48 -54.78
C VAL C 756 2.46 -37.75 -53.95
N LEU C 757 2.57 -37.64 -52.63
CA LEU C 757 2.48 -38.83 -51.79
C LEU C 757 1.11 -39.48 -51.90
N LEU C 758 0.05 -38.67 -51.99
CA LEU C 758 -1.29 -39.24 -51.96
C LEU C 758 -1.72 -39.77 -53.33
N MET C 759 -1.43 -39.04 -54.40
CA MET C 759 -1.98 -39.34 -55.72
C MET C 759 -0.95 -39.90 -56.70
N ASP C 760 0.33 -39.87 -56.38
CA ASP C 760 1.38 -40.18 -57.35
C ASP C 760 2.46 -41.07 -56.74
N PHE C 761 2.06 -42.16 -56.09
CA PHE C 761 3.00 -43.06 -55.44
C PHE C 761 3.27 -44.31 -56.28
N HIS C 762 3.32 -44.16 -57.60
CA HIS C 762 3.59 -45.30 -58.47
C HIS C 762 5.02 -45.79 -58.26
N SER C 763 5.23 -47.08 -58.52
CA SER C 763 6.57 -47.65 -58.39
C SER C 763 7.55 -46.99 -59.35
N VAL C 764 7.12 -46.77 -60.59
CA VAL C 764 7.98 -46.09 -61.57
C VAL C 764 8.20 -44.65 -61.14
N PRO C 765 9.42 -44.12 -61.21
CA PRO C 765 9.63 -42.71 -60.82
C PRO C 765 8.83 -41.76 -61.70
N HIS C 766 8.40 -40.65 -61.10
CA HIS C 766 7.64 -39.62 -61.80
C HIS C 766 8.18 -38.26 -61.41
N THR C 767 7.94 -37.28 -62.29
CA THR C 767 8.58 -35.98 -62.15
C THR C 767 8.27 -35.28 -60.83
N PRO C 768 7.02 -35.23 -60.33
CA PRO C 768 6.80 -34.54 -59.05
C PRO C 768 7.62 -35.12 -57.92
N GLU C 769 7.77 -36.44 -57.91
CA GLU C 769 8.60 -37.10 -56.90
C GLU C 769 10.06 -36.65 -57.03
N LEU C 770 10.56 -36.52 -58.26
CA LEU C 770 11.93 -36.05 -58.44
C LEU C 770 12.11 -34.63 -57.92
N ILE C 771 11.14 -33.75 -58.19
CA ILE C 771 11.20 -32.39 -57.67
C ILE C 771 11.23 -32.42 -56.15
N LEU C 772 10.38 -33.26 -55.55
CA LEU C 772 10.35 -33.34 -54.09
C LEU C 772 11.67 -33.84 -53.53
N TYR C 773 12.28 -34.82 -54.19
CA TYR C 773 13.60 -35.30 -53.76
C TYR C 773 14.63 -34.19 -53.80
N ALA C 774 14.64 -33.40 -54.89
CA ALA C 774 15.59 -32.30 -54.98
C ALA C 774 15.38 -31.29 -53.85
N LEU C 775 14.11 -30.96 -53.58
CA LEU C 775 13.83 -29.99 -52.52
C LEU C 775 14.25 -30.52 -51.16
N VAL C 776 14.04 -31.81 -50.90
CA VAL C 776 14.48 -32.35 -49.62
C VAL C 776 15.99 -32.30 -49.51
N PHE C 777 16.71 -32.49 -50.62
CA PHE C 777 18.16 -32.33 -50.55
C PHE C 777 18.55 -30.90 -50.21
N VAL C 778 17.85 -29.92 -50.77
CA VAL C 778 18.14 -28.53 -50.43
C VAL C 778 17.90 -28.30 -48.94
N LEU C 779 16.81 -28.85 -48.41
CA LEU C 779 16.55 -28.73 -46.97
C LEU C 779 17.67 -29.39 -46.16
N PHE C 780 18.17 -30.53 -46.63
CA PHE C 780 19.27 -31.20 -45.94
C PHE C 780 20.51 -30.32 -45.91
N CYS C 781 20.79 -29.65 -47.03
CA CYS C 781 21.94 -28.73 -47.06
C CYS C 781 21.74 -27.57 -46.09
N ASP C 782 20.52 -27.04 -46.02
CA ASP C 782 20.25 -25.99 -45.03
C ASP C 782 20.51 -26.49 -43.62
N GLU C 783 20.07 -27.72 -43.32
CA GLU C 783 20.31 -28.28 -42.00
C GLU C 783 21.80 -28.51 -41.74
N VAL C 784 22.56 -28.86 -42.77
CA VAL C 784 24.01 -28.98 -42.62
C VAL C 784 24.61 -27.63 -42.23
N ARG C 785 24.18 -26.57 -42.93
CA ARG C 785 24.65 -25.24 -42.58
C ARG C 785 24.33 -24.92 -41.12
N GLN C 786 23.09 -25.21 -40.71
CA GLN C 786 22.70 -24.96 -39.32
C GLN C 786 23.55 -25.77 -38.35
N TRP C 787 23.92 -26.99 -38.75
CA TRP C 787 24.78 -27.82 -37.90
C TRP C 787 26.16 -27.19 -37.75
N TYR C 788 26.69 -26.60 -38.82
CA TYR C 788 28.00 -25.96 -38.72
C TYR C 788 28.00 -24.87 -37.66
N MET C 789 26.96 -24.04 -37.63
CA MET C 789 26.86 -22.94 -36.67
C MET C 789 26.12 -23.42 -35.44
N ASN C 790 26.76 -23.26 -34.27
CA ASN C 790 26.18 -23.69 -33.00
C ASN C 790 25.83 -25.18 -33.06
N GLY C 791 26.81 -26.00 -33.41
CA GLY C 791 26.57 -27.43 -33.53
C GLY C 791 26.09 -28.05 -32.23
N VAL C 792 26.69 -27.65 -31.11
CA VAL C 792 26.26 -28.17 -29.82
C VAL C 792 24.81 -27.80 -29.56
N ASN C 793 24.45 -26.53 -29.77
CA ASN C 793 23.06 -26.12 -29.64
C ASN C 793 22.19 -26.80 -30.68
N TYR C 794 22.69 -26.96 -31.90
CA TYR C 794 21.92 -27.61 -32.95
C TYR C 794 21.50 -29.01 -32.54
N PHE C 795 22.43 -29.77 -31.94
CA PHE C 795 22.10 -31.11 -31.50
C PHE C 795 21.24 -31.08 -30.24
N THR C 796 21.50 -30.14 -29.33
CA THR C 796 20.78 -30.10 -28.08
C THR C 796 19.31 -29.73 -28.27
N ASP C 797 19.04 -28.81 -29.19
CA ASP C 797 17.68 -28.32 -29.36
C ASP C 797 16.72 -29.45 -29.69
N LEU C 798 15.58 -29.47 -29.00
CA LEU C 798 14.62 -30.55 -29.19
C LEU C 798 13.97 -30.47 -30.58
N TRP C 799 13.54 -29.28 -30.98
CA TRP C 799 12.88 -29.13 -32.28
C TRP C 799 13.86 -29.31 -33.43
N ASN C 800 15.11 -28.84 -33.26
CA ASN C 800 16.12 -29.09 -34.28
C ASN C 800 16.38 -30.59 -34.42
N VAL C 801 16.46 -31.31 -33.30
CA VAL C 801 16.62 -32.75 -33.36
C VAL C 801 15.42 -33.39 -34.03
N MET C 802 14.22 -32.87 -33.78
CA MET C 802 13.02 -33.38 -34.42
C MET C 802 13.11 -33.24 -35.93
N ASP C 803 13.54 -32.07 -36.41
CA ASP C 803 13.66 -31.86 -37.85
C ASP C 803 14.72 -32.76 -38.45
N THR C 804 15.86 -32.92 -37.78
CA THR C 804 16.91 -33.79 -38.30
C THR C 804 16.42 -35.23 -38.37
N LEU C 805 15.70 -35.69 -37.35
CA LEU C 805 15.13 -37.03 -37.37
C LEU C 805 14.11 -37.16 -38.50
N GLY C 806 13.34 -36.10 -38.76
CA GLY C 806 12.42 -36.13 -39.88
C GLY C 806 13.14 -36.33 -41.20
N LEU C 807 14.23 -35.59 -41.40
CA LEU C 807 15.02 -35.76 -42.63
C LEU C 807 15.58 -37.16 -42.74
N PHE C 808 16.10 -37.70 -41.63
CA PHE C 808 16.66 -39.06 -41.66
C PHE C 808 15.59 -40.08 -42.01
N TYR C 809 14.41 -39.97 -41.39
CA TYR C 809 13.32 -40.88 -41.72
C TYR C 809 12.90 -40.73 -43.18
N PHE C 810 12.90 -39.50 -43.69
CA PHE C 810 12.53 -39.31 -45.09
C PHE C 810 13.51 -40.00 -46.02
N ILE C 811 14.81 -39.85 -45.77
CA ILE C 811 15.78 -40.49 -46.66
C ILE C 811 15.67 -42.01 -46.54
N ALA C 812 15.40 -42.52 -45.34
CA ALA C 812 15.18 -43.96 -45.19
C ALA C 812 13.99 -44.42 -46.01
N GLY C 813 12.88 -43.68 -45.95
CA GLY C 813 11.72 -44.04 -46.74
C GLY C 813 11.98 -43.97 -48.24
N ILE C 814 12.74 -42.95 -48.66
CA ILE C 814 13.07 -42.82 -50.07
C ILE C 814 13.89 -44.02 -50.53
N VAL C 815 14.85 -44.45 -49.71
CA VAL C 815 15.60 -45.66 -50.03
C VAL C 815 14.67 -46.86 -50.09
N PHE C 816 13.69 -46.93 -49.18
CA PHE C 816 12.76 -48.05 -49.17
C PHE C 816 11.96 -48.12 -50.47
N ARG C 817 11.48 -46.97 -50.97
CA ARG C 817 10.70 -46.98 -52.19
C ARG C 817 11.51 -47.48 -53.38
N LEU C 818 12.83 -47.31 -53.33
CA LEU C 818 13.67 -47.68 -54.48
C LEU C 818 13.53 -49.16 -54.80
N HIS C 819 13.51 -50.01 -53.77
CA HIS C 819 13.39 -51.45 -53.96
C HIS C 819 11.95 -51.77 -54.31
N SER C 820 11.63 -51.68 -55.60
CA SER C 820 10.27 -51.91 -56.09
C SER C 820 9.94 -53.39 -56.23
N SER C 821 10.91 -54.28 -56.11
CA SER C 821 10.64 -55.71 -56.25
C SER C 821 9.68 -56.19 -55.16
N ASN C 822 9.87 -55.71 -53.94
CA ASN C 822 9.07 -56.15 -52.79
C ASN C 822 7.90 -55.20 -52.57
N LYS C 823 6.69 -55.76 -52.54
CA LYS C 823 5.50 -54.98 -52.24
C LYS C 823 5.58 -54.40 -50.83
N SER C 824 6.05 -55.21 -49.87
CA SER C 824 6.16 -54.75 -48.49
C SER C 824 7.11 -53.56 -48.39
N SER C 825 8.17 -53.56 -49.18
CA SER C 825 9.08 -52.41 -49.18
C SER C 825 8.36 -51.14 -49.64
N LEU C 826 7.54 -51.26 -50.68
CA LEU C 826 6.77 -50.12 -51.16
C LEU C 826 5.82 -49.61 -50.07
N TYR C 827 5.13 -50.53 -49.40
CA TYR C 827 4.20 -50.13 -48.34
C TYR C 827 4.95 -49.44 -47.20
N SER C 828 6.10 -49.99 -46.81
CA SER C 828 6.87 -49.39 -45.72
C SER C 828 7.38 -48.02 -46.10
N GLY C 829 7.81 -47.84 -47.35
CA GLY C 829 8.21 -46.52 -47.80
C GLY C 829 7.07 -45.53 -47.73
N ARG C 830 5.88 -45.94 -48.14
CA ARG C 830 4.71 -45.06 -48.04
C ARG C 830 4.45 -44.66 -46.58
N VAL C 831 4.53 -45.63 -45.67
CA VAL C 831 4.28 -45.35 -44.26
C VAL C 831 5.30 -44.34 -43.72
N ILE C 832 6.58 -44.58 -44.01
CA ILE C 832 7.63 -43.68 -43.54
C ILE C 832 7.44 -42.30 -44.13
N PHE C 833 7.00 -42.22 -45.39
CA PHE C 833 6.74 -40.93 -46.01
C PHE C 833 5.62 -40.19 -45.29
N CYS C 834 4.58 -40.92 -44.87
CA CYS C 834 3.51 -40.28 -44.11
C CYS C 834 4.04 -39.67 -42.81
N LEU C 835 4.87 -40.43 -42.10
CA LEU C 835 5.45 -39.90 -40.86
C LEU C 835 6.32 -38.67 -41.16
N ASP C 836 7.11 -38.72 -42.22
CA ASP C 836 7.92 -37.57 -42.60
C ASP C 836 7.05 -36.36 -42.88
N TYR C 837 5.91 -36.57 -43.53
CA TYR C 837 5.00 -35.47 -43.84
C TYR C 837 4.48 -34.82 -42.57
N ILE C 838 4.08 -35.64 -41.59
CA ILE C 838 3.53 -35.05 -40.37
C ILE C 838 4.62 -34.29 -39.62
N ILE C 839 5.86 -34.80 -39.64
CA ILE C 839 6.96 -34.06 -39.00
C ILE C 839 7.19 -32.72 -39.70
N PHE C 840 7.12 -32.72 -41.04
CA PHE C 840 7.28 -31.46 -41.76
C PHE C 840 6.15 -30.49 -41.43
N THR C 841 4.94 -31.00 -41.21
CA THR C 841 3.86 -30.13 -40.75
C THR C 841 4.19 -29.52 -39.40
N LEU C 842 4.78 -30.31 -38.50
CA LEU C 842 5.20 -29.75 -37.22
C LEU C 842 6.20 -28.63 -37.42
N ARG C 843 7.11 -28.79 -38.38
CA ARG C 843 8.05 -27.72 -38.71
C ARG C 843 7.31 -26.46 -39.17
N LEU C 844 6.33 -26.64 -40.06
CA LEU C 844 5.52 -25.50 -40.50
C LEU C 844 4.87 -24.81 -39.31
N ILE C 845 4.33 -25.59 -38.38
CA ILE C 845 3.74 -25.01 -37.18
C ILE C 845 4.78 -24.20 -36.42
N HIS C 846 6.00 -24.75 -36.31
CA HIS C 846 7.07 -24.01 -35.65
C HIS C 846 7.27 -22.64 -36.26
N ILE C 847 7.08 -22.54 -37.58
CA ILE C 847 7.28 -21.23 -38.23
C ILE C 847 6.32 -20.19 -37.65
N PHE C 848 5.05 -20.55 -37.47
CA PHE C 848 3.99 -19.57 -37.19
C PHE C 848 4.25 -18.70 -35.96
N THR C 849 5.26 -19.05 -35.15
CA THR C 849 5.47 -18.34 -33.90
C THR C 849 5.81 -16.86 -34.10
N VAL C 850 6.19 -16.47 -35.32
CA VAL C 850 6.58 -15.08 -35.55
C VAL C 850 5.44 -14.13 -35.20
N SER C 851 4.25 -14.42 -35.71
CA SER C 851 3.14 -13.47 -35.61
C SER C 851 2.79 -13.22 -34.15
N ARG C 852 2.64 -11.94 -33.81
CA ARG C 852 2.24 -11.55 -32.47
C ARG C 852 0.83 -12.01 -32.13
N ASN C 853 -0.02 -12.22 -33.15
CA ASN C 853 -1.40 -12.57 -32.89
C ASN C 853 -1.53 -13.92 -32.21
N LEU C 854 -0.78 -14.92 -32.68
CA LEU C 854 -0.99 -16.31 -32.26
C LEU C 854 0.21 -16.97 -31.60
N GLY C 855 1.39 -16.34 -31.62
CA GLY C 855 2.57 -16.94 -31.05
C GLY C 855 2.40 -17.29 -29.59
N PRO C 856 1.88 -16.34 -28.80
CA PRO C 856 1.57 -16.66 -27.40
C PRO C 856 0.63 -17.83 -27.25
N LYS C 857 -0.32 -18.00 -28.19
CA LYS C 857 -1.21 -19.14 -28.13
C LYS C 857 -0.44 -20.45 -28.30
N ILE C 858 0.50 -20.49 -29.23
CA ILE C 858 1.32 -21.69 -29.42
C ILE C 858 2.14 -21.96 -28.16
N ILE C 859 2.71 -20.91 -27.57
CA ILE C 859 3.47 -21.09 -26.33
C ILE C 859 2.57 -21.68 -25.26
N MET C 860 1.35 -21.16 -25.13
CA MET C 860 0.44 -21.65 -24.09
C MET C 860 0.06 -23.10 -24.33
N LEU C 861 -0.17 -23.48 -25.59
CA LEU C 861 -0.47 -24.88 -25.89
C LEU C 861 0.69 -25.78 -25.50
N GLN C 862 1.92 -25.36 -25.85
CA GLN C 862 3.09 -26.14 -25.46
C GLN C 862 3.16 -26.29 -23.94
N ARG C 863 2.87 -25.21 -23.21
CA ARG C 863 2.92 -25.27 -21.76
C ARG C 863 1.87 -26.22 -21.20
N MET C 864 0.66 -26.18 -21.75
CA MET C 864 -0.45 -26.97 -21.22
C MET C 864 -0.34 -28.45 -21.56
N LEU C 865 0.40 -28.80 -22.62
CA LEU C 865 0.46 -30.20 -23.05
C LEU C 865 0.97 -31.11 -21.95
N ILE C 866 1.99 -30.67 -21.21
CA ILE C 866 2.61 -31.52 -20.19
C ILE C 866 1.59 -31.87 -19.10
N ASP C 867 0.92 -30.86 -18.56
CA ASP C 867 -0.04 -31.09 -17.49
C ASP C 867 -1.22 -31.92 -17.96
N VAL C 868 -1.72 -31.65 -19.18
CA VAL C 868 -2.83 -32.46 -19.66
C VAL C 868 -2.39 -33.90 -19.86
N PHE C 869 -1.13 -34.12 -20.26
CA PHE C 869 -0.63 -35.48 -20.38
C PHE C 869 -0.68 -36.20 -19.04
N PHE C 870 -0.23 -35.54 -17.97
CA PHE C 870 -0.26 -36.19 -16.66
C PHE C 870 -1.70 -36.49 -16.23
N PHE C 871 -2.61 -35.54 -16.44
CA PHE C 871 -4.01 -35.77 -16.09
C PHE C 871 -4.57 -36.98 -16.85
N LEU C 872 -4.31 -37.03 -18.15
CA LEU C 872 -4.80 -38.15 -18.95
C LEU C 872 -4.14 -39.46 -18.55
N PHE C 873 -2.92 -39.42 -18.04
CA PHE C 873 -2.27 -40.65 -17.57
C PHE C 873 -2.98 -41.19 -16.33
N LEU C 874 -3.30 -40.33 -15.38
CA LEU C 874 -4.07 -40.78 -14.22
C LEU C 874 -5.42 -41.34 -14.67
N PHE C 875 -6.08 -40.63 -15.59
CA PHE C 875 -7.34 -41.13 -16.16
C PHE C 875 -7.15 -42.53 -16.73
N ALA C 876 -6.09 -42.72 -17.51
CA ALA C 876 -5.87 -43.99 -18.18
C ALA C 876 -5.71 -45.11 -17.17
N VAL C 877 -4.92 -44.89 -16.12
CA VAL C 877 -4.67 -45.99 -15.19
C VAL C 877 -5.96 -46.37 -14.46
N TRP C 878 -6.71 -45.39 -13.95
CA TRP C 878 -7.88 -45.78 -13.16
C TRP C 878 -8.98 -46.33 -14.07
N MET C 879 -9.07 -45.84 -15.30
CA MET C 879 -10.02 -46.40 -16.25
C MET C 879 -9.64 -47.83 -16.63
N VAL C 880 -8.33 -48.10 -16.75
CA VAL C 880 -7.88 -49.46 -17.02
C VAL C 880 -8.29 -50.38 -15.89
N ALA C 881 -8.13 -49.91 -14.64
CA ALA C 881 -8.54 -50.74 -13.51
C ALA C 881 -10.03 -51.03 -13.53
N PHE C 882 -10.85 -50.00 -13.79
CA PHE C 882 -12.28 -50.24 -13.89
C PHE C 882 -12.59 -51.24 -15.01
N GLY C 883 -11.95 -51.08 -16.16
CA GLY C 883 -12.23 -51.96 -17.28
C GLY C 883 -11.82 -53.40 -17.01
N VAL C 884 -10.67 -53.60 -16.37
CA VAL C 884 -10.23 -54.96 -16.07
C VAL C 884 -11.16 -55.60 -15.05
N ALA C 885 -11.62 -54.84 -14.05
CA ALA C 885 -12.59 -55.39 -13.11
C ALA C 885 -13.87 -55.80 -13.83
N ARG C 886 -14.36 -54.93 -14.72
CA ARG C 886 -15.58 -55.23 -15.47
C ARG C 886 -15.41 -56.48 -16.32
N GLN C 887 -14.29 -56.58 -17.04
CA GLN C 887 -14.04 -57.75 -17.87
C GLN C 887 -13.94 -59.01 -17.02
N GLY C 888 -13.23 -58.93 -15.89
CA GLY C 888 -13.11 -60.09 -15.03
C GLY C 888 -14.45 -60.61 -14.57
N ILE C 889 -15.32 -59.69 -14.11
CA ILE C 889 -16.63 -60.13 -13.64
C ILE C 889 -17.48 -60.66 -14.79
N LEU C 890 -17.37 -60.03 -15.97
CA LEU C 890 -18.33 -60.33 -17.04
C LEU C 890 -18.05 -61.69 -17.67
N ARG C 891 -16.79 -62.00 -17.97
CA ARG C 891 -16.44 -63.20 -18.71
C ARG C 891 -15.31 -63.94 -18.00
N GLN C 892 -15.05 -65.17 -18.46
CA GLN C 892 -14.10 -66.06 -17.82
C GLN C 892 -13.13 -66.62 -18.84
N ASN C 893 -11.83 -66.53 -18.53
CA ASN C 893 -10.77 -67.27 -19.21
C ASN C 893 -10.85 -67.10 -20.74
N GLU C 894 -10.61 -65.86 -21.16
CA GLU C 894 -10.39 -65.58 -22.58
C GLU C 894 -8.94 -65.89 -22.92
N GLN C 895 -8.73 -66.84 -23.84
CA GLN C 895 -7.41 -67.37 -24.12
C GLN C 895 -6.71 -66.70 -25.29
N ARG C 896 -7.32 -65.68 -25.90
CA ARG C 896 -6.72 -64.96 -27.02
C ARG C 896 -6.04 -63.71 -26.47
N TRP C 897 -4.71 -63.76 -26.39
CA TRP C 897 -3.97 -62.65 -25.79
C TRP C 897 -4.16 -61.36 -26.58
N ARG C 898 -4.02 -61.43 -27.90
CA ARG C 898 -4.27 -60.25 -28.73
C ARG C 898 -5.70 -59.75 -28.55
N TRP C 899 -6.67 -60.65 -28.70
CA TRP C 899 -8.07 -60.27 -28.62
C TRP C 899 -8.40 -59.71 -27.24
N ILE C 900 -7.92 -60.37 -26.18
CA ILE C 900 -8.28 -59.94 -24.84
C ILE C 900 -7.61 -58.62 -24.49
N PHE C 901 -6.36 -58.44 -24.90
CA PHE C 901 -5.71 -57.15 -24.68
C PHE C 901 -6.51 -56.03 -25.33
N ARG C 902 -6.87 -56.20 -26.60
CA ARG C 902 -7.64 -55.14 -27.26
C ARG C 902 -8.98 -54.93 -26.59
N SER C 903 -9.66 -56.02 -26.21
CA SER C 903 -10.98 -55.89 -25.60
C SER C 903 -10.91 -55.12 -24.28
N VAL C 904 -9.99 -55.52 -23.40
CA VAL C 904 -9.88 -54.84 -22.11
C VAL C 904 -9.50 -53.38 -22.30
N ILE C 905 -8.56 -53.11 -23.21
CA ILE C 905 -8.13 -51.73 -23.42
C ILE C 905 -9.26 -50.87 -23.96
N TYR C 906 -10.09 -51.44 -24.83
CA TYR C 906 -11.04 -50.63 -25.60
C TYR C 906 -12.42 -50.51 -24.94
N GLU C 907 -12.93 -51.59 -24.35
CA GLU C 907 -14.34 -51.61 -23.97
C GLU C 907 -14.72 -50.53 -22.95
N PRO C 908 -13.98 -50.32 -21.86
CA PRO C 908 -14.52 -49.46 -20.79
C PRO C 908 -14.86 -48.06 -21.27
N TYR C 909 -14.04 -47.48 -22.15
CA TYR C 909 -14.29 -46.11 -22.60
C TYR C 909 -15.63 -46.03 -23.34
N LEU C 910 -15.90 -46.98 -24.23
CA LEU C 910 -17.18 -46.99 -24.93
C LEU C 910 -18.33 -47.28 -23.96
N ALA C 911 -18.13 -48.24 -23.04
CA ALA C 911 -19.18 -48.60 -22.11
C ALA C 911 -19.59 -47.43 -21.24
N MET C 912 -18.64 -46.55 -20.90
CA MET C 912 -18.96 -45.41 -20.06
C MET C 912 -19.98 -44.48 -20.74
N PHE C 913 -19.60 -43.90 -21.87
CA PHE C 913 -20.39 -42.88 -22.54
C PHE C 913 -20.76 -43.22 -23.97
N GLY C 914 -19.86 -43.87 -24.72
CA GLY C 914 -20.13 -44.09 -26.13
C GLY C 914 -21.34 -44.95 -26.37
N GLN C 915 -21.46 -46.06 -25.66
CA GLN C 915 -22.56 -47.00 -25.84
C GLN C 915 -22.67 -47.88 -24.61
N VAL C 916 -23.77 -48.62 -24.55
CA VAL C 916 -24.03 -49.52 -23.42
C VAL C 916 -24.43 -50.89 -23.94
N PRO C 917 -23.56 -51.59 -24.67
CA PRO C 917 -23.90 -52.95 -25.11
C PRO C 917 -24.15 -53.90 -23.95
N SER C 918 -23.42 -53.75 -22.85
CA SER C 918 -23.62 -54.63 -21.71
C SER C 918 -24.96 -54.39 -21.04
N ASP C 919 -25.35 -53.12 -20.90
CA ASP C 919 -26.62 -52.78 -20.26
C ASP C 919 -27.80 -53.30 -21.07
N PHE C 952 -26.57 -65.97 -12.04
CA PHE C 952 -26.73 -64.78 -12.85
C PHE C 952 -28.18 -64.29 -12.82
N PRO C 953 -28.60 -63.73 -11.69
CA PRO C 953 -29.97 -63.20 -11.60
C PRO C 953 -30.08 -61.86 -12.32
N GLU C 954 -31.14 -61.71 -13.12
CA GLU C 954 -31.35 -60.47 -13.85
C GLU C 954 -31.58 -59.30 -12.91
N TRP C 955 -32.36 -59.51 -11.86
CA TRP C 955 -32.74 -58.40 -10.98
C TRP C 955 -31.54 -57.81 -10.26
N ILE C 956 -30.61 -58.64 -9.80
CA ILE C 956 -29.44 -58.15 -9.05
C ILE C 956 -28.29 -57.76 -9.96
N THR C 957 -28.37 -58.05 -11.26
CA THR C 957 -27.26 -57.75 -12.15
C THR C 957 -27.25 -56.28 -12.57
N ILE C 958 -28.40 -55.74 -12.97
CA ILE C 958 -28.44 -54.39 -13.53
C ILE C 958 -27.93 -53.34 -12.54
N PRO C 959 -28.26 -53.37 -11.25
CA PRO C 959 -27.81 -52.29 -10.37
C PRO C 959 -26.31 -52.14 -10.32
N LEU C 960 -25.56 -53.25 -10.39
CA LEU C 960 -24.11 -53.16 -10.34
C LEU C 960 -23.55 -52.49 -11.58
N VAL C 961 -24.10 -52.81 -12.76
CA VAL C 961 -23.67 -52.14 -13.98
C VAL C 961 -24.02 -50.65 -13.91
N CYS C 962 -25.19 -50.34 -13.36
CA CYS C 962 -25.60 -48.94 -13.23
C CYS C 962 -24.65 -48.17 -12.32
N ILE C 963 -24.27 -48.75 -11.18
CA ILE C 963 -23.36 -48.07 -10.26
C ILE C 963 -21.98 -47.94 -10.89
N TYR C 964 -21.55 -48.94 -11.66
CA TYR C 964 -20.29 -48.81 -12.38
C TYR C 964 -20.32 -47.61 -13.33
N MET C 965 -21.40 -47.50 -14.12
CA MET C 965 -21.51 -46.37 -15.04
C MET C 965 -21.53 -45.05 -14.30
N LEU C 966 -22.28 -44.99 -13.20
CA LEU C 966 -22.36 -43.75 -12.42
C LEU C 966 -20.98 -43.36 -11.89
N SER C 967 -20.23 -44.33 -11.35
CA SER C 967 -18.91 -44.04 -10.82
C SER C 967 -17.98 -43.55 -11.94
N THR C 968 -18.01 -44.21 -13.09
CA THR C 968 -17.15 -43.79 -14.19
C THR C 968 -17.48 -42.36 -14.61
N ASN C 969 -18.77 -42.04 -14.75
CA ASN C 969 -19.16 -40.71 -15.19
C ASN C 969 -18.76 -39.64 -14.17
N ILE C 970 -19.00 -39.90 -12.89
CA ILE C 970 -18.66 -38.90 -11.88
C ILE C 970 -17.16 -38.67 -11.84
N LEU C 971 -16.37 -39.75 -11.90
CA LEU C 971 -14.93 -39.58 -11.91
C LEU C 971 -14.46 -38.81 -13.14
N LEU C 972 -15.06 -39.09 -14.31
CA LEU C 972 -14.66 -38.39 -15.53
C LEU C 972 -14.94 -36.91 -15.42
N VAL C 973 -16.14 -36.54 -14.95
CA VAL C 973 -16.48 -35.13 -14.85
C VAL C 973 -15.59 -34.45 -13.79
N ASN C 974 -15.28 -35.18 -12.71
CA ASN C 974 -14.33 -34.65 -11.73
C ASN C 974 -12.99 -34.33 -12.38
N LEU C 975 -12.49 -35.26 -13.20
CA LEU C 975 -11.21 -35.03 -13.87
C LEU C 975 -11.28 -33.81 -14.78
N LEU C 976 -12.35 -33.70 -15.57
CA LEU C 976 -12.47 -32.58 -16.49
C LEU C 976 -12.50 -31.25 -15.75
N VAL C 977 -13.31 -31.17 -14.70
CA VAL C 977 -13.41 -29.91 -13.95
C VAL C 977 -12.09 -29.58 -13.27
N ALA C 978 -11.41 -30.60 -12.73
CA ALA C 978 -10.13 -30.35 -12.08
C ALA C 978 -9.10 -29.81 -13.08
N MET C 979 -9.08 -30.38 -14.29
CA MET C 979 -8.13 -29.92 -15.30
C MET C 979 -8.44 -28.48 -15.73
N PHE C 980 -9.72 -28.20 -15.99
CA PHE C 980 -10.10 -26.84 -16.40
C PHE C 980 -9.90 -25.84 -15.26
N GLY C 981 -9.88 -26.31 -14.02
CA GLY C 981 -9.48 -25.45 -12.92
C GLY C 981 -7.99 -25.21 -12.90
N TYR C 982 -7.20 -26.27 -13.07
CA TYR C 982 -5.75 -26.14 -13.00
C TYR C 982 -5.21 -25.24 -14.09
N THR C 983 -5.87 -25.20 -15.26
CA THR C 983 -5.33 -24.41 -16.36
C THR C 983 -5.30 -22.92 -16.05
N VAL C 984 -6.20 -22.43 -15.19
CA VAL C 984 -6.27 -20.99 -14.94
C VAL C 984 -5.01 -20.49 -14.26
N GLY C 985 -4.44 -21.31 -13.36
CA GLY C 985 -3.20 -20.91 -12.71
C GLY C 985 -2.07 -20.69 -13.69
N ILE C 986 -1.96 -21.57 -14.68
CA ILE C 986 -0.96 -21.38 -15.73
C ILE C 986 -1.28 -20.13 -16.54
N VAL C 987 -2.57 -19.92 -16.85
CA VAL C 987 -2.95 -18.77 -17.65
C VAL C 987 -2.55 -17.47 -16.95
N GLN C 988 -2.68 -17.44 -15.62
CA GLN C 988 -2.44 -16.20 -14.87
C GLN C 988 -1.10 -15.57 -15.25
N GLU C 989 -0.07 -16.38 -15.40
CA GLU C 989 1.24 -15.86 -15.78
C GLU C 989 1.20 -15.29 -17.19
N ASN C 990 1.81 -14.13 -17.38
CA ASN C 990 1.85 -13.49 -18.70
C ASN C 990 2.79 -14.25 -19.62
N ASN C 991 2.49 -14.17 -20.93
CA ASN C 991 3.26 -14.86 -21.95
C ASN C 991 3.99 -13.92 -22.91
N ASP C 992 3.62 -12.63 -22.95
CA ASP C 992 4.31 -11.71 -23.84
C ASP C 992 5.81 -11.66 -23.52
N GLN C 993 6.15 -11.72 -22.24
CA GLN C 993 7.55 -11.77 -21.82
C GLN C 993 8.27 -12.98 -22.44
N VAL C 994 7.68 -14.17 -22.28
CA VAL C 994 8.27 -15.37 -22.86
C VAL C 994 8.24 -15.29 -24.39
N TRP C 995 7.21 -14.68 -24.95
CA TRP C 995 7.14 -14.53 -26.40
C TRP C 995 8.32 -13.71 -26.92
N LYS C 996 8.65 -12.62 -26.23
CA LYS C 996 9.79 -11.81 -26.65
C LYS C 996 11.10 -12.56 -26.45
N PHE C 997 11.22 -13.31 -25.35
CA PHE C 997 12.44 -14.07 -25.13
C PHE C 997 12.66 -15.07 -26.26
N GLN C 998 11.59 -15.74 -26.71
CA GLN C 998 11.70 -16.65 -27.84
C GLN C 998 11.91 -15.88 -29.15
N ARG C 999 11.31 -14.70 -29.26
CA ARG C 999 11.48 -13.87 -30.44
C ARG C 999 12.94 -13.51 -30.64
N TYR C 1000 13.71 -13.43 -29.57
CA TYR C 1000 15.14 -13.18 -29.73
C TYR C 1000 15.80 -14.28 -30.58
N PHE C 1001 15.62 -15.54 -30.19
CA PHE C 1001 16.16 -16.65 -30.98
C PHE C 1001 15.59 -16.62 -32.39
N LEU C 1002 14.29 -16.36 -32.49
CA LEU C 1002 13.62 -16.38 -33.79
C LEU C 1002 14.23 -15.36 -34.74
N VAL C 1003 14.50 -14.16 -34.25
CA VAL C 1003 15.09 -13.11 -35.08
C VAL C 1003 16.55 -13.45 -35.40
N GLN C 1004 17.29 -13.98 -34.42
CA GLN C 1004 18.69 -14.30 -34.66
C GLN C 1004 18.83 -15.36 -35.74
N GLU C 1005 17.94 -16.35 -35.75
CA GLU C 1005 18.05 -17.45 -36.70
C GLU C 1005 18.01 -16.93 -38.13
N TYR C 1006 17.12 -15.99 -38.43
CA TYR C 1006 17.04 -15.42 -39.76
C TYR C 1006 18.06 -14.33 -40.00
N CYS C 1007 18.55 -13.68 -38.94
CA CYS C 1007 19.52 -12.60 -39.13
C CYS C 1007 20.89 -13.15 -39.49
N ASN C 1008 21.33 -14.22 -38.82
CA ASN C 1008 22.64 -14.77 -39.11
C ASN C 1008 22.71 -15.43 -40.48
N ARG C 1009 21.56 -15.83 -41.04
CA ARG C 1009 21.53 -16.49 -42.34
C ARG C 1009 21.75 -15.49 -43.47
N LEU C 1010 22.22 -16.01 -44.60
CA LEU C 1010 22.30 -15.21 -45.81
C LEU C 1010 20.90 -14.79 -46.24
N ASN C 1011 20.74 -13.51 -46.59
CA ASN C 1011 19.44 -12.95 -46.94
C ASN C 1011 19.14 -13.26 -48.41
N ILE C 1012 18.86 -14.53 -48.66
CA ILE C 1012 18.52 -15.01 -50.01
C ILE C 1012 17.19 -15.77 -49.91
N PRO C 1013 16.32 -15.68 -50.89
CA PRO C 1013 15.09 -16.50 -50.86
C PRO C 1013 15.44 -17.97 -50.75
N PHE C 1014 14.64 -18.69 -49.97
CA PHE C 1014 14.94 -20.10 -49.71
C PHE C 1014 15.04 -20.93 -50.99
N PRO C 1015 14.17 -20.77 -51.98
CA PRO C 1015 14.28 -21.65 -53.17
C PRO C 1015 15.64 -21.58 -53.84
N PHE C 1016 16.27 -20.40 -53.87
CA PHE C 1016 17.52 -20.19 -54.57
C PHE C 1016 18.71 -20.04 -53.62
N VAL C 1017 18.58 -20.49 -52.37
CA VAL C 1017 19.67 -20.35 -51.42
C VAL C 1017 20.82 -21.32 -51.71
N VAL C 1018 20.55 -22.42 -52.41
CA VAL C 1018 21.61 -23.38 -52.71
C VAL C 1018 22.64 -22.76 -53.64
N PHE C 1019 22.20 -21.89 -54.55
CA PHE C 1019 23.13 -21.23 -55.45
C PHE C 1019 24.15 -20.40 -54.69
N ALA C 1020 23.71 -19.73 -53.62
CA ALA C 1020 24.64 -18.96 -52.78
C ALA C 1020 25.44 -19.87 -51.86
N TYR C 1021 24.84 -20.96 -51.39
CA TYR C 1021 25.58 -21.92 -50.59
C TYR C 1021 26.75 -22.50 -51.38
N PHE C 1022 26.59 -22.61 -52.69
CA PHE C 1022 27.71 -23.04 -53.54
C PHE C 1022 28.90 -22.11 -53.38
N TYR C 1023 28.65 -20.80 -53.33
CA TYR C 1023 29.72 -19.85 -53.04
C TYR C 1023 30.22 -19.98 -51.62
N MET C 1024 29.32 -20.27 -50.68
CA MET C 1024 29.75 -20.48 -49.30
C MET C 1024 30.78 -21.60 -49.21
N VAL C 1025 30.58 -22.68 -49.95
CA VAL C 1025 31.48 -23.82 -49.88
C VAL C 1025 32.90 -23.42 -50.29
N VAL C 1026 33.02 -22.68 -51.37
CA VAL C 1026 34.34 -22.29 -51.88
C VAL C 1026 34.87 -21.12 -51.07
N ASP C 1050 35.52 1.35 -29.82
CA ASP C 1050 35.00 0.68 -28.64
C ASP C 1050 35.32 1.47 -27.37
N ASN C 1051 36.47 2.14 -27.38
CA ASN C 1051 36.88 2.93 -26.21
C ASN C 1051 35.88 4.03 -25.92
N GLU C 1052 35.40 4.72 -26.98
CA GLU C 1052 34.46 5.81 -26.77
C GLU C 1052 33.15 5.30 -26.16
N THR C 1053 32.67 4.15 -26.63
CA THR C 1053 31.44 3.60 -26.07
C THR C 1053 31.60 3.28 -24.60
N LEU C 1054 32.72 2.65 -24.22
CA LEU C 1054 32.96 2.34 -22.82
C LEU C 1054 33.11 3.62 -22.01
N ALA C 1055 33.81 4.62 -22.54
CA ALA C 1055 33.93 5.90 -21.85
C ALA C 1055 32.55 6.53 -21.66
N TRP C 1056 31.71 6.49 -22.69
CA TRP C 1056 30.34 6.98 -22.55
C TRP C 1056 29.56 6.12 -21.57
N GLU C 1057 29.84 4.82 -21.55
CA GLU C 1057 29.19 3.94 -20.58
C GLU C 1057 29.53 4.37 -19.16
N GLY C 1058 30.80 4.69 -18.90
CA GLY C 1058 31.18 5.14 -17.58
C GLY C 1058 30.46 6.41 -17.16
N VAL C 1059 30.34 7.37 -18.08
CA VAL C 1059 29.69 8.62 -17.76
C VAL C 1059 28.24 8.38 -17.36
N MET C 1060 27.54 7.55 -18.14
CA MET C 1060 26.16 7.22 -17.81
C MET C 1060 26.06 6.50 -16.47
N LYS C 1061 27.06 5.66 -16.16
CA LYS C 1061 27.07 5.00 -14.86
C LYS C 1061 27.15 6.02 -13.72
N GLU C 1062 28.00 7.03 -13.87
CA GLU C 1062 28.13 8.04 -12.83
C GLU C 1062 26.81 8.76 -12.60
N ASN C 1063 26.11 9.09 -13.68
CA ASN C 1063 24.78 9.67 -13.54
C ASN C 1063 23.84 8.71 -12.84
N TYR C 1064 23.90 7.43 -13.18
CA TYR C 1064 23.07 6.44 -12.51
C TYR C 1064 23.40 6.35 -11.03
N LEU C 1065 24.69 6.36 -10.70
CA LEU C 1065 25.09 6.27 -9.29
C LEU C 1065 24.57 7.46 -8.51
N VAL C 1066 24.60 8.66 -9.10
CA VAL C 1066 24.06 9.84 -8.44
C VAL C 1066 22.57 9.68 -8.21
N LYS C 1067 21.85 9.18 -9.21
CA LYS C 1067 20.39 9.07 -9.09
C LYS C 1067 20.00 8.10 -7.99
N ILE C 1068 20.70 6.97 -7.88
CA ILE C 1068 20.37 5.99 -6.85
C ILE C 1068 20.68 6.56 -5.46
N ASN C 1069 21.78 7.29 -5.33
CA ASN C 1069 22.18 7.82 -4.03
C ASN C 1069 21.29 8.94 -3.53
N THR C 1070 20.55 9.61 -4.44
CA THR C 1070 19.73 10.74 -4.03
C THR C 1070 18.58 10.32 -3.12
N LYS C 1071 18.21 9.04 -3.11
CA LYS C 1071 17.08 8.61 -2.30
C LYS C 1071 17.33 8.87 -0.81
N ALA C 1072 18.56 8.63 -0.36
CA ALA C 1072 18.88 8.84 1.05
C ALA C 1072 18.70 10.31 1.45
N ASN C 1073 19.10 11.23 0.57
CA ASN C 1073 19.01 12.65 0.89
C ASN C 1073 17.58 13.13 1.06
N ASP C 1074 16.60 12.36 0.59
CA ASP C 1074 15.20 12.77 0.72
C ASP C 1074 14.75 12.85 2.17
N ASN C 1075 15.47 12.20 3.08
CA ASN C 1075 15.07 12.21 4.48
C ASN C 1075 15.27 13.59 5.11
N SER C 1076 14.61 13.80 6.24
CA SER C 1076 14.71 15.05 6.99
C SER C 1076 15.83 15.03 8.02
N GLU C 1077 16.65 13.98 8.04
CA GLU C 1077 17.80 13.96 8.93
C GLU C 1077 18.71 15.16 8.69
N GLU C 1078 18.80 15.62 7.44
CA GLU C 1078 19.56 16.83 7.17
C GLU C 1078 18.95 18.03 7.89
N MET C 1079 17.62 18.12 7.89
CA MET C 1079 16.97 19.20 8.62
C MET C 1079 17.23 19.09 10.13
N ARG C 1080 17.21 17.87 10.66
CA ARG C 1080 17.52 17.68 12.06
C ARG C 1080 18.95 18.12 12.38
N HIS C 1081 19.90 17.79 11.49
CA HIS C 1081 21.28 18.23 11.68
C HIS C 1081 21.38 19.75 11.62
N ARG C 1082 20.63 20.38 10.72
CA ARG C 1082 20.61 21.84 10.68
C ARG C 1082 20.06 22.42 11.97
N PHE C 1083 19.01 21.79 12.52
CA PHE C 1083 18.47 22.23 13.80
C PHE C 1083 19.52 22.11 14.90
N ARG C 1084 20.27 21.01 14.91
CA ARG C 1084 21.31 20.86 15.92
C ARG C 1084 22.45 21.86 15.72
N GLN C 1085 22.74 22.23 14.48
CA GLN C 1085 23.71 23.30 14.23
C GLN C 1085 23.21 24.63 14.77
N LEU C 1086 21.91 24.91 14.58
CA LEU C 1086 21.35 26.12 15.17
C LEU C 1086 21.45 26.11 16.69
N ASP C 1087 21.18 24.95 17.30
CA ASP C 1087 21.34 24.82 18.74
C ASP C 1087 22.79 25.00 19.16
N SER C 1088 23.74 24.56 18.33
CA SER C 1088 25.15 24.80 18.62
C SER C 1088 25.47 26.29 18.56
N LYS C 1089 24.83 27.02 17.64
CA LYS C 1089 24.96 28.47 17.63
C LYS C 1089 24.42 29.09 18.92
N LEU C 1090 23.28 28.56 19.39
CA LEU C 1090 22.75 29.01 20.68
C LEU C 1090 23.74 28.75 21.80
N ASN C 1091 24.39 27.58 21.77
CA ASN C 1091 25.41 27.26 22.76
C ASN C 1091 26.60 28.22 22.67
N ASP C 1092 26.95 28.62 21.45
CA ASP C 1092 28.01 29.62 21.29
C ASP C 1092 27.61 30.94 21.92
N LEU C 1093 26.35 31.34 21.75
CA LEU C 1093 25.86 32.53 22.45
C LEU C 1093 25.97 32.35 23.96
N LYS C 1094 25.62 31.16 24.45
CA LYS C 1094 25.70 30.89 25.88
C LYS C 1094 27.14 31.03 26.37
N SER C 1095 28.10 30.52 25.61
CA SER C 1095 29.51 30.62 25.99
C SER C 1095 29.97 32.08 26.00
N LEU C 1096 29.62 32.83 24.96
CA LEU C 1096 29.94 34.26 24.93
C LEU C 1096 29.39 34.96 26.16
N LEU C 1097 28.16 34.61 26.52
CA LEU C 1097 27.50 35.26 27.65
C LEU C 1097 28.15 34.89 28.96
N LYS C 1098 28.51 33.61 29.13
CA LYS C 1098 29.24 33.22 30.33
C LYS C 1098 30.55 33.97 30.43
N GLU C 1099 31.21 34.20 29.29
CA GLU C 1099 32.45 34.95 29.28
C GLU C 1099 32.23 36.38 29.75
N ILE C 1100 31.20 37.06 29.22
CA ILE C 1100 30.97 38.44 29.63
C ILE C 1100 30.55 38.50 31.10
N ALA C 1101 29.77 37.51 31.56
CA ALA C 1101 29.37 37.47 32.95
C ALA C 1101 30.57 37.31 33.87
N ASN C 1102 31.51 36.44 33.50
CA ASN C 1102 32.74 36.31 34.28
C ASN C 1102 33.54 37.60 34.26
N ASN C 1103 33.59 38.26 33.11
CA ASN C 1103 34.38 39.50 32.99
C ASN C 1103 33.81 40.60 33.89
N ILE C 1104 32.50 40.82 33.81
CA ILE C 1104 31.88 41.90 34.59
C ILE C 1104 32.02 41.63 36.08
N LYS C 1105 31.78 40.39 36.50
CA LYS C 1105 31.88 40.02 37.91
C LYS C 1105 33.33 39.81 38.31
N ASP D 41 52.44 29.93 -42.24
CA ASP D 41 51.22 30.56 -41.76
C ASP D 41 51.21 30.61 -40.24
N LEU D 42 50.86 29.48 -39.61
CA LEU D 42 50.80 29.43 -38.16
C LEU D 42 52.18 29.67 -37.54
N VAL D 43 53.22 29.06 -38.12
CA VAL D 43 54.56 29.23 -37.58
C VAL D 43 55.00 30.68 -37.68
N ASN D 44 54.77 31.31 -38.83
CA ASN D 44 55.14 32.71 -39.00
C ASN D 44 54.38 33.61 -38.04
N PHE D 45 53.08 33.33 -37.85
CA PHE D 45 52.28 34.12 -36.92
C PHE D 45 52.81 33.99 -35.50
N ILE D 46 53.15 32.75 -35.10
CA ILE D 46 53.68 32.53 -33.75
C ILE D 46 55.01 33.27 -33.58
N GLN D 47 55.88 33.18 -34.58
CA GLN D 47 57.18 33.86 -34.49
C GLN D 47 57.00 35.37 -34.40
N ALA D 48 56.07 35.92 -35.18
CA ALA D 48 55.80 37.35 -35.11
C ALA D 48 55.24 37.73 -33.75
N ASN D 49 54.43 36.86 -33.15
CA ASN D 49 53.86 37.17 -31.84
C ASN D 49 54.95 37.33 -30.79
N PHE D 50 55.97 36.47 -30.83
CA PHE D 50 57.05 36.53 -29.85
C PHE D 50 58.39 36.82 -30.55
N ASP D 102 61.44 31.30 -29.86
CA ASP D 102 60.12 30.69 -29.79
C ASP D 102 60.17 29.35 -29.05
N ALA D 103 60.64 28.32 -29.74
CA ALA D 103 60.76 26.98 -29.17
C ALA D 103 59.42 26.48 -28.64
N PHE D 104 58.43 26.48 -29.52
CA PHE D 104 57.08 26.02 -29.18
C PHE D 104 56.86 24.63 -29.75
N GLY D 105 55.97 23.88 -29.11
CA GLY D 105 55.66 22.54 -29.53
C GLY D 105 54.23 22.13 -29.29
N ASP D 106 53.62 21.47 -30.27
CA ASP D 106 52.26 20.96 -30.14
C ASP D 106 52.32 19.62 -29.43
N ILE D 107 51.97 19.62 -28.15
CA ILE D 107 52.04 18.39 -27.35
C ILE D 107 51.09 17.35 -27.93
N GLN D 108 51.50 16.08 -27.84
CA GLN D 108 50.66 14.97 -28.25
C GLN D 108 51.14 13.72 -27.53
N PHE D 109 50.19 12.96 -26.97
CA PHE D 109 50.51 11.75 -26.23
C PHE D 109 49.47 10.67 -26.49
N GLY D 116 46.50 18.93 -27.41
CA GLY D 116 46.05 19.85 -28.43
C GLY D 116 47.15 20.74 -28.95
N LYS D 117 47.33 21.89 -28.32
CA LYS D 117 48.35 22.86 -28.69
C LYS D 117 49.09 23.34 -27.46
N TYR D 118 50.35 23.72 -27.64
CA TYR D 118 51.17 24.22 -26.55
C TYR D 118 52.16 25.24 -27.11
N LEU D 119 52.32 26.34 -26.40
CA LEU D 119 53.20 27.43 -26.81
C LEU D 119 54.12 27.80 -25.66
N ARG D 120 55.12 28.61 -25.97
CA ARG D 120 56.08 29.13 -24.99
C ARG D 120 56.14 30.64 -25.14
N LEU D 121 55.40 31.36 -24.30
CA LEU D 121 55.32 32.81 -24.35
C LEU D 121 56.05 33.40 -23.17
N SER D 122 56.93 34.36 -23.44
CA SER D 122 57.69 35.00 -22.37
C SER D 122 56.77 35.85 -21.50
N CYS D 123 57.25 36.17 -20.30
CA CYS D 123 56.46 36.97 -19.37
C CYS D 123 56.11 38.33 -19.97
N ASP D 124 57.07 38.96 -20.66
CA ASP D 124 56.85 40.25 -21.29
C ASP D 124 56.15 40.03 -22.64
N THR D 125 54.87 39.68 -22.55
CA THR D 125 54.04 39.43 -23.71
C THR D 125 52.80 40.30 -23.66
N ASP D 126 52.34 40.70 -24.84
CA ASP D 126 51.18 41.57 -24.96
C ASP D 126 49.90 40.76 -24.82
N SER D 127 49.05 41.14 -23.86
CA SER D 127 47.79 40.42 -23.66
C SER D 127 46.90 40.53 -24.89
N GLU D 128 46.88 41.69 -25.54
CA GLU D 128 46.10 41.84 -26.75
C GLU D 128 46.58 40.89 -27.83
N THR D 129 47.89 40.68 -27.94
CA THR D 129 48.42 39.74 -28.93
C THR D 129 47.93 38.33 -28.64
N LEU D 130 47.95 37.91 -27.37
CA LEU D 130 47.46 36.58 -27.03
C LEU D 130 45.98 36.44 -27.33
N TYR D 131 45.18 37.46 -27.00
CA TYR D 131 43.75 37.38 -27.27
C TYR D 131 43.48 37.29 -28.76
N GLU D 132 44.20 38.09 -29.56
CA GLU D 132 44.06 38.01 -31.01
C GLU D 132 44.44 36.63 -31.51
N LEU D 133 45.54 36.07 -31.00
CA LEU D 133 45.95 34.72 -31.40
C LEU D 133 44.86 33.71 -31.10
N LEU D 134 44.26 33.79 -29.91
CA LEU D 134 43.25 32.81 -29.52
C LEU D 134 41.92 33.01 -30.20
N THR D 135 41.62 34.22 -30.66
CA THR D 135 40.32 34.52 -31.24
C THR D 135 40.29 34.43 -32.77
N GLN D 136 41.36 34.85 -33.45
CA GLN D 136 41.31 34.94 -34.90
C GLN D 136 41.11 33.57 -35.55
N HIS D 137 41.84 32.55 -35.08
CA HIS D 137 41.84 31.27 -35.76
C HIS D 137 41.81 30.07 -34.83
N TRP D 138 41.64 30.27 -33.52
CA TRP D 138 41.59 29.17 -32.56
C TRP D 138 40.22 28.99 -31.91
N HIS D 139 39.68 30.05 -31.31
CA HIS D 139 38.44 29.94 -30.55
C HIS D 139 37.56 31.15 -30.85
N LEU D 140 36.33 31.09 -30.34
CA LEU D 140 35.34 32.13 -30.53
C LEU D 140 35.30 33.05 -29.32
N LYS D 141 34.42 34.05 -29.38
CA LYS D 141 34.18 34.90 -28.23
C LYS D 141 33.61 34.09 -27.08
N THR D 142 33.96 34.49 -25.86
CA THR D 142 33.63 33.71 -24.68
C THR D 142 32.44 34.34 -23.96
N PRO D 143 31.27 33.69 -23.94
CA PRO D 143 30.17 34.22 -23.12
C PRO D 143 30.52 34.29 -21.64
N ASN D 144 31.43 33.46 -21.17
CA ASN D 144 31.81 33.46 -19.76
C ASN D 144 33.21 32.89 -19.62
N LEU D 145 33.86 33.25 -18.52
CA LEU D 145 35.23 32.83 -18.25
C LEU D 145 35.39 32.64 -16.75
N VAL D 146 35.90 31.48 -16.35
CA VAL D 146 36.06 31.15 -14.93
C VAL D 146 37.48 30.65 -14.73
N ILE D 147 38.14 31.16 -13.68
CA ILE D 147 39.51 30.77 -13.35
C ILE D 147 39.50 30.11 -11.98
N SER D 148 40.15 28.95 -11.89
CA SER D 148 40.28 28.22 -10.64
C SER D 148 41.71 28.32 -10.15
N VAL D 149 41.87 28.54 -8.84
CA VAL D 149 43.17 28.68 -8.21
C VAL D 149 43.32 27.61 -7.15
N THR D 150 44.42 26.87 -7.20
CA THR D 150 44.71 25.83 -6.24
C THR D 150 46.21 25.80 -5.97
N GLY D 151 46.58 25.27 -4.81
CA GLY D 151 47.98 25.17 -4.45
C GLY D 151 48.72 24.15 -5.28
N GLY D 152 50.04 24.19 -5.15
CA GLY D 152 50.91 23.28 -5.89
C GLY D 152 51.00 21.89 -5.32
N ALA D 153 50.32 21.61 -4.20
CA ALA D 153 50.35 20.28 -3.62
C ALA D 153 49.83 19.25 -4.60
N LYS D 154 50.58 18.15 -4.76
CA LYS D 154 50.17 17.09 -5.68
C LYS D 154 48.93 16.37 -5.16
N ASN D 155 48.78 16.24 -3.84
CA ASN D 155 47.68 15.51 -3.24
C ASN D 155 46.62 16.50 -2.76
N PHE D 156 45.37 16.24 -3.11
CA PHE D 156 44.25 17.08 -2.70
C PHE D 156 43.10 16.18 -2.23
N ALA D 157 42.25 16.75 -1.38
CA ALA D 157 41.13 16.00 -0.81
C ALA D 157 40.04 15.87 -1.86
N LEU D 158 39.81 14.65 -2.35
CA LEU D 158 38.77 14.39 -3.34
C LEU D 158 37.47 13.98 -2.63
N LYS D 159 37.00 14.87 -1.76
CA LYS D 159 35.76 14.64 -1.04
C LYS D 159 34.59 14.68 -2.01
N PRO D 160 33.48 14.01 -1.68
CA PRO D 160 32.33 14.03 -2.60
C PRO D 160 31.82 15.43 -2.90
N ARG D 161 31.86 16.32 -1.90
CA ARG D 161 31.42 17.69 -2.13
C ARG D 161 32.23 18.35 -3.25
N MET D 162 33.56 18.28 -3.16
CA MET D 162 34.40 18.85 -4.19
C MET D 162 34.32 18.06 -5.49
N ARG D 163 34.02 16.76 -5.39
CA ARG D 163 33.91 15.94 -6.60
C ARG D 163 32.65 16.27 -7.40
N LYS D 164 31.62 16.77 -6.73
CA LYS D 164 30.37 17.12 -7.40
C LYS D 164 30.29 18.60 -7.77
N ILE D 165 30.83 19.49 -6.93
CA ILE D 165 30.77 20.92 -7.22
C ILE D 165 31.47 21.23 -8.53
N PHE D 166 32.66 20.67 -8.73
CA PHE D 166 33.42 20.97 -9.95
C PHE D 166 32.82 20.28 -11.16
N SER D 167 32.19 19.13 -10.99
CA SER D 167 31.45 18.52 -12.09
C SER D 167 30.31 19.44 -12.54
N ARG D 168 29.57 19.99 -11.58
CA ARG D 168 28.52 20.95 -11.93
C ARG D 168 29.11 22.18 -12.59
N LEU D 169 30.25 22.65 -12.09
CA LEU D 169 30.91 23.82 -12.67
C LEU D 169 31.26 23.58 -14.13
N ILE D 170 31.86 22.43 -14.44
CA ILE D 170 32.27 22.15 -15.80
C ILE D 170 31.05 21.96 -16.70
N TYR D 171 29.99 21.33 -16.18
CA TYR D 171 28.77 21.22 -16.96
C TYR D 171 28.21 22.60 -17.30
N ILE D 172 28.20 23.51 -16.33
CA ILE D 172 27.74 24.87 -16.58
C ILE D 172 28.61 25.53 -17.64
N ALA D 173 29.93 25.34 -17.53
CA ALA D 173 30.85 25.94 -18.50
C ALA D 173 30.55 25.45 -19.91
N GLN D 174 30.29 24.14 -20.06
CA GLN D 174 29.94 23.64 -21.39
C GLN D 174 28.63 24.23 -21.86
N SER D 175 27.64 24.33 -20.97
CA SER D 175 26.34 24.88 -21.37
C SER D 175 26.50 26.32 -21.88
N LYS D 176 27.34 27.10 -21.21
CA LYS D 176 27.56 28.49 -21.59
C LYS D 176 28.75 28.67 -22.53
N GLY D 177 29.47 27.61 -22.84
CA GLY D 177 30.66 27.74 -23.69
C GLY D 177 31.73 28.62 -23.06
N ALA D 178 31.97 28.46 -21.78
CA ALA D 178 32.88 29.34 -21.04
C ALA D 178 34.30 28.80 -21.09
N TRP D 179 35.26 29.69 -20.89
CA TRP D 179 36.65 29.30 -20.75
C TRP D 179 36.95 28.94 -19.30
N ILE D 180 37.90 28.01 -19.11
CA ILE D 180 38.37 27.61 -17.79
C ILE D 180 39.88 27.81 -17.76
N LEU D 181 40.35 28.55 -16.78
CA LEU D 181 41.79 28.81 -16.61
C LEU D 181 42.28 28.14 -15.33
N THR D 182 43.27 27.26 -15.47
CA THR D 182 43.88 26.56 -14.36
C THR D 182 45.40 26.58 -14.53
N GLY D 183 46.11 26.01 -13.57
CA GLY D 183 47.56 25.94 -13.67
C GLY D 183 48.02 25.05 -14.81
N GLY D 184 47.41 23.88 -14.95
CA GLY D 184 47.76 22.96 -16.01
C GLY D 184 48.86 22.00 -15.64
N THR D 185 48.75 21.37 -14.47
CA THR D 185 49.70 20.37 -14.01
C THR D 185 48.97 19.09 -13.68
N HIS D 186 49.60 17.95 -14.02
CA HIS D 186 48.98 16.65 -13.83
C HIS D 186 48.77 16.29 -12.37
N TYR D 187 49.41 17.00 -11.45
CA TYR D 187 49.33 16.70 -10.02
C TYR D 187 48.34 17.65 -9.36
N GLY D 188 47.26 17.09 -8.82
CA GLY D 188 46.30 17.87 -8.07
C GLY D 188 44.90 17.87 -8.66
N LEU D 189 44.09 18.83 -8.21
CA LEU D 189 42.71 18.91 -8.66
C LEU D 189 42.62 19.19 -10.16
N MET D 190 43.61 19.88 -10.71
CA MET D 190 43.56 20.26 -12.12
C MET D 190 43.58 19.03 -13.03
N LYS D 191 44.27 17.96 -12.60
CA LYS D 191 44.19 16.70 -13.33
C LYS D 191 42.78 16.15 -13.32
N TYR D 192 42.08 16.25 -12.19
CA TYR D 192 40.68 15.83 -12.13
C TYR D 192 39.84 16.65 -13.09
N ILE D 193 40.06 17.97 -13.13
CA ILE D 193 39.31 18.82 -14.04
C ILE D 193 39.55 18.41 -15.48
N GLY D 194 40.82 18.15 -15.83
CA GLY D 194 41.13 17.72 -17.19
C GLY D 194 40.47 16.39 -17.54
N GLU D 195 40.47 15.45 -16.59
CA GLU D 195 39.83 14.16 -16.85
C GLU D 195 38.33 14.33 -17.06
N VAL D 196 37.70 15.18 -16.25
CA VAL D 196 36.27 15.42 -16.43
C VAL D 196 36.00 16.06 -17.78
N VAL D 197 36.85 17.01 -18.18
CA VAL D 197 36.71 17.62 -19.50
C VAL D 197 36.80 16.55 -20.59
N ARG D 198 37.78 15.65 -20.46
CA ARG D 198 37.94 14.61 -21.46
C ARG D 198 36.70 13.73 -21.55
N ASP D 199 36.17 13.29 -20.40
CA ASP D 199 35.03 12.39 -20.44
C ASP D 199 33.79 13.10 -20.97
N ASN D 200 33.59 14.36 -20.60
CA ASN D 200 32.45 15.11 -21.13
C ASN D 200 32.57 15.28 -22.64
N THR D 201 33.78 15.56 -23.14
CA THR D 201 33.98 15.65 -24.58
C THR D 201 33.68 14.32 -25.26
N ILE D 202 34.08 13.21 -24.61
CA ILE D 202 33.77 11.89 -25.16
C ILE D 202 32.26 11.69 -25.22
N SER D 203 31.55 12.08 -24.17
CA SER D 203 30.10 11.98 -24.15
C SER D 203 29.46 12.83 -25.24
N GLU D 208 30.42 22.94 -30.24
CA GLU D 208 30.00 22.58 -28.89
C GLU D 208 31.10 21.79 -28.19
N ASN D 209 32.25 22.43 -27.97
CA ASN D 209 33.39 21.81 -27.32
C ASN D 209 33.86 22.70 -26.17
N ILE D 210 34.36 22.07 -25.11
CA ILE D 210 34.85 22.80 -23.96
C ILE D 210 36.28 23.27 -24.24
N VAL D 211 36.64 24.40 -23.65
CA VAL D 211 37.95 24.99 -23.80
C VAL D 211 38.58 25.13 -22.41
N ALA D 212 39.79 24.59 -22.25
CA ALA D 212 40.52 24.66 -20.99
C ALA D 212 41.95 25.08 -21.29
N ILE D 213 42.46 26.02 -20.51
CA ILE D 213 43.81 26.57 -20.69
C ILE D 213 44.58 26.39 -19.39
N GLY D 214 45.79 25.86 -19.50
CA GLY D 214 46.69 25.72 -18.36
C GLY D 214 47.89 26.64 -18.55
N ILE D 215 48.27 27.32 -17.47
CA ILE D 215 49.35 28.30 -17.49
C ILE D 215 50.39 27.89 -16.46
N ALA D 216 51.64 27.78 -16.91
CA ALA D 216 52.75 27.43 -16.04
C ALA D 216 54.04 27.94 -16.68
N ALA D 217 55.10 27.96 -15.88
CA ALA D 217 56.39 28.43 -16.34
C ALA D 217 57.15 27.31 -17.04
N TRP D 218 57.79 27.64 -18.16
CA TRP D 218 58.55 26.65 -18.91
C TRP D 218 59.69 26.09 -18.06
N GLY D 219 60.39 26.97 -17.33
CA GLY D 219 61.46 26.50 -16.47
C GLY D 219 60.98 25.54 -15.40
N MET D 220 59.79 25.78 -14.86
CA MET D 220 59.25 24.91 -13.83
C MET D 220 58.93 23.52 -14.35
N VAL D 221 58.83 23.35 -15.68
CA VAL D 221 58.52 22.04 -16.24
C VAL D 221 59.71 21.11 -16.06
N SER D 222 59.43 19.84 -15.75
CA SER D 222 60.50 18.87 -15.54
C SER D 222 61.30 18.67 -16.82
N ASN D 223 60.62 18.56 -17.96
CA ASN D 223 61.26 18.30 -19.24
C ASN D 223 60.83 19.34 -20.26
N ARG D 224 61.75 19.67 -21.16
CA ARG D 224 61.50 20.63 -22.23
C ARG D 224 61.94 20.04 -23.55
N ASP D 225 61.05 20.07 -24.55
CA ASP D 225 61.34 19.58 -25.89
C ASP D 225 61.02 20.68 -26.89
N THR D 226 61.95 20.93 -27.80
CA THR D 226 61.81 21.98 -28.79
C THR D 226 61.31 21.40 -30.11
N LEU D 227 60.43 22.14 -30.78
CA LEU D 227 59.86 21.71 -32.05
C LEU D 227 59.69 22.90 -32.99
N SER D 238 56.52 19.23 -34.87
CA SER D 238 55.59 18.89 -33.80
C SER D 238 56.20 17.85 -32.86
N ALA D 239 56.73 18.31 -31.73
CA ALA D 239 57.35 17.42 -30.77
C ALA D 239 56.29 16.63 -30.00
N GLN D 240 56.75 15.61 -29.28
CA GLN D 240 55.87 14.75 -28.50
C GLN D 240 56.36 14.72 -27.06
N TYR D 241 55.43 14.86 -26.11
CA TYR D 241 55.73 14.80 -24.69
C TYR D 241 55.11 13.53 -24.13
N ILE D 242 55.94 12.69 -23.51
CA ILE D 242 55.51 11.41 -22.98
C ILE D 242 55.95 11.32 -21.52
N MET D 243 55.05 10.90 -20.65
CA MET D 243 55.35 10.77 -19.23
C MET D 243 56.36 9.65 -18.99
N LEU D 251 60.99 20.60 -10.83
CA LEU D 251 60.50 19.69 -11.86
C LEU D 251 59.03 19.35 -11.61
N TYR D 252 58.18 19.68 -12.58
CA TYR D 252 56.76 19.41 -12.51
C TYR D 252 56.30 18.70 -13.78
N ILE D 253 55.23 17.92 -13.63
CA ILE D 253 54.63 17.18 -14.73
C ILE D 253 53.31 17.85 -15.09
N LEU D 254 53.09 18.10 -16.37
CA LEU D 254 51.91 18.79 -16.85
C LEU D 254 50.89 17.80 -17.40
N ASP D 255 49.61 18.08 -17.14
CA ASP D 255 48.54 17.23 -17.66
C ASP D 255 48.41 17.41 -19.17
N ASN D 256 48.15 16.32 -19.87
CA ASN D 256 47.91 16.34 -21.30
C ASN D 256 46.42 16.43 -21.64
N ASN D 257 45.54 16.38 -20.64
CA ASN D 257 44.11 16.44 -20.91
C ASN D 257 43.70 17.82 -21.37
N HIS D 258 44.30 18.87 -20.81
CA HIS D 258 43.95 20.24 -21.19
C HIS D 258 44.25 20.47 -22.66
N THR D 259 43.29 21.07 -23.36
CA THR D 259 43.44 21.27 -24.80
C THR D 259 44.60 22.21 -25.11
N HIS D 260 44.73 23.30 -24.36
CA HIS D 260 45.74 24.31 -24.61
C HIS D 260 46.54 24.56 -23.33
N LEU D 261 47.80 24.95 -23.52
CA LEU D 261 48.70 25.22 -22.41
C LEU D 261 49.59 26.40 -22.77
N LEU D 262 50.11 27.05 -21.73
CA LEU D 262 51.00 28.20 -21.87
C LEU D 262 52.27 27.95 -21.08
N LEU D 263 53.40 28.38 -21.64
CA LEU D 263 54.71 28.24 -21.01
C LEU D 263 55.31 29.62 -20.85
N VAL D 264 55.66 29.97 -19.61
CA VAL D 264 56.25 31.27 -19.29
C VAL D 264 57.75 31.10 -19.16
N ASP D 265 58.51 31.93 -19.87
CA ASP D 265 59.97 31.86 -19.89
C ASP D 265 60.51 33.04 -19.10
N ASN D 266 60.66 32.83 -17.78
CA ASN D 266 61.24 33.82 -16.90
C ASN D 266 62.57 33.38 -16.30
N GLY D 267 62.82 32.07 -16.21
CA GLY D 267 64.06 31.58 -15.67
C GLY D 267 64.19 30.09 -15.86
N CYS D 268 65.25 29.53 -15.30
CA CYS D 268 65.53 28.11 -15.38
C CYS D 268 65.43 27.49 -14.00
N HIS D 269 64.64 26.43 -13.88
CA HIS D 269 64.45 25.73 -12.61
C HIS D 269 64.00 26.71 -11.52
N GLY D 270 63.11 27.62 -11.89
CA GLY D 270 62.62 28.62 -10.96
C GLY D 270 61.48 28.11 -10.10
N HIS D 271 61.79 27.78 -8.84
CA HIS D 271 60.75 27.31 -7.93
C HIS D 271 59.63 28.32 -7.74
N PRO D 272 59.90 29.60 -7.47
CA PRO D 272 58.79 30.55 -7.26
C PRO D 272 57.96 30.73 -8.53
N THR D 273 56.68 31.00 -8.32
CA THR D 273 55.77 31.17 -9.44
C THR D 273 56.20 32.34 -10.32
N VAL D 274 56.12 32.15 -11.63
CA VAL D 274 56.45 33.19 -12.60
C VAL D 274 55.34 33.41 -13.60
N GLU D 275 54.20 32.72 -13.48
CA GLU D 275 53.08 32.87 -14.39
C GLU D 275 51.90 33.63 -13.80
N ALA D 276 51.96 33.99 -12.52
CA ALA D 276 50.84 34.70 -11.91
C ALA D 276 50.60 36.06 -12.57
N LYS D 277 51.68 36.80 -12.84
CA LYS D 277 51.53 38.12 -13.45
C LYS D 277 50.85 38.01 -14.81
N LEU D 278 51.29 37.06 -15.63
CA LEU D 278 50.71 36.90 -16.96
C LEU D 278 49.23 36.54 -16.88
N ARG D 279 48.88 35.61 -15.99
CA ARG D 279 47.49 35.21 -15.87
C ARG D 279 46.63 36.37 -15.39
N ASN D 280 47.11 37.12 -14.40
CA ASN D 280 46.33 38.25 -13.89
C ASN D 280 46.14 39.31 -14.97
N GLN D 281 47.20 39.63 -15.72
CA GLN D 281 47.08 40.62 -16.78
C GLN D 281 46.12 40.15 -17.86
N LEU D 282 46.18 38.86 -18.22
CA LEU D 282 45.26 38.34 -19.22
C LEU D 282 43.83 38.42 -18.75
N GLU D 283 43.58 38.05 -17.48
CA GLU D 283 42.22 38.12 -16.94
C GLU D 283 41.72 39.56 -16.94
N LYS D 284 42.57 40.50 -16.54
CA LYS D 284 42.16 41.91 -16.54
C LYS D 284 41.84 42.39 -17.95
N TYR D 285 42.70 42.04 -18.92
CA TYR D 285 42.45 42.46 -20.29
C TYR D 285 41.17 41.88 -20.82
N ILE D 286 40.90 40.59 -20.55
CA ILE D 286 39.66 39.98 -21.00
C ILE D 286 38.47 40.65 -20.34
N SER D 287 38.62 41.05 -19.08
CA SER D 287 37.56 41.82 -18.43
C SER D 287 37.32 43.13 -19.17
N GLU D 288 38.40 43.78 -19.61
CA GLU D 288 38.25 45.04 -20.35
C GLU D 288 37.60 44.84 -21.72
N ARG D 289 37.57 43.61 -22.24
CA ARG D 289 37.01 43.37 -23.55
C ARG D 289 35.50 43.62 -23.56
N THR D 290 34.98 43.96 -24.73
CA THR D 290 33.58 44.27 -24.93
C THR D 290 32.96 43.23 -25.85
N SER D 291 31.79 42.73 -25.46
CA SER D 291 31.04 41.75 -26.27
C SER D 291 29.56 42.09 -26.17
N GLN D 292 28.97 42.53 -27.28
CA GLN D 292 27.57 42.93 -27.28
C GLN D 292 26.64 41.74 -27.21
N ASP D 293 27.03 40.61 -27.81
CA ASP D 293 26.15 39.45 -27.84
C ASP D 293 25.84 38.93 -26.44
N SER D 294 26.74 39.14 -25.49
CA SER D 294 26.55 38.63 -24.14
C SER D 294 25.39 39.34 -23.45
N ASN D 295 24.59 38.56 -22.70
CA ASN D 295 23.52 39.15 -21.92
C ASN D 295 24.07 40.06 -20.83
N TYR D 296 25.22 39.70 -20.25
CA TYR D 296 25.88 40.55 -19.28
C TYR D 296 26.14 41.92 -19.88
N GLY D 297 25.84 42.97 -19.12
CA GLY D 297 25.95 44.31 -19.63
C GLY D 297 27.35 44.66 -20.05
N GLY D 298 27.58 44.76 -21.37
CA GLY D 298 28.86 45.17 -21.88
C GLY D 298 29.94 44.12 -21.77
N LYS D 299 30.87 44.32 -20.85
CA LYS D 299 32.08 43.51 -20.78
C LYS D 299 31.74 42.05 -20.50
N ILE D 300 32.65 41.17 -20.93
CA ILE D 300 32.48 39.74 -20.71
C ILE D 300 32.57 39.44 -19.22
N PRO D 301 31.68 38.62 -18.66
CA PRO D 301 31.79 38.29 -17.23
C PRO D 301 33.00 37.43 -16.94
N ILE D 302 33.55 37.60 -15.73
CA ILE D 302 34.64 36.78 -15.24
C ILE D 302 34.39 36.49 -13.76
N VAL D 303 34.69 35.26 -13.34
CA VAL D 303 34.46 34.81 -11.98
C VAL D 303 35.62 33.93 -11.56
N CYS D 304 36.24 34.22 -10.42
CA CYS D 304 37.32 33.41 -9.90
C CYS D 304 36.79 32.45 -8.85
N PHE D 305 37.37 31.25 -8.83
CA PHE D 305 36.93 30.16 -7.95
C PHE D 305 38.08 29.77 -7.05
N ALA D 306 37.81 29.69 -5.75
CA ALA D 306 38.81 29.34 -4.74
C ALA D 306 38.42 28.04 -4.07
N GLN D 307 39.37 27.12 -3.98
CA GLN D 307 39.12 25.79 -3.43
C GLN D 307 40.07 25.42 -2.29
N GLY D 308 41.35 25.75 -2.41
CA GLY D 308 42.36 25.31 -1.46
C GLY D 308 43.13 26.48 -0.88
N GLY D 309 44.05 26.13 0.03
CA GLY D 309 44.88 27.10 0.70
C GLY D 309 46.26 27.24 0.06
N GLY D 310 47.05 28.13 0.67
CA GLY D 310 48.40 28.40 0.18
C GLY D 310 48.61 29.89 -0.05
N ARG D 311 49.88 30.30 -0.08
CA ARG D 311 50.19 31.71 -0.33
C ARG D 311 49.72 32.12 -1.73
N GLU D 312 49.90 31.26 -2.72
CA GLU D 312 49.50 31.59 -4.08
C GLU D 312 48.00 31.86 -4.16
N THR D 313 47.21 31.08 -3.41
CA THR D 313 45.77 31.29 -3.42
C THR D 313 45.41 32.69 -2.93
N LEU D 314 45.99 33.09 -1.80
CA LEU D 314 45.70 34.42 -1.27
C LEU D 314 46.19 35.51 -2.20
N LYS D 315 47.37 35.33 -2.79
CA LYS D 315 47.89 36.34 -3.72
C LYS D 315 46.95 36.51 -4.91
N ALA D 316 46.52 35.39 -5.49
CA ALA D 316 45.63 35.45 -6.65
C ALA D 316 44.29 36.06 -6.27
N ILE D 317 43.76 35.71 -5.10
CA ILE D 317 42.48 36.27 -4.68
C ILE D 317 42.59 37.77 -4.46
N ASN D 318 43.66 38.21 -3.79
CA ASN D 318 43.85 39.64 -3.56
C ASN D 318 43.96 40.39 -4.87
N THR D 319 44.74 39.86 -5.82
CA THR D 319 44.85 40.52 -7.12
C THR D 319 43.51 40.55 -7.84
N SER D 320 42.75 39.46 -7.76
CA SER D 320 41.45 39.40 -8.41
C SER D 320 40.48 40.41 -7.79
N VAL D 321 40.37 40.40 -6.46
CA VAL D 321 39.47 41.33 -5.79
C VAL D 321 39.89 42.77 -6.06
N LYS D 322 41.19 43.05 -6.00
CA LYS D 322 41.68 44.37 -6.35
C LYS D 322 41.31 44.71 -7.79
N SER D 323 41.24 43.72 -8.66
CA SER D 323 40.81 43.92 -10.03
C SER D 323 39.30 43.95 -10.19
N LYS D 324 38.55 43.71 -9.12
CA LYS D 324 37.09 43.77 -9.02
C LYS D 324 36.41 42.54 -9.59
N ILE D 325 37.14 41.56 -10.12
CA ILE D 325 36.47 40.37 -10.65
C ILE D 325 35.94 39.54 -9.48
N PRO D 326 34.66 39.19 -9.45
CA PRO D 326 34.13 38.46 -8.29
C PRO D 326 34.78 37.11 -8.11
N CYS D 327 34.93 36.71 -6.85
CA CYS D 327 35.53 35.44 -6.46
C CYS D 327 34.54 34.64 -5.64
N VAL D 328 34.53 33.33 -5.85
CA VAL D 328 33.65 32.41 -5.13
C VAL D 328 34.52 31.45 -4.33
N VAL D 329 34.21 31.29 -3.05
CA VAL D 329 34.96 30.44 -2.14
C VAL D 329 34.02 29.35 -1.63
N VAL D 330 34.48 28.10 -1.68
CA VAL D 330 33.68 26.96 -1.26
C VAL D 330 33.86 26.80 0.24
N GLU D 331 32.87 27.24 1.01
CA GLU D 331 32.91 27.05 2.45
C GLU D 331 32.62 25.60 2.81
N GLY D 332 33.13 25.18 3.96
CA GLY D 332 32.97 23.81 4.41
C GLY D 332 33.97 22.84 3.83
N SER D 333 34.86 23.29 2.94
CA SER D 333 35.89 22.45 2.37
C SER D 333 37.06 23.33 1.98
N GLY D 334 38.26 22.81 2.15
CA GLY D 334 39.47 23.56 1.85
C GLY D 334 40.07 24.18 3.10
N GLN D 335 41.40 24.31 3.07
CA GLN D 335 42.11 24.79 4.26
C GLN D 335 41.82 26.27 4.52
N ILE D 336 41.91 27.10 3.48
CA ILE D 336 41.81 28.55 3.64
C ILE D 336 40.41 29.03 3.28
N ALA D 337 39.72 28.28 2.43
CA ALA D 337 38.35 28.64 2.11
C ALA D 337 37.50 28.69 3.37
N ASP D 338 37.74 27.78 4.31
CA ASP D 338 36.98 27.75 5.55
C ASP D 338 37.17 29.03 6.34
N VAL D 339 38.43 29.48 6.48
CA VAL D 339 38.68 30.69 7.27
C VAL D 339 38.13 31.92 6.54
N ILE D 340 38.27 31.97 5.22
CA ILE D 340 37.73 33.12 4.48
C ILE D 340 36.22 33.19 4.64
N ALA D 341 35.55 32.04 4.63
CA ALA D 341 34.12 32.01 4.89
C ALA D 341 33.81 32.42 6.32
N SER D 342 34.65 31.98 7.27
CA SER D 342 34.42 32.31 8.67
C SER D 342 34.48 33.81 8.92
N LEU D 343 35.45 34.49 8.31
CA LEU D 343 35.59 35.93 8.53
C LEU D 343 34.35 36.69 8.08
N VAL D 344 33.81 36.34 6.92
CA VAL D 344 32.63 37.02 6.41
C VAL D 344 31.40 36.62 7.20
N THR D 351 41.30 43.17 15.01
CA THR D 351 41.41 42.90 13.59
C THR D 351 42.36 41.74 13.34
N SER D 352 43.58 41.83 13.88
CA SER D 352 44.60 40.82 13.63
C SER D 352 44.37 39.56 14.47
N SER D 353 43.80 39.70 15.68
CA SER D 353 43.68 38.56 16.57
C SER D 353 42.76 37.49 15.99
N MET D 354 41.59 37.89 15.51
CA MET D 354 40.63 36.92 14.99
C MET D 354 41.18 36.21 13.76
N VAL D 355 41.79 36.97 12.84
CA VAL D 355 42.34 36.37 11.63
C VAL D 355 43.47 35.41 12.00
N LYS D 356 44.32 35.80 12.96
CA LYS D 356 45.40 34.91 13.38
C LYS D 356 44.85 33.62 13.97
N GLU D 357 43.83 33.74 14.83
CA GLU D 357 43.24 32.54 15.44
C GLU D 357 42.66 31.63 14.37
N LYS D 358 41.92 32.20 13.42
CA LYS D 358 41.34 31.38 12.36
C LYS D 358 42.42 30.72 11.51
N LEU D 359 43.47 31.47 11.18
CA LEU D 359 44.54 30.92 10.34
C LEU D 359 45.26 29.77 11.05
N VAL D 360 45.56 29.94 12.33
CA VAL D 360 46.25 28.87 13.06
C VAL D 360 45.34 27.67 13.23
N ARG D 361 44.04 27.90 13.45
CA ARG D 361 43.11 26.78 13.58
C ARG D 361 43.00 26.00 12.27
N PHE D 362 42.95 26.70 11.14
CA PHE D 362 42.76 26.03 9.85
C PHE D 362 44.00 25.24 9.45
N LEU D 363 45.18 25.83 9.61
CA LEU D 363 46.43 25.24 9.15
C LEU D 363 47.42 25.16 10.31
N PRO D 364 47.34 24.09 11.12
CA PRO D 364 48.33 23.95 12.20
C PRO D 364 49.76 23.85 11.71
N ARG D 365 49.99 23.25 10.54
CA ARG D 365 51.34 23.03 10.04
C ARG D 365 51.83 24.17 9.15
N THR D 366 50.96 24.74 8.33
CA THR D 366 51.39 25.78 7.40
C THR D 366 51.90 27.01 8.16
N VAL D 367 51.20 27.41 9.22
CA VAL D 367 51.62 28.58 9.98
C VAL D 367 52.93 28.30 10.71
N SER D 368 53.10 27.07 11.22
CA SER D 368 54.29 26.76 12.01
C SER D 368 55.56 26.96 11.20
N ARG D 369 55.58 26.48 9.96
CA ARG D 369 56.77 26.62 9.13
C ARG D 369 56.98 28.07 8.70
N LEU D 370 55.90 28.80 8.46
CA LEU D 370 56.02 30.15 7.95
C LEU D 370 56.67 31.07 9.00
N PRO D 371 57.58 31.94 8.59
CA PRO D 371 58.14 32.92 9.54
C PRO D 371 57.11 33.95 9.95
N GLU D 372 57.49 34.77 10.93
CA GLU D 372 56.59 35.81 11.42
C GLU D 372 56.27 36.83 10.33
N GLU D 373 57.28 37.21 9.53
CA GLU D 373 57.05 38.18 8.47
C GLU D 373 56.05 37.65 7.43
N GLU D 374 56.18 36.37 7.08
CA GLU D 374 55.22 35.77 6.15
C GLU D 374 53.81 35.79 6.73
N ILE D 375 53.69 35.52 8.03
CA ILE D 375 52.38 35.55 8.68
C ILE D 375 51.79 36.95 8.62
N GLU D 376 52.61 37.97 8.91
CA GLU D 376 52.13 39.35 8.84
C GLU D 376 51.69 39.70 7.42
N SER D 377 52.45 39.27 6.43
CA SER D 377 52.06 39.54 5.04
C SER D 377 50.74 38.85 4.71
N TRP D 378 50.56 37.61 5.18
CA TRP D 378 49.29 36.92 4.96
C TRP D 378 48.13 37.66 5.61
N ILE D 379 48.33 38.15 6.82
CA ILE D 379 47.28 38.92 7.50
C ILE D 379 46.95 40.16 6.70
N LYS D 380 47.97 40.85 6.20
CA LYS D 380 47.73 42.04 5.39
C LYS D 380 46.91 41.70 4.14
N TRP D 381 47.28 40.62 3.45
CA TRP D 381 46.54 40.23 2.24
C TRP D 381 45.09 39.92 2.58
N LEU D 382 44.87 39.16 3.66
CA LEU D 382 43.52 38.76 4.02
C LEU D 382 42.68 39.97 4.39
N LYS D 383 43.26 40.92 5.14
CA LYS D 383 42.55 42.14 5.45
C LYS D 383 42.20 42.91 4.18
N GLU D 384 43.13 42.96 3.23
CA GLU D 384 42.86 43.64 1.97
C GLU D 384 41.65 43.03 1.27
N ILE D 385 41.62 41.71 1.15
CA ILE D 385 40.51 41.09 0.41
C ILE D 385 39.21 41.22 1.18
N LEU D 386 39.26 41.13 2.52
CA LEU D 386 38.04 41.26 3.30
C LEU D 386 37.51 42.68 3.32
N GLU D 387 38.35 43.67 3.05
CA GLU D 387 37.87 45.04 2.94
C GLU D 387 36.82 45.16 1.84
N SER D 388 37.07 44.54 0.69
CA SER D 388 36.13 44.55 -0.42
C SER D 388 35.30 43.26 -0.40
N SER D 389 34.46 43.15 0.63
CA SER D 389 33.65 41.96 0.83
C SER D 389 32.35 41.97 0.01
N HIS D 390 32.02 43.10 -0.64
CA HIS D 390 30.79 43.17 -1.42
C HIS D 390 30.89 42.39 -2.72
N LEU D 391 32.08 41.95 -3.12
CA LEU D 391 32.26 41.21 -4.36
C LEU D 391 32.22 39.71 -4.14
N LEU D 392 33.06 39.20 -3.24
CA LEU D 392 33.19 37.77 -3.07
C LEU D 392 31.90 37.16 -2.53
N THR D 393 31.64 35.93 -2.95
CA THR D 393 30.50 35.16 -2.49
C THR D 393 30.99 33.82 -1.96
N VAL D 394 30.26 33.28 -0.98
CA VAL D 394 30.64 32.05 -0.29
C VAL D 394 29.52 31.03 -0.45
N ILE D 395 29.87 29.82 -0.86
CA ILE D 395 28.92 28.72 -0.91
C ILE D 395 28.75 28.17 0.50
N LYS D 396 27.51 27.96 0.91
CA LYS D 396 27.19 27.56 2.26
C LYS D 396 26.97 26.05 2.34
N MET D 397 27.37 25.46 3.46
CA MET D 397 27.26 24.01 3.63
C MET D 397 25.81 23.57 3.75
N GLU D 398 24.97 24.36 4.41
CA GLU D 398 23.58 23.96 4.61
C GLU D 398 22.87 23.77 3.27
N GLU D 399 23.09 24.68 2.31
CA GLU D 399 22.50 24.56 0.98
C GLU D 399 23.31 23.55 0.17
N ALA D 400 23.12 22.27 0.52
CA ALA D 400 23.83 21.18 -0.10
C ALA D 400 23.08 20.56 -1.28
N GLY D 401 21.94 21.14 -1.66
CA GLY D 401 21.17 20.62 -2.77
C GLY D 401 21.84 20.88 -4.11
N ASP D 402 21.18 20.42 -5.16
CA ASP D 402 21.69 20.57 -6.51
C ASP D 402 21.46 22.00 -7.00
N GLU D 403 22.10 22.33 -8.13
CA GLU D 403 21.99 23.64 -8.75
C GLU D 403 22.41 24.75 -7.77
N ILE D 404 23.52 24.52 -7.09
CA ILE D 404 24.03 25.50 -6.12
C ILE D 404 25.20 26.26 -6.72
N VAL D 405 26.02 25.59 -7.54
CA VAL D 405 27.14 26.25 -8.19
C VAL D 405 26.64 27.36 -9.11
N SER D 406 25.64 27.04 -9.94
CA SER D 406 25.08 28.04 -10.83
C SER D 406 24.45 29.18 -10.05
N ASN D 407 23.74 28.84 -8.97
CA ASN D 407 23.10 29.87 -8.15
C ASN D 407 24.14 30.83 -7.58
N ALA D 408 25.22 30.28 -7.02
CA ALA D 408 26.26 31.13 -6.44
C ALA D 408 26.94 31.99 -7.48
N ILE D 409 27.26 31.42 -8.63
CA ILE D 409 27.92 32.19 -9.69
C ILE D 409 27.01 33.31 -10.17
N SER D 410 25.73 33.01 -10.37
CA SER D 410 24.79 34.02 -10.82
C SER D 410 24.64 35.12 -9.78
N TYR D 411 24.58 34.76 -8.51
CA TYR D 411 24.45 35.76 -7.45
C TYR D 411 25.67 36.67 -7.41
N ALA D 412 26.87 36.10 -7.52
CA ALA D 412 28.08 36.90 -7.51
C ALA D 412 28.10 37.85 -8.70
N LEU D 413 27.77 37.35 -9.90
CA LEU D 413 27.76 38.20 -11.07
C LEU D 413 26.72 39.30 -10.94
N TYR D 414 25.56 38.98 -10.37
CA TYR D 414 24.51 39.99 -10.21
C TYR D 414 24.96 41.08 -9.25
N LYS D 415 25.59 40.72 -8.14
CA LYS D 415 26.09 41.73 -7.23
C LYS D 415 27.13 42.62 -7.91
N ALA D 416 28.10 42.00 -8.59
CA ALA D 416 29.15 42.76 -9.25
C ALA D 416 28.56 43.72 -10.29
N PHE D 417 27.56 43.26 -11.04
CA PHE D 417 26.95 44.10 -12.05
C PHE D 417 26.09 45.19 -11.44
N SER D 418 25.44 44.90 -10.30
CA SER D 418 24.64 45.92 -9.63
C SER D 418 25.52 47.07 -9.16
N THR D 419 26.69 46.76 -8.61
CA THR D 419 27.62 47.80 -8.14
C THR D 419 28.60 48.11 -9.27
N ASN D 420 28.15 48.94 -10.21
CA ASN D 420 28.98 49.33 -11.35
C ASN D 420 28.90 50.79 -11.73
N GLU D 421 28.05 51.60 -11.09
CA GLU D 421 27.88 53.02 -11.34
C GLU D 421 27.21 53.30 -12.68
N GLN D 422 26.92 52.29 -13.50
CA GLN D 422 26.19 52.47 -14.75
C GLN D 422 25.03 51.50 -14.92
N ASP D 423 25.05 50.34 -14.27
CA ASP D 423 23.96 49.37 -14.35
C ASP D 423 22.89 49.57 -13.28
N LYS D 424 23.11 50.49 -12.34
CA LYS D 424 22.13 50.70 -11.28
C LYS D 424 20.79 51.14 -11.85
N ASP D 425 20.81 52.07 -12.80
CA ASP D 425 19.57 52.52 -13.42
C ASP D 425 19.05 51.52 -14.44
N ASN D 426 19.93 50.72 -15.03
CA ASN D 426 19.54 49.77 -16.07
C ASN D 426 19.03 48.48 -15.42
N TRP D 427 17.75 48.48 -15.07
CA TRP D 427 17.13 47.28 -14.53
C TRP D 427 16.92 46.24 -15.62
N ASN D 428 16.80 46.67 -16.87
CA ASN D 428 16.60 45.72 -17.97
C ASN D 428 17.80 44.78 -18.09
N GLY D 429 19.01 45.30 -17.92
CA GLY D 429 20.19 44.43 -17.96
C GLY D 429 20.19 43.41 -16.84
N GLN D 430 19.80 43.83 -15.63
CA GLN D 430 19.72 42.89 -14.52
C GLN D 430 18.70 41.80 -14.80
N LEU D 431 17.54 42.18 -15.33
CA LEU D 431 16.52 41.19 -15.67
C LEU D 431 17.02 40.24 -16.73
N LYS D 432 17.70 40.76 -17.75
CA LYS D 432 18.25 39.91 -18.81
C LYS D 432 19.24 38.91 -18.24
N LEU D 433 20.14 39.37 -17.38
CA LEU D 433 21.14 38.49 -16.79
C LEU D 433 20.48 37.42 -15.93
N LEU D 434 19.51 37.81 -15.11
CA LEU D 434 18.84 36.84 -14.25
C LEU D 434 18.09 35.80 -15.08
N LEU D 435 17.45 36.24 -16.17
CA LEU D 435 16.78 35.29 -17.06
C LEU D 435 17.79 34.34 -17.70
N GLU D 436 18.95 34.86 -18.11
CA GLU D 436 19.97 34.01 -18.70
C GLU D 436 20.44 32.96 -17.70
N TRP D 437 20.62 33.35 -16.44
CA TRP D 437 21.08 32.42 -15.41
C TRP D 437 19.94 31.75 -14.66
N ASN D 438 18.68 32.08 -14.99
CA ASN D 438 17.52 31.42 -14.41
C ASN D 438 17.51 31.52 -12.88
N GLN D 439 17.42 32.76 -12.41
CA GLN D 439 17.28 33.07 -10.99
C GLN D 439 15.91 33.69 -10.78
N LEU D 440 14.95 32.88 -10.33
CA LEU D 440 13.57 33.33 -10.20
C LEU D 440 13.36 34.10 -8.90
N ASP D 441 13.59 33.45 -7.77
CA ASP D 441 13.30 34.08 -6.48
C ASP D 441 14.07 35.37 -6.32
N LEU D 442 15.34 35.38 -6.72
CA LEU D 442 16.13 36.61 -6.65
C LEU D 442 15.50 37.71 -7.49
N ALA D 443 15.08 37.37 -8.72
CA ALA D 443 14.45 38.37 -9.58
C ALA D 443 13.14 38.87 -8.97
N SER D 444 12.32 37.95 -8.46
CA SER D 444 11.04 38.36 -7.89
C SER D 444 11.22 39.28 -6.69
N ASP D 445 12.18 38.96 -5.82
CA ASP D 445 12.38 39.74 -4.62
C ASP D 445 13.10 41.06 -4.87
N GLU D 446 14.01 41.09 -5.85
CA GLU D 446 14.88 42.25 -6.03
C GLU D 446 14.36 43.24 -7.05
N ILE D 447 14.15 42.80 -8.29
CA ILE D 447 13.88 43.73 -9.38
C ILE D 447 12.39 43.99 -9.55
N PHE D 448 11.55 42.96 -9.42
CA PHE D 448 10.12 43.12 -9.58
C PHE D 448 9.55 43.73 -8.30
N THR D 449 9.53 45.05 -8.25
CA THR D 449 9.01 45.79 -7.10
C THR D 449 8.21 46.98 -7.63
N ASN D 450 7.39 47.55 -6.74
CA ASN D 450 6.54 48.67 -7.10
C ASN D 450 7.32 49.97 -7.26
N ASP D 451 8.65 49.95 -7.23
CA ASP D 451 9.42 51.18 -7.40
C ASP D 451 9.18 51.79 -8.77
N ARG D 452 9.12 50.96 -9.81
CA ARG D 452 8.95 51.43 -11.18
C ARG D 452 7.84 50.64 -11.86
N ARG D 453 7.16 51.31 -12.78
CA ARG D 453 6.09 50.66 -13.53
C ARG D 453 6.66 49.63 -14.49
N TRP D 454 5.83 48.65 -14.85
CA TRP D 454 6.22 47.55 -15.72
C TRP D 454 5.27 47.54 -16.92
N GLU D 455 5.67 48.20 -18.00
CA GLU D 455 4.88 48.23 -19.21
C GLU D 455 5.14 46.99 -20.06
N SER D 456 4.10 46.54 -20.76
CA SER D 456 4.20 45.32 -21.55
C SER D 456 5.23 45.47 -22.67
N ALA D 457 5.28 46.64 -23.32
CA ALA D 457 6.23 46.84 -24.40
C ALA D 457 7.66 46.70 -23.91
N ASP D 458 7.95 47.22 -22.71
CA ASP D 458 9.30 47.08 -22.16
C ASP D 458 9.66 45.62 -21.95
N LEU D 459 8.70 44.80 -21.55
CA LEU D 459 8.92 43.42 -21.16
C LEU D 459 8.74 42.44 -22.31
N GLN D 460 8.35 42.91 -23.49
CA GLN D 460 8.06 42.01 -24.60
C GLN D 460 9.29 41.22 -25.02
N GLU D 461 10.43 41.89 -25.18
CA GLU D 461 11.64 41.21 -25.63
C GLU D 461 12.08 40.17 -24.62
N VAL D 462 12.00 40.51 -23.33
CA VAL D 462 12.38 39.56 -22.29
C VAL D 462 11.44 38.36 -22.30
N MET D 463 10.15 38.61 -22.54
CA MET D 463 9.21 37.50 -22.63
C MET D 463 9.56 36.57 -23.79
N PHE D 464 9.89 37.15 -24.94
CA PHE D 464 10.28 36.33 -26.09
C PHE D 464 11.52 35.51 -25.76
N THR D 465 12.51 36.14 -25.13
CA THR D 465 13.73 35.42 -24.78
C THR D 465 13.44 34.28 -23.83
N ALA D 466 12.58 34.51 -22.83
CA ALA D 466 12.22 33.45 -21.90
C ALA D 466 11.52 32.32 -22.62
N LEU D 467 10.64 32.65 -23.58
CA LEU D 467 9.98 31.61 -24.36
C LEU D 467 10.98 30.77 -25.12
N ILE D 468 11.97 31.41 -25.76
CA ILE D 468 12.91 30.67 -26.61
C ILE D 468 13.74 29.70 -25.76
N LYS D 469 14.24 30.16 -24.62
CA LYS D 469 15.22 29.41 -23.86
C LYS D 469 14.60 28.50 -22.80
N ASP D 470 13.32 28.17 -22.92
CA ASP D 470 12.67 27.21 -22.03
C ASP D 470 12.77 27.68 -20.57
N ARG D 471 12.11 28.80 -20.28
CA ARG D 471 12.09 29.41 -18.95
C ARG D 471 10.63 29.56 -18.54
N PRO D 472 9.98 28.45 -18.14
CA PRO D 472 8.54 28.54 -17.86
C PRO D 472 8.20 29.38 -16.65
N LYS D 473 8.99 29.27 -15.57
CA LYS D 473 8.70 30.04 -14.37
C LYS D 473 8.78 31.55 -14.63
N PHE D 474 9.78 31.97 -15.41
CA PHE D 474 9.86 33.37 -15.79
C PHE D 474 8.68 33.78 -16.67
N VAL D 475 8.21 32.88 -17.52
CA VAL D 475 7.01 33.17 -18.32
C VAL D 475 5.82 33.43 -17.42
N ARG D 476 5.63 32.55 -16.42
CA ARG D 476 4.53 32.74 -15.48
C ARG D 476 4.67 34.06 -14.73
N LEU D 477 5.90 34.37 -14.28
CA LEU D 477 6.13 35.61 -13.55
C LEU D 477 5.79 36.82 -14.42
N PHE D 478 6.21 36.80 -15.68
CA PHE D 478 5.90 37.90 -16.59
C PHE D 478 4.40 38.02 -16.79
N LEU D 479 3.71 36.90 -16.95
CA LEU D 479 2.25 36.95 -17.13
C LEU D 479 1.58 37.55 -15.91
N GLU D 480 2.04 37.19 -14.71
CA GLU D 480 1.44 37.75 -13.51
C GLU D 480 1.60 39.26 -13.44
N ASN D 481 2.79 39.76 -13.82
CA ASN D 481 3.10 41.18 -13.65
C ASN D 481 2.72 41.97 -14.89
N GLY D 482 1.41 42.04 -15.13
CA GLY D 482 0.86 42.95 -16.11
C GLY D 482 1.34 42.76 -17.53
N LEU D 483 1.34 41.53 -18.03
CA LEU D 483 1.68 41.24 -19.41
C LEU D 483 0.45 40.69 -20.13
N ASN D 484 0.13 41.28 -21.28
CA ASN D 484 -1.00 40.84 -22.09
C ASN D 484 -0.48 39.89 -23.15
N LEU D 485 -0.72 38.59 -22.94
CA LEU D 485 -0.21 37.59 -23.87
C LEU D 485 -0.93 37.64 -25.21
N GLN D 486 -2.21 38.02 -25.21
CA GLN D 486 -2.95 38.08 -26.47
C GLN D 486 -2.34 39.10 -27.43
N LYS D 487 -1.97 40.28 -26.90
CA LYS D 487 -1.39 41.31 -27.75
C LYS D 487 0.04 40.96 -28.16
N PHE D 488 0.78 40.28 -27.28
CA PHE D 488 2.17 39.97 -27.58
C PHE D 488 2.30 39.05 -28.79
N LEU D 489 1.40 38.07 -28.90
CA LEU D 489 1.50 37.05 -29.96
C LEU D 489 1.04 37.66 -31.28
N THR D 490 1.93 38.44 -31.88
CA THR D 490 1.69 38.98 -33.21
C THR D 490 1.98 37.92 -34.27
N ASN D 491 1.46 38.15 -35.47
CA ASN D 491 1.61 37.17 -36.54
C ASN D 491 3.08 36.99 -36.91
N GLU D 492 3.84 38.10 -37.01
CA GLU D 492 5.24 37.99 -37.36
C GLU D 492 6.02 37.21 -36.32
N VAL D 493 5.75 37.48 -35.04
CA VAL D 493 6.42 36.76 -33.96
C VAL D 493 6.12 35.27 -34.07
N LEU D 494 4.85 34.93 -34.27
CA LEU D 494 4.45 33.52 -34.30
C LEU D 494 5.06 32.79 -35.49
N THR D 495 5.05 33.42 -36.67
CA THR D 495 5.62 32.78 -37.85
C THR D 495 7.13 32.61 -37.70
N GLU D 496 7.82 33.62 -37.17
CA GLU D 496 9.26 33.47 -36.95
C GLU D 496 9.54 32.36 -35.95
N LEU D 497 8.74 32.28 -34.89
CA LEU D 497 8.93 31.25 -33.87
C LEU D 497 8.70 29.86 -34.44
N PHE D 498 7.69 29.70 -35.31
CA PHE D 498 7.45 28.41 -35.93
C PHE D 498 8.51 28.07 -36.97
N SER D 499 9.11 29.07 -37.60
CA SER D 499 10.05 28.80 -38.69
C SER D 499 11.45 28.49 -38.16
N THR D 500 11.98 29.35 -37.29
CA THR D 500 13.38 29.23 -36.89
C THR D 500 13.57 28.27 -35.71
N HIS D 501 12.78 28.42 -34.66
CA HIS D 501 13.00 27.69 -33.41
C HIS D 501 12.27 26.35 -33.38
N PHE D 502 11.61 25.96 -34.47
CA PHE D 502 10.93 24.67 -34.55
C PHE D 502 11.93 23.64 -35.05
N SER D 503 12.24 22.66 -34.19
CA SER D 503 13.27 21.68 -34.51
C SER D 503 12.91 20.90 -35.77
N THR D 504 13.92 20.65 -36.60
CA THR D 504 13.68 19.90 -37.84
C THR D 504 13.36 18.44 -37.56
N LEU D 505 13.90 17.88 -36.48
CA LEU D 505 13.58 16.50 -36.12
C LEU D 505 12.10 16.34 -35.83
N VAL D 506 11.52 17.28 -35.08
CA VAL D 506 10.09 17.21 -34.78
C VAL D 506 9.28 17.39 -36.05
N TYR D 507 9.74 18.25 -36.96
CA TYR D 507 9.03 18.42 -38.23
C TYR D 507 9.06 17.15 -39.05
N ARG D 508 10.21 16.46 -39.08
CA ARG D 508 10.29 15.18 -39.77
C ARG D 508 9.34 14.16 -39.15
N ASN D 509 9.31 14.10 -37.82
CA ASN D 509 8.39 13.18 -37.16
C ASN D 509 6.94 13.50 -37.50
N LEU D 510 6.61 14.80 -37.55
CA LEU D 510 5.26 15.21 -37.92
C LEU D 510 4.94 14.80 -39.35
N GLN D 511 5.90 14.95 -40.26
CA GLN D 511 5.69 14.50 -41.64
C GLN D 511 5.43 12.99 -41.68
N ILE D 512 6.21 12.23 -40.91
CA ILE D 512 6.02 10.77 -40.89
C ILE D 512 4.62 10.44 -40.39
N ALA D 513 4.19 11.09 -39.31
CA ALA D 513 2.86 10.82 -38.78
C ALA D 513 1.78 11.20 -39.78
N LYS D 514 1.94 12.35 -40.45
CA LYS D 514 0.96 12.79 -41.43
C LYS D 514 0.85 11.81 -42.59
N ASN D 515 1.99 11.32 -43.08
CA ASN D 515 1.96 10.43 -44.24
C ASN D 515 1.48 9.03 -43.86
N SER D 516 1.80 8.55 -42.67
CA SER D 516 1.46 7.19 -42.26
C SER D 516 0.15 7.15 -41.47
N TYR D 517 0.09 7.86 -40.34
CA TYR D 517 -1.08 7.84 -39.46
C TYR D 517 -1.78 9.19 -39.57
N ASN D 518 -2.68 9.30 -40.55
CA ASN D 518 -3.43 10.52 -40.76
C ASN D 518 -4.69 10.52 -39.89
N ASP D 519 -5.22 11.72 -39.66
CA ASP D 519 -6.39 11.86 -38.81
C ASP D 519 -7.08 13.17 -39.17
N ALA D 520 -8.36 13.28 -38.78
CA ALA D 520 -9.13 14.48 -39.06
C ALA D 520 -8.56 15.70 -38.35
N LEU D 521 -7.84 15.51 -37.24
CA LEU D 521 -7.27 16.60 -36.47
C LEU D 521 -5.83 16.91 -36.87
N LEU D 522 -5.01 15.87 -37.02
CA LEU D 522 -3.60 16.09 -37.33
C LEU D 522 -3.42 16.86 -38.62
N THR D 523 -4.33 16.66 -39.58
CA THR D 523 -4.26 17.44 -40.82
C THR D 523 -4.45 18.93 -40.55
N PHE D 524 -5.34 19.26 -39.63
CA PHE D 524 -5.58 20.67 -39.31
C PHE D 524 -4.32 21.33 -38.73
N VAL D 525 -3.69 20.67 -37.76
CA VAL D 525 -2.49 21.25 -37.16
C VAL D 525 -1.36 21.28 -38.17
N TRP D 526 -1.28 20.28 -39.05
CA TRP D 526 -0.26 20.30 -40.09
C TRP D 526 -0.45 21.49 -41.03
N LYS D 527 -1.70 21.75 -41.43
CA LYS D 527 -1.98 22.90 -42.28
C LYS D 527 -1.63 24.21 -41.56
N LEU D 528 -1.99 24.31 -40.27
CA LEU D 528 -1.66 25.50 -39.51
C LEU D 528 -0.14 25.72 -39.45
N VAL D 529 0.60 24.65 -39.17
CA VAL D 529 2.05 24.74 -39.08
C VAL D 529 2.63 25.15 -40.43
N ALA D 530 2.12 24.57 -41.52
CA ALA D 530 2.61 24.94 -42.84
C ALA D 530 2.32 26.41 -43.14
N ASN D 531 1.12 26.87 -42.79
CA ASN D 531 0.76 28.26 -43.03
C ASN D 531 1.68 29.21 -42.28
N PHE D 532 1.97 28.91 -41.02
CA PHE D 532 2.85 29.79 -40.26
C PHE D 532 4.31 29.67 -40.71
N ARG D 533 4.72 28.48 -41.15
CA ARG D 533 6.10 28.27 -41.54
C ARG D 533 6.43 28.91 -42.88
N ARG D 534 5.54 28.77 -43.86
CA ARG D 534 5.79 29.36 -45.16
C ARG D 534 5.69 30.88 -45.12
N SER D 535 4.71 31.41 -44.38
CA SER D 535 4.51 32.84 -44.29
C SER D 535 3.93 33.23 -42.93
N THR D 558 -3.20 35.27 -35.99
CA THR D 558 -4.31 34.46 -36.48
C THR D 558 -5.53 34.62 -35.56
N ARG D 559 -6.55 33.80 -35.81
CA ARG D 559 -7.77 33.89 -35.02
C ARG D 559 -7.52 33.51 -33.57
N HIS D 560 -6.73 32.46 -33.33
CA HIS D 560 -6.49 31.93 -31.99
C HIS D 560 -4.98 31.77 -31.79
N PRO D 561 -4.26 32.87 -31.54
CA PRO D 561 -2.81 32.76 -31.31
C PRO D 561 -2.46 31.88 -30.13
N LEU D 562 -3.27 31.90 -29.07
CA LEU D 562 -2.97 31.09 -27.89
C LEU D 562 -2.99 29.61 -28.22
N GLN D 563 -3.96 29.18 -29.02
CA GLN D 563 -4.01 27.77 -29.41
C GLN D 563 -2.78 27.39 -30.23
N ALA D 564 -2.34 28.28 -31.12
CA ALA D 564 -1.14 28.01 -31.91
C ALA D 564 0.09 27.88 -31.02
N LEU D 565 0.23 28.77 -30.03
CA LEU D 565 1.36 28.68 -29.12
C LEU D 565 1.29 27.39 -28.30
N PHE D 566 0.10 27.01 -27.85
CA PHE D 566 -0.06 25.77 -27.11
C PHE D 566 0.34 24.58 -27.96
N ILE D 567 -0.06 24.58 -29.24
CA ILE D 567 0.33 23.51 -30.15
C ILE D 567 1.85 23.47 -30.31
N TRP D 568 2.47 24.64 -30.48
CA TRP D 568 3.91 24.68 -30.61
C TRP D 568 4.60 24.09 -29.40
N ALA D 569 4.14 24.46 -28.20
CA ALA D 569 4.73 23.91 -26.98
C ALA D 569 4.51 22.41 -26.89
N ILE D 570 3.33 21.94 -27.26
CA ILE D 570 3.02 20.51 -27.14
C ILE D 570 3.88 19.68 -28.09
N LEU D 571 4.00 20.14 -29.34
CA LEU D 571 4.70 19.34 -30.34
C LEU D 571 6.16 19.10 -29.98
N GLN D 572 6.74 19.96 -29.15
CA GLN D 572 8.14 19.81 -28.72
C GLN D 572 8.25 19.19 -27.33
N ASN D 573 7.16 18.64 -26.79
CA ASN D 573 7.17 17.96 -25.50
C ASN D 573 7.69 18.86 -24.39
N LYS D 574 7.27 20.13 -24.42
CA LYS D 574 7.55 21.07 -23.33
C LYS D 574 6.40 21.00 -22.34
N LYS D 575 6.67 20.44 -21.15
CA LYS D 575 5.60 20.20 -20.18
C LYS D 575 5.21 21.47 -19.44
N GLU D 576 6.18 22.08 -18.74
CA GLU D 576 5.86 23.22 -17.89
C GLU D 576 5.33 24.39 -18.71
N LEU D 577 5.97 24.67 -19.85
CA LEU D 577 5.51 25.77 -20.68
C LEU D 577 4.11 25.52 -21.22
N SER D 578 3.82 24.27 -21.62
CA SER D 578 2.49 23.95 -22.09
C SER D 578 1.46 24.13 -20.99
N LYS D 579 1.79 23.69 -19.77
CA LYS D 579 0.87 23.90 -18.65
C LYS D 579 0.63 25.38 -18.40
N VAL D 580 1.68 26.18 -18.45
CA VAL D 580 1.54 27.62 -18.22
C VAL D 580 0.65 28.24 -19.27
N ILE D 581 0.87 27.88 -20.54
CA ILE D 581 0.05 28.45 -21.61
C ILE D 581 -1.39 27.97 -21.51
N TRP D 582 -1.60 26.75 -21.01
CA TRP D 582 -2.96 26.20 -20.96
C TRP D 582 -3.87 27.04 -20.08
N GLU D 583 -3.35 27.50 -18.94
CA GLU D 583 -4.19 28.27 -18.01
C GLU D 583 -4.74 29.53 -18.64
N GLN D 584 -4.09 30.05 -19.68
CA GLN D 584 -4.54 31.28 -20.35
C GLN D 584 -5.57 31.01 -21.44
N THR D 585 -5.77 29.75 -21.82
CA THR D 585 -6.71 29.43 -22.89
C THR D 585 -8.15 29.53 -22.40
N LYS D 586 -9.06 29.71 -23.35
CA LYS D 586 -10.49 29.77 -23.06
C LYS D 586 -11.10 28.37 -23.01
N GLY D 587 -10.97 27.61 -24.11
CA GLY D 587 -11.43 26.23 -24.13
C GLY D 587 -10.43 25.31 -23.47
N CYS D 588 -10.34 25.39 -22.14
CA CYS D 588 -9.30 24.66 -21.42
C CYS D 588 -9.47 23.16 -21.58
N THR D 589 -10.66 22.64 -21.28
CA THR D 589 -10.88 21.20 -21.38
C THR D 589 -10.83 20.74 -22.83
N LEU D 590 -11.40 21.52 -23.74
CA LEU D 590 -11.32 21.19 -25.16
C LEU D 590 -9.87 21.18 -25.63
N ALA D 591 -9.08 22.16 -25.19
CA ALA D 591 -7.67 22.19 -25.53
C ALA D 591 -6.95 20.97 -24.99
N ALA D 592 -7.27 20.56 -23.76
CA ALA D 592 -6.64 19.38 -23.19
C ALA D 592 -6.98 18.13 -23.98
N LEU D 593 -8.24 17.98 -24.38
CA LEU D 593 -8.64 16.82 -25.18
C LEU D 593 -7.90 16.82 -26.52
N GLY D 594 -7.83 17.97 -27.18
CA GLY D 594 -7.13 18.04 -28.44
C GLY D 594 -5.66 17.72 -28.30
N ALA D 595 -5.04 18.23 -27.24
CA ALA D 595 -3.62 17.95 -27.00
C ALA D 595 -3.41 16.47 -26.74
N SER D 596 -4.29 15.84 -25.97
CA SER D 596 -4.17 14.41 -25.71
C SER D 596 -4.24 13.61 -27.01
N LYS D 597 -5.23 13.94 -27.85
CA LYS D 597 -5.38 13.21 -29.12
C LYS D 597 -4.15 13.42 -30.00
N LEU D 598 -3.68 14.66 -30.11
CA LEU D 598 -2.54 14.95 -30.96
C LEU D 598 -1.29 14.23 -30.46
N LEU D 599 -1.07 14.26 -29.14
CA LEU D 599 0.10 13.59 -28.59
C LEU D 599 0.03 12.08 -28.78
N LYS D 600 -1.16 11.49 -28.65
CA LYS D 600 -1.29 10.06 -28.87
C LYS D 600 -0.97 9.71 -30.32
N THR D 601 -1.59 10.42 -31.27
CA THR D 601 -1.33 10.10 -32.67
C THR D 601 0.11 10.37 -33.05
N LEU D 602 0.77 11.31 -32.36
CA LEU D 602 2.18 11.56 -32.60
C LEU D 602 3.05 10.45 -32.02
N ALA D 603 2.70 9.97 -30.82
CA ALA D 603 3.47 8.91 -30.17
C ALA D 603 3.29 7.57 -30.87
N LYS D 604 2.22 7.41 -31.65
CA LYS D 604 2.07 6.18 -32.44
C LYS D 604 3.19 6.01 -33.46
N VAL D 605 3.93 7.09 -33.76
CA VAL D 605 5.08 6.97 -34.64
C VAL D 605 6.13 6.07 -34.00
N LYS D 606 7.07 5.58 -34.82
CA LYS D 606 8.09 4.65 -34.37
C LYS D 606 9.49 5.06 -34.83
N ASN D 607 9.67 6.30 -35.27
CA ASN D 607 11.01 6.76 -35.65
C ASN D 607 11.95 6.74 -34.47
N ASP D 608 11.50 7.20 -33.31
CA ASP D 608 12.26 7.15 -32.08
C ASP D 608 11.35 6.75 -30.94
N ILE D 609 11.94 6.22 -29.89
CA ILE D 609 11.20 5.64 -28.78
C ILE D 609 11.04 6.62 -27.62
N ASN D 610 12.13 7.28 -27.23
CA ASN D 610 12.07 8.16 -26.07
C ASN D 610 11.07 9.30 -26.27
N ALA D 611 11.10 9.93 -27.45
CA ALA D 611 10.17 11.02 -27.72
C ALA D 611 8.73 10.52 -27.71
N ALA D 612 8.49 9.34 -28.30
CA ALA D 612 7.14 8.80 -28.32
C ALA D 612 6.63 8.53 -26.91
N GLY D 613 7.49 7.95 -26.06
CA GLY D 613 7.07 7.70 -24.68
C GLY D 613 6.80 8.98 -23.92
N GLU D 614 7.65 9.99 -24.11
CA GLU D 614 7.41 11.28 -23.46
C GLU D 614 6.09 11.88 -23.90
N SER D 615 5.80 11.83 -25.20
CA SER D 615 4.54 12.35 -25.71
C SER D 615 3.36 11.57 -25.14
N GLU D 616 3.50 10.24 -25.04
CA GLU D 616 2.41 9.42 -24.52
C GLU D 616 2.12 9.76 -23.06
N GLU D 617 3.16 9.89 -22.24
CA GLU D 617 2.93 10.24 -20.84
C GLU D 617 2.33 11.63 -20.71
N LEU D 618 2.77 12.58 -21.54
CA LEU D 618 2.17 13.91 -21.53
C LEU D 618 0.69 13.85 -21.92
N ALA D 619 0.36 13.01 -22.90
CA ALA D 619 -1.03 12.84 -23.30
C ALA D 619 -1.87 12.28 -22.16
N ASN D 620 -1.33 11.29 -21.45
CA ASN D 620 -2.05 10.75 -20.31
C ASN D 620 -2.26 11.82 -19.24
N GLU D 621 -1.24 12.64 -19.00
CA GLU D 621 -1.35 13.72 -18.02
C GLU D 621 -2.46 14.69 -18.40
N TYR D 622 -2.49 15.10 -19.67
CA TYR D 622 -3.51 16.06 -20.10
C TYR D 622 -4.89 15.44 -20.06
N GLU D 623 -5.01 14.16 -20.42
CA GLU D 623 -6.30 13.48 -20.31
C GLU D 623 -6.79 13.48 -18.87
N THR D 624 -5.90 13.16 -17.93
CA THR D 624 -6.28 13.18 -16.52
C THR D 624 -6.71 14.57 -16.08
N ARG D 625 -5.97 15.60 -16.52
CA ARG D 625 -6.34 16.97 -16.17
C ARG D 625 -7.73 17.30 -16.68
N ALA D 626 -8.02 16.96 -17.94
CA ALA D 626 -9.33 17.25 -18.50
C ALA D 626 -10.43 16.51 -17.74
N VAL D 627 -10.19 15.24 -17.42
CA VAL D 627 -11.21 14.46 -16.72
C VAL D 627 -11.51 15.09 -15.36
N GLU D 628 -10.46 15.41 -14.59
CA GLU D 628 -10.68 15.99 -13.27
C GLU D 628 -11.36 17.35 -13.37
N LEU D 629 -10.94 18.18 -14.32
CA LEU D 629 -11.52 19.51 -14.44
C LEU D 629 -13.00 19.43 -14.79
N PHE D 630 -13.36 18.54 -15.73
CA PHE D 630 -14.76 18.44 -16.10
C PHE D 630 -15.57 17.79 -14.99
N THR D 631 -14.98 16.88 -14.22
CA THR D 631 -15.69 16.32 -13.08
C THR D 631 -16.04 17.42 -12.08
N GLU D 632 -15.06 18.27 -11.77
CA GLU D 632 -15.34 19.39 -10.87
C GLU D 632 -16.38 20.33 -11.47
N CYS D 633 -16.26 20.60 -12.76
CA CYS D 633 -17.20 21.51 -13.43
C CYS D 633 -18.62 20.98 -13.36
N TYR D 634 -18.80 19.68 -13.58
CA TYR D 634 -20.13 19.09 -13.51
C TYR D 634 -20.65 19.04 -12.08
N SER D 635 -19.76 18.78 -11.12
CA SER D 635 -20.17 18.77 -9.73
C SER D 635 -20.68 20.14 -9.30
N ASN D 636 -20.00 21.20 -9.72
CA ASN D 636 -20.45 22.55 -9.36
C ASN D 636 -21.81 22.86 -9.97
N ASP D 637 -22.01 22.49 -11.23
CA ASP D 637 -23.26 22.78 -11.92
C ASP D 637 -23.45 21.75 -13.03
N GLU D 638 -24.69 21.63 -13.49
CA GLU D 638 -25.08 20.60 -14.44
C GLU D 638 -25.45 21.17 -15.81
N ASP D 639 -26.39 22.11 -15.86
CA ASP D 639 -26.84 22.64 -17.15
C ASP D 639 -25.69 23.34 -17.87
N LEU D 640 -24.93 24.16 -17.15
CA LEU D 640 -23.80 24.85 -17.78
C LEU D 640 -22.75 23.86 -18.24
N ALA D 641 -22.50 22.81 -17.45
CA ALA D 641 -21.54 21.80 -17.85
C ALA D 641 -21.97 21.11 -19.14
N GLU D 642 -23.25 20.77 -19.25
CA GLU D 642 -23.74 20.14 -20.47
C GLU D 642 -23.62 21.09 -21.65
N GLN D 643 -23.96 22.37 -21.45
CA GLN D 643 -23.83 23.34 -22.53
C GLN D 643 -22.38 23.44 -23.00
N LEU D 644 -21.45 23.47 -22.05
CA LEU D 644 -20.03 23.53 -22.42
C LEU D 644 -19.61 22.27 -23.15
N LEU D 645 -20.08 21.11 -22.70
CA LEU D 645 -19.69 19.85 -23.34
C LEU D 645 -20.17 19.81 -24.78
N VAL D 646 -21.42 20.24 -25.03
CA VAL D 646 -21.93 20.28 -26.41
C VAL D 646 -21.44 21.49 -27.17
N TYR D 647 -20.64 22.35 -26.55
CA TYR D 647 -20.19 23.59 -27.18
C TYR D 647 -19.24 23.28 -28.32
N SER D 648 -19.68 23.58 -29.55
CA SER D 648 -18.84 23.33 -30.72
C SER D 648 -17.65 24.27 -30.77
N CYS D 649 -17.80 25.49 -30.25
CA CYS D 649 -16.73 26.49 -30.27
C CYS D 649 -16.45 26.94 -31.69
N GLU D 650 -15.39 27.71 -31.89
CA GLU D 650 -15.04 28.28 -33.20
C GLU D 650 -13.70 27.72 -33.63
N ALA D 651 -13.73 26.54 -34.25
CA ALA D 651 -12.59 25.97 -34.95
C ALA D 651 -11.33 25.94 -34.09
N TRP D 652 -11.42 25.21 -32.98
CA TRP D 652 -10.20 24.78 -32.30
C TRP D 652 -9.53 23.66 -33.10
N GLY D 653 -10.26 22.57 -33.32
CA GLY D 653 -9.87 21.55 -34.26
C GLY D 653 -11.05 21.17 -35.13
N GLY D 654 -12.07 22.03 -35.13
CA GLY D 654 -13.29 21.75 -35.87
C GLY D 654 -14.24 20.79 -35.19
N SER D 655 -14.11 20.60 -33.88
CA SER D 655 -14.92 19.63 -33.17
C SER D 655 -15.10 20.06 -31.73
N ASN D 656 -16.09 19.46 -31.07
CA ASN D 656 -16.39 19.74 -29.66
C ASN D 656 -15.59 18.79 -28.77
N CYS D 657 -15.79 18.93 -27.46
CA CYS D 657 -15.09 18.08 -26.51
C CYS D 657 -15.48 16.62 -26.68
N LEU D 658 -16.76 16.35 -26.87
CA LEU D 658 -17.24 14.98 -26.98
C LEU D 658 -16.66 14.29 -28.22
N GLU D 659 -16.64 15.00 -29.35
CA GLU D 659 -16.12 14.42 -30.57
C GLU D 659 -14.63 14.08 -30.45
N LEU D 660 -13.85 14.98 -29.86
CA LEU D 660 -12.43 14.69 -29.66
C LEU D 660 -12.24 13.53 -28.70
N ALA D 661 -13.03 13.48 -27.62
CA ALA D 661 -12.90 12.39 -26.66
C ALA D 661 -13.19 11.05 -27.32
N VAL D 662 -14.24 10.98 -28.13
CA VAL D 662 -14.59 9.71 -28.77
C VAL D 662 -13.57 9.35 -29.84
N GLU D 663 -13.10 10.34 -30.60
CA GLU D 663 -12.13 10.06 -31.65
C GLU D 663 -10.83 9.49 -31.08
N ALA D 664 -10.39 10.03 -29.94
CA ALA D 664 -9.18 9.52 -29.28
C ALA D 664 -9.45 8.28 -28.46
N THR D 665 -10.69 7.79 -28.41
CA THR D 665 -11.04 6.60 -27.65
C THR D 665 -10.75 6.79 -26.16
N ASP D 666 -11.05 7.99 -25.66
CA ASP D 666 -10.88 8.31 -24.25
C ASP D 666 -12.08 7.76 -23.47
N GLN D 667 -12.09 6.43 -23.33
CA GLN D 667 -13.20 5.77 -22.67
C GLN D 667 -13.36 6.24 -21.22
N HIS D 668 -12.25 6.55 -20.56
CA HIS D 668 -12.33 6.98 -19.17
C HIS D 668 -13.11 8.29 -19.04
N PHE D 669 -12.85 9.24 -19.93
CA PHE D 669 -13.53 10.53 -19.86
C PHE D 669 -15.03 10.39 -20.14
N ILE D 670 -15.37 9.62 -21.17
CA ILE D 670 -16.77 9.53 -21.61
C ILE D 670 -17.60 8.61 -20.73
N ALA D 671 -16.96 7.81 -19.87
CA ALA D 671 -17.67 6.92 -18.96
C ALA D 671 -17.97 7.56 -17.62
N GLN D 672 -17.63 8.83 -17.44
CA GLN D 672 -17.85 9.48 -16.16
C GLN D 672 -19.35 9.70 -15.92
N PRO D 673 -19.76 9.80 -14.65
CA PRO D 673 -21.21 9.87 -14.37
C PRO D 673 -21.90 11.06 -15.03
N GLY D 674 -21.23 12.20 -15.15
CA GLY D 674 -21.87 13.36 -15.76
C GLY D 674 -22.21 13.12 -17.23
N VAL D 675 -21.25 12.58 -17.97
CA VAL D 675 -21.48 12.34 -19.40
C VAL D 675 -22.53 11.27 -19.58
N GLN D 676 -22.51 10.23 -18.74
CA GLN D 676 -23.53 9.19 -18.83
C GLN D 676 -24.92 9.75 -18.53
N ASN D 677 -25.02 10.64 -17.54
CA ASN D 677 -26.29 11.26 -17.23
C ASN D 677 -26.77 12.13 -18.40
N PHE D 678 -25.86 12.86 -19.02
CA PHE D 678 -26.23 13.65 -20.19
C PHE D 678 -26.74 12.76 -21.32
N LEU D 679 -26.04 11.64 -21.57
CA LEU D 679 -26.48 10.72 -22.61
C LEU D 679 -27.84 10.11 -22.28
N SER D 680 -28.07 9.78 -21.01
CA SER D 680 -29.36 9.25 -20.61
C SER D 680 -30.48 10.27 -20.80
N LYS D 681 -30.21 11.54 -20.46
CA LYS D 681 -31.20 12.58 -20.71
C LYS D 681 -31.51 12.69 -22.20
N GLN D 682 -30.47 12.63 -23.03
CA GLN D 682 -30.69 12.69 -24.47
C GLN D 682 -31.50 11.48 -24.94
N TRP D 683 -31.22 10.31 -24.37
CA TRP D 683 -31.89 9.08 -24.80
C TRP D 683 -33.36 9.09 -24.43
N TYR D 684 -33.68 9.43 -23.18
CA TYR D 684 -35.07 9.50 -22.75
C TYR D 684 -35.79 10.73 -23.28
N GLY D 685 -35.05 11.73 -23.74
CA GLY D 685 -35.69 12.93 -24.27
C GLY D 685 -36.52 13.62 -23.21
N GLU D 686 -37.72 14.05 -23.60
CA GLU D 686 -38.59 14.78 -22.69
C GLU D 686 -39.07 13.90 -21.54
N ILE D 687 -39.15 12.59 -21.75
CA ILE D 687 -39.59 11.69 -20.69
C ILE D 687 -38.68 11.82 -19.49
N SER D 688 -39.28 11.88 -18.30
CA SER D 688 -38.49 11.90 -17.08
C SER D 688 -37.68 10.62 -16.96
N ARG D 689 -36.43 10.76 -16.51
CA ARG D 689 -35.51 9.63 -16.49
C ARG D 689 -35.87 8.59 -15.44
N ASP D 690 -36.61 8.98 -14.40
CA ASP D 690 -36.89 8.09 -13.28
C ASP D 690 -38.16 7.26 -13.45
N THR D 691 -38.93 7.47 -14.52
CA THR D 691 -40.11 6.67 -14.75
C THR D 691 -39.73 5.22 -15.01
N LYS D 692 -40.56 4.30 -14.55
CA LYS D 692 -40.28 2.88 -14.72
C LYS D 692 -40.48 2.44 -16.17
N ASN D 693 -39.78 1.38 -16.55
CA ASN D 693 -39.74 0.97 -17.95
C ASN D 693 -41.06 0.35 -18.39
N TRP D 694 -41.57 -0.61 -17.62
CA TRP D 694 -42.81 -1.28 -18.02
C TRP D 694 -43.94 -0.28 -18.18
N LYS D 695 -43.90 0.82 -17.42
CA LYS D 695 -44.89 1.88 -17.63
C LYS D 695 -44.79 2.45 -19.04
N ILE D 696 -43.56 2.74 -19.50
CA ILE D 696 -43.38 3.26 -20.85
C ILE D 696 -43.88 2.24 -21.87
N ILE D 697 -43.55 0.97 -21.66
CA ILE D 697 -43.91 -0.04 -22.65
C ILE D 697 -45.43 -0.17 -22.73
N LEU D 698 -46.11 -0.19 -21.58
CA LEU D 698 -47.56 -0.27 -21.58
C LEU D 698 -48.18 0.95 -22.24
N CYS D 699 -47.64 2.14 -21.97
CA CYS D 699 -48.16 3.32 -22.64
C CYS D 699 -47.90 3.29 -24.14
N LEU D 700 -46.79 2.65 -24.56
CA LEU D 700 -46.53 2.48 -25.98
C LEU D 700 -47.59 1.60 -26.62
N PHE D 701 -47.91 0.47 -25.98
CA PHE D 701 -48.91 -0.43 -26.56
C PHE D 701 -50.30 0.17 -26.48
N ILE D 702 -50.63 0.85 -25.39
CA ILE D 702 -51.93 1.48 -25.20
C ILE D 702 -51.75 2.97 -25.42
N ILE D 703 -52.20 3.46 -26.58
CA ILE D 703 -52.03 4.87 -26.90
C ILE D 703 -52.78 5.79 -25.94
N PRO D 704 -54.05 5.57 -25.62
CA PRO D 704 -54.79 6.57 -24.83
C PRO D 704 -54.24 6.78 -23.42
N LEU D 705 -53.35 5.90 -22.94
CA LEU D 705 -52.89 6.00 -21.56
C LEU D 705 -51.85 7.10 -21.36
N VAL D 706 -51.19 7.53 -22.44
CA VAL D 706 -50.13 8.53 -22.28
C VAL D 706 -50.67 9.81 -21.69
N GLY D 707 -51.84 10.25 -22.14
CA GLY D 707 -52.40 11.50 -21.65
C GLY D 707 -52.73 11.48 -20.17
N CYS D 708 -53.02 10.29 -19.62
CA CYS D 708 -53.51 10.21 -18.25
C CYS D 708 -52.46 10.74 -17.26
N GLY D 709 -51.21 10.32 -17.39
CA GLY D 709 -50.15 10.86 -16.56
C GLY D 709 -49.17 9.85 -15.99
N LEU D 710 -49.39 8.55 -16.19
CA LEU D 710 -48.52 7.56 -15.57
C LEU D 710 -47.08 7.69 -16.07
N VAL D 711 -46.88 8.27 -17.26
CA VAL D 711 -45.53 8.37 -17.82
C VAL D 711 -44.74 9.47 -17.12
N SER D 712 -45.39 10.55 -16.69
CA SER D 712 -44.79 11.56 -15.82
C SER D 712 -43.57 12.22 -16.48
N PHE D 713 -43.85 12.98 -17.53
CA PHE D 713 -42.80 13.71 -18.24
C PHE D 713 -42.02 14.61 -17.28
N ARG D 714 -40.79 14.96 -17.67
CA ARG D 714 -39.97 15.84 -16.86
C ARG D 714 -40.56 17.24 -16.80
N LYS D 715 -40.93 17.80 -17.96
CA LYS D 715 -41.54 19.13 -18.00
C LYS D 715 -43.04 19.04 -17.77
N LYS D 723 -51.21 21.37 -23.63
CA LYS D 723 -52.37 20.50 -23.49
C LYS D 723 -51.99 19.06 -23.84
N LEU D 724 -53.00 18.19 -23.95
CA LEU D 724 -52.74 16.77 -24.21
C LEU D 724 -51.98 16.57 -25.51
N LEU D 725 -52.20 17.44 -26.49
CA LEU D 725 -51.47 17.31 -27.76
C LEU D 725 -49.97 17.44 -27.53
N TRP D 726 -49.55 18.40 -26.72
CA TRP D 726 -48.13 18.55 -26.42
C TRP D 726 -47.59 17.30 -25.75
N TYR D 727 -48.36 16.71 -24.83
CA TYR D 727 -47.93 15.47 -24.19
C TYR D 727 -47.67 14.38 -25.21
N TYR D 728 -48.60 14.19 -26.14
CA TYR D 728 -48.45 13.11 -27.12
C TYR D 728 -47.28 13.36 -28.06
N VAL D 729 -47.12 14.60 -28.53
CA VAL D 729 -45.99 14.87 -29.43
C VAL D 729 -44.68 14.68 -28.70
N ALA D 730 -44.59 15.12 -27.44
CA ALA D 730 -43.37 14.91 -26.67
C ALA D 730 -43.09 13.43 -26.47
N PHE D 731 -44.13 12.65 -26.19
CA PHE D 731 -43.94 11.21 -25.99
C PHE D 731 -43.44 10.54 -27.26
N PHE D 732 -44.04 10.84 -28.40
CA PHE D 732 -43.70 10.17 -29.64
C PHE D 732 -42.47 10.75 -30.32
N THR D 733 -41.97 11.88 -29.85
CA THR D 733 -40.69 12.41 -30.32
C THR D 733 -39.51 11.90 -29.49
N SER D 734 -39.77 11.15 -28.42
CA SER D 734 -38.71 10.65 -27.58
C SER D 734 -37.90 9.59 -28.33
N PRO D 735 -36.56 9.63 -28.25
CA PRO D 735 -35.77 8.59 -28.93
C PRO D 735 -36.09 7.17 -28.47
N PHE D 736 -36.42 6.98 -27.19
CA PHE D 736 -36.70 5.64 -26.70
C PHE D 736 -37.94 5.05 -27.37
N VAL D 737 -39.00 5.85 -27.49
CA VAL D 737 -40.22 5.37 -28.14
C VAL D 737 -39.96 5.06 -29.60
N VAL D 738 -39.21 5.93 -30.29
CA VAL D 738 -38.88 5.69 -31.68
C VAL D 738 -38.09 4.38 -31.82
N PHE D 739 -37.14 4.16 -30.92
CA PHE D 739 -36.35 2.94 -30.97
C PHE D 739 -37.22 1.70 -30.77
N SER D 740 -38.14 1.76 -29.80
CA SER D 740 -39.02 0.62 -29.56
C SER D 740 -39.90 0.34 -30.77
N TRP D 741 -40.48 1.39 -31.36
CA TRP D 741 -41.30 1.19 -32.56
C TRP D 741 -40.47 0.62 -33.70
N ASN D 742 -39.24 1.10 -33.88
CA ASN D 742 -38.38 0.57 -34.92
C ASN D 742 -38.07 -0.90 -34.68
N VAL D 743 -37.83 -1.28 -33.43
CA VAL D 743 -37.54 -2.67 -33.11
C VAL D 743 -38.74 -3.55 -33.47
N VAL D 744 -39.94 -3.12 -33.07
CA VAL D 744 -41.14 -3.89 -33.40
C VAL D 744 -41.30 -4.02 -34.90
N PHE D 745 -41.13 -2.91 -35.62
CA PHE D 745 -41.27 -2.93 -37.06
C PHE D 745 -40.26 -3.87 -37.70
N TYR D 746 -39.02 -3.85 -37.23
CA TYR D 746 -37.99 -4.70 -37.83
C TYR D 746 -38.26 -6.17 -37.54
N ILE D 747 -38.73 -6.49 -36.34
CA ILE D 747 -39.08 -7.87 -36.03
C ILE D 747 -40.20 -8.34 -36.95
N ALA D 748 -41.23 -7.51 -37.13
CA ALA D 748 -42.32 -7.87 -38.04
C ALA D 748 -41.81 -8.04 -39.46
N PHE D 749 -40.89 -7.15 -39.89
CA PHE D 749 -40.35 -7.24 -41.23
C PHE D 749 -39.60 -8.55 -41.43
N LEU D 750 -38.77 -8.94 -40.45
CA LEU D 750 -38.05 -10.20 -40.58
C LEU D 750 -39.00 -11.38 -40.59
N LEU D 751 -40.03 -11.34 -39.76
CA LEU D 751 -41.00 -12.44 -39.74
C LEU D 751 -41.68 -12.57 -41.09
N LEU D 752 -42.10 -11.46 -41.67
CA LEU D 752 -42.76 -11.50 -42.98
C LEU D 752 -41.79 -11.95 -44.06
N PHE D 753 -40.53 -11.51 -43.99
CA PHE D 753 -39.52 -11.96 -44.95
C PHE D 753 -39.35 -13.47 -44.87
N ALA D 754 -39.22 -14.01 -43.67
CA ALA D 754 -39.10 -15.45 -43.52
C ALA D 754 -40.30 -16.15 -44.14
N TYR D 755 -41.51 -15.69 -43.79
CA TYR D 755 -42.71 -16.34 -44.29
C TYR D 755 -42.76 -16.32 -45.82
N VAL D 756 -42.54 -15.15 -46.42
CA VAL D 756 -42.69 -15.02 -47.87
C VAL D 756 -41.62 -15.82 -48.59
N LEU D 757 -40.36 -15.71 -48.14
CA LEU D 757 -39.28 -16.42 -48.82
C LEU D 757 -39.48 -17.93 -48.72
N LEU D 758 -39.96 -18.42 -47.58
CA LEU D 758 -40.03 -19.86 -47.38
C LEU D 758 -41.27 -20.47 -48.03
N MET D 759 -42.43 -19.81 -47.90
CA MET D 759 -43.70 -20.40 -48.28
C MET D 759 -44.32 -19.78 -49.53
N ASP D 760 -43.78 -18.67 -50.03
CA ASP D 760 -44.45 -17.91 -51.09
C ASP D 760 -43.45 -17.45 -52.16
N PHE D 761 -42.63 -18.38 -52.65
CA PHE D 761 -41.62 -18.06 -53.66
C PHE D 761 -42.06 -18.45 -55.07
N HIS D 762 -43.35 -18.29 -55.37
CA HIS D 762 -43.84 -18.62 -56.70
C HIS D 762 -43.27 -17.65 -57.73
N SER D 763 -43.16 -18.13 -58.97
CA SER D 763 -42.66 -17.28 -60.05
C SER D 763 -43.56 -16.07 -60.27
N VAL D 764 -44.87 -16.30 -60.26
CA VAL D 764 -45.82 -15.18 -60.42
C VAL D 764 -45.72 -14.26 -59.21
N PRO D 765 -45.70 -12.94 -59.38
CA PRO D 765 -45.64 -12.05 -58.21
C PRO D 765 -46.85 -12.22 -57.32
N HIS D 766 -46.63 -12.03 -56.01
CA HIS D 766 -47.69 -12.13 -55.01
C HIS D 766 -47.56 -10.97 -54.04
N THR D 767 -48.68 -10.65 -53.38
CA THR D 767 -48.75 -9.44 -52.58
C THR D 767 -47.73 -9.38 -51.46
N PRO D 768 -47.48 -10.44 -50.66
CA PRO D 768 -46.48 -10.31 -49.60
C PRO D 768 -45.11 -9.94 -50.13
N GLU D 769 -44.75 -10.49 -51.29
CA GLU D 769 -43.48 -10.14 -51.92
C GLU D 769 -43.45 -8.66 -52.29
N LEU D 770 -44.56 -8.13 -52.80
CA LEU D 770 -44.60 -6.71 -53.13
C LEU D 770 -44.42 -5.84 -51.90
N ILE D 771 -45.08 -6.21 -50.79
CA ILE D 771 -44.91 -5.46 -49.55
C ILE D 771 -43.44 -5.50 -49.12
N LEU D 772 -42.81 -6.68 -49.21
CA LEU D 772 -41.41 -6.80 -48.83
C LEU D 772 -40.52 -5.93 -49.70
N TYR D 773 -40.80 -5.90 -51.00
CA TYR D 773 -40.03 -5.03 -51.91
C TYR D 773 -40.16 -3.57 -51.50
N ALA D 774 -41.38 -3.12 -51.19
CA ALA D 774 -41.57 -1.74 -50.78
C ALA D 774 -40.79 -1.43 -49.50
N LEU D 775 -40.84 -2.35 -48.53
CA LEU D 775 -40.12 -2.12 -47.28
C LEU D 775 -38.62 -2.07 -47.50
N VAL D 776 -38.09 -2.93 -48.38
CA VAL D 776 -36.65 -2.87 -48.65
C VAL D 776 -36.29 -1.55 -49.31
N PHE D 777 -37.17 -1.00 -50.14
CA PHE D 777 -36.89 0.32 -50.70
C PHE D 777 -36.85 1.38 -49.61
N VAL D 778 -37.75 1.30 -48.64
CA VAL D 778 -37.71 2.26 -47.53
C VAL D 778 -36.40 2.14 -46.77
N LEU D 779 -35.95 0.89 -46.53
CA LEU D 779 -34.65 0.69 -45.88
C LEU D 779 -33.52 1.29 -46.71
N PHE D 780 -33.59 1.14 -48.03
CA PHE D 780 -32.57 1.72 -48.91
C PHE D 780 -32.54 3.24 -48.78
N CYS D 781 -33.72 3.86 -48.70
CA CYS D 781 -33.78 5.31 -48.51
C CYS D 781 -33.17 5.72 -47.17
N ASP D 782 -33.45 4.95 -46.12
CA ASP D 782 -32.82 5.23 -44.83
C ASP D 782 -31.30 5.15 -44.93
N GLU D 783 -30.80 4.13 -45.64
CA GLU D 783 -29.36 4.01 -45.82
C GLU D 783 -28.79 5.16 -46.64
N VAL D 784 -29.55 5.66 -47.62
CA VAL D 784 -29.10 6.82 -48.37
C VAL D 784 -28.96 8.03 -47.43
N ARG D 785 -29.97 8.22 -46.57
CA ARG D 785 -29.87 9.31 -45.59
C ARG D 785 -28.62 9.15 -44.73
N GLN D 786 -28.38 7.93 -44.24
CA GLN D 786 -27.19 7.69 -43.43
C GLN D 786 -25.92 7.97 -44.22
N TRP D 787 -25.93 7.67 -45.51
CA TRP D 787 -24.76 7.95 -46.35
C TRP D 787 -24.52 9.46 -46.46
N TYR D 788 -25.59 10.24 -46.55
CA TYR D 788 -25.42 11.70 -46.63
C TYR D 788 -24.68 12.23 -45.41
N MET D 789 -25.05 11.77 -44.22
CA MET D 789 -24.42 12.22 -42.98
C MET D 789 -23.26 11.30 -42.64
N ASN D 790 -22.07 11.90 -42.46
CA ASN D 790 -20.86 11.15 -42.15
C ASN D 790 -20.62 10.08 -43.22
N GLY D 791 -20.57 10.50 -44.48
CA GLY D 791 -20.37 9.57 -45.57
C GLY D 791 -19.07 8.80 -45.45
N VAL D 792 -17.99 9.49 -45.07
CA VAL D 792 -16.71 8.80 -44.89
C VAL D 792 -16.82 7.75 -43.81
N ASN D 793 -17.40 8.11 -42.66
CA ASN D 793 -17.63 7.13 -41.61
C ASN D 793 -18.61 6.05 -42.07
N TYR D 794 -19.64 6.44 -42.81
CA TYR D 794 -20.62 5.47 -43.28
C TYR D 794 -19.96 4.38 -44.11
N PHE D 795 -19.03 4.77 -45.00
CA PHE D 795 -18.34 3.78 -45.81
C PHE D 795 -17.30 3.03 -44.99
N THR D 796 -16.62 3.71 -44.06
CA THR D 796 -15.56 3.07 -43.30
C THR D 796 -16.11 2.02 -42.34
N ASP D 797 -17.26 2.28 -41.73
CA ASP D 797 -17.79 1.37 -40.72
C ASP D 797 -17.99 -0.02 -41.29
N LEU D 798 -17.54 -1.03 -40.54
CA LEU D 798 -17.63 -2.40 -41.02
C LEU D 798 -19.08 -2.87 -41.07
N TRP D 799 -19.84 -2.61 -40.00
CA TRP D 799 -21.22 -3.07 -39.96
C TRP D 799 -22.11 -2.29 -40.94
N ASN D 800 -21.83 -0.99 -41.10
CA ASN D 800 -22.56 -0.22 -42.10
C ASN D 800 -22.28 -0.77 -43.50
N VAL D 801 -21.02 -1.10 -43.79
CA VAL D 801 -20.69 -1.70 -45.07
C VAL D 801 -21.39 -3.05 -45.21
N MET D 802 -21.49 -3.81 -44.13
CA MET D 802 -22.19 -5.08 -44.16
C MET D 802 -23.65 -4.89 -44.56
N ASP D 803 -24.31 -3.91 -43.94
CA ASP D 803 -25.72 -3.65 -44.27
C ASP D 803 -25.89 -3.19 -45.70
N THR D 804 -24.99 -2.32 -46.18
CA THR D 804 -25.08 -1.85 -47.57
C THR D 804 -24.89 -3.02 -48.53
N LEU D 805 -23.93 -3.90 -48.24
CA LEU D 805 -23.73 -5.08 -49.08
C LEU D 805 -24.95 -5.98 -49.04
N GLY D 806 -25.60 -6.09 -47.88
CA GLY D 806 -26.82 -6.86 -47.80
C GLY D 806 -27.90 -6.30 -48.70
N LEU D 807 -28.08 -4.98 -48.69
CA LEU D 807 -29.06 -4.36 -49.58
C LEU D 807 -28.72 -4.60 -51.04
N PHE D 808 -27.44 -4.47 -51.39
CA PHE D 808 -27.03 -4.69 -52.78
C PHE D 808 -27.31 -6.13 -53.22
N TYR D 809 -26.95 -7.09 -52.36
CA TYR D 809 -27.24 -8.48 -52.68
C TYR D 809 -28.74 -8.72 -52.80
N PHE D 810 -29.53 -8.08 -51.94
CA PHE D 810 -30.97 -8.25 -52.04
C PHE D 810 -31.52 -7.75 -53.36
N ILE D 811 -31.08 -6.56 -53.79
CA ILE D 811 -31.59 -6.04 -55.06
C ILE D 811 -31.13 -6.91 -56.22
N ALA D 812 -29.91 -7.45 -56.13
CA ALA D 812 -29.44 -8.38 -57.16
C ALA D 812 -30.34 -9.62 -57.22
N GLY D 813 -30.66 -10.18 -56.05
CA GLY D 813 -31.53 -11.35 -56.03
C GLY D 813 -32.92 -11.04 -56.55
N ILE D 814 -33.43 -9.86 -56.21
CA ILE D 814 -34.75 -9.46 -56.69
C ILE D 814 -34.74 -9.37 -58.22
N VAL D 815 -33.68 -8.79 -58.78
CA VAL D 815 -33.56 -8.76 -60.24
C VAL D 815 -33.49 -10.18 -60.79
N PHE D 816 -32.79 -11.07 -60.09
CA PHE D 816 -32.66 -12.45 -60.56
C PHE D 816 -34.03 -13.13 -60.63
N ARG D 817 -34.86 -12.94 -59.60
CA ARG D 817 -36.17 -13.59 -59.60
C ARG D 817 -37.03 -13.11 -60.77
N LEU D 818 -36.80 -11.89 -61.26
CA LEU D 818 -37.64 -11.34 -62.30
C LEU D 818 -37.61 -12.21 -63.55
N HIS D 819 -36.42 -12.69 -63.93
CA HIS D 819 -36.26 -13.53 -65.12
C HIS D 819 -36.79 -14.92 -64.79
N SER D 820 -38.10 -15.11 -64.95
CA SER D 820 -38.74 -16.38 -64.63
C SER D 820 -38.57 -17.42 -65.73
N SER D 821 -38.06 -17.05 -66.89
CA SER D 821 -37.89 -18.02 -67.97
C SER D 821 -36.91 -19.11 -67.58
N ASN D 822 -35.83 -18.75 -66.89
CA ASN D 822 -34.77 -19.68 -66.52
C ASN D 822 -35.01 -20.21 -65.11
N LYS D 823 -35.06 -21.53 -64.98
CA LYS D 823 -35.18 -22.15 -63.67
C LYS D 823 -33.96 -21.84 -62.80
N SER D 824 -32.77 -21.87 -63.40
CA SER D 824 -31.55 -21.57 -62.66
C SER D 824 -31.57 -20.16 -62.11
N SER D 825 -32.14 -19.22 -62.86
CA SER D 825 -32.27 -17.85 -62.37
C SER D 825 -33.14 -17.80 -61.11
N LEU D 826 -34.25 -18.53 -61.13
CA LEU D 826 -35.12 -18.59 -59.97
C LEU D 826 -34.39 -19.17 -58.76
N TYR D 827 -33.65 -20.26 -58.98
CA TYR D 827 -32.90 -20.88 -57.88
C TYR D 827 -31.85 -19.91 -57.32
N SER D 828 -31.13 -19.22 -58.21
CA SER D 828 -30.11 -18.29 -57.76
C SER D 828 -30.72 -17.13 -56.99
N GLY D 829 -31.88 -16.63 -57.44
CA GLY D 829 -32.56 -15.59 -56.69
C GLY D 829 -32.95 -16.06 -55.30
N ARG D 830 -33.45 -17.28 -55.18
CA ARG D 830 -33.77 -17.83 -53.87
C ARG D 830 -32.53 -17.89 -52.98
N VAL D 831 -31.41 -18.35 -53.53
CA VAL D 831 -30.18 -18.45 -52.75
C VAL D 831 -29.73 -17.08 -52.25
N ILE D 832 -29.72 -16.10 -53.16
CA ILE D 832 -29.30 -14.75 -52.78
C ILE D 832 -30.25 -14.18 -51.72
N PHE D 833 -31.54 -14.49 -51.84
CA PHE D 833 -32.49 -14.02 -50.84
C PHE D 833 -32.20 -14.62 -49.48
N CYS D 834 -31.80 -15.90 -49.44
CA CYS D 834 -31.43 -16.51 -48.17
C CYS D 834 -30.25 -15.77 -47.53
N LEU D 835 -29.23 -15.47 -48.35
CA LEU D 835 -28.08 -14.74 -47.81
C LEU D 835 -28.51 -13.35 -47.31
N ASP D 836 -29.37 -12.67 -48.06
CA ASP D 836 -29.87 -11.38 -47.62
C ASP D 836 -30.59 -11.49 -46.29
N TYR D 837 -31.37 -12.56 -46.11
CA TYR D 837 -32.09 -12.75 -44.86
C TYR D 837 -31.13 -12.91 -43.70
N ILE D 838 -30.07 -13.71 -43.87
CA ILE D 838 -29.15 -13.90 -42.75
C ILE D 838 -28.43 -12.60 -42.43
N ILE D 839 -28.10 -11.80 -43.45
CA ILE D 839 -27.47 -10.50 -43.18
C ILE D 839 -28.43 -9.59 -42.41
N PHE D 840 -29.72 -9.60 -42.78
CA PHE D 840 -30.69 -8.81 -42.05
C PHE D 840 -30.82 -9.28 -40.60
N THR D 841 -30.70 -10.58 -40.37
CA THR D 841 -30.67 -11.07 -38.99
C THR D 841 -29.47 -10.51 -38.24
N LEU D 842 -28.32 -10.45 -38.90
CA LEU D 842 -27.16 -9.83 -38.26
C LEU D 842 -27.45 -8.38 -37.88
N ARG D 843 -28.16 -7.66 -38.74
CA ARG D 843 -28.57 -6.30 -38.41
C ARG D 843 -29.46 -6.26 -37.17
N LEU D 844 -30.43 -7.18 -37.11
CA LEU D 844 -31.28 -7.26 -35.93
C LEU D 844 -30.43 -7.51 -34.68
N ILE D 845 -29.45 -8.39 -34.77
CA ILE D 845 -28.55 -8.63 -33.64
C ILE D 845 -27.85 -7.34 -33.25
N HIS D 846 -27.40 -6.59 -34.25
CA HIS D 846 -26.75 -5.31 -33.97
C HIS D 846 -27.64 -4.42 -33.13
N ILE D 847 -28.96 -4.48 -33.35
CA ILE D 847 -29.85 -3.63 -32.58
C ILE D 847 -29.73 -3.93 -31.08
N PHE D 848 -29.70 -5.21 -30.71
CA PHE D 848 -29.86 -5.62 -29.30
C PHE D 848 -28.86 -4.97 -28.34
N THR D 849 -27.82 -4.32 -28.87
CA THR D 849 -26.77 -3.81 -28.01
C THR D 849 -27.27 -2.75 -27.02
N VAL D 850 -28.45 -2.18 -27.25
CA VAL D 850 -28.94 -1.13 -26.37
C VAL D 850 -29.05 -1.63 -24.94
N SER D 851 -29.69 -2.79 -24.75
CA SER D 851 -30.02 -3.24 -23.41
C SER D 851 -28.76 -3.45 -22.59
N ARG D 852 -28.79 -2.93 -21.36
CA ARG D 852 -27.66 -3.11 -20.44
C ARG D 852 -27.49 -4.56 -20.03
N ASN D 853 -28.56 -5.36 -20.11
CA ASN D 853 -28.48 -6.75 -19.64
C ASN D 853 -27.51 -7.57 -20.49
N LEU D 854 -27.57 -7.43 -21.81
CA LEU D 854 -26.88 -8.34 -22.72
C LEU D 854 -25.87 -7.67 -23.64
N GLY D 855 -25.83 -6.34 -23.70
CA GLY D 855 -24.93 -5.65 -24.59
C GLY D 855 -23.48 -6.01 -24.35
N PRO D 856 -23.06 -6.00 -23.08
CA PRO D 856 -21.70 -6.46 -22.77
C PRO D 856 -21.44 -7.88 -23.22
N LYS D 857 -22.46 -8.74 -23.20
CA LYS D 857 -22.28 -10.10 -23.68
C LYS D 857 -21.98 -10.12 -25.18
N ILE D 858 -22.69 -9.30 -25.95
CA ILE D 858 -22.42 -9.22 -27.39
C ILE D 858 -21.02 -8.69 -27.62
N ILE D 859 -20.61 -7.68 -26.85
CA ILE D 859 -19.26 -7.15 -26.99
C ILE D 859 -18.24 -8.26 -26.71
N MET D 860 -18.47 -9.04 -25.66
CA MET D 860 -17.53 -10.10 -25.30
C MET D 860 -17.46 -11.17 -26.39
N LEU D 861 -18.60 -11.52 -26.96
CA LEU D 861 -18.60 -12.49 -28.06
C LEU D 861 -17.80 -11.97 -29.25
N GLN D 862 -18.01 -10.70 -29.60
CA GLN D 862 -17.23 -10.11 -30.69
C GLN D 862 -15.74 -10.17 -30.39
N ARG D 863 -15.37 -9.87 -29.14
CA ARG D 863 -13.96 -9.91 -28.76
C ARG D 863 -13.38 -11.31 -28.87
N MET D 864 -14.14 -12.31 -28.42
CA MET D 864 -13.63 -13.69 -28.37
C MET D 864 -13.57 -14.35 -29.74
N LEU D 865 -14.36 -13.86 -30.70
CA LEU D 865 -14.42 -14.52 -32.01
C LEU D 865 -13.05 -14.59 -32.67
N ILE D 866 -12.27 -13.50 -32.58
CA ILE D 866 -10.98 -13.44 -33.27
C ILE D 866 -10.03 -14.52 -32.74
N ASP D 867 -9.90 -14.59 -31.41
CA ASP D 867 -9.00 -15.56 -30.81
C ASP D 867 -9.45 -16.99 -31.07
N VAL D 868 -10.76 -17.24 -30.98
CA VAL D 868 -11.23 -18.60 -31.24
C VAL D 868 -10.97 -18.95 -32.70
N PHE D 869 -11.08 -17.98 -33.61
CA PHE D 869 -10.76 -18.25 -35.00
C PHE D 869 -9.32 -18.70 -35.17
N PHE D 870 -8.38 -18.00 -34.52
CA PHE D 870 -6.99 -18.41 -34.63
C PHE D 870 -6.76 -19.80 -34.06
N PHE D 871 -7.36 -20.09 -32.90
CA PHE D 871 -7.22 -21.42 -32.31
C PHE D 871 -7.74 -22.50 -33.26
N LEU D 872 -8.92 -22.27 -33.83
CA LEU D 872 -9.51 -23.24 -34.74
C LEU D 872 -8.67 -23.36 -36.02
N PHE D 873 -7.98 -22.31 -36.42
CA PHE D 873 -7.12 -22.40 -37.60
C PHE D 873 -5.93 -23.33 -37.33
N LEU D 874 -5.28 -23.17 -36.17
CA LEU D 874 -4.21 -24.11 -35.82
C LEU D 874 -4.75 -25.54 -35.76
N PHE D 875 -5.91 -25.71 -35.14
CA PHE D 875 -6.56 -27.03 -35.11
C PHE D 875 -6.73 -27.57 -36.51
N ALA D 876 -7.23 -26.74 -37.43
CA ALA D 876 -7.51 -27.19 -38.78
C ALA D 876 -6.24 -27.66 -39.47
N VAL D 877 -5.16 -26.90 -39.36
CA VAL D 877 -3.95 -27.29 -40.09
C VAL D 877 -3.40 -28.60 -39.56
N TRP D 878 -3.29 -28.75 -38.24
CA TRP D 878 -2.65 -29.97 -37.76
C TRP D 878 -3.58 -31.17 -37.95
N MET D 879 -4.90 -30.96 -37.88
CA MET D 879 -5.83 -32.04 -38.17
C MET D 879 -5.77 -32.44 -39.64
N VAL D 880 -5.58 -31.46 -40.53
CA VAL D 880 -5.42 -31.77 -41.94
C VAL D 880 -4.18 -32.63 -42.15
N ALA D 881 -3.09 -32.29 -41.46
CA ALA D 881 -1.88 -33.08 -41.61
C ALA D 881 -2.11 -34.51 -41.13
N PHE D 882 -2.75 -34.68 -39.98
CA PHE D 882 -3.05 -36.02 -39.49
C PHE D 882 -3.91 -36.78 -40.51
N GLY D 883 -4.94 -36.11 -41.04
CA GLY D 883 -5.83 -36.77 -41.98
C GLY D 883 -5.15 -37.17 -43.27
N VAL D 884 -4.28 -36.31 -43.79
CA VAL D 884 -3.58 -36.65 -45.03
C VAL D 884 -2.62 -37.80 -44.80
N ALA D 885 -1.94 -37.82 -43.65
CA ALA D 885 -1.08 -38.96 -43.34
C ALA D 885 -1.90 -40.25 -43.29
N ARG D 886 -3.04 -40.20 -42.60
CA ARG D 886 -3.90 -41.37 -42.48
C ARG D 886 -4.37 -41.85 -43.85
N GLN D 887 -4.84 -40.93 -44.70
CA GLN D 887 -5.29 -41.30 -46.02
C GLN D 887 -4.15 -41.87 -46.85
N GLY D 888 -2.97 -41.27 -46.78
CA GLY D 888 -1.84 -41.78 -47.54
C GLY D 888 -1.51 -43.21 -47.16
N ILE D 889 -1.47 -43.49 -45.85
CA ILE D 889 -1.14 -44.85 -45.44
C ILE D 889 -2.26 -45.82 -45.81
N LEU D 890 -3.51 -45.38 -45.70
CA LEU D 890 -4.64 -46.31 -45.82
C LEU D 890 -4.86 -46.76 -47.25
N ARG D 891 -4.83 -45.83 -48.21
CA ARG D 891 -5.18 -46.12 -49.59
C ARG D 891 -4.12 -45.56 -50.53
N GLN D 892 -4.21 -45.96 -51.80
CA GLN D 892 -3.21 -45.62 -52.80
C GLN D 892 -3.86 -45.05 -54.04
N ASN D 893 -3.35 -43.91 -54.50
CA ASN D 893 -3.64 -43.36 -55.83
C ASN D 893 -5.14 -43.29 -56.12
N GLU D 894 -5.81 -42.44 -55.34
CA GLU D 894 -7.19 -42.07 -55.64
C GLU D 894 -7.18 -40.97 -56.70
N GLN D 895 -7.77 -41.26 -57.86
CA GLN D 895 -7.67 -40.40 -59.03
C GLN D 895 -8.83 -39.42 -59.17
N ARG D 896 -9.76 -39.40 -58.23
CA ARG D 896 -10.91 -38.48 -58.27
C ARG D 896 -10.58 -37.28 -57.41
N TRP D 897 -10.24 -36.16 -58.06
CA TRP D 897 -9.80 -34.98 -57.32
C TRP D 897 -10.92 -34.44 -56.42
N ARG D 898 -12.14 -34.32 -56.95
CA ARG D 898 -13.26 -33.90 -56.12
C ARG D 898 -13.47 -34.88 -54.96
N TRP D 899 -13.57 -36.17 -55.26
CA TRP D 899 -13.83 -37.18 -54.26
C TRP D 899 -12.72 -37.20 -53.21
N ILE D 900 -11.46 -37.17 -53.67
CA ILE D 900 -10.35 -37.29 -52.73
C ILE D 900 -10.24 -36.04 -51.86
N PHE D 901 -10.43 -34.86 -52.45
CA PHE D 901 -10.43 -33.65 -51.64
C PHE D 901 -11.46 -33.74 -50.53
N ARG D 902 -12.70 -34.10 -50.88
CA ARG D 902 -13.73 -34.20 -49.85
C ARG D 902 -13.38 -35.26 -48.82
N SER D 903 -12.88 -36.41 -49.26
CA SER D 903 -12.56 -37.50 -48.33
C SER D 903 -11.49 -37.07 -47.34
N VAL D 904 -10.38 -36.51 -47.84
CA VAL D 904 -9.30 -36.11 -46.94
C VAL D 904 -9.78 -35.02 -45.99
N ILE D 905 -10.55 -34.06 -46.49
CA ILE D 905 -11.00 -32.97 -45.64
C ILE D 905 -11.93 -33.48 -44.54
N TYR D 906 -12.78 -34.46 -44.87
CA TYR D 906 -13.88 -34.83 -43.99
C TYR D 906 -13.52 -35.97 -43.02
N GLU D 907 -12.79 -36.98 -43.48
CA GLU D 907 -12.68 -38.20 -42.69
C GLU D 907 -12.04 -38.01 -41.32
N PRO D 908 -10.91 -37.29 -41.18
CA PRO D 908 -10.21 -37.34 -39.87
C PRO D 908 -11.07 -36.89 -38.70
N TYR D 909 -11.90 -35.87 -38.90
CA TYR D 909 -12.72 -35.37 -37.80
C TYR D 909 -13.69 -36.45 -37.30
N LEU D 910 -14.34 -37.15 -38.22
CA LEU D 910 -15.24 -38.23 -37.83
C LEU D 910 -14.45 -39.39 -37.22
N ALA D 911 -13.31 -39.73 -37.81
CA ALA D 911 -12.52 -40.86 -37.31
C ALA D 911 -12.06 -40.63 -35.89
N MET D 912 -11.78 -39.37 -35.52
CA MET D 912 -11.32 -39.07 -34.18
C MET D 912 -12.37 -39.45 -33.14
N PHE D 913 -13.53 -38.79 -33.19
CA PHE D 913 -14.55 -38.93 -32.17
C PHE D 913 -15.90 -39.38 -32.71
N GLY D 914 -16.28 -38.93 -33.90
CA GLY D 914 -17.63 -39.23 -34.38
C GLY D 914 -17.87 -40.70 -34.58
N GLN D 915 -16.93 -41.40 -35.22
CA GLN D 915 -17.08 -42.82 -35.50
C GLN D 915 -15.71 -43.40 -35.79
N VAL D 916 -15.65 -44.72 -35.86
CA VAL D 916 -14.40 -45.44 -36.12
C VAL D 916 -14.64 -46.48 -37.22
N PRO D 917 -15.00 -46.07 -38.43
CA PRO D 917 -15.15 -47.06 -39.51
C PRO D 917 -13.86 -47.79 -39.83
N SER D 918 -12.71 -47.11 -39.72
CA SER D 918 -11.44 -47.78 -40.00
C SER D 918 -11.11 -48.82 -38.94
N ASP D 919 -11.36 -48.51 -37.68
CA ASP D 919 -11.07 -49.44 -36.58
C ASP D 919 -11.91 -50.69 -36.69
N PHE D 952 0.03 -56.42 -44.94
CA PHE D 952 -1.07 -55.92 -44.13
C PHE D 952 -1.42 -56.91 -43.01
N PRO D 953 -0.56 -57.02 -42.00
CA PRO D 953 -0.85 -57.91 -40.88
C PRO D 953 -1.89 -57.30 -39.94
N GLU D 954 -2.87 -58.11 -39.56
CA GLU D 954 -3.92 -57.63 -38.66
C GLU D 954 -3.35 -57.24 -37.29
N TRP D 955 -2.44 -58.06 -36.76
CA TRP D 955 -1.95 -57.83 -35.41
C TRP D 955 -1.19 -56.51 -35.28
N ILE D 956 -0.37 -56.17 -36.29
CA ILE D 956 0.42 -54.94 -36.21
C ILE D 956 -0.33 -53.72 -36.73
N THR D 957 -1.51 -53.90 -37.32
CA THR D 957 -2.24 -52.77 -37.88
C THR D 957 -2.99 -51.99 -36.81
N ILE D 958 -3.71 -52.69 -35.94
CA ILE D 958 -4.58 -52.00 -34.97
C ILE D 958 -3.82 -51.06 -34.06
N PRO D 959 -2.63 -51.41 -33.53
CA PRO D 959 -1.98 -50.48 -32.59
C PRO D 959 -1.69 -49.11 -33.18
N LEU D 960 -1.36 -49.05 -34.48
CA LEU D 960 -1.07 -47.76 -35.09
C LEU D 960 -2.33 -46.90 -35.19
N VAL D 961 -3.46 -47.50 -35.55
CA VAL D 961 -4.71 -46.75 -35.58
C VAL D 961 -5.07 -46.29 -34.17
N CYS D 962 -4.84 -47.15 -33.17
CA CYS D 962 -5.13 -46.77 -31.79
C CYS D 962 -4.28 -45.59 -31.35
N ILE D 963 -2.99 -45.60 -31.66
CA ILE D 963 -2.13 -44.50 -31.26
C ILE D 963 -2.50 -43.23 -32.01
N TYR D 964 -2.91 -43.35 -33.28
CA TYR D 964 -3.40 -42.18 -34.00
C TYR D 964 -4.61 -41.57 -33.29
N MET D 965 -5.57 -42.41 -32.91
CA MET D 965 -6.75 -41.90 -32.22
C MET D 965 -6.38 -41.26 -30.89
N LEU D 966 -5.48 -41.89 -30.15
CA LEU D 966 -5.06 -41.35 -28.86
C LEU D 966 -4.40 -39.99 -29.03
N SER D 967 -3.51 -39.86 -30.02
CA SER D 967 -2.85 -38.59 -30.27
C SER D 967 -3.85 -37.50 -30.66
N THR D 968 -4.80 -37.84 -31.54
CA THR D 968 -5.80 -36.86 -31.94
C THR D 968 -6.62 -36.40 -30.73
N ASN D 969 -7.06 -37.33 -29.90
CA ASN D 969 -7.87 -36.97 -28.75
C ASN D 969 -7.10 -36.10 -27.76
N ILE D 970 -5.85 -36.48 -27.47
CA ILE D 970 -5.07 -35.70 -26.50
C ILE D 970 -4.82 -34.30 -27.03
N LEU D 971 -4.48 -34.17 -28.32
CA LEU D 971 -4.26 -32.85 -28.88
C LEU D 971 -5.55 -32.02 -28.85
N LEU D 972 -6.69 -32.65 -29.14
CA LEU D 972 -7.95 -31.91 -29.13
C LEU D 972 -8.27 -31.39 -27.73
N VAL D 973 -8.12 -32.24 -26.72
CA VAL D 973 -8.44 -31.80 -25.37
C VAL D 973 -7.45 -30.72 -24.92
N ASN D 974 -6.18 -30.86 -25.33
CA ASN D 974 -5.20 -29.80 -25.07
C ASN D 974 -5.66 -28.47 -25.65
N LEU D 975 -6.12 -28.49 -26.90
CA LEU D 975 -6.59 -27.27 -27.53
C LEU D 975 -7.76 -26.67 -26.78
N LEU D 976 -8.73 -27.51 -26.41
CA LEU D 976 -9.91 -27.01 -25.71
C LEU D 976 -9.54 -26.37 -24.38
N VAL D 977 -8.70 -27.05 -23.59
CA VAL D 977 -8.32 -26.51 -22.30
C VAL D 977 -7.52 -25.23 -22.46
N ALA D 978 -6.63 -25.18 -23.46
CA ALA D 978 -5.84 -23.97 -23.67
C ALA D 978 -6.74 -22.79 -24.04
N MET D 979 -7.75 -23.02 -24.88
CA MET D 979 -8.66 -21.95 -25.26
C MET D 979 -9.47 -21.46 -24.07
N PHE D 980 -10.02 -22.40 -23.29
CA PHE D 980 -10.81 -22.02 -22.13
C PHE D 980 -9.94 -21.36 -21.06
N GLY D 981 -8.64 -21.62 -21.07
CA GLY D 981 -7.74 -20.87 -20.22
C GLY D 981 -7.50 -19.47 -20.74
N TYR D 982 -7.27 -19.34 -22.04
CA TYR D 982 -6.96 -18.04 -22.62
C TYR D 982 -8.13 -17.07 -22.47
N THR D 983 -9.37 -17.59 -22.48
CA THR D 983 -10.52 -16.68 -22.43
C THR D 983 -10.58 -15.89 -21.12
N VAL D 984 -10.05 -16.44 -20.03
CA VAL D 984 -10.18 -15.77 -18.73
C VAL D 984 -9.43 -14.44 -18.73
N GLY D 985 -8.27 -14.41 -19.40
CA GLY D 985 -7.52 -13.16 -19.47
C GLY D 985 -8.31 -12.05 -20.13
N ILE D 986 -9.01 -12.38 -21.22
CA ILE D 986 -9.89 -11.39 -21.86
C ILE D 986 -11.02 -11.01 -20.93
N VAL D 987 -11.59 -11.99 -20.22
CA VAL D 987 -12.71 -11.69 -19.33
C VAL D 987 -12.29 -10.71 -18.25
N GLN D 988 -11.05 -10.83 -17.77
CA GLN D 988 -10.61 -10.02 -16.64
C GLN D 988 -10.88 -8.53 -16.88
N GLU D 989 -10.64 -8.06 -18.10
CA GLU D 989 -10.89 -6.66 -18.41
C GLU D 989 -12.39 -6.36 -18.36
N ASN D 990 -12.74 -5.24 -17.76
CA ASN D 990 -14.14 -4.84 -17.66
C ASN D 990 -14.68 -4.40 -19.01
N ASN D 991 -15.99 -4.58 -19.19
CA ASN D 991 -16.65 -4.25 -20.44
C ASN D 991 -17.67 -3.11 -20.32
N ASP D 992 -18.09 -2.76 -19.10
CA ASP D 992 -19.04 -1.66 -18.95
C ASP D 992 -18.48 -0.37 -19.54
N GLN D 993 -17.18 -0.14 -19.36
CA GLN D 993 -16.52 1.02 -19.95
C GLN D 993 -16.68 1.03 -21.48
N VAL D 994 -16.34 -0.09 -22.12
CA VAL D 994 -16.49 -0.19 -23.57
C VAL D 994 -17.97 -0.12 -23.96
N TRP D 995 -18.84 -0.69 -23.12
CA TRP D 995 -20.27 -0.62 -23.41
C TRP D 995 -20.75 0.82 -23.47
N LYS D 996 -20.31 1.64 -22.52
CA LYS D 996 -20.70 3.05 -22.54
C LYS D 996 -20.09 3.78 -23.73
N PHE D 997 -18.83 3.47 -24.06
CA PHE D 997 -18.21 4.11 -25.21
C PHE D 997 -19.01 3.82 -26.48
N GLN D 998 -19.46 2.57 -26.65
CA GLN D 998 -20.30 2.23 -27.80
C GLN D 998 -21.69 2.84 -27.66
N ARG D 999 -22.20 2.94 -26.43
CA ARG D 999 -23.50 3.55 -26.20
C ARG D 999 -23.52 4.99 -26.68
N TYR D 1000 -22.38 5.66 -26.66
CA TYR D 1000 -22.34 7.02 -27.20
C TYR D 1000 -22.76 7.04 -28.66
N PHE D 1001 -22.10 6.22 -29.50
CA PHE D 1001 -22.48 6.13 -30.90
C PHE D 1001 -23.93 5.70 -31.04
N LEU D 1002 -24.33 4.72 -30.22
CA LEU D 1002 -25.68 4.18 -30.31
C LEU D 1002 -26.73 5.25 -30.06
N VAL D 1003 -26.51 6.09 -29.05
CA VAL D 1003 -27.45 7.17 -28.74
C VAL D 1003 -27.41 8.24 -29.82
N GLN D 1004 -26.21 8.58 -30.31
CA GLN D 1004 -26.11 9.62 -31.32
C GLN D 1004 -26.85 9.22 -32.59
N GLU D 1005 -26.77 7.95 -32.97
CA GLU D 1005 -27.39 7.50 -34.22
C GLU D 1005 -28.90 7.77 -34.21
N TYR D 1006 -29.56 7.51 -33.10
CA TYR D 1006 -30.99 7.77 -32.99
C TYR D 1006 -31.30 9.22 -32.66
N CYS D 1007 -30.36 9.94 -32.05
CA CYS D 1007 -30.63 11.33 -31.69
C CYS D 1007 -30.59 12.23 -32.93
N ASN D 1008 -29.61 12.03 -33.80
CA ASN D 1008 -29.51 12.89 -34.99
C ASN D 1008 -30.65 12.64 -35.97
N ARG D 1009 -31.30 11.48 -35.92
CA ARG D 1009 -32.37 11.14 -36.83
C ARG D 1009 -33.65 11.88 -36.46
N LEU D 1010 -34.52 12.04 -37.46
CA LEU D 1010 -35.86 12.56 -37.21
C LEU D 1010 -36.62 11.59 -36.32
N ASN D 1011 -37.30 12.12 -35.30
CA ASN D 1011 -38.00 11.30 -34.32
C ASN D 1011 -39.38 10.93 -34.87
N ILE D 1012 -39.36 10.03 -35.86
CA ILE D 1012 -40.58 9.54 -36.50
C ILE D 1012 -40.54 8.01 -36.44
N PRO D 1013 -41.66 7.34 -36.24
CA PRO D 1013 -41.64 5.87 -36.32
C PRO D 1013 -41.11 5.40 -37.66
N PHE D 1014 -40.34 4.32 -37.63
CA PHE D 1014 -39.69 3.84 -38.85
C PHE D 1014 -40.68 3.54 -39.96
N PRO D 1015 -41.82 2.90 -39.73
CA PRO D 1015 -42.72 2.58 -40.86
C PRO D 1015 -43.12 3.80 -41.66
N PHE D 1016 -43.33 4.95 -41.00
CA PHE D 1016 -43.82 6.14 -41.65
C PHE D 1016 -42.74 7.22 -41.81
N VAL D 1017 -41.47 6.83 -41.75
CA VAL D 1017 -40.40 7.82 -41.87
C VAL D 1017 -40.23 8.31 -43.30
N VAL D 1018 -40.67 7.53 -44.29
CA VAL D 1018 -40.53 7.95 -45.68
C VAL D 1018 -41.39 9.18 -45.95
N PHE D 1019 -42.54 9.28 -45.30
CA PHE D 1019 -43.41 10.44 -45.49
C PHE D 1019 -42.69 11.72 -45.07
N ALA D 1020 -41.91 11.66 -43.98
CA ALA D 1020 -41.14 12.82 -43.54
C ALA D 1020 -39.90 13.02 -44.39
N TYR D 1021 -39.29 11.92 -44.85
CA TYR D 1021 -38.15 12.05 -45.76
C TYR D 1021 -38.55 12.77 -47.04
N PHE D 1022 -39.81 12.61 -47.46
CA PHE D 1022 -40.30 13.37 -48.60
C PHE D 1022 -40.16 14.87 -48.37
N TYR D 1023 -40.49 15.33 -47.16
CA TYR D 1023 -40.26 16.73 -46.81
C TYR D 1023 -38.77 17.04 -46.74
N MET D 1024 -37.97 16.09 -46.25
CA MET D 1024 -36.53 16.32 -46.20
C MET D 1024 -35.98 16.62 -47.60
N VAL D 1025 -36.46 15.90 -48.61
CA VAL D 1025 -35.94 16.09 -49.97
C VAL D 1025 -36.18 17.52 -50.44
N VAL D 1026 -37.38 18.04 -50.22
CA VAL D 1026 -37.72 19.38 -50.69
C VAL D 1026 -37.14 20.42 -49.74
N ASP D 1050 -22.34 31.97 -25.16
CA ASP D 1050 -21.14 31.13 -25.09
C ASP D 1050 -20.07 31.78 -24.21
N ASN D 1051 -20.03 33.12 -24.23
CA ASN D 1051 -19.05 33.83 -23.42
C ASN D 1051 -19.22 33.54 -21.94
N GLU D 1052 -20.47 33.52 -21.47
CA GLU D 1052 -20.72 33.26 -20.05
C GLU D 1052 -20.25 31.87 -19.66
N THR D 1053 -20.50 30.87 -20.51
CA THR D 1053 -20.06 29.52 -20.20
C THR D 1053 -18.54 29.45 -20.09
N LEU D 1054 -17.83 30.07 -21.03
CA LEU D 1054 -16.37 30.08 -20.97
C LEU D 1054 -15.89 30.85 -19.75
N ALA D 1055 -16.52 31.99 -19.43
CA ALA D 1055 -16.16 32.71 -18.23
C ALA D 1055 -16.38 31.86 -16.99
N TRP D 1056 -17.50 31.15 -16.92
CA TRP D 1056 -17.73 30.24 -15.83
C TRP D 1056 -16.73 29.09 -15.85
N GLU D 1057 -16.34 28.65 -17.04
CA GLU D 1057 -15.32 27.61 -17.15
C GLU D 1057 -14.00 28.08 -16.54
N GLY D 1058 -13.61 29.33 -16.80
CA GLY D 1058 -12.40 29.85 -16.22
C GLY D 1058 -12.44 29.89 -14.71
N VAL D 1059 -13.57 30.30 -14.14
CA VAL D 1059 -13.70 30.38 -12.69
C VAL D 1059 -13.52 29.00 -12.07
N MET D 1060 -14.17 28.00 -12.66
CA MET D 1060 -14.03 26.63 -12.15
C MET D 1060 -12.59 26.14 -12.30
N LYS D 1061 -11.91 26.55 -13.37
CA LYS D 1061 -10.50 26.19 -13.53
C LYS D 1061 -9.66 26.75 -12.38
N GLU D 1062 -9.90 28.01 -12.01
CA GLU D 1062 -9.13 28.60 -10.92
C GLU D 1062 -9.33 27.84 -9.63
N ASN D 1063 -10.57 27.44 -9.34
CA ASN D 1063 -10.82 26.60 -8.18
C ASN D 1063 -10.08 25.28 -8.29
N TYR D 1064 -10.08 24.68 -9.49
CA TYR D 1064 -9.35 23.44 -9.69
C TYR D 1064 -7.86 23.63 -9.48
N LEU D 1065 -7.31 24.73 -9.99
CA LEU D 1065 -5.88 24.98 -9.82
C LEU D 1065 -5.52 25.13 -8.35
N VAL D 1066 -6.38 25.79 -7.57
CA VAL D 1066 -6.13 25.93 -6.14
C VAL D 1066 -6.15 24.56 -5.47
N LYS D 1067 -7.11 23.71 -5.84
CA LYS D 1067 -7.23 22.40 -5.19
C LYS D 1067 -6.01 21.53 -5.47
N ILE D 1068 -5.50 21.56 -6.70
CA ILE D 1068 -4.33 20.74 -7.02
C ILE D 1068 -3.10 21.25 -6.29
N ASN D 1069 -2.95 22.57 -6.18
CA ASN D 1069 -1.78 23.15 -5.55
C ASN D 1069 -1.74 22.94 -4.04
N THR D 1070 -2.90 22.68 -3.41
CA THR D 1070 -2.94 22.55 -1.96
C THR D 1070 -2.17 21.33 -1.46
N LYS D 1071 -1.92 20.35 -2.34
CA LYS D 1071 -1.24 19.14 -1.90
C LYS D 1071 0.15 19.45 -1.36
N ALA D 1072 0.86 20.37 -2.01
CA ALA D 1072 2.22 20.70 -1.56
C ALA D 1072 2.19 21.30 -0.16
N ASN D 1073 1.21 22.13 0.14
CA ASN D 1073 1.14 22.79 1.44
C ASN D 1073 0.93 21.80 2.59
N ASP D 1074 0.50 20.57 2.29
CA ASP D 1074 0.26 19.59 3.34
C ASP D 1074 1.54 19.20 4.07
N ASN D 1075 2.70 19.45 3.47
CA ASN D 1075 3.96 19.07 4.09
C ASN D 1075 4.25 19.95 5.31
N SER D 1076 5.16 19.46 6.15
CA SER D 1076 5.58 20.16 7.36
C SER D 1076 6.77 21.08 7.12
N GLU D 1077 7.20 21.24 5.86
CA GLU D 1077 8.26 22.19 5.56
C GLU D 1077 7.90 23.59 6.03
N GLU D 1078 6.61 23.95 5.99
CA GLU D 1078 6.19 25.23 6.53
C GLU D 1078 6.47 25.31 8.03
N MET D 1079 6.21 24.23 8.75
CA MET D 1079 6.52 24.19 10.17
C MET D 1079 8.03 24.31 10.41
N ARG D 1080 8.83 23.66 9.57
CA ARG D 1080 10.28 23.79 9.70
C ARG D 1080 10.72 25.23 9.46
N HIS D 1081 10.13 25.89 8.46
CA HIS D 1081 10.45 27.29 8.22
C HIS D 1081 10.03 28.17 9.39
N ARG D 1082 8.89 27.88 10.00
CA ARG D 1082 8.48 28.61 11.19
C ARG D 1082 9.47 28.41 12.33
N PHE D 1083 9.96 27.17 12.49
CA PHE D 1083 10.97 26.90 13.50
C PHE D 1083 12.24 27.71 13.23
N ARG D 1084 12.66 27.77 11.97
CA ARG D 1084 13.84 28.56 11.64
C ARG D 1084 13.61 30.05 11.86
N GLN D 1085 12.38 30.53 11.64
CA GLN D 1085 12.07 31.92 11.97
C GLN D 1085 12.16 32.16 13.47
N LEU D 1086 11.67 31.21 14.27
CA LEU D 1086 11.83 31.33 15.72
C LEU D 1086 13.30 31.37 16.11
N ASP D 1087 14.12 30.52 15.48
CA ASP D 1087 15.55 30.55 15.74
C ASP D 1087 16.17 31.87 15.32
N SER D 1088 15.66 32.48 14.25
CA SER D 1088 16.13 33.80 13.85
C SER D 1088 15.77 34.84 14.90
N LYS D 1089 14.60 34.70 15.52
CA LYS D 1089 14.26 35.58 16.64
C LYS D 1089 15.23 35.37 17.81
N LEU D 1090 15.60 34.12 18.07
CA LEU D 1090 16.62 33.86 19.09
C LEU D 1090 17.93 34.54 18.74
N ASN D 1091 18.31 34.50 17.45
CA ASN D 1091 19.52 35.17 17.00
C ASN D 1091 19.40 36.69 17.18
N ASP D 1092 18.21 37.24 16.97
CA ASP D 1092 17.99 38.66 17.22
C ASP D 1092 18.20 38.98 18.69
N LEU D 1093 17.71 38.12 19.58
CA LEU D 1093 18.00 38.29 21.00
C LEU D 1093 19.50 38.25 21.26
N LYS D 1094 20.19 37.32 20.61
CA LYS D 1094 21.64 37.21 20.78
C LYS D 1094 22.33 38.50 20.35
N SER D 1095 21.90 39.08 19.23
CA SER D 1095 22.50 40.33 18.76
C SER D 1095 22.22 41.47 19.74
N LEU D 1096 20.98 41.60 20.20
CA LEU D 1096 20.66 42.61 21.20
C LEU D 1096 21.56 42.46 22.42
N LEU D 1097 21.77 41.22 22.84
CA LEU D 1097 22.56 40.96 24.03
C LEU D 1097 24.03 41.28 23.82
N LYS D 1098 24.56 40.93 22.65
CA LYS D 1098 25.94 41.31 22.34
C LYS D 1098 26.08 42.82 22.35
N GLU D 1099 25.06 43.53 21.87
CA GLU D 1099 25.09 44.99 21.88
C GLU D 1099 25.15 45.52 23.31
N ILE D 1100 24.29 45.01 24.20
CA ILE D 1100 24.30 45.51 25.56
C ILE D 1100 25.60 45.14 26.27
N ALA D 1101 26.14 43.95 25.96
CA ALA D 1101 27.41 43.54 26.56
C ALA D 1101 28.54 44.47 26.12
N ASN D 1102 28.57 44.83 24.84
CA ASN D 1102 29.56 45.79 24.38
C ASN D 1102 29.37 47.15 25.05
N ASN D 1103 28.12 47.57 25.21
CA ASN D 1103 27.85 48.88 25.81
C ASN D 1103 28.33 48.93 27.26
N ILE D 1104 27.96 47.92 28.06
CA ILE D 1104 28.33 47.93 29.48
C ILE D 1104 29.85 47.86 29.64
N LYS D 1105 30.50 47.02 28.86
CA LYS D 1105 31.95 46.87 28.94
C LYS D 1105 32.65 47.99 28.18
C1 PIO E . 10.31 -35.20 -7.69
O1 PIO E . 9.87 -36.49 -8.05
P1 PIO E . 9.52 -36.86 -9.64
C2 PIO E . 10.82 -34.43 -8.91
O2 PIO E . 11.86 -35.16 -9.53
C3 PIO E . 11.36 -33.04 -8.50
O3 PIO E . 11.88 -32.40 -9.64
C4 PIO E . 12.46 -33.16 -7.44
O4 PIO E . 12.81 -31.87 -7.01
P4 PIO E . 14.16 -31.17 -7.64
C5 PIO E . 12.00 -33.98 -6.22
O5 PIO E . 13.13 -34.20 -5.38
P5 PIO E . 13.47 -33.07 -4.20
C6 PIO E . 11.41 -35.33 -6.62
O6 PIO E . 10.86 -35.94 -5.47
O11 PIO E . 8.74 -38.16 -9.71
O12 PIO E . 8.69 -35.75 -10.26
O13 PIO E . 10.95 -37.02 -10.48
C1A PIO E . 11.05 -39.79 -9.08
O1A PIO E . 10.80 -39.13 -8.12
C1B PIO E . 12.73 -40.17 -14.65
O1B PIO E . 13.76 -39.92 -15.17
C1C PIO E . 10.95 -37.76 -11.69
C2A PIO E . 10.40 -41.19 -9.24
C2B PIO E . 11.97 -41.48 -15.02
C2C PIO E . 11.47 -39.20 -11.39
O2C PIO E . 11.95 -39.27 -10.06
C3A PIO E . 11.05 -42.25 -8.30
C3B PIO E . 10.99 -41.93 -13.89
C3C PIO E . 12.59 -39.56 -12.34
O3C PIO E . 12.17 -39.28 -13.66
O41 PIO E . 15.38 -31.91 -7.13
O42 PIO E . 14.23 -29.71 -7.20
O43 PIO E . 14.12 -31.24 -9.13
C4A PIO E . 10.53 -43.68 -8.60
C4B PIO E . 10.02 -43.02 -14.36
O51 PIO E . 12.18 -32.50 -3.66
O52 PIO E . 14.24 -33.73 -3.07
O53 PIO E . 14.31 -31.95 -4.79
C5A PIO E . 11.27 -44.33 -9.79
C6A PIO E . 10.34 -45.32 -10.60
H1 PIO E . 9.56 -34.71 -7.31
H2 PIO E . 10.10 -34.30 -9.53
H3 PIO E . 10.63 -32.53 -8.14
H4 PIO E . 13.23 -33.59 -7.83
H5 PIO E . 11.33 -33.48 -5.74
H6 PIO E . 12.12 -35.89 -6.97
H1C PIO E . 10.05 -37.81 -12.04
H1CA PIO E . 11.55 -37.34 -12.34
H3C PIO E . 12.81 -40.50 -12.26
H3CA PIO E . 13.37 -39.02 -12.14
H2A PIO E . 9.46 -41.11 -9.03
H3A PIO E . 12.02 -42.24 -8.42
H4A PIO E . 10.66 -44.23 -7.82
H5A PIO E . 11.59 -43.63 -10.40
H6A PIO E . 9.62 -44.80 -11.00
H2AA PIO E . 10.49 -41.48 -10.16
H3AA PIO E . 10.85 -42.04 -7.37
H4AA PIO E . 9.59 -43.62 -8.81
H5AA PIO E . 12.04 -44.83 -9.46
H6AA PIO E . 9.97 -45.96 -9.99
H2B PIO E . 12.62 -42.19 -15.17
H3B PIO E . 11.50 -42.27 -13.15
H4B PIO E . 9.37 -43.19 -13.65
H2BA PIO E . 11.47 -41.33 -15.84
H3BA PIO E . 10.48 -41.16 -13.59
H4BA PIO E . 9.54 -42.69 -15.14
H2C PIO E . 10.74 -39.83 -11.50
HO2 PIO E . 12.51 -35.23 -8.99
HO3 PIO E . 12.72 -32.35 -9.57
HO6 PIO E . 11.50 -36.23 -4.98
C1 PIO F . -24.57 -26.98 8.49
O1 PIO F . -25.59 -27.83 7.99
P1 PIO F . -25.18 -29.24 7.19
C2 PIO F . -23.23 -27.70 8.58
O2 PIO F . -23.37 -28.83 9.40
C3 PIO F . -22.15 -26.79 9.18
O3 PIO F . -20.95 -27.52 9.31
C4 PIO F . -22.56 -26.24 10.55
O4 PIO F . -21.60 -25.32 10.98
P4 PIO F . -20.46 -25.80 12.06
C5 PIO F . -23.94 -25.55 10.52
O5 PIO F . -24.33 -25.25 11.84
P5 PIO F . -23.87 -23.79 12.50
C6 PIO F . -25.01 -26.44 9.87
O6 PIO F . -26.19 -25.68 9.71
O11 PIO F . -26.42 -29.77 6.46
O12 PIO F . -24.09 -28.96 6.19
O13 PIO F . -24.67 -30.36 8.31
C1A PIO F . -27.70 -30.66 8.89
O1A PIO F . -27.65 -29.48 8.93
C1B PIO F . -25.04 -35.84 8.81
O1B PIO F . -24.38 -36.39 9.63
C1C PIO F . -24.72 -31.73 7.96
C2A PIO F . -28.94 -31.34 8.27
C2B PIO F . -26.11 -36.63 8.01
C2C PIO F . -26.01 -32.35 8.57
O2C PIO F . -26.62 -31.42 9.44
C3A PIO F . -30.18 -31.30 9.21
C3B PIO F . -27.22 -35.69 7.43
C3C PIO F . -25.65 -33.60 9.36
O3C PIO F . -24.85 -34.43 8.55
O41 PIO F . -21.11 -26.07 13.40
O42 PIO F . -19.42 -24.70 12.21
O43 PIO F . -19.81 -27.05 11.56
C4A PIO F . -31.34 -32.14 8.66
C4B PIO F . -28.09 -36.39 6.40
O51 PIO F . -23.87 -22.73 11.42
O52 PIO F . -24.84 -23.40 13.59
O53 PIO F . -22.48 -23.91 13.08
C5A PIO F . -31.20 -33.64 9.02
C6A PIO F . -31.82 -34.58 7.91
H1 PIO F . -24.47 -26.22 7.88
H2 PIO F . -22.95 -27.98 7.70
H3 PIO F . -22.00 -26.04 8.58
H4 PIO F . -22.60 -26.98 11.19
H5 PIO F . -23.85 -24.73 10.01
H6 PIO F . -25.19 -27.19 10.45
H1C PIO F . -24.74 -31.82 6.99
H1CA PIO F . -23.93 -32.18 8.30
H3C PIO F . -26.45 -34.06 9.63
H3CA PIO F . -25.15 -33.35 10.16
H2A PIO F . -29.14 -30.90 7.43
H3A PIO F . -29.94 -31.63 10.09
H4A PIO F . -32.17 -31.81 9.03
H5A PIO F . -30.26 -33.85 9.11
H6A PIO F . -31.32 -34.47 7.09
H2AA PIO F . -28.72 -32.27 8.08
H3AA PIO F . -30.48 -30.38 9.29
H4AA PIO F . -31.38 -32.05 7.69
H5AA PIO F . -31.65 -33.80 9.86
H6AA PIO F . -32.74 -34.32 7.76
H2B PIO F . -26.52 -37.29 8.60
H3B PIO F . -27.78 -35.38 8.16
H4B PIO F . -28.69 -35.75 6.01
H2BA PIO F . -25.67 -37.09 7.28
H3BA PIO F . -26.79 -34.93 7.01
H4BA PIO F . -27.52 -36.76 5.70
H2C PIO F . -26.61 -32.60 7.86
HO2 PIO F . -23.57 -28.60 10.19
HO3 PIO F . -20.78 -27.64 10.14
HO6 PIO F . -26.56 -25.57 10.47
C1 PIO G . 3.24 -9.10 -36.18
O1 PIO G . 3.14 -10.13 -37.15
P1 PIO G . 1.65 -10.57 -37.75
C2 PIO G . 1.99 -8.22 -36.17
O2 PIO G . 1.77 -7.70 -37.45
C3 PIO G . 2.13 -7.07 -35.18
O3 PIO G . 0.98 -6.25 -35.25
C4 PIO G . 3.37 -6.21 -35.48
O4 PIO G . 3.53 -5.26 -34.46
P4 PIO G . 3.00 -3.73 -34.72
C5 PIO G . 4.64 -7.06 -35.56
O5 PIO G . 5.72 -6.24 -36.03
P5 PIO G . 6.61 -5.39 -34.90
C6 PIO G . 4.50 -8.26 -36.51
O6 PIO G . 5.63 -9.07 -36.39
O11 PIO G . 1.77 -11.92 -38.47
O12 PIO G . 0.65 -10.68 -36.64
O13 PIO G . 1.16 -9.40 -38.85
C1A PIO G . 3.19 -10.79 -40.73
O1A PIO G . 3.90 -10.70 -39.79
C1B PIO G . -1.71 -9.40 -43.56
O1B PIO G . -2.08 -8.37 -44.00
C1C PIO G . 0.19 -9.75 -39.82
C2A PIO G . 3.26 -12.06 -41.60
C2B PIO G . -1.88 -10.71 -44.37
C2C PIO G . 0.92 -10.07 -41.15
O2C PIO G . 2.29 -9.73 -41.05
C3A PIO G . 4.54 -12.09 -42.52
C3B PIO G . -0.87 -11.82 -43.92
C3C PIO G . 0.30 -9.26 -42.28
O3C PIO G . -1.10 -9.44 -42.25
O41 PIO G . 3.89 -3.07 -35.77
O42 PIO G . 3.08 -2.93 -33.44
O43 PIO G . 1.59 -3.76 -35.22
C4A PIO G . 4.51 -13.25 -43.52
C4B PIO G . -1.23 -13.19 -44.48
O51 PIO G . 6.76 -6.22 -33.64
O52 PIO G . 7.99 -5.10 -35.48
O53 PIO G . 5.92 -4.09 -34.58
C5A PIO G . 3.67 -12.93 -44.78
C6A PIO G . 2.98 -14.21 -45.38
H1 PIO G . 3.35 -9.49 -35.31
H2 PIO G . 1.23 -8.77 -35.90
H3 PIO G . 2.21 -7.42 -34.28
H4 PIO G . 3.24 -5.75 -36.32
H5 PIO G . 4.86 -7.38 -34.67
H6 PIO G . 4.43 -7.92 -37.41
H1C PIO G . -0.30 -10.53 -39.53
H1CA PIO G . -0.43 -9.01 -39.95
H3C PIO G . 0.66 -9.56 -43.13
H3CA PIO G . 0.51 -8.33 -42.15
H2A PIO G . 3.28 -12.84 -41.03
H3A PIO G . 4.59 -11.25 -43.01
H4A PIO G . 5.42 -13.45 -43.79
H5A PIO G . 2.98 -12.28 -44.55
H6A PIO G . 2.34 -14.55 -44.74
H2AA PIO G . 2.48 -12.11 -42.18
H3AA PIO G . 5.33 -12.17 -41.96
H4AA PIO G . 4.13 -14.03 -43.09
H5AA PIO G . 4.25 -12.53 -45.45
H6AA PIO G . 3.66 -14.88 -45.55
H2B PIO G . -1.74 -10.52 -45.31
H3B PIO G . 0.02 -11.57 -44.22
H4B PIO G . -0.63 -13.84 -44.10
H2BA PIO G . -2.79 -11.04 -44.26
H3BA PIO G . -0.87 -11.87 -42.95
H4BA PIO G . -2.13 -13.40 -44.23
H2C PIO G . 0.83 -11.01 -41.35
HO2 PIO G . 2.41 -7.19 -37.66
HO3 PIO G . 1.18 -5.50 -35.58
HO6 PIO G . 6.29 -8.69 -36.77
C1 PIO H . -31.64 -0.88 -20.04
O1 PIO H . -32.31 -1.48 -21.14
P1 PIO H . -33.05 -2.96 -20.96
C2 PIO H . -32.06 -1.51 -18.72
O2 PIO H . -33.45 -1.39 -18.57
C3 PIO H . -31.38 -0.82 -17.53
O3 PIO H . -31.85 -1.38 -16.33
C4 PIO H . -31.65 0.70 -17.52
O4 PIO H . -30.88 1.29 -16.51
P4 PIO H . -31.61 1.64 -15.08
C5 PIO H . -31.29 1.36 -18.86
O5 PIO H . -31.74 2.70 -18.85
P5 PIO H . -30.72 3.88 -18.24
C6 PIO H . -31.92 0.64 -20.06
O6 PIO H . -31.41 1.19 -21.25
O11 PIO H . -33.38 -3.53 -22.35
O12 PIO H . -32.14 -3.91 -20.23
O13 PIO H . -34.46 -2.75 -20.09
C1A PIO H . -35.55 -1.67 -22.79
O1A PIO H . -34.55 -1.05 -22.77
C1B PIO H . -39.47 -5.08 -20.14
O1B PIO H . -40.21 -4.85 -19.25
C1C PIO H . -35.48 -3.73 -20.21
C2A PIO H . -36.05 -2.24 -24.14
C2B PIO H . -39.95 -5.87 -21.38
C2C PIO H . -36.54 -3.22 -21.23
O2C PIO H . -36.27 -1.89 -21.58
C3A PIO H . -36.69 -1.13 -25.05
C3B PIO H . -39.07 -5.59 -22.64
C3C PIO H . -37.92 -3.31 -20.62
O3C PIO H . -38.10 -4.61 -20.08
O41 PIO H . -32.60 2.76 -15.29
O42 PIO H . -30.56 2.07 -14.07
O43 PIO H . -32.33 0.42 -14.57
C4A PIO H . -37.36 -1.73 -26.30
C4B PIO H . -39.33 -6.58 -23.77
O51 PIO H . -29.29 3.54 -18.61
O52 PIO H . -31.09 5.22 -18.85
O53 PIO H . -30.85 3.95 -16.74
C5A PIO H . -38.79 -2.25 -26.01
C6A PIO H . -39.17 -3.49 -26.91
H1 PIO H . -30.68 -1.01 -20.15
H2 PIO H . -31.82 -2.45 -18.72
H3 PIO H . -30.42 -0.96 -17.60
H4 PIO H . -32.59 0.84 -17.34
H5 PIO H . -30.32 1.34 -18.96
H6 PIO H . -32.87 0.77 -20.03
H1C PIO H . -35.09 -4.57 -20.52
H1CA PIO H . -35.89 -3.87 -19.34
H3C PIO H . -38.60 -3.14 -21.29
H3CA PIO H . -38.00 -2.65 -19.91
H2A PIO H . -35.31 -2.64 -24.61
H3A PIO H . -37.35 -0.64 -24.55
H4A PIO H . -37.41 -1.05 -26.98
H5A PIO H . -38.85 -2.51 -25.08
H6A PIO H . -38.59 -4.23 -26.69
H2AA PIO H . -36.73 -2.92 -23.97
H3AA PIO H . -35.99 -0.52 -25.33
H4AA PIO H . -36.82 -2.47 -26.62
H5AA PIO H . -39.42 -1.53 -26.17
H6AA PIO H . -39.04 -3.24 -27.84
H2B PIO H . -40.88 -5.62 -21.58
H3B PIO H . -39.25 -4.69 -22.96
H4B PIO H . -38.69 -6.42 -24.48
H2BA PIO H . -39.92 -6.82 -21.17
H3BA PIO H . -38.13 -5.64 -22.39
H4BA PIO H . -39.20 -7.48 -23.42
H2C PIO H . -36.51 -3.79 -22.01
HO2 PIO H . -33.67 -0.56 -18.53
HO3 PIO H . -32.32 -0.81 -15.91
HO6 PIO H . -31.75 1.96 -21.37
#